data_5UW6
#
_entry.id   5UW6
#
_cell.length_a   65.508
_cell.length_b   85.456
_cell.length_c   138.123
_cell.angle_alpha   87.60
_cell.angle_beta   78.17
_cell.angle_gamma   89.38
#
_symmetry.space_group_name_H-M   'P 1'
#
loop_
_entity.id
_entity.type
_entity.pdbx_description
1 polymer 'Peptide cyclase 1'
2 polymer 'Presegetalin A1'
3 non-polymer N-BENZYLOXYCARBONYL-L-PROLYL-L-PROLINAL
4 non-polymer 'CALCIUM ION'
5 water water
#
loop_
_entity_poly.entity_id
_entity_poly.type
_entity_poly.pdbx_seq_one_letter_code
_entity_poly.pdbx_strand_id
1 'polypeptide(L)'
;MSYYHHHHHHLESTSLYKKAGSEFALMATSGFSKPLHYPPVRRDETVVDDYFGVKVADPYRWLEDPNSEETKEFVDNQEK
LANSVLEECELIDKFKQKIIDFVNFPRCGVPFRRANKYFHFYNSGLQAQNVFQMQDDLDGKPEVLYDPNLREGGRSGLSL
YSVSEDAKYFAFGIHSGLTEWVTIKILKTEDRSYLPDTLEWVKFSPAIWTHDNKGFFYCPYPPLKEGEDHMTRSAVNQEA
RYHFLGTDQSEDILLWRDLENPAHHLKCQITDDGKYFLLYILDGCDDANKVYCLDLTKLPNGLESFRGREDSAPFMKLID
SFDASYTAIANDGSVFTFQTNKDAPRKKLVRVDLNNPSVWTDLVPESKKDLLESAHAVNENQLILRYLSDVKHVLEIRDL
ESGALQHRLPIDIGSVDGITARRRDSVVFFKFTSILTPGIVYQCDLKNDPTQLKIFRESVVPDFDRSEFEVKQVFVPSKD
GTKIPIFIAARKGISLDGSHPCEMHGYGGFGINMMPTFSASRIVFLKHLGGVFCLANIRGGGEYGEEWHKAGFRDKKQNV
FDDFISAAEYLISSGYTKARRVAIEGGSNGGLLVAACINQRPDLFGCAEANCGVMDMLRFHKFTLGYLWTGDYGCSDKEE
EFKWLIKYSPIHNVRRPWEQPGNEETQYPATMILTADHDDRVVPLHSFKLLATMQHVLCTSLEDSPQKNPIIARIQRKAA
HYGRATMTQIAEVADRYGFMAKALEAPWID
;
A,B,C,D
2 'polypeptide(L)' NASAPV E,F,G,H
#
loop_
_chem_comp.id
_chem_comp.type
_chem_comp.name
_chem_comp.formula
CA non-polymer 'CALCIUM ION' 'Ca 2'
ZPR peptide-like N-BENZYLOXYCARBONYL-L-PROLYL-L-PROLINAL 'C18 H22 N2 O4'
#
# COMPACT_ATOMS: atom_id res chain seq x y z
N TYR A 38 -6.85 41.05 59.47
CA TYR A 38 -6.57 41.56 58.08
C TYR A 38 -5.69 42.77 58.17
N PRO A 39 -4.67 42.86 57.31
CA PRO A 39 -3.76 43.97 57.42
C PRO A 39 -4.39 45.21 56.81
N PRO A 40 -3.99 46.39 57.30
CA PRO A 40 -4.50 47.65 56.76
C PRO A 40 -4.00 47.85 55.34
N VAL A 41 -4.84 48.40 54.50
CA VAL A 41 -4.52 48.57 53.10
C VAL A 41 -4.98 49.97 52.70
N ARG A 42 -4.06 50.82 52.27
CA ARG A 42 -4.40 52.21 52.01
C ARG A 42 -5.32 52.35 50.83
N ARG A 43 -6.35 53.20 50.99
CA ARG A 43 -7.23 53.58 49.90
C ARG A 43 -6.87 54.98 49.43
N ASP A 44 -7.00 55.21 48.13
CA ASP A 44 -6.71 56.51 47.54
C ASP A 44 -8.02 57.06 46.99
N GLU A 45 -8.74 57.79 47.83
CA GLU A 45 -10.14 58.16 47.54
C GLU A 45 -10.29 59.23 46.46
N THR A 46 -9.17 59.75 45.98
CA THR A 46 -9.15 60.78 44.92
C THR A 46 -9.12 60.23 43.46
N VAL A 47 -8.84 58.94 43.27
CA VAL A 47 -8.75 58.36 41.91
C VAL A 47 -10.15 58.04 41.41
N VAL A 48 -10.60 58.75 40.37
CA VAL A 48 -11.90 58.53 39.75
C VAL A 48 -11.81 58.78 38.25
N ASP A 49 -12.39 57.88 37.46
CA ASP A 49 -12.40 57.98 36.01
C ASP A 49 -13.84 58.02 35.47
N ASP A 50 -14.03 58.73 34.38
CA ASP A 50 -15.35 58.84 33.77
C ASP A 50 -15.39 58.02 32.50
N TYR A 51 -15.95 56.81 32.63
CA TYR A 51 -16.22 55.96 31.46
C TYR A 51 -17.62 56.27 30.92
N PHE A 52 -17.69 57.16 29.92
CA PHE A 52 -18.94 57.47 29.20
C PHE A 52 -20.12 57.88 30.10
N GLY A 53 -19.88 58.85 30.99
CA GLY A 53 -20.91 59.34 31.92
C GLY A 53 -20.93 58.63 33.28
N VAL A 54 -20.27 57.48 33.36
CA VAL A 54 -20.27 56.64 34.57
C VAL A 54 -18.97 56.81 35.36
N LYS A 55 -19.08 57.30 36.59
CA LYS A 55 -17.92 57.49 37.47
C LYS A 55 -17.51 56.12 37.97
N VAL A 56 -16.23 55.79 37.88
CA VAL A 56 -15.71 54.52 38.43
C VAL A 56 -14.47 54.83 39.23
N ALA A 57 -14.54 54.60 40.54
CA ALA A 57 -13.39 54.87 41.42
C ALA A 57 -12.40 53.72 41.36
N ASP A 58 -11.11 54.01 41.45
CA ASP A 58 -10.08 52.98 41.51
C ASP A 58 -9.20 53.22 42.74
N PRO A 59 -9.78 53.06 43.94
CA PRO A 59 -9.06 53.34 45.17
C PRO A 59 -7.75 52.58 45.38
N TYR A 60 -7.58 51.44 44.70
CA TYR A 60 -6.35 50.66 44.83
C TYR A 60 -5.48 50.70 43.56
N ARG A 61 -5.59 51.80 42.80
CA ARG A 61 -4.74 52.10 41.64
C ARG A 61 -3.23 52.02 41.93
N TRP A 62 -2.83 52.41 43.14
CA TRP A 62 -1.42 52.32 43.58
C TRP A 62 -0.77 50.90 43.61
N LEU A 63 -1.59 49.86 43.58
CA LEU A 63 -1.09 48.50 43.53
C LEU A 63 -0.69 48.10 42.12
N GLU A 64 -0.90 48.99 41.13
CA GLU A 64 -0.46 48.72 39.77
C GLU A 64 1.02 48.96 39.57
N ASP A 65 1.67 49.61 40.52
CA ASP A 65 3.13 49.71 40.51
C ASP A 65 3.69 48.61 41.42
N PRO A 66 4.30 47.55 40.81
CA PRO A 66 4.77 46.43 41.63
C PRO A 66 6.06 46.72 42.45
N ASN A 67 6.70 47.88 42.21
CA ASN A 67 8.00 48.24 42.85
C ASN A 67 7.89 49.21 44.03
N SER A 68 6.80 49.97 44.13
CA SER A 68 6.60 50.83 45.32
C SER A 68 6.66 50.00 46.58
N GLU A 69 7.33 50.52 47.61
CA GLU A 69 7.49 49.78 48.87
C GLU A 69 6.14 49.56 49.55
N GLU A 70 5.18 50.42 49.27
CA GLU A 70 3.80 50.23 49.72
C GLU A 70 3.22 48.92 49.16
N THR A 71 3.43 48.70 47.88
CA THR A 71 3.00 47.48 47.23
C THR A 71 3.80 46.29 47.76
N LYS A 72 5.12 46.43 47.82
CA LYS A 72 5.96 45.36 48.37
C LYS A 72 5.53 44.99 49.77
N GLU A 73 5.21 46.00 50.60
CA GLU A 73 4.73 45.75 51.98
C GLU A 73 3.38 45.10 51.97
N PHE A 74 2.49 45.60 51.12
CA PHE A 74 1.21 44.93 50.87
C PHE A 74 1.41 43.42 50.71
N VAL A 75 2.22 43.06 49.73
CA VAL A 75 2.47 41.65 49.42
C VAL A 75 2.94 40.94 50.69
N ASP A 76 3.90 41.56 51.37
CA ASP A 76 4.54 40.96 52.52
C ASP A 76 3.50 40.68 53.59
N ASN A 77 2.56 41.61 53.76
CA ASN A 77 1.51 41.46 54.79
C ASN A 77 0.53 40.36 54.43
N GLN A 78 0.08 40.38 53.18
CA GLN A 78 -0.85 39.39 52.69
C GLN A 78 -0.26 37.99 52.77
N GLU A 79 1.02 37.88 52.42
CA GLU A 79 1.77 36.66 52.63
C GLU A 79 1.70 36.23 54.09
N LYS A 80 1.99 37.17 54.99
CA LYS A 80 1.98 36.89 56.43
C LYS A 80 0.60 36.35 56.82
N LEU A 81 -0.45 37.03 56.38
CA LEU A 81 -1.82 36.62 56.67
C LEU A 81 -2.15 35.23 56.16
N ALA A 82 -1.76 34.98 54.90
CA ALA A 82 -1.99 33.69 54.24
C ALA A 82 -1.39 32.52 55.02
N ASN A 83 -0.13 32.66 55.39
CA ASN A 83 0.57 31.66 56.18
C ASN A 83 -0.13 31.40 57.49
N SER A 84 -0.50 32.49 58.14
CA SER A 84 -1.25 32.44 59.39
C SER A 84 -2.47 31.52 59.24
N VAL A 85 -3.27 31.76 58.21
CA VAL A 85 -4.44 30.96 57.92
C VAL A 85 -4.08 29.53 57.51
N LEU A 86 -3.11 29.38 56.62
CA LEU A 86 -2.68 28.06 56.16
C LEU A 86 -2.09 27.18 57.25
N GLU A 87 -1.49 27.79 58.27
CA GLU A 87 -1.04 27.07 59.47
C GLU A 87 -2.22 26.35 60.13
N GLU A 88 -3.36 27.03 60.14
CA GLU A 88 -4.60 26.42 60.60
C GLU A 88 -5.04 25.19 59.76
N CYS A 89 -4.71 25.17 58.46
CA CYS A 89 -5.09 24.08 57.57
C CYS A 89 -4.17 22.89 57.73
N GLU A 90 -4.56 21.98 58.62
CA GLU A 90 -3.66 20.92 59.08
C GLU A 90 -3.49 19.75 58.12
N LEU A 91 -4.26 19.73 57.05
CA LEU A 91 -4.18 18.62 56.11
C LEU A 91 -3.18 18.86 54.98
N ILE A 92 -2.63 20.06 54.88
CA ILE A 92 -1.72 20.38 53.79
C ILE A 92 -0.60 19.35 53.69
N ASP A 93 0.09 19.11 54.80
CA ASP A 93 1.21 18.14 54.84
C ASP A 93 0.79 16.73 54.41
N LYS A 94 -0.44 16.32 54.69
CA LYS A 94 -0.89 14.99 54.28
C LYS A 94 -1.13 14.93 52.78
N PHE A 95 -1.78 15.96 52.25
CA PHE A 95 -2.00 16.09 50.79
C PHE A 95 -0.68 16.07 50.05
N LYS A 96 0.22 16.92 50.51
CA LYS A 96 1.50 17.08 49.89
C LYS A 96 2.22 15.75 49.71
N GLN A 97 2.23 14.92 50.75
CA GLN A 97 2.93 13.64 50.67
C GLN A 97 2.26 12.73 49.67
N LYS A 98 0.94 12.64 49.71
CA LYS A 98 0.23 11.78 48.79
C LYS A 98 0.41 12.23 47.34
N ILE A 99 0.44 13.55 47.12
CA ILE A 99 0.67 14.13 45.78
C ILE A 99 2.05 13.79 45.27
N ILE A 100 3.04 13.86 46.16
CA ILE A 100 4.41 13.51 45.80
C ILE A 100 4.48 12.03 45.45
N ASP A 101 3.95 11.21 46.36
CA ASP A 101 3.97 9.76 46.22
C ASP A 101 3.27 9.30 44.95
N PHE A 102 2.15 9.94 44.62
CA PHE A 102 1.37 9.60 43.42
C PHE A 102 1.99 10.11 42.13
N VAL A 103 2.73 11.23 42.19
CA VAL A 103 3.41 11.77 41.00
C VAL A 103 4.72 11.02 40.70
N ASN A 104 5.25 10.29 41.68
CA ASN A 104 6.57 9.66 41.58
C ASN A 104 6.60 8.37 40.75
N PHE A 105 6.54 8.55 39.45
CA PHE A 105 6.63 7.45 38.55
C PHE A 105 7.29 7.99 37.30
N PRO A 106 8.09 7.15 36.62
CA PRO A 106 8.71 7.59 35.37
C PRO A 106 7.70 7.95 34.27
N ARG A 107 8.14 8.86 33.38
CA ARG A 107 7.31 9.41 32.28
C ARG A 107 8.11 9.63 31.00
N CYS A 108 7.87 8.79 29.99
CA CYS A 108 8.41 9.05 28.66
C CYS A 108 7.41 9.90 27.90
N GLY A 109 7.93 10.91 27.22
CA GLY A 109 7.14 11.70 26.30
C GLY A 109 7.04 11.01 24.95
N VAL A 110 6.26 11.58 24.06
CA VAL A 110 6.14 11.06 22.71
C VAL A 110 7.42 11.27 21.92
N PRO A 111 8.00 10.18 21.38
CA PRO A 111 9.22 10.29 20.56
C PRO A 111 8.94 10.81 19.16
N PHE A 112 9.88 11.58 18.62
CA PHE A 112 9.81 11.98 17.23
C PHE A 112 11.17 11.69 16.62
N ARG A 113 11.22 11.65 15.28
CA ARG A 113 12.39 11.13 14.58
C ARG A 113 13.05 12.16 13.66
N ARG A 114 14.37 12.18 13.63
CA ARG A 114 15.06 12.95 12.64
C ARG A 114 16.13 12.04 12.09
N ALA A 115 16.18 11.91 10.77
CA ALA A 115 17.07 10.95 10.16
C ALA A 115 16.82 9.62 10.85
N ASN A 116 17.81 9.06 11.54
CA ASN A 116 17.64 7.73 12.12
C ASN A 116 17.76 7.77 13.67
N LYS A 117 17.63 8.97 14.27
CA LYS A 117 17.62 9.16 15.73
C LYS A 117 16.21 9.45 16.16
N TYR A 118 15.97 9.21 17.46
CA TYR A 118 14.69 9.40 18.08
C TYR A 118 14.88 10.21 19.32
N PHE A 119 14.20 11.35 19.38
CA PHE A 119 14.29 12.28 20.52
C PHE A 119 12.99 12.28 21.31
N HIS A 120 13.07 12.53 22.61
CA HIS A 120 11.89 12.59 23.46
C HIS A 120 12.24 13.14 24.81
N PHE A 121 11.24 13.55 25.57
CA PHE A 121 11.44 14.06 26.92
C PHE A 121 11.27 12.93 27.93
N TYR A 122 11.95 13.07 29.07
CA TYR A 122 11.94 12.07 30.13
C TYR A 122 11.95 12.69 31.51
N ASN A 123 11.21 12.11 32.44
CA ASN A 123 11.30 12.48 33.84
C ASN A 123 11.27 11.20 34.68
N SER A 124 12.30 11.01 35.50
CA SER A 124 12.39 9.83 36.37
C SER A 124 11.17 9.75 37.33
N GLY A 125 10.61 10.91 37.65
CA GLY A 125 9.38 10.98 38.45
C GLY A 125 9.24 12.32 39.14
N LEU A 126 10.29 12.74 39.83
CA LEU A 126 10.26 13.98 40.62
C LEU A 126 11.36 14.98 40.27
N GLN A 127 11.97 14.79 39.10
CA GLN A 127 12.88 15.80 38.55
C GLN A 127 12.07 17.08 38.32
N ALA A 128 12.68 18.21 38.66
CA ALA A 128 12.03 19.51 38.62
C ALA A 128 11.54 19.85 37.22
N GLN A 129 12.32 19.45 36.23
CA GLN A 129 11.95 19.64 34.82
C GLN A 129 12.27 18.39 34.00
N ASN A 130 11.49 18.17 32.95
CA ASN A 130 11.76 17.07 32.04
C ASN A 130 13.10 17.28 31.33
N VAL A 131 13.77 16.17 31.07
CA VAL A 131 15.07 16.14 30.43
C VAL A 131 14.88 15.67 29.01
N PHE A 132 15.46 16.41 28.06
CA PHE A 132 15.43 16.02 26.63
C PHE A 132 16.51 14.98 26.31
N GLN A 133 16.13 13.90 25.64
CA GLN A 133 17.02 12.75 25.37
C GLN A 133 17.00 12.25 23.95
N MET A 134 18.07 11.58 23.58
CA MET A 134 18.23 11.10 22.21
C MET A 134 18.58 9.62 22.27
N GLN A 135 18.18 8.90 21.23
CA GLN A 135 18.51 7.50 21.11
C GLN A 135 18.60 7.11 19.61
N ASP A 136 19.35 6.06 19.32
CA ASP A 136 19.55 5.53 17.96
C ASP A 136 18.52 4.49 17.64
N ASP A 137 18.13 3.74 18.67
CA ASP A 137 17.13 2.70 18.54
C ASP A 137 16.02 2.99 19.53
N LEU A 138 14.79 2.70 19.12
CA LEU A 138 13.62 3.02 19.94
C LEU A 138 13.75 2.44 21.34
N ASP A 139 14.41 1.30 21.45
CA ASP A 139 14.62 0.63 22.73
C ASP A 139 16.11 0.46 23.04
N GLY A 140 16.95 1.33 22.46
CA GLY A 140 18.39 1.35 22.75
C GLY A 140 18.66 2.20 23.97
N LYS A 141 19.92 2.42 24.30
CA LYS A 141 20.26 3.24 25.44
C LYS A 141 19.98 4.71 25.17
N PRO A 142 19.16 5.36 26.02
CA PRO A 142 18.94 6.80 25.85
C PRO A 142 20.20 7.55 26.23
N GLU A 143 20.34 8.74 25.68
CA GLU A 143 21.44 9.63 26.01
C GLU A 143 20.87 11.01 26.34
N VAL A 144 21.37 11.66 27.37
CA VAL A 144 20.88 12.98 27.71
C VAL A 144 21.49 14.04 26.81
N LEU A 145 20.63 14.84 26.21
CA LEU A 145 21.05 15.84 25.27
C LEU A 145 21.14 17.20 25.94
N TYR A 146 20.09 17.59 26.66
CA TYR A 146 20.13 18.76 27.52
C TYR A 146 19.22 18.55 28.72
N ASP A 147 19.74 18.92 29.89
CA ASP A 147 19.09 18.73 31.18
C ASP A 147 18.85 20.10 31.87
N PRO A 148 17.61 20.62 31.80
CA PRO A 148 17.31 21.89 32.43
C PRO A 148 17.57 21.98 33.95
N ASN A 149 17.58 20.83 34.63
CA ASN A 149 17.71 20.80 36.08
C ASN A 149 19.09 21.21 36.55
N LEU A 150 20.07 21.19 35.64
CA LEU A 150 21.41 21.66 35.96
C LEU A 150 21.55 23.17 35.89
N ARG A 151 20.45 23.87 35.65
CA ARG A 151 20.51 25.29 35.45
C ARG A 151 19.43 26.01 36.24
N GLU A 152 19.89 26.91 37.11
CA GLU A 152 19.04 27.56 38.10
C GLU A 152 18.19 26.53 38.85
N GLY A 153 18.80 25.38 39.11
CA GLY A 153 18.14 24.29 39.82
C GLY A 153 16.86 23.80 39.19
N GLY A 154 16.68 24.07 37.90
CA GLY A 154 15.48 23.66 37.16
C GLY A 154 14.28 24.55 37.38
N ARG A 155 14.53 25.84 37.57
CA ARG A 155 13.47 26.84 37.79
C ARG A 155 12.59 26.88 36.54
N SER A 156 13.24 26.78 35.39
CA SER A 156 12.60 26.77 34.07
C SER A 156 13.06 25.56 33.28
N GLY A 157 12.13 24.95 32.56
CA GLY A 157 12.42 23.89 31.62
C GLY A 157 12.56 24.41 30.20
N LEU A 158 12.39 23.49 29.26
CA LEU A 158 12.52 23.79 27.83
C LEU A 158 11.19 24.12 27.18
N SER A 159 11.11 25.35 26.65
CA SER A 159 9.91 25.81 25.97
C SER A 159 10.07 25.62 24.47
N LEU A 160 11.21 26.04 23.93
CA LEU A 160 11.48 25.91 22.50
C LEU A 160 12.59 24.89 22.30
N TYR A 161 12.34 23.88 21.46
CA TYR A 161 13.34 22.84 21.18
C TYR A 161 13.10 22.33 19.76
N SER A 162 14.17 22.04 19.05
CA SER A 162 14.07 21.82 17.61
C SER A 162 15.32 21.13 17.08
N VAL A 163 15.15 20.04 16.35
CA VAL A 163 16.28 19.25 15.88
C VAL A 163 16.38 19.39 14.35
N SER A 164 17.61 19.54 13.86
CA SER A 164 17.86 19.65 12.42
C SER A 164 17.47 18.38 11.72
N GLU A 165 17.30 18.46 10.39
CA GLU A 165 16.79 17.34 9.61
C GLU A 165 17.72 16.15 9.63
N ASP A 166 19.02 16.44 9.61
CA ASP A 166 20.05 15.41 9.68
C ASP A 166 20.36 14.93 11.10
N ALA A 167 19.73 15.53 12.11
CA ALA A 167 19.86 15.15 13.53
C ALA A 167 21.17 15.57 14.19
N LYS A 168 21.95 16.42 13.51
CA LYS A 168 23.25 16.88 14.05
C LYS A 168 23.19 18.04 15.01
N TYR A 169 22.17 18.88 14.90
CA TYR A 169 22.08 20.10 15.70
C TYR A 169 20.79 20.13 16.44
N PHE A 170 20.84 20.72 17.62
CA PHE A 170 19.67 20.86 18.51
C PHE A 170 19.64 22.31 18.96
N ALA A 171 18.63 23.04 18.52
CA ALA A 171 18.46 24.44 18.86
C ALA A 171 17.40 24.52 19.90
N PHE A 172 17.72 25.10 21.04
CA PHE A 172 16.77 25.15 22.16
C PHE A 172 16.81 26.50 22.84
N GLY A 173 15.79 26.75 23.64
CA GLY A 173 15.60 28.05 24.24
C GLY A 173 15.69 28.02 25.75
N ILE A 174 16.59 28.86 26.25
CA ILE A 174 16.85 29.05 27.66
C ILE A 174 16.26 30.36 28.17
N HIS A 175 15.43 30.31 29.20
CA HIS A 175 14.98 31.55 29.83
C HIS A 175 16.12 32.14 30.66
N SER A 176 16.37 33.43 30.46
CA SER A 176 17.52 34.05 31.13
C SER A 176 17.22 34.35 32.59
N GLY A 177 16.20 35.16 32.81
CA GLY A 177 15.74 35.44 34.16
C GLY A 177 14.35 34.88 34.32
N LEU A 178 13.55 35.54 35.16
CA LEU A 178 12.15 35.14 35.39
C LEU A 178 11.27 35.49 34.19
N THR A 179 11.72 36.43 33.37
CA THR A 179 10.98 36.94 32.20
C THR A 179 10.63 35.88 31.15
N GLU A 180 9.79 36.29 30.20
CA GLU A 180 9.34 35.44 29.08
C GLU A 180 10.42 35.31 28.01
N TRP A 181 11.40 36.23 27.99
CA TRP A 181 12.48 36.24 26.99
C TRP A 181 13.38 35.01 27.04
N VAL A 182 13.86 34.62 25.87
CA VAL A 182 14.63 33.42 25.66
C VAL A 182 15.92 33.76 24.91
N THR A 183 16.92 32.93 25.12
CA THR A 183 18.10 32.92 24.28
C THR A 183 18.19 31.57 23.58
N ILE A 184 18.27 31.59 22.26
CA ILE A 184 18.46 30.37 21.50
C ILE A 184 19.93 29.99 21.49
N LYS A 185 20.20 28.74 21.81
CA LYS A 185 21.54 28.15 21.74
C LYS A 185 21.46 26.95 20.83
N ILE A 186 22.60 26.47 20.38
CA ILE A 186 22.64 25.29 19.49
C ILE A 186 23.72 24.28 19.91
N LEU A 187 23.31 23.05 20.24
CA LEU A 187 24.28 21.94 20.48
C LEU A 187 24.47 20.99 19.30
N LYS A 188 25.70 20.53 19.10
CA LYS A 188 25.96 19.36 18.27
C LYS A 188 25.52 18.14 19.06
N THR A 189 24.80 17.22 18.43
CA THR A 189 24.28 16.05 19.12
C THR A 189 25.36 14.96 19.23
N GLU A 190 26.34 14.96 18.33
CA GLU A 190 27.45 13.98 18.34
C GLU A 190 28.21 14.01 19.67
N ASP A 191 28.51 15.20 20.18
CA ASP A 191 29.28 15.33 21.43
C ASP A 191 28.71 16.30 22.52
N ARG A 192 27.49 16.79 22.33
CA ARG A 192 26.87 17.71 23.27
C ARG A 192 27.64 19.03 23.51
N SER A 193 28.43 19.43 22.52
CA SER A 193 29.13 20.72 22.54
C SER A 193 28.31 21.84 21.88
N TYR A 194 28.51 23.08 22.34
CA TYR A 194 27.73 24.20 21.84
C TYR A 194 28.41 24.91 20.66
N LEU A 195 27.61 25.33 19.70
CA LEU A 195 28.08 26.30 18.73
C LEU A 195 28.14 27.63 19.44
N PRO A 196 29.02 28.53 18.97
CA PRO A 196 29.11 29.90 19.53
C PRO A 196 27.86 30.76 19.28
N ASP A 197 27.09 30.42 18.24
CA ASP A 197 25.83 31.12 17.87
C ASP A 197 24.91 31.38 19.05
N THR A 198 24.55 32.65 19.26
CA THR A 198 23.66 33.07 20.33
C THR A 198 22.64 34.06 19.79
N LEU A 199 21.36 33.68 19.84
CA LEU A 199 20.29 34.51 19.31
C LEU A 199 19.45 34.99 20.47
N GLU A 200 19.57 36.29 20.73
CA GLU A 200 18.80 36.99 21.74
C GLU A 200 17.44 37.49 21.20
N TRP A 201 16.60 37.99 22.10
CA TRP A 201 15.33 38.65 21.75
C TRP A 201 14.33 37.73 21.05
N VAL A 202 14.24 36.50 21.54
CA VAL A 202 13.27 35.52 21.07
C VAL A 202 12.24 35.26 22.18
N LYS A 203 10.96 35.18 21.83
CA LYS A 203 9.94 34.86 22.82
C LYS A 203 9.29 33.50 22.59
N PHE A 204 8.35 33.41 21.66
CA PHE A 204 7.62 32.18 21.46
C PHE A 204 7.95 31.54 20.13
N SER A 205 8.91 32.11 19.44
CA SER A 205 9.24 31.59 18.14
C SER A 205 9.74 30.17 18.28
N PRO A 206 9.49 29.32 17.27
CA PRO A 206 10.17 28.04 17.13
C PRO A 206 11.34 28.24 16.19
N ALA A 207 12.13 27.20 15.99
CA ALA A 207 13.27 27.29 15.10
C ALA A 207 13.04 26.31 13.98
N ILE A 208 12.91 26.81 12.76
CA ILE A 208 12.46 25.99 11.67
C ILE A 208 13.59 25.69 10.67
N TRP A 209 14.06 24.46 10.68
CA TRP A 209 15.24 24.10 9.93
C TRP A 209 14.96 23.90 8.45
N THR A 210 15.80 24.48 7.60
CA THR A 210 15.83 24.15 6.18
C THR A 210 16.46 22.79 5.95
N HIS A 211 16.10 22.12 4.86
CA HIS A 211 16.56 20.74 4.63
C HIS A 211 18.01 20.63 4.22
N ASP A 212 18.62 21.74 3.81
CA ASP A 212 20.06 21.79 3.58
C ASP A 212 20.88 21.79 4.89
N ASN A 213 20.20 21.95 6.02
CA ASN A 213 20.82 21.88 7.35
C ASN A 213 21.72 23.07 7.63
N LYS A 214 21.60 24.11 6.81
CA LYS A 214 22.47 25.29 6.89
C LYS A 214 21.98 26.33 7.88
N GLY A 215 20.74 26.22 8.32
CA GLY A 215 20.18 27.26 9.15
C GLY A 215 18.71 27.03 9.40
N PHE A 216 18.11 27.98 10.11
CA PHE A 216 16.69 27.93 10.43
C PHE A 216 16.02 29.29 10.44
N PHE A 217 14.73 29.25 10.25
CA PHE A 217 13.92 30.44 10.40
C PHE A 217 13.52 30.59 11.85
N TYR A 218 13.41 31.82 12.30
CA TYR A 218 12.87 32.10 13.61
C TYR A 218 12.29 33.50 13.60
N CYS A 219 11.59 33.86 14.68
CA CYS A 219 10.76 35.06 14.72
C CYS A 219 11.00 35.94 15.96
N PRO A 220 12.06 36.76 15.91
CA PRO A 220 12.48 37.53 17.04
C PRO A 220 11.91 38.92 17.04
N TYR A 221 12.13 39.61 18.15
CA TYR A 221 11.73 41.00 18.33
C TYR A 221 12.99 41.87 18.19
N PRO A 222 12.84 43.15 17.77
CA PRO A 222 14.04 43.98 17.70
C PRO A 222 14.44 44.45 19.13
N PRO A 223 15.74 44.79 19.33
CA PRO A 223 16.32 45.06 20.67
C PRO A 223 15.50 46.09 21.50
N ASN A 237 6.52 44.84 17.43
CA ASN A 237 7.17 44.76 16.07
C ASN A 237 7.97 43.49 15.79
N GLN A 238 7.29 42.34 15.82
CA GLN A 238 7.94 41.04 15.52
C GLN A 238 8.45 40.97 14.07
N GLU A 239 9.42 40.09 13.84
CA GLU A 239 10.09 39.92 12.54
C GLU A 239 10.24 38.45 12.24
N ALA A 240 10.41 38.15 10.96
CA ALA A 240 10.82 36.81 10.51
C ALA A 240 12.24 36.89 9.97
N ARG A 241 13.10 36.00 10.45
CA ARG A 241 14.51 36.02 10.12
C ARG A 241 14.97 34.64 9.74
N TYR A 242 16.12 34.57 9.09
CA TYR A 242 16.76 33.30 8.82
C TYR A 242 18.16 33.35 9.39
N HIS A 243 18.52 32.36 10.19
CA HIS A 243 19.83 32.35 10.80
C HIS A 243 20.70 31.27 10.21
N PHE A 244 21.83 31.66 9.63
CA PHE A 244 22.81 30.69 9.13
C PHE A 244 23.71 30.17 10.25
N LEU A 245 23.99 28.87 10.27
CA LEU A 245 24.84 28.28 11.32
C LEU A 245 26.25 28.81 11.19
N GLY A 246 26.87 29.11 12.34
CA GLY A 246 28.21 29.72 12.39
C GLY A 246 28.31 31.22 12.17
N THR A 247 27.19 31.91 12.09
CA THR A 247 27.20 33.35 11.96
C THR A 247 26.74 34.01 13.26
N ASP A 248 27.00 35.32 13.33
CA ASP A 248 26.43 36.14 14.38
C ASP A 248 24.98 36.52 14.02
N GLN A 249 24.18 36.76 15.06
CA GLN A 249 22.79 37.15 14.89
C GLN A 249 22.66 38.38 14.02
N SER A 250 23.64 39.28 14.11
CA SER A 250 23.70 40.53 13.31
C SER A 250 23.68 40.32 11.80
N GLU A 251 24.07 39.11 11.34
N GLU A 251 24.07 39.16 11.29
CA GLU A 251 24.01 38.72 9.92
CA GLU A 251 23.85 39.03 9.82
C GLU A 251 22.67 38.11 9.48
C GLU A 251 22.64 38.15 9.46
N ASP A 252 21.81 37.77 10.43
CA ASP A 252 20.58 37.05 10.09
C ASP A 252 19.77 37.84 9.08
N ILE A 253 19.21 37.12 8.11
CA ILE A 253 18.48 37.66 6.97
C ILE A 253 17.08 38.13 7.38
N LEU A 254 16.63 39.25 6.85
CA LEU A 254 15.26 39.71 7.09
C LEU A 254 14.31 39.11 6.05
N LEU A 255 13.14 38.66 6.49
CA LEU A 255 12.13 38.16 5.57
C LEU A 255 10.82 38.92 5.66
N TRP A 256 10.39 39.28 6.88
CA TRP A 256 9.15 40.02 7.05
C TRP A 256 9.17 40.96 8.24
N ARG A 257 8.64 42.16 8.02
CA ARG A 257 8.30 43.11 9.08
C ARG A 257 7.12 43.86 8.47
N ASP A 258 6.37 44.56 9.31
CA ASP A 258 5.28 45.40 8.88
C ASP A 258 5.23 46.39 10.00
N LEU A 259 6.01 47.47 9.90
CA LEU A 259 6.06 48.54 10.91
C LEU A 259 4.71 49.26 11.04
N GLU A 260 3.96 49.27 9.93
CA GLU A 260 2.60 49.84 9.86
C GLU A 260 1.57 49.11 10.76
N ASN A 261 1.87 47.85 11.14
CA ASN A 261 1.00 47.04 12.00
C ASN A 261 1.82 46.40 13.12
N PRO A 262 2.29 47.22 14.05
CA PRO A 262 3.17 46.71 15.10
C PRO A 262 2.62 45.52 15.92
N ALA A 263 1.31 45.41 16.12
CA ALA A 263 0.74 44.40 17.02
C ALA A 263 0.41 43.03 16.35
N HIS A 264 0.54 42.94 15.03
CA HIS A 264 0.49 41.66 14.33
C HIS A 264 1.70 40.85 14.70
N HIS A 265 1.49 39.59 15.01
CA HIS A 265 2.57 38.67 15.40
C HIS A 265 2.58 37.44 14.47
N LEU A 266 3.60 36.60 14.58
CA LEU A 266 3.85 35.55 13.57
C LEU A 266 4.08 34.12 14.12
N LYS A 267 3.74 33.15 13.30
N LYS A 267 3.71 33.13 13.32
CA LYS A 267 4.17 31.77 13.48
CA LYS A 267 4.20 31.76 13.50
C LYS A 267 4.69 31.37 12.11
C LYS A 267 4.71 31.38 12.12
N CYS A 268 5.45 30.29 12.02
CA CYS A 268 5.93 29.84 10.71
C CYS A 268 6.27 28.38 10.69
N GLN A 269 6.67 27.91 9.52
CA GLN A 269 6.63 26.51 9.23
C GLN A 269 7.23 26.27 7.87
N ILE A 270 7.79 25.10 7.71
CA ILE A 270 8.27 24.67 6.42
C ILE A 270 7.55 23.37 6.06
N THR A 271 7.43 23.13 4.76
CA THR A 271 6.69 21.97 4.27
C THR A 271 7.56 20.72 4.38
N ASP A 272 6.95 19.53 4.39
CA ASP A 272 7.71 18.29 4.61
C ASP A 272 8.75 17.99 3.52
N ASP A 273 8.50 18.50 2.31
CA ASP A 273 9.44 18.33 1.19
C ASP A 273 10.52 19.41 1.17
N GLY A 274 10.42 20.37 2.08
CA GLY A 274 11.45 21.40 2.27
C GLY A 274 11.46 22.52 1.25
N LYS A 275 10.49 22.53 0.35
CA LYS A 275 10.52 23.46 -0.77
C LYS A 275 9.89 24.83 -0.49
N TYR A 276 8.91 24.87 0.42
CA TYR A 276 8.24 26.13 0.72
C TYR A 276 8.35 26.54 2.17
N PHE A 277 8.60 27.83 2.36
CA PHE A 277 8.54 28.45 3.68
C PHE A 277 7.23 29.19 3.78
N LEU A 278 6.40 28.83 4.76
CA LEU A 278 5.16 29.54 5.01
C LEU A 278 5.31 30.47 6.21
N LEU A 279 4.81 31.71 6.06
CA LEU A 279 4.77 32.66 7.16
C LEU A 279 3.31 32.95 7.47
N TYR A 280 2.92 32.68 8.71
CA TYR A 280 1.54 32.91 9.15
C TYR A 280 1.52 34.18 9.95
N ILE A 281 0.56 35.04 9.68
CA ILE A 281 0.46 36.31 10.39
C ILE A 281 -0.86 36.36 11.13
N LEU A 282 -0.79 36.61 12.44
CA LEU A 282 -1.97 36.57 13.31
C LEU A 282 -2.31 37.94 13.87
N ASP A 283 -3.50 38.05 14.46
CA ASP A 283 -3.96 39.30 15.05
C ASP A 283 -4.71 39.00 16.34
N GLY A 284 -4.08 39.21 17.47
CA GLY A 284 -4.74 38.88 18.73
C GLY A 284 -4.83 37.38 18.92
N CYS A 285 -5.79 36.94 19.73
CA CYS A 285 -5.97 35.51 19.98
C CYS A 285 -7.11 34.89 19.20
N ASP A 286 -7.54 35.55 18.12
CA ASP A 286 -8.66 35.07 17.29
C ASP A 286 -8.14 33.90 16.47
N ASP A 287 -8.93 32.84 16.31
CA ASP A 287 -8.49 31.71 15.47
C ASP A 287 -8.63 32.11 13.99
N ALA A 288 -7.66 32.90 13.53
CA ALA A 288 -7.61 33.39 12.16
C ALA A 288 -6.23 33.94 11.83
N ASN A 289 -5.89 33.91 10.56
CA ASN A 289 -4.55 34.20 10.13
C ASN A 289 -4.40 34.42 8.62
N LYS A 290 -3.32 35.11 8.26
CA LYS A 290 -2.88 35.20 6.87
C LYS A 290 -2.00 34.01 6.55
N VAL A 291 -1.73 33.78 5.28
CA VAL A 291 -0.82 32.74 4.80
C VAL A 291 -0.01 33.28 3.63
N TYR A 292 1.29 33.45 3.85
CA TYR A 292 2.24 33.87 2.81
C TYR A 292 3.18 32.66 2.54
N CYS A 293 3.53 32.40 1.28
CA CYS A 293 4.37 31.25 0.93
C CYS A 293 5.59 31.72 0.19
N LEU A 294 6.75 31.15 0.51
CA LEU A 294 7.97 31.49 -0.21
C LEU A 294 8.54 30.24 -0.84
N ASP A 295 8.63 30.23 -2.16
CA ASP A 295 9.22 29.09 -2.89
C ASP A 295 10.76 29.18 -2.87
N LEU A 296 11.36 28.24 -2.13
CA LEU A 296 12.79 28.26 -1.89
C LEU A 296 13.51 27.66 -3.07
N THR A 297 12.82 26.85 -3.86
CA THR A 297 13.46 26.26 -5.02
C THR A 297 13.75 27.30 -6.11
N LYS A 298 13.15 28.48 -6.02
CA LYS A 298 13.21 29.46 -7.09
C LYS A 298 14.04 30.68 -6.71
N LEU A 299 14.89 30.56 -5.71
CA LEU A 299 15.70 31.68 -5.30
C LEU A 299 17.05 31.61 -6.01
N PRO A 300 17.39 32.65 -6.83
CA PRO A 300 18.65 32.64 -7.58
C PRO A 300 19.84 32.17 -6.75
N ASN A 301 19.91 32.62 -5.50
CA ASN A 301 21.06 32.41 -4.67
C ASN A 301 20.74 31.86 -3.29
N GLY A 302 19.89 30.85 -3.22
CA GLY A 302 19.40 30.38 -1.93
C GLY A 302 18.86 31.55 -1.11
N LEU A 303 18.90 31.45 0.22
CA LEU A 303 18.41 32.54 1.06
C LEU A 303 19.36 33.73 1.16
N GLU A 304 20.58 33.59 0.65
CA GLU A 304 21.60 34.66 0.77
C GLU A 304 21.22 35.87 -0.11
N SER A 305 20.54 35.64 -1.25
CA SER A 305 19.80 36.77 -1.84
C SER A 305 19.13 37.44 -0.61
N PHE A 306 19.07 38.78 -0.54
CA PHE A 306 18.46 39.55 0.61
C PHE A 306 19.47 40.25 1.55
N ALA A 313 10.41 40.65 1.38
CA ALA A 313 10.76 39.51 0.49
C ALA A 313 9.60 39.09 -0.44
N PRO A 314 9.91 38.51 -1.64
CA PRO A 314 8.87 38.19 -2.64
C PRO A 314 7.93 37.00 -2.26
N PHE A 315 7.04 37.20 -1.30
CA PHE A 315 6.08 36.18 -0.89
C PHE A 315 4.86 36.15 -1.82
N MET A 316 4.41 34.94 -2.16
N MET A 316 4.40 34.94 -2.15
CA MET A 316 3.08 34.74 -2.72
CA MET A 316 3.07 34.74 -2.69
C MET A 316 2.08 34.93 -1.55
C MET A 316 2.09 34.94 -1.54
N LYS A 317 1.25 35.96 -1.60
CA LYS A 317 0.28 36.20 -0.51
C LYS A 317 -1.02 35.45 -0.81
N LEU A 318 -1.06 34.19 -0.41
CA LEU A 318 -2.18 33.32 -0.71
C LEU A 318 -3.43 33.66 0.06
N ILE A 319 -3.28 34.26 1.24
CA ILE A 319 -4.41 34.71 2.07
C ILE A 319 -3.97 36.01 2.73
N ASP A 320 -4.58 37.14 2.36
CA ASP A 320 -4.12 38.42 2.88
C ASP A 320 -5.16 39.11 3.75
N SER A 321 -5.91 38.32 4.50
CA SER A 321 -6.91 38.86 5.44
C SER A 321 -7.03 37.98 6.68
N PHE A 322 -7.67 38.52 7.71
CA PHE A 322 -7.91 37.77 8.94
C PHE A 322 -9.33 37.20 9.01
N ASP A 323 -9.86 36.76 7.87
CA ASP A 323 -11.21 36.20 7.83
C ASP A 323 -11.30 34.83 8.49
N ALA A 324 -10.24 34.04 8.41
CA ALA A 324 -10.33 32.63 8.77
C ALA A 324 -8.97 32.02 9.01
N SER A 325 -8.98 30.86 9.65
CA SER A 325 -7.79 30.13 10.02
C SER A 325 -7.35 29.24 8.89
N TYR A 326 -6.05 29.02 8.78
CA TYR A 326 -5.48 28.18 7.72
C TYR A 326 -4.18 27.60 8.23
N THR A 327 -4.07 26.28 8.19
CA THR A 327 -2.90 25.53 8.68
C THR A 327 -2.50 24.50 7.64
N ALA A 328 -1.32 24.64 7.06
CA ALA A 328 -0.88 23.74 5.98
C ALA A 328 -0.71 22.32 6.53
N ILE A 329 -1.40 21.33 5.96
CA ILE A 329 -1.29 19.96 6.43
C ILE A 329 -0.35 19.14 5.55
N ALA A 330 -0.33 19.42 4.25
CA ALA A 330 0.52 18.68 3.32
C ALA A 330 0.55 19.40 2.01
N ASN A 331 1.43 18.96 1.12
CA ASN A 331 1.47 19.49 -0.24
C ASN A 331 2.16 18.54 -1.21
N ASP A 332 1.76 18.65 -2.47
CA ASP A 332 2.34 17.87 -3.55
C ASP A 332 2.74 18.86 -4.65
N GLY A 333 4.02 19.21 -4.63
CA GLY A 333 4.51 20.33 -5.40
C GLY A 333 3.78 21.59 -4.96
N SER A 334 3.07 22.20 -5.89
CA SER A 334 2.36 23.44 -5.61
C SER A 334 0.94 23.22 -5.10
N VAL A 335 0.56 21.96 -4.81
CA VAL A 335 -0.84 21.67 -4.48
C VAL A 335 -1.05 21.41 -2.97
N PHE A 336 -1.51 22.44 -2.28
CA PHE A 336 -1.61 22.36 -0.83
C PHE A 336 -2.89 21.77 -0.31
N THR A 337 -2.81 21.09 0.81
CA THR A 337 -3.98 20.75 1.59
C THR A 337 -3.95 21.53 2.91
N PHE A 338 -4.95 22.35 3.17
CA PHE A 338 -5.01 23.20 4.38
C PHE A 338 -6.09 22.72 5.33
N GLN A 339 -5.96 23.08 6.59
CA GLN A 339 -7.06 22.95 7.55
C GLN A 339 -7.62 24.36 7.73
N THR A 340 -8.95 24.52 7.72
CA THR A 340 -9.53 25.85 7.84
C THR A 340 -10.87 25.87 8.47
N ASN A 341 -11.18 27.02 9.07
CA ASN A 341 -12.50 27.25 9.62
C ASN A 341 -13.27 28.27 8.80
N LYS A 342 -12.97 28.32 7.50
CA LYS A 342 -13.63 29.22 6.56
C LYS A 342 -14.97 28.65 6.13
N ASP A 343 -16.05 29.36 6.45
CA ASP A 343 -17.42 28.85 6.21
C ASP A 343 -17.63 27.49 6.87
N ALA A 344 -16.95 27.29 8.00
CA ALA A 344 -16.97 26.04 8.71
C ALA A 344 -16.47 26.28 10.14
N PRO A 345 -17.39 26.42 11.10
CA PRO A 345 -17.03 26.65 12.51
C PRO A 345 -16.37 25.46 13.17
N ARG A 346 -16.87 24.25 12.91
CA ARG A 346 -16.04 23.04 13.08
C ARG A 346 -15.21 23.22 11.86
N LYS A 347 -14.05 22.60 11.77
CA LYS A 347 -13.21 22.97 10.65
C LYS A 347 -13.41 21.97 9.55
N LYS A 348 -12.66 22.15 8.48
CA LYS A 348 -12.62 21.17 7.40
C LYS A 348 -11.26 21.18 6.77
N LEU A 349 -11.02 20.25 5.84
CA LEU A 349 -9.81 20.25 5.01
C LEU A 349 -10.12 20.65 3.55
N VAL A 350 -9.29 21.54 3.00
CA VAL A 350 -9.50 22.07 1.67
C VAL A 350 -8.23 22.01 0.91
N ARG A 351 -8.33 22.05 -0.41
CA ARG A 351 -7.16 21.91 -1.27
C ARG A 351 -7.10 23.00 -2.34
N VAL A 352 -5.91 23.58 -2.49
CA VAL A 352 -5.66 24.63 -3.46
C VAL A 352 -4.33 24.41 -4.18
N ASP A 353 -4.26 24.86 -5.43
CA ASP A 353 -3.03 24.89 -6.16
C ASP A 353 -2.53 26.34 -6.09
N LEU A 354 -1.25 26.55 -5.76
CA LEU A 354 -0.74 27.92 -5.69
C LEU A 354 -0.68 28.61 -7.06
N ASN A 355 -0.55 27.81 -8.12
CA ASN A 355 -0.47 28.32 -9.49
C ASN A 355 -1.83 28.67 -10.07
N ASN A 356 -2.89 28.29 -9.38
CA ASN A 356 -4.24 28.85 -9.60
C ASN A 356 -4.97 29.07 -8.26
N PRO A 357 -4.48 30.06 -7.49
CA PRO A 357 -4.79 30.22 -6.08
C PRO A 357 -6.19 30.74 -5.76
N SER A 358 -6.98 31.04 -6.79
N SER A 358 -6.97 31.07 -6.79
CA SER A 358 -8.33 31.49 -6.59
CA SER A 358 -8.35 31.54 -6.55
C SER A 358 -9.32 30.35 -6.33
C SER A 358 -9.33 30.37 -6.36
N VAL A 359 -8.95 29.17 -6.80
CA VAL A 359 -9.83 28.01 -6.82
C VAL A 359 -9.50 27.06 -5.69
N TRP A 360 -10.36 27.08 -4.66
CA TRP A 360 -10.26 26.20 -3.48
C TRP A 360 -11.31 25.11 -3.51
N THR A 361 -10.98 23.93 -3.02
CA THR A 361 -11.86 22.76 -3.15
C THR A 361 -11.93 21.92 -1.87
N ASP A 362 -13.12 21.55 -1.41
CA ASP A 362 -13.23 20.71 -0.20
C ASP A 362 -12.63 19.33 -0.43
N LEU A 363 -11.83 18.87 0.53
CA LEU A 363 -11.19 17.56 0.45
C LEU A 363 -11.88 16.62 1.43
N VAL A 364 -11.96 17.05 2.68
CA VAL A 364 -12.78 16.41 3.69
C VAL A 364 -13.68 17.52 4.16
N PRO A 365 -14.99 17.37 3.97
CA PRO A 365 -15.86 18.52 4.30
C PRO A 365 -16.13 18.68 5.79
N GLU A 366 -16.81 19.77 6.14
CA GLU A 366 -17.11 20.05 7.53
C GLU A 366 -18.08 19.01 8.03
N SER A 367 -17.95 18.59 9.28
CA SER A 367 -18.91 17.68 9.88
C SER A 367 -20.01 18.54 10.43
N LYS A 368 -21.18 17.95 10.54
CA LYS A 368 -22.35 18.68 10.98
C LYS A 368 -22.23 18.83 12.51
N LYS A 369 -21.57 17.86 13.15
CA LYS A 369 -21.53 17.77 14.59
C LYS A 369 -20.13 17.92 15.21
N ASP A 370 -19.12 17.30 14.61
CA ASP A 370 -17.79 17.12 15.23
C ASP A 370 -16.72 18.10 14.77
N LEU A 371 -15.93 18.57 15.72
CA LEU A 371 -14.86 19.52 15.44
C LEU A 371 -13.68 18.76 14.91
N LEU A 372 -13.12 19.26 13.81
CA LEU A 372 -11.88 18.74 13.27
C LEU A 372 -10.78 19.51 13.95
N GLU A 373 -10.32 18.98 15.09
CA GLU A 373 -9.34 19.68 15.92
C GLU A 373 -7.96 19.77 15.28
N SER A 374 -7.51 18.73 14.60
CA SER A 374 -6.21 18.78 13.92
C SER A 374 -6.08 17.68 12.85
N ALA A 375 -5.09 17.83 11.98
CA ALA A 375 -4.85 16.88 10.90
C ALA A 375 -3.36 16.70 10.65
N HIS A 376 -2.96 15.50 10.27
CA HIS A 376 -1.52 15.17 10.13
C HIS A 376 -1.28 14.20 8.99
N ALA A 377 -0.51 14.62 8.00
CA ALA A 377 -0.15 13.73 6.90
C ALA A 377 0.91 12.75 7.40
N VAL A 378 0.68 11.47 7.12
CA VAL A 378 1.55 10.38 7.63
C VAL A 378 1.68 9.28 6.60
N ASN A 379 2.75 8.51 6.71
CA ASN A 379 2.94 7.32 5.87
C ASN A 379 2.86 7.59 4.37
N GLU A 380 3.49 8.67 3.95
CA GLU A 380 3.60 9.06 2.55
C GLU A 380 2.30 9.61 1.94
N ASN A 381 1.19 8.89 2.07
CA ASN A 381 -0.02 9.20 1.34
C ASN A 381 -1.29 9.05 2.16
N GLN A 382 -1.18 9.17 3.49
CA GLN A 382 -2.33 9.08 4.39
C GLN A 382 -2.50 10.31 5.31
N LEU A 383 -3.67 10.39 5.94
CA LEU A 383 -4.05 11.49 6.82
C LEU A 383 -4.59 10.93 8.10
N ILE A 384 -4.18 11.51 9.24
CA ILE A 384 -4.82 11.22 10.52
C ILE A 384 -5.53 12.44 11.01
N LEU A 385 -6.85 12.34 11.04
CA LEU A 385 -7.66 13.40 11.52
C LEU A 385 -7.98 13.15 13.00
N ARG A 386 -7.93 14.21 13.80
CA ARG A 386 -8.29 14.10 15.18
C ARG A 386 -9.53 14.91 15.41
N TYR A 387 -10.66 14.22 15.56
CA TYR A 387 -11.96 14.86 15.76
C TYR A 387 -12.27 14.95 17.23
N LEU A 388 -12.97 16.02 17.62
CA LEU A 388 -13.46 16.15 18.99
C LEU A 388 -14.94 16.02 18.93
N SER A 389 -15.46 14.89 19.43
CA SER A 389 -16.88 14.57 19.34
C SER A 389 -17.53 14.49 20.74
N ASP A 390 -18.34 15.51 21.07
CA ASP A 390 -18.85 15.70 22.42
C ASP A 390 -17.71 15.54 23.42
N VAL A 391 -16.69 16.35 23.21
CA VAL A 391 -15.52 16.40 24.10
C VAL A 391 -14.80 15.05 24.31
N LYS A 392 -14.85 14.18 23.31
CA LYS A 392 -14.09 12.94 23.34
C LYS A 392 -13.48 12.76 21.98
N HIS A 393 -12.21 12.39 21.96
CA HIS A 393 -11.45 12.38 20.71
C HIS A 393 -11.83 11.19 19.84
N VAL A 394 -11.64 11.36 18.54
CA VAL A 394 -11.86 10.30 17.59
C VAL A 394 -10.78 10.42 16.53
N LEU A 395 -10.10 9.33 16.26
CA LEU A 395 -9.07 9.34 15.25
C LEU A 395 -9.61 8.68 13.98
N GLU A 396 -9.40 9.32 12.85
CA GLU A 396 -9.74 8.74 11.56
C GLU A 396 -8.45 8.64 10.73
N ILE A 397 -8.31 7.55 9.98
CA ILE A 397 -7.24 7.42 9.00
C ILE A 397 -7.85 7.49 7.59
N ARG A 398 -7.39 8.42 6.77
CA ARG A 398 -8.00 8.66 5.47
C ARG A 398 -6.95 8.66 4.41
N ASP A 399 -7.38 8.62 3.14
CA ASP A 399 -6.46 8.75 2.02
C ASP A 399 -6.17 10.23 1.75
N LEU A 400 -4.90 10.58 1.71
CA LEU A 400 -4.52 11.98 1.47
C LEU A 400 -5.03 12.49 0.14
N GLU A 401 -4.86 11.69 -0.91
CA GLU A 401 -5.24 12.10 -2.25
C GLU A 401 -6.74 12.35 -2.35
N SER A 402 -7.55 11.33 -2.04
CA SER A 402 -9.00 11.38 -2.23
C SER A 402 -9.75 11.90 -1.01
N GLY A 403 -9.12 11.88 0.16
CA GLY A 403 -9.81 12.29 1.40
C GLY A 403 -10.77 11.24 1.92
N ALA A 404 -10.72 10.04 1.37
CA ALA A 404 -11.68 8.98 1.67
C ALA A 404 -11.38 8.28 2.98
N LEU A 405 -12.42 7.94 3.73
CA LEU A 405 -12.25 7.28 5.04
C LEU A 405 -11.79 5.83 4.94
N GLN A 406 -10.72 5.49 5.64
CA GLN A 406 -10.17 4.15 5.63
C GLN A 406 -10.37 3.38 6.94
N HIS A 407 -10.15 4.05 8.08
CA HIS A 407 -10.41 3.48 9.41
C HIS A 407 -10.89 4.55 10.37
N ARG A 408 -11.51 4.13 11.47
CA ARG A 408 -12.08 5.04 12.47
C ARG A 408 -11.96 4.47 13.87
N LEU A 409 -11.18 5.14 14.73
CA LEU A 409 -10.94 4.66 16.10
C LEU A 409 -11.43 5.70 17.13
N PRO A 410 -12.65 5.50 17.72
CA PRO A 410 -13.12 6.37 18.82
C PRO A 410 -12.33 6.09 20.09
N ILE A 411 -12.03 7.15 20.83
CA ILE A 411 -11.16 7.06 22.00
C ILE A 411 -12.01 7.15 23.26
N ASP A 412 -11.59 6.48 24.35
CA ASP A 412 -12.33 6.54 25.61
C ASP A 412 -12.25 7.94 26.18
N ILE A 413 -13.03 8.18 27.22
CA ILE A 413 -12.97 9.47 27.88
C ILE A 413 -11.53 9.74 28.19
N GLY A 414 -11.13 10.99 27.98
CA GLY A 414 -9.74 11.41 28.10
C GLY A 414 -9.34 12.18 26.85
N SER A 415 -8.04 12.22 26.61
CA SER A 415 -7.47 13.10 25.62
C SER A 415 -6.31 12.41 24.89
N VAL A 416 -6.35 12.40 23.56
CA VAL A 416 -5.13 12.10 22.77
C VAL A 416 -4.50 13.38 22.28
N ASP A 417 -3.17 13.39 22.17
CA ASP A 417 -2.46 14.52 21.57
C ASP A 417 -0.99 14.23 21.34
N GLY A 418 -0.25 15.25 20.90
CA GLY A 418 1.18 15.13 20.73
C GLY A 418 1.56 14.22 19.58
N ILE A 419 0.74 14.23 18.52
CA ILE A 419 1.02 13.46 17.30
C ILE A 419 2.06 14.27 16.56
N THR A 420 3.30 13.80 16.54
CA THR A 420 4.38 14.56 15.94
C THR A 420 5.02 13.82 14.77
N ALA A 421 4.46 12.67 14.40
CA ALA A 421 4.91 12.01 13.18
C ALA A 421 4.87 12.97 11.98
N ARG A 422 5.80 12.79 11.04
CA ARG A 422 5.78 13.59 9.83
C ARG A 422 5.36 12.70 8.68
N ARG A 423 5.15 13.31 7.51
CA ARG A 423 4.61 12.59 6.36
C ARG A 423 5.47 11.44 5.86
N ARG A 424 6.77 11.55 6.04
CA ARG A 424 7.61 10.50 5.57
C ARG A 424 7.80 9.36 6.61
N ASP A 425 7.28 9.53 7.85
CA ASP A 425 7.24 8.45 8.90
C ASP A 425 6.10 7.44 8.66
N SER A 426 6.35 6.16 8.89
CA SER A 426 5.29 5.11 8.76
C SER A 426 4.76 4.64 10.12
N VAL A 427 5.46 5.00 11.20
CA VAL A 427 5.03 4.70 12.55
C VAL A 427 4.62 6.00 13.25
N VAL A 428 3.37 6.06 13.70
CA VAL A 428 2.84 7.20 14.41
C VAL A 428 2.79 6.95 15.89
N PHE A 429 3.17 7.96 16.67
CA PHE A 429 3.08 7.88 18.11
C PHE A 429 2.22 9.02 18.59
N PHE A 430 1.46 8.74 19.64
CA PHE A 430 0.69 9.78 20.31
C PHE A 430 0.41 9.45 21.79
N LYS A 431 0.04 10.45 22.57
CA LYS A 431 -0.15 10.28 24.00
C LYS A 431 -1.59 10.33 24.42
N PHE A 432 -2.01 9.32 25.16
CA PHE A 432 -3.34 9.28 25.73
C PHE A 432 -3.24 9.50 27.22
N THR A 433 -4.13 10.32 27.76
CA THR A 433 -4.21 10.53 29.20
C THR A 433 -5.65 10.69 29.59
N SER A 434 -5.92 10.54 30.88
CA SER A 434 -7.27 10.64 31.39
C SER A 434 -7.25 10.81 32.89
N ILE A 435 -8.41 11.09 33.48
CA ILE A 435 -8.51 11.32 34.94
C ILE A 435 -7.90 10.13 35.71
N LEU A 436 -8.24 8.92 35.27
CA LEU A 436 -7.70 7.69 35.88
C LEU A 436 -6.64 6.97 35.05
N THR A 437 -6.25 7.52 33.90
CA THR A 437 -5.12 6.98 33.11
C THR A 437 -3.98 8.00 33.01
N PRO A 438 -2.88 7.76 33.76
CA PRO A 438 -1.80 8.75 33.92
C PRO A 438 -1.09 9.12 32.63
N GLY A 439 -0.82 8.14 31.79
CA GLY A 439 -0.13 8.39 30.54
C GLY A 439 0.27 7.11 29.86
N ILE A 440 -0.13 6.99 28.61
CA ILE A 440 0.27 5.90 27.77
C ILE A 440 0.73 6.53 26.46
N VAL A 441 1.90 6.12 25.95
CA VAL A 441 2.29 6.45 24.59
C VAL A 441 1.91 5.27 23.74
N TYR A 442 0.96 5.47 22.82
CA TYR A 442 0.58 4.46 21.84
C TYR A 442 1.40 4.60 20.62
N GLN A 443 1.50 3.51 19.87
CA GLN A 443 2.13 3.54 18.57
C GLN A 443 1.26 2.80 17.60
N CYS A 444 1.29 3.24 16.37
CA CYS A 444 0.60 2.58 15.31
C CYS A 444 1.55 2.52 14.14
N ASP A 445 1.88 1.31 13.70
CA ASP A 445 2.69 1.15 12.50
C ASP A 445 1.72 1.00 11.33
N LEU A 446 1.52 2.08 10.60
CA LEU A 446 0.53 2.12 9.52
C LEU A 446 0.93 1.27 8.34
N LYS A 447 2.22 0.97 8.22
CA LYS A 447 2.70 0.16 7.13
C LYS A 447 2.32 -1.30 7.33
N ASN A 448 2.80 -1.88 8.43
CA ASN A 448 2.70 -3.33 8.66
C ASN A 448 1.56 -3.77 9.59
N ASP A 449 0.87 -2.85 10.25
CA ASP A 449 -0.29 -3.21 11.10
C ASP A 449 -1.25 -2.04 11.39
N PRO A 450 -1.86 -1.51 10.34
CA PRO A 450 -2.70 -0.29 10.43
C PRO A 450 -3.92 -0.29 11.38
N THR A 451 -4.50 -1.45 11.67
CA THR A 451 -5.74 -1.50 12.49
C THR A 451 -5.47 -1.33 13.99
N GLN A 452 -4.38 -1.94 14.45
CA GLN A 452 -4.07 -2.08 15.87
C GLN A 452 -3.20 -0.93 16.40
N LEU A 453 -3.66 -0.34 17.50
CA LEU A 453 -2.85 0.55 18.34
C LEU A 453 -2.15 -0.30 19.39
N LYS A 454 -0.83 -0.32 19.41
CA LYS A 454 -0.08 -1.06 20.43
C LYS A 454 0.47 -0.10 21.51
N ILE A 455 0.57 -0.58 22.77
CA ILE A 455 1.17 0.20 23.87
C ILE A 455 2.69 0.17 23.74
N PHE A 456 3.30 1.34 23.80
CA PHE A 456 4.74 1.48 23.61
C PHE A 456 5.40 1.82 24.94
N ARG A 457 4.83 2.80 25.66
CA ARG A 457 5.21 3.09 27.04
C ARG A 457 3.93 3.28 27.83
N GLU A 458 3.97 2.93 29.11
CA GLU A 458 2.79 3.03 29.97
C GLU A 458 3.16 3.42 31.41
N SER A 459 2.72 4.60 31.82
CA SER A 459 2.95 5.08 33.18
C SER A 459 2.07 4.32 34.17
N VAL A 460 2.62 4.09 35.36
CA VAL A 460 1.89 3.48 36.45
C VAL A 460 2.02 4.32 37.73
N VAL A 461 0.88 4.68 38.32
CA VAL A 461 0.84 5.43 39.57
C VAL A 461 0.98 4.47 40.70
N PRO A 462 1.96 4.69 41.58
CA PRO A 462 2.17 3.73 42.65
C PRO A 462 1.05 3.71 43.69
N ASP A 463 0.60 2.50 44.03
CA ASP A 463 -0.40 2.27 45.09
C ASP A 463 -1.68 3.01 44.76
N PHE A 464 -2.18 2.78 43.54
CA PHE A 464 -3.44 3.38 43.10
C PHE A 464 -4.19 2.37 42.27
N ASP A 465 -5.40 2.05 42.72
CA ASP A 465 -6.27 1.11 42.07
C ASP A 465 -7.35 1.90 41.34
N ARG A 466 -7.20 2.01 40.03
CA ARG A 466 -8.11 2.83 39.25
C ARG A 466 -9.51 2.24 39.17
N SER A 467 -9.67 0.96 39.50
CA SER A 467 -10.97 0.30 39.44
C SER A 467 -11.94 0.73 40.55
N GLU A 468 -11.43 1.34 41.62
CA GLU A 468 -12.27 1.94 42.69
C GLU A 468 -13.08 3.17 42.23
N PHE A 469 -12.64 3.80 41.15
CA PHE A 469 -13.21 5.05 40.68
C PHE A 469 -13.79 4.90 39.28
N GLU A 470 -14.72 5.82 38.93
CA GLU A 470 -15.31 5.88 37.60
C GLU A 470 -15.48 7.32 37.13
N VAL A 471 -15.68 7.48 35.83
CA VAL A 471 -15.87 8.78 35.19
C VAL A 471 -17.06 8.74 34.24
N LYS A 472 -18.02 9.61 34.46
CA LYS A 472 -19.16 9.74 33.57
C LYS A 472 -19.08 11.06 32.83
N GLN A 473 -19.73 11.13 31.68
CA GLN A 473 -20.04 12.39 31.06
C GLN A 473 -21.55 12.52 31.06
N VAL A 474 -22.06 13.63 31.58
CA VAL A 474 -23.47 13.96 31.49
C VAL A 474 -23.62 15.36 30.91
N PHE A 475 -24.83 15.66 30.44
CA PHE A 475 -25.12 16.97 29.87
C PHE A 475 -26.18 17.68 30.69
N VAL A 476 -25.96 18.94 30.99
CA VAL A 476 -26.84 19.65 31.87
C VAL A 476 -27.38 20.89 31.16
N PRO A 477 -28.60 21.35 31.49
CA PRO A 477 -29.18 22.54 30.88
C PRO A 477 -28.70 23.84 31.53
N SER A 478 -28.35 24.82 30.70
CA SER A 478 -27.98 26.17 31.18
C SER A 478 -29.22 27.06 31.15
N LYS A 479 -29.11 28.25 31.72
CA LYS A 479 -30.22 29.21 31.81
C LYS A 479 -30.96 29.34 30.51
N ASP A 480 -30.22 29.47 29.41
CA ASP A 480 -30.85 29.68 28.10
C ASP A 480 -31.17 28.38 27.36
N GLY A 481 -31.19 27.28 28.08
CA GLY A 481 -31.56 26.00 27.48
C GLY A 481 -30.43 25.19 26.89
N THR A 482 -29.33 25.84 26.56
CA THR A 482 -28.23 25.17 25.90
C THR A 482 -27.71 24.08 26.79
N LYS A 483 -27.44 22.92 26.21
CA LYS A 483 -26.89 21.81 27.01
C LYS A 483 -25.39 21.98 27.11
N ILE A 484 -24.85 21.63 28.27
CA ILE A 484 -23.46 21.84 28.56
C ILE A 484 -22.86 20.51 28.99
N PRO A 485 -21.82 20.01 28.27
CA PRO A 485 -21.18 18.76 28.68
C PRO A 485 -20.36 18.94 29.93
N ILE A 486 -20.46 17.99 30.86
CA ILE A 486 -19.60 18.00 32.04
C ILE A 486 -19.10 16.59 32.36
N PHE A 487 -17.86 16.47 32.82
CA PHE A 487 -17.34 15.19 33.28
C PHE A 487 -17.46 15.12 34.78
N ILE A 488 -17.76 13.93 35.31
CA ILE A 488 -17.90 13.73 36.76
C ILE A 488 -17.17 12.47 37.21
N ALA A 489 -16.12 12.65 38.01
CA ALA A 489 -15.29 11.58 38.54
C ALA A 489 -15.50 11.43 40.02
N ALA A 490 -15.73 10.20 40.47
CA ALA A 490 -15.93 9.93 41.88
C ALA A 490 -15.70 8.47 42.14
N ARG A 491 -15.66 8.08 43.42
CA ARG A 491 -15.61 6.67 43.82
C ARG A 491 -16.79 5.91 43.25
N LYS A 492 -16.63 4.60 43.08
CA LYS A 492 -17.69 3.78 42.51
C LYS A 492 -18.78 3.59 43.53
N GLY A 493 -20.02 3.58 43.03
CA GLY A 493 -21.21 3.49 43.87
C GLY A 493 -21.16 4.34 45.14
N ILE A 494 -21.12 5.66 45.01
CA ILE A 494 -21.35 6.54 46.16
C ILE A 494 -22.83 6.81 46.27
N SER A 495 -23.25 7.29 47.43
CA SER A 495 -24.63 7.78 47.63
C SER A 495 -24.82 9.20 47.10
N LEU A 496 -25.81 9.42 46.25
CA LEU A 496 -26.16 10.80 45.85
C LEU A 496 -27.04 11.45 46.90
N ASP A 497 -26.47 11.57 48.11
CA ASP A 497 -27.19 12.06 49.29
C ASP A 497 -26.84 13.50 49.69
N GLY A 498 -26.12 14.22 48.85
CA GLY A 498 -25.81 15.64 49.10
C GLY A 498 -24.58 15.91 49.94
N SER A 499 -23.98 14.86 50.47
CA SER A 499 -22.90 15.01 51.46
C SER A 499 -21.55 15.47 50.87
N HIS A 500 -21.17 14.92 49.71
CA HIS A 500 -19.78 14.89 49.26
C HIS A 500 -19.19 16.25 48.94
N PRO A 501 -17.93 16.49 49.35
CA PRO A 501 -17.28 17.71 48.90
C PRO A 501 -17.02 17.62 47.41
N CYS A 502 -17.10 18.76 46.73
CA CYS A 502 -17.11 18.77 45.28
C CYS A 502 -16.29 19.88 44.68
N GLU A 503 -15.30 19.52 43.87
CA GLU A 503 -14.45 20.51 43.20
C GLU A 503 -14.89 20.59 41.77
N MET A 504 -15.01 21.81 41.27
CA MET A 504 -15.45 22.02 39.91
C MET A 504 -14.48 22.94 39.20
N HIS A 505 -14.07 22.55 38.01
CA HIS A 505 -13.03 23.25 37.26
C HIS A 505 -13.57 23.67 35.88
N GLY A 506 -13.18 24.85 35.41
CA GLY A 506 -13.61 25.35 34.11
C GLY A 506 -12.69 26.41 33.57
N TYR A 507 -12.96 26.84 32.34
CA TYR A 507 -12.17 27.95 31.74
C TYR A 507 -13.11 28.92 31.00
N GLY A 508 -13.53 28.58 29.78
CA GLY A 508 -14.59 29.31 29.10
C GLY A 508 -14.15 30.52 28.28
N GLY A 509 -13.25 30.31 27.34
CA GLY A 509 -12.85 31.38 26.43
C GLY A 509 -11.71 31.01 25.51
N PHE A 510 -11.45 31.88 24.54
CA PHE A 510 -10.24 31.86 23.71
C PHE A 510 -10.08 30.61 22.85
N GLY A 511 -11.21 29.99 22.54
CA GLY A 511 -11.21 28.74 21.80
C GLY A 511 -10.58 27.53 22.48
N ILE A 512 -10.17 27.66 23.74
CA ILE A 512 -9.44 26.58 24.43
C ILE A 512 -10.39 25.45 24.84
N ASN A 513 -10.02 24.23 24.46
CA ASN A 513 -10.75 23.01 24.80
C ASN A 513 -10.30 22.42 26.14
N MET A 514 -11.22 22.22 27.07
CA MET A 514 -10.88 21.53 28.33
C MET A 514 -11.09 20.03 28.22
N MET A 515 -10.01 19.28 28.09
CA MET A 515 -10.07 17.83 28.09
C MET A 515 -9.90 17.32 29.52
N PRO A 516 -10.38 16.10 29.81
CA PRO A 516 -10.19 15.59 31.15
C PRO A 516 -8.91 14.77 31.27
N THR A 517 -7.78 15.46 31.44
CA THR A 517 -6.47 14.81 31.48
C THR A 517 -6.13 14.29 32.88
N PHE A 518 -4.94 13.73 33.06
CA PHE A 518 -4.55 13.20 34.37
C PHE A 518 -3.97 14.26 35.26
N SER A 519 -4.56 14.37 36.46
CA SER A 519 -3.92 15.07 37.57
C SER A 519 -3.79 14.13 38.74
N ALA A 520 -2.61 14.16 39.35
CA ALA A 520 -2.28 13.33 40.49
C ALA A 520 -2.94 13.85 41.75
N SER A 521 -2.87 15.15 41.97
CA SER A 521 -3.54 15.74 43.12
C SER A 521 -5.09 15.56 43.09
N ARG A 522 -5.66 15.47 41.89
CA ARG A 522 -7.06 15.15 41.77
C ARG A 522 -7.35 13.82 42.41
N ILE A 523 -6.51 12.84 42.19
CA ILE A 523 -6.71 11.48 42.76
C ILE A 523 -6.76 11.55 44.26
N VAL A 524 -5.91 12.40 44.82
CA VAL A 524 -5.81 12.51 46.26
C VAL A 524 -7.12 13.04 46.80
N PHE A 525 -7.58 14.09 46.14
CA PHE A 525 -8.86 14.67 46.46
C PHE A 525 -9.92 13.61 46.42
N LEU A 526 -9.99 12.90 45.30
CA LEU A 526 -10.97 11.80 45.13
C LEU A 526 -10.89 10.69 46.20
N LYS A 527 -9.70 10.17 46.44
CA LYS A 527 -9.52 9.01 47.33
C LYS A 527 -9.55 9.37 48.82
N HIS A 528 -8.75 10.38 49.19
CA HIS A 528 -8.46 10.66 50.59
C HIS A 528 -9.30 11.80 51.15
N LEU A 529 -10.11 12.43 50.30
CA LEU A 529 -11.10 13.40 50.78
C LEU A 529 -12.53 13.00 50.39
N GLY A 530 -12.73 11.74 49.99
CA GLY A 530 -14.04 11.25 49.56
C GLY A 530 -14.75 12.18 48.59
N GLY A 531 -13.97 12.76 47.66
CA GLY A 531 -14.40 13.88 46.84
C GLY A 531 -15.07 13.51 45.53
N VAL A 532 -15.74 14.48 44.93
CA VAL A 532 -16.34 14.36 43.61
C VAL A 532 -15.82 15.48 42.74
N PHE A 533 -15.27 15.13 41.59
CA PHE A 533 -14.66 16.13 40.75
C PHE A 533 -15.45 16.31 39.49
N CYS A 534 -15.50 17.54 39.00
CA CYS A 534 -16.24 17.87 37.80
C CYS A 534 -15.48 18.86 36.92
N LEU A 535 -15.39 18.54 35.64
CA LEU A 535 -14.82 19.46 34.68
C LEU A 535 -15.95 19.91 33.76
N ALA A 536 -16.14 21.21 33.62
CA ALA A 536 -17.24 21.78 32.85
C ALA A 536 -16.78 22.41 31.50
N ASN A 537 -17.35 21.90 30.42
CA ASN A 537 -17.02 22.34 29.07
C ASN A 537 -18.00 23.41 28.70
N ILE A 538 -17.83 24.57 29.33
CA ILE A 538 -18.73 25.69 29.11
C ILE A 538 -18.31 26.42 27.85
N ARG A 539 -19.22 27.32 27.44
CA ARG A 539 -19.05 28.10 26.21
C ARG A 539 -17.92 29.08 26.39
N GLY A 540 -17.45 29.62 25.27
CA GLY A 540 -16.18 30.35 25.22
C GLY A 540 -15.05 29.44 24.78
N GLY A 541 -15.13 28.16 25.14
CA GLY A 541 -14.18 27.18 24.64
C GLY A 541 -14.39 26.95 23.16
N GLY A 542 -13.66 25.99 22.61
CA GLY A 542 -13.80 25.62 21.20
C GLY A 542 -14.38 24.22 21.03
N GLU A 543 -14.88 23.62 22.11
CA GLU A 543 -15.25 22.21 22.17
C GLU A 543 -16.17 21.81 21.03
N TYR A 544 -17.08 22.72 20.69
CA TYR A 544 -18.07 22.50 19.64
C TYR A 544 -17.91 23.52 18.53
N GLY A 545 -16.70 23.84 18.16
CA GLY A 545 -16.49 24.77 17.05
C GLY A 545 -16.63 26.21 17.44
N GLU A 546 -16.57 27.05 16.42
CA GLU A 546 -16.39 28.49 16.61
C GLU A 546 -17.65 29.23 17.12
N GLU A 547 -18.83 28.65 16.87
CA GLU A 547 -20.08 29.22 17.38
C GLU A 547 -20.16 29.01 18.89
N TRP A 548 -19.45 28.00 19.39
CA TRP A 548 -19.44 27.67 20.81
C TRP A 548 -18.53 28.65 21.47
N HIS A 549 -17.46 29.00 20.78
CA HIS A 549 -16.57 30.06 21.24
C HIS A 549 -17.31 31.39 21.31
N LYS A 550 -17.90 31.80 20.19
CA LYS A 550 -18.53 33.13 20.10
C LYS A 550 -19.77 33.27 20.99
N ALA A 551 -20.38 32.15 21.35
CA ALA A 551 -21.53 32.14 22.26
C ALA A 551 -21.16 32.43 23.70
N GLY A 552 -19.86 32.46 23.99
CA GLY A 552 -19.36 32.85 25.29
C GLY A 552 -18.23 33.87 25.21
N PHE A 553 -18.36 34.84 24.29
CA PHE A 553 -17.35 35.90 24.19
C PHE A 553 -17.96 37.27 23.88
N ARG A 554 -17.14 38.31 24.03
CA ARG A 554 -17.57 39.71 23.86
C ARG A 554 -18.87 40.01 24.60
N ASP A 555 -19.95 40.31 23.86
CA ASP A 555 -21.26 40.63 24.46
C ASP A 555 -21.93 39.44 25.16
N LYS A 556 -21.54 38.22 24.79
CA LYS A 556 -22.10 37.02 25.40
C LYS A 556 -21.19 36.37 26.45
N LYS A 557 -20.26 37.16 26.99
CA LYS A 557 -19.37 36.64 28.01
C LYS A 557 -20.19 36.11 29.18
N GLN A 558 -21.30 36.76 29.48
CA GLN A 558 -22.14 36.32 30.59
C GLN A 558 -22.62 34.85 30.48
N ASN A 559 -22.78 34.34 29.26
CA ASN A 559 -23.25 32.95 29.11
C ASN A 559 -22.32 31.93 29.70
N VAL A 560 -21.03 32.25 29.63
CA VAL A 560 -19.98 31.44 30.24
C VAL A 560 -20.21 31.22 31.74
N PHE A 561 -20.50 32.31 32.45
CA PHE A 561 -20.73 32.26 33.89
C PHE A 561 -22.06 31.58 34.25
N ASP A 562 -23.09 31.78 33.42
CA ASP A 562 -24.38 31.13 33.62
C ASP A 562 -24.25 29.63 33.40
N ASP A 563 -23.46 29.24 32.40
CA ASP A 563 -23.19 27.83 32.14
C ASP A 563 -22.55 27.11 33.34
N PHE A 564 -21.57 27.77 33.97
CA PHE A 564 -20.83 27.25 35.13
C PHE A 564 -21.78 27.17 36.31
N ILE A 565 -22.50 28.27 36.57
CA ILE A 565 -23.41 28.32 37.68
C ILE A 565 -24.40 27.18 37.52
N SER A 566 -24.85 26.93 36.30
CA SER A 566 -25.80 25.87 35.99
C SER A 566 -25.28 24.46 36.24
N ALA A 567 -24.02 24.22 35.92
CA ALA A 567 -23.41 22.95 36.23
C ALA A 567 -23.44 22.70 37.72
N ALA A 568 -23.11 23.73 38.51
CA ALA A 568 -23.08 23.59 39.99
C ALA A 568 -24.45 23.30 40.55
N GLU A 569 -25.45 23.95 39.97
CA GLU A 569 -26.83 23.72 40.35
C GLU A 569 -27.25 22.27 40.05
N TYR A 570 -26.78 21.74 38.93
CA TYR A 570 -27.05 20.34 38.60
C TYR A 570 -26.45 19.42 39.64
N LEU A 571 -25.19 19.68 40.01
CA LEU A 571 -24.50 18.84 40.99
C LEU A 571 -25.21 18.84 42.32
N ILE A 572 -25.74 19.99 42.73
CA ILE A 572 -26.50 20.12 43.98
C ILE A 572 -27.79 19.28 43.90
N SER A 573 -28.56 19.49 42.83
CA SER A 573 -29.88 18.89 42.67
C SER A 573 -29.80 17.38 42.45
N SER A 574 -28.85 16.94 41.63
CA SER A 574 -28.70 15.49 41.35
C SER A 574 -28.28 14.72 42.58
N GLY A 575 -27.76 15.44 43.57
CA GLY A 575 -27.41 14.86 44.86
C GLY A 575 -25.94 14.57 45.10
N TYR A 576 -25.06 15.08 44.26
CA TYR A 576 -23.65 14.85 44.44
C TYR A 576 -23.11 15.62 45.62
N THR A 577 -23.59 16.83 45.83
CA THR A 577 -23.02 17.72 46.82
C THR A 577 -24.10 18.68 47.31
N LYS A 578 -23.73 19.71 48.06
CA LYS A 578 -24.69 20.72 48.46
C LYS A 578 -24.09 22.11 48.46
N ALA A 579 -24.96 23.11 48.63
CA ALA A 579 -24.60 24.49 48.40
C ALA A 579 -23.55 24.64 49.51
N ARG A 580 -22.40 25.23 49.27
CA ARG A 580 -21.44 25.42 50.40
C ARG A 580 -20.54 24.23 50.74
N ARG A 581 -20.70 23.17 49.98
CA ARG A 581 -19.75 22.06 49.91
C ARG A 581 -19.11 21.98 48.52
N VAL A 582 -19.32 23.02 47.72
CA VAL A 582 -18.84 23.08 46.34
C VAL A 582 -17.64 24.00 46.24
N ALA A 583 -16.54 23.50 45.72
CA ALA A 583 -15.38 24.33 45.47
C ALA A 583 -15.22 24.57 43.98
N ILE A 584 -14.82 25.77 43.61
CA ILE A 584 -14.52 26.07 42.22
C ILE A 584 -13.08 26.49 42.06
N GLU A 585 -12.47 26.09 40.94
CA GLU A 585 -11.07 26.40 40.64
C GLU A 585 -11.00 26.79 39.18
N GLY A 586 -10.14 27.75 38.87
CA GLY A 586 -9.85 28.11 37.48
C GLY A 586 -8.65 29.03 37.41
N GLY A 587 -7.94 29.01 36.28
CA GLY A 587 -6.76 29.86 36.13
C GLY A 587 -6.84 30.74 34.92
N SER A 588 -6.24 31.92 35.01
CA SER A 588 -6.24 32.90 33.91
C SER A 588 -7.68 33.35 33.57
N ASN A 589 -8.17 33.06 32.37
CA ASN A 589 -9.57 33.37 32.02
C ASN A 589 -10.54 32.57 32.87
N GLY A 590 -10.00 31.50 33.46
CA GLY A 590 -10.74 30.65 34.37
C GLY A 590 -10.75 31.24 35.76
N GLY A 591 -9.81 32.13 36.03
CA GLY A 591 -9.76 32.85 37.32
C GLY A 591 -10.81 33.95 37.36
N LEU A 592 -10.92 34.67 36.25
CA LEU A 592 -12.02 35.56 35.98
C LEU A 592 -13.38 34.87 36.13
N LEU A 593 -13.48 33.66 35.59
CA LEU A 593 -14.65 32.79 35.76
C LEU A 593 -14.99 32.57 37.22
N VAL A 594 -13.99 32.11 38.01
CA VAL A 594 -14.16 31.90 39.46
C VAL A 594 -14.62 33.17 40.18
N ALA A 595 -14.03 34.30 39.80
CA ALA A 595 -14.21 35.55 40.52
C ALA A 595 -15.54 36.22 40.23
N ALA A 596 -16.01 36.09 39.00
CA ALA A 596 -17.30 36.64 38.62
C ALA A 596 -18.40 35.76 39.15
N CYS A 597 -18.14 34.47 39.33
CA CYS A 597 -19.19 33.57 39.80
C CYS A 597 -19.44 33.74 41.28
N ILE A 598 -18.40 34.06 42.04
CA ILE A 598 -18.58 34.26 43.46
C ILE A 598 -19.21 35.63 43.75
N ASN A 599 -19.00 36.59 42.85
CA ASN A 599 -19.69 37.87 42.93
C ASN A 599 -21.17 37.67 42.74
N GLN A 600 -21.52 36.83 41.76
CA GLN A 600 -22.90 36.67 41.29
C GLN A 600 -23.70 35.65 42.07
N ARG A 601 -23.06 34.60 42.58
CA ARG A 601 -23.77 33.53 43.30
C ARG A 601 -22.92 33.00 44.47
N PRO A 602 -22.52 33.92 45.38
CA PRO A 602 -21.72 33.52 46.53
C PRO A 602 -22.41 32.44 47.36
N ASP A 603 -23.73 32.46 47.41
CA ASP A 603 -24.49 31.44 48.13
C ASP A 603 -24.25 29.97 47.71
N LEU A 604 -23.82 29.76 46.46
CA LEU A 604 -23.66 28.42 45.88
C LEU A 604 -22.38 27.68 46.28
N PHE A 605 -21.38 28.41 46.79
CA PHE A 605 -20.04 27.87 46.90
C PHE A 605 -19.50 27.94 48.32
N GLY A 606 -18.68 26.97 48.70
CA GLY A 606 -18.03 26.98 50.01
C GLY A 606 -16.60 27.49 49.97
N CYS A 607 -15.99 27.40 48.79
CA CYS A 607 -14.58 27.69 48.61
C CYS A 607 -14.33 28.03 47.14
N ALA A 608 -13.39 28.94 46.90
CA ALA A 608 -13.09 29.40 45.55
C ALA A 608 -11.62 29.69 45.41
N GLU A 609 -11.02 29.23 44.31
CA GLU A 609 -9.58 29.37 44.10
C GLU A 609 -9.24 29.89 42.70
N ALA A 610 -8.87 31.17 42.61
CA ALA A 610 -8.65 31.86 41.33
C ALA A 610 -7.19 32.08 41.10
N ASN A 611 -6.64 31.41 40.08
CA ASN A 611 -5.22 31.46 39.80
C ASN A 611 -4.91 32.47 38.73
N CYS A 612 -3.95 33.35 39.02
CA CYS A 612 -3.48 34.38 38.10
C CYS A 612 -4.59 34.84 37.15
N GLY A 613 -5.72 35.27 37.73
CA GLY A 613 -6.90 35.60 36.94
C GLY A 613 -6.95 37.05 36.53
N VAL A 614 -7.82 37.35 35.57
CA VAL A 614 -7.97 38.68 34.99
C VAL A 614 -9.16 39.34 35.67
N MET A 615 -8.92 40.28 36.58
CA MET A 615 -10.01 40.89 37.42
C MET A 615 -10.55 42.31 37.20
N ASP A 616 -9.74 43.19 36.68
CA ASP A 616 -10.12 44.57 36.33
C ASP A 616 -10.27 44.47 34.83
N MET A 617 -11.51 44.25 34.37
CA MET A 617 -11.80 44.09 32.94
C MET A 617 -11.88 45.45 32.25
N LEU A 618 -11.84 46.53 33.04
CA LEU A 618 -11.77 47.89 32.50
C LEU A 618 -10.37 48.26 32.00
N ARG A 619 -9.34 47.79 32.70
CA ARG A 619 -7.95 48.19 32.45
C ARG A 619 -6.97 47.08 32.02
N PHE A 620 -7.45 45.85 31.82
CA PHE A 620 -6.58 44.70 31.48
C PHE A 620 -5.79 44.93 30.20
N HIS A 621 -6.38 45.73 29.29
CA HIS A 621 -5.85 45.95 27.96
C HIS A 621 -4.63 46.85 27.97
N LYS A 622 -4.46 47.59 29.07
CA LYS A 622 -3.36 48.52 29.24
C LYS A 622 -2.01 47.88 29.61
N PHE A 623 -2.00 46.64 30.11
CA PHE A 623 -0.75 46.04 30.62
C PHE A 623 -0.21 44.90 29.77
N THR A 624 1.09 44.68 29.93
CA THR A 624 1.84 43.68 29.17
C THR A 624 1.13 43.30 27.90
N LEU A 625 0.60 42.11 27.83
CA LEU A 625 0.09 41.67 26.52
C LEU A 625 -1.42 41.41 26.55
N GLY A 626 -2.06 42.08 27.50
CA GLY A 626 -3.51 42.09 27.58
C GLY A 626 -4.23 42.72 26.40
N TYR A 627 -3.53 43.55 25.64
CA TYR A 627 -4.12 44.13 24.44
C TYR A 627 -4.50 43.07 23.36
N LEU A 628 -3.99 41.84 23.45
CA LEU A 628 -4.40 40.84 22.43
C LEU A 628 -5.62 39.98 22.85
N TRP A 629 -6.21 40.31 24.00
CA TRP A 629 -7.43 39.64 24.49
C TRP A 629 -8.70 40.43 24.19
N THR A 630 -8.61 41.59 23.55
CA THR A 630 -9.81 42.42 23.25
C THR A 630 -10.72 41.74 22.20
N GLY A 631 -10.15 40.82 21.43
CA GLY A 631 -10.93 39.98 20.55
C GLY A 631 -12.00 39.25 21.32
N ASP A 632 -11.58 38.60 22.41
CA ASP A 632 -12.50 37.83 23.26
C ASP A 632 -13.35 38.69 24.21
N TYR A 633 -12.73 39.63 24.91
CA TYR A 633 -13.41 40.41 25.97
C TYR A 633 -14.12 41.70 25.61
N GLY A 634 -13.48 42.48 24.76
CA GLY A 634 -13.88 43.84 24.47
C GLY A 634 -12.80 44.79 24.95
N CYS A 635 -13.04 46.08 24.76
CA CYS A 635 -12.15 47.12 25.25
C CYS A 635 -13.04 48.15 25.91
N SER A 636 -12.62 48.69 27.05
CA SER A 636 -13.42 49.71 27.75
C SER A 636 -13.34 51.10 27.12
N ASP A 637 -12.46 51.25 26.12
CA ASP A 637 -12.37 52.45 25.26
C ASP A 637 -13.58 52.69 24.35
N LYS A 638 -14.47 51.71 24.21
CA LYS A 638 -15.66 51.84 23.37
C LYS A 638 -16.93 51.63 24.25
N GLU A 639 -17.81 52.63 24.30
CA GLU A 639 -18.97 52.67 25.22
C GLU A 639 -19.83 51.40 25.19
N GLU A 640 -20.22 50.97 23.99
CA GLU A 640 -20.98 49.73 23.83
C GLU A 640 -20.30 48.54 24.54
N GLU A 641 -18.99 48.43 24.37
CA GLU A 641 -18.23 47.31 24.90
C GLU A 641 -17.92 47.53 26.38
N PHE A 642 -17.79 48.79 26.82
CA PHE A 642 -17.65 49.10 28.25
C PHE A 642 -18.86 48.59 29.02
N LYS A 643 -20.03 48.67 28.40
CA LYS A 643 -21.27 48.26 29.05
C LYS A 643 -21.38 46.73 29.27
N TRP A 644 -20.73 45.92 28.43
CA TRP A 644 -20.59 44.47 28.69
C TRP A 644 -19.79 44.27 29.94
N LEU A 645 -18.61 44.89 29.93
CA LEU A 645 -17.55 44.60 30.87
C LEU A 645 -17.92 45.00 32.30
N ILE A 646 -18.41 46.23 32.46
CA ILE A 646 -18.72 46.78 33.79
C ILE A 646 -19.70 45.90 34.58
N LYS A 647 -20.49 45.09 33.89
CA LYS A 647 -21.38 44.16 34.55
C LYS A 647 -20.71 42.99 35.24
N TYR A 648 -19.74 42.36 34.61
CA TYR A 648 -19.04 41.20 35.22
C TYR A 648 -17.61 41.47 35.79
N SER A 649 -17.02 42.62 35.47
CA SER A 649 -15.66 42.95 35.92
C SER A 649 -15.48 42.70 37.44
N PRO A 650 -14.71 41.67 37.79
CA PRO A 650 -14.75 41.20 39.16
C PRO A 650 -14.51 42.25 40.26
N ILE A 651 -13.60 43.20 40.04
CA ILE A 651 -13.32 44.21 41.10
C ILE A 651 -14.41 45.28 41.19
N HIS A 652 -15.18 45.45 40.13
CA HIS A 652 -16.23 46.46 40.16
C HIS A 652 -17.59 45.86 40.49
N ASN A 653 -17.62 44.63 41.02
CA ASN A 653 -18.87 43.92 41.35
C ASN A 653 -18.82 43.12 42.65
N VAL A 654 -18.02 43.59 43.58
CA VAL A 654 -17.94 42.97 44.88
C VAL A 654 -18.97 43.64 45.76
N ARG A 655 -20.00 42.90 46.11
CA ARG A 655 -21.07 43.41 46.98
C ARG A 655 -21.32 42.48 48.13
N ARG A 656 -21.76 43.02 49.25
CA ARG A 656 -22.11 42.22 50.42
C ARG A 656 -23.43 41.51 50.13
N PRO A 657 -23.40 40.19 49.99
CA PRO A 657 -24.64 39.51 49.67
C PRO A 657 -25.68 39.57 50.80
N TRP A 658 -25.25 39.63 52.06
CA TRP A 658 -26.18 39.68 53.21
C TRP A 658 -27.06 40.94 53.30
N GLU A 659 -26.74 41.97 52.52
CA GLU A 659 -27.59 43.15 52.44
C GLU A 659 -28.70 43.07 51.41
N GLN A 660 -28.69 42.03 50.58
CA GLN A 660 -29.82 41.73 49.71
C GLN A 660 -30.93 41.09 50.53
N PRO A 661 -32.17 41.58 50.35
CA PRO A 661 -33.30 40.99 51.02
C PRO A 661 -33.39 39.48 50.77
N GLY A 662 -33.66 38.72 51.84
CA GLY A 662 -33.80 37.26 51.75
C GLY A 662 -32.48 36.53 51.79
N ASN A 663 -31.38 37.24 51.64
CA ASN A 663 -30.09 36.60 51.47
C ASN A 663 -29.18 36.98 52.67
N GLU A 664 -29.77 37.06 53.87
CA GLU A 664 -29.03 37.54 55.08
C GLU A 664 -28.10 36.48 55.66
N GLU A 665 -28.50 35.22 55.62
N GLU A 665 -28.52 35.22 55.57
CA GLU A 665 -27.63 34.18 56.20
CA GLU A 665 -27.75 34.07 56.04
C GLU A 665 -26.41 33.85 55.27
C GLU A 665 -26.44 33.81 55.23
N THR A 666 -26.30 34.53 54.11
CA THR A 666 -25.23 34.31 53.12
C THR A 666 -23.96 35.16 53.30
N GLN A 667 -22.83 34.58 52.89
CA GLN A 667 -21.55 35.27 52.75
C GLN A 667 -20.73 34.72 51.57
N TYR A 668 -19.64 35.41 51.23
CA TYR A 668 -18.69 34.91 50.23
C TYR A 668 -18.00 33.62 50.72
N PRO A 669 -17.78 32.67 49.79
CA PRO A 669 -17.06 31.46 50.16
C PRO A 669 -15.65 31.79 50.61
N ALA A 670 -14.99 30.86 51.30
CA ALA A 670 -13.59 31.01 51.59
C ALA A 670 -12.86 31.18 50.26
N THR A 671 -12.07 32.24 50.13
CA THR A 671 -11.47 32.58 48.84
C THR A 671 -9.94 32.66 48.96
N MET A 672 -9.24 31.92 48.09
CA MET A 672 -7.80 32.03 47.95
C MET A 672 -7.46 32.55 46.54
N ILE A 673 -6.68 33.62 46.48
CA ILE A 673 -6.21 34.18 45.21
C ILE A 673 -4.73 33.87 44.99
N LEU A 674 -4.44 33.06 43.98
CA LEU A 674 -3.10 32.59 43.74
C LEU A 674 -2.53 33.46 42.63
N THR A 675 -1.27 33.89 42.78
CA THR A 675 -0.53 34.50 41.68
C THR A 675 0.96 34.58 41.99
N ALA A 676 1.78 34.63 40.94
CA ALA A 676 3.20 34.91 41.05
C ALA A 676 3.37 36.42 41.26
N ASP A 677 4.44 36.81 41.94
CA ASP A 677 4.77 38.24 42.08
C ASP A 677 5.34 38.81 40.77
N HIS A 678 6.02 37.95 39.98
CA HIS A 678 6.61 38.31 38.66
C HIS A 678 5.92 37.55 37.48
N ASP A 679 4.64 37.84 37.30
CA ASP A 679 3.80 37.23 36.26
C ASP A 679 3.67 38.23 35.12
N ASP A 680 4.25 37.90 33.97
CA ASP A 680 4.38 38.80 32.82
C ASP A 680 3.19 38.73 31.84
N ARG A 681 2.33 37.71 32.01
N ARG A 681 2.32 37.73 32.02
CA ARG A 681 1.13 37.54 31.15
CA ARG A 681 1.15 37.51 31.17
C ARG A 681 -0.10 38.20 31.75
C ARG A 681 -0.10 38.19 31.75
N VAL A 682 -0.58 37.64 32.87
CA VAL A 682 -1.65 38.26 33.63
C VAL A 682 -1.02 38.98 34.81
N VAL A 683 -0.72 40.24 34.60
CA VAL A 683 -0.02 41.03 35.60
C VAL A 683 -0.73 40.90 36.94
N PRO A 684 0.02 40.66 38.01
CA PRO A 684 -0.56 40.37 39.34
C PRO A 684 -1.36 41.48 40.04
N LEU A 685 -1.33 42.71 39.52
CA LEU A 685 -2.17 43.80 40.05
C LEU A 685 -3.65 43.40 40.02
N HIS A 686 -4.04 42.64 38.99
CA HIS A 686 -5.38 42.11 38.87
C HIS A 686 -5.75 41.37 40.16
N SER A 687 -4.97 40.35 40.46
CA SER A 687 -5.19 39.56 41.65
C SER A 687 -5.19 40.41 42.93
N PHE A 688 -4.28 41.38 43.02
CA PHE A 688 -4.12 42.21 44.22
C PHE A 688 -5.33 43.14 44.46
N LYS A 689 -5.64 43.94 43.45
CA LYS A 689 -6.71 44.90 43.55
C LYS A 689 -8.00 44.23 43.92
N LEU A 690 -8.21 43.01 43.44
CA LEU A 690 -9.41 42.25 43.81
C LEU A 690 -9.35 41.88 45.26
N LEU A 691 -8.19 41.36 45.65
CA LEU A 691 -7.99 40.90 47.00
C LEU A 691 -8.27 42.06 47.93
N ALA A 692 -7.65 43.20 47.62
CA ALA A 692 -7.87 44.46 48.35
C ALA A 692 -9.35 44.82 48.44
N THR A 693 -10.03 44.85 47.29
CA THR A 693 -11.43 45.15 47.24
C THR A 693 -12.26 44.20 48.07
N MET A 694 -12.06 42.91 47.90
CA MET A 694 -12.85 41.94 48.64
C MET A 694 -12.66 42.11 50.12
N GLN A 695 -11.43 42.31 50.55
CA GLN A 695 -11.14 42.43 52.00
C GLN A 695 -11.81 43.65 52.59
N HIS A 696 -11.76 44.77 51.87
CA HIS A 696 -12.42 46.02 52.31
C HIS A 696 -13.94 45.89 52.33
N VAL A 697 -14.54 45.75 51.16
CA VAL A 697 -15.98 45.65 51.04
C VAL A 697 -16.58 44.62 52.04
N LEU A 698 -15.93 43.49 52.22
CA LEU A 698 -16.50 42.40 53.02
C LEU A 698 -16.03 42.27 54.45
N CYS A 699 -14.93 42.90 54.84
CA CYS A 699 -14.35 42.67 56.18
C CYS A 699 -13.96 43.94 56.89
N THR A 700 -12.97 44.64 56.36
CA THR A 700 -12.34 45.78 57.04
C THR A 700 -13.23 47.07 57.05
N SER A 701 -14.26 47.13 56.20
CA SER A 701 -15.22 48.23 56.19
C SER A 701 -16.29 48.21 57.30
N LEU A 702 -16.33 47.13 58.08
CA LEU A 702 -17.38 46.89 59.04
C LEU A 702 -16.84 46.56 60.42
N GLU A 703 -17.59 46.90 61.45
CA GLU A 703 -17.18 46.65 62.84
C GLU A 703 -17.07 45.15 63.14
N ASP A 704 -18.16 44.42 62.98
CA ASP A 704 -18.18 42.97 63.21
C ASP A 704 -18.90 42.29 62.05
N SER A 705 -18.15 42.05 60.98
CA SER A 705 -18.70 41.58 59.72
C SER A 705 -19.12 40.10 59.78
N PRO A 706 -20.28 39.77 59.18
CA PRO A 706 -20.73 38.38 59.05
C PRO A 706 -19.77 37.54 58.19
N GLN A 707 -18.94 38.22 57.38
CA GLN A 707 -17.90 37.56 56.59
C GLN A 707 -16.83 36.92 57.49
N LYS A 708 -17.05 35.64 57.82
CA LYS A 708 -16.17 34.88 58.69
C LYS A 708 -15.25 33.97 57.91
N ASN A 709 -15.69 33.50 56.74
CA ASN A 709 -14.81 32.81 55.78
C ASN A 709 -13.59 33.66 55.38
N PRO A 710 -12.40 33.06 55.40
CA PRO A 710 -11.19 33.81 55.06
C PRO A 710 -11.08 34.24 53.60
N ILE A 711 -10.45 35.38 53.38
N ILE A 711 -10.49 35.41 53.36
CA ILE A 711 -10.16 35.87 52.04
CA ILE A 711 -10.16 35.85 51.99
C ILE A 711 -8.68 36.25 51.95
C ILE A 711 -8.69 36.25 51.94
N ILE A 712 -7.92 35.43 51.25
CA ILE A 712 -6.46 35.50 51.28
C ILE A 712 -5.86 35.37 49.89
N ALA A 713 -4.54 35.47 49.85
CA ALA A 713 -3.80 35.30 48.62
C ALA A 713 -2.57 34.45 48.87
N ARG A 714 -2.40 33.41 48.06
CA ARG A 714 -1.15 32.66 48.06
C ARG A 714 -0.26 33.24 46.97
N ILE A 715 0.77 33.98 47.38
CA ILE A 715 1.67 34.65 46.45
C ILE A 715 3.00 33.91 46.29
N GLN A 716 3.18 33.34 45.10
CA GLN A 716 4.38 32.60 44.76
C GLN A 716 5.53 33.56 44.49
N ARG A 717 6.59 33.43 45.27
CA ARG A 717 7.79 34.24 45.12
C ARG A 717 8.73 33.67 44.05
N LYS A 718 9.41 34.54 43.30
CA LYS A 718 10.41 34.12 42.32
C LYS A 718 9.95 32.98 41.38
N ALA A 719 8.77 33.17 40.81
CA ALA A 719 8.27 32.29 39.78
C ALA A 719 7.58 33.12 38.72
N ALA A 720 7.29 32.47 37.60
CA ALA A 720 6.63 33.11 36.48
C ALA A 720 5.30 32.42 36.22
N HIS A 721 4.59 32.89 35.20
CA HIS A 721 3.38 32.23 34.73
C HIS A 721 3.76 30.88 34.10
N TYR A 722 4.82 30.87 33.28
CA TYR A 722 5.29 29.71 32.51
C TYR A 722 5.93 28.64 33.41
N GLY A 723 5.96 27.38 32.94
CA GLY A 723 6.98 26.36 33.33
C GLY A 723 7.50 26.43 34.76
N ARG A 724 7.01 25.51 35.57
CA ARG A 724 7.02 25.67 37.01
C ARG A 724 7.74 24.39 37.44
N ALA A 725 8.61 24.40 38.45
CA ALA A 725 9.31 23.17 38.85
C ALA A 725 8.30 22.29 39.53
N THR A 726 8.48 20.99 39.36
CA THR A 726 7.60 19.97 39.95
C THR A 726 7.24 20.24 41.40
N MET A 727 8.23 20.59 42.19
CA MET A 727 8.03 20.76 43.64
C MET A 727 7.40 22.10 44.00
N THR A 728 7.63 23.13 43.19
CA THR A 728 6.94 24.40 43.35
C THR A 728 5.47 24.17 43.10
N GLN A 729 5.22 23.42 42.04
CA GLN A 729 3.89 23.10 41.58
C GLN A 729 3.16 22.32 42.68
N ILE A 730 3.86 21.37 43.30
CA ILE A 730 3.24 20.53 44.33
C ILE A 730 2.96 21.31 45.59
N ALA A 731 3.85 22.24 45.87
CA ALA A 731 3.72 23.06 47.06
C ALA A 731 2.45 23.90 47.02
N GLU A 732 2.16 24.43 45.84
CA GLU A 732 0.98 25.26 45.63
C GLU A 732 -0.29 24.45 45.70
N VAL A 733 -0.29 23.33 45.02
CA VAL A 733 -1.49 22.50 44.93
C VAL A 733 -1.81 21.92 46.31
N ALA A 734 -0.78 21.45 47.01
CA ALA A 734 -0.92 20.99 48.39
C ALA A 734 -1.54 22.08 49.27
N ASP A 735 -1.07 23.31 49.13
CA ASP A 735 -1.69 24.45 49.80
C ASP A 735 -3.16 24.64 49.44
N ARG A 736 -3.47 24.69 48.15
CA ARG A 736 -4.85 24.99 47.75
C ARG A 736 -5.83 23.84 48.13
N TYR A 737 -5.36 22.59 48.13
CA TYR A 737 -6.21 21.46 48.59
C TYR A 737 -6.39 21.37 50.09
N GLY A 738 -5.41 21.78 50.88
CA GLY A 738 -5.58 21.81 52.33
C GLY A 738 -6.57 22.90 52.74
N PHE A 739 -6.42 24.07 52.13
CA PHE A 739 -7.35 25.18 52.30
C PHE A 739 -8.76 24.70 52.00
N MET A 740 -8.94 24.16 50.80
CA MET A 740 -10.24 23.71 50.34
C MET A 740 -10.83 22.72 51.34
N ALA A 741 -10.01 21.81 51.85
CA ALA A 741 -10.48 20.80 52.80
C ALA A 741 -11.05 21.43 54.08
N LYS A 742 -10.46 22.55 54.50
CA LYS A 742 -10.89 23.28 55.71
C LYS A 742 -12.12 24.14 55.47
N ALA A 743 -12.17 24.79 54.31
CA ALA A 743 -13.32 25.59 53.91
C ALA A 743 -14.60 24.76 53.81
N LEU A 744 -14.46 23.53 53.31
CA LEU A 744 -15.60 22.63 53.17
C LEU A 744 -15.86 21.76 54.43
N GLU A 745 -15.06 21.95 55.48
CA GLU A 745 -15.13 21.14 56.67
C GLU A 745 -15.14 19.66 56.31
N ALA A 746 -14.21 19.25 55.46
CA ALA A 746 -14.13 17.89 54.95
C ALA A 746 -13.00 17.14 55.61
N PRO A 747 -13.29 15.94 56.11
CA PRO A 747 -12.29 15.14 56.77
C PRO A 747 -11.45 14.28 55.83
N TRP A 748 -10.25 13.93 56.31
CA TRP A 748 -9.32 13.04 55.61
C TRP A 748 -9.72 11.58 55.77
N ILE A 749 -9.21 10.69 54.91
CA ILE A 749 -9.56 9.25 54.98
C ILE A 749 -8.33 8.31 54.98
N ASN B 1 5.02 20.28 27.53
CA ASN B 1 6.23 19.91 28.26
C ASN B 1 6.26 20.40 29.73
N ALA B 2 5.15 20.21 30.46
CA ALA B 2 5.07 20.50 31.90
C ALA B 2 5.74 19.35 32.67
N SER B 3 6.49 19.70 33.72
CA SER B 3 7.38 18.74 34.41
C SER B 3 6.64 17.52 34.97
N ALA B 4 5.51 17.78 35.62
CA ALA B 4 4.68 16.70 36.18
C ALA B 4 3.18 16.95 35.94
N PRO B 5 2.38 15.86 35.90
CA PRO B 5 0.94 15.95 35.90
C PRO B 5 0.39 16.05 37.32
N VAL B 6 0.53 17.21 37.92
CA VAL B 6 0.11 17.41 39.27
C VAL B 6 -1.40 17.54 39.36
N ALA C 28 1.52 -64.39 -38.42
CA ALA C 28 2.05 -63.36 -39.41
C ALA C 28 1.30 -63.30 -40.76
N THR C 29 1.31 -62.15 -41.41
CA THR C 29 0.42 -61.88 -42.55
C THR C 29 1.17 -61.26 -43.70
N SER C 30 0.58 -61.24 -44.91
CA SER C 30 1.23 -60.53 -46.01
C SER C 30 1.44 -59.08 -45.62
N GLY C 31 2.51 -58.49 -46.11
CA GLY C 31 2.94 -57.15 -45.74
C GLY C 31 2.87 -56.42 -47.04
N PHE C 32 3.71 -55.42 -47.20
CA PHE C 32 3.71 -54.61 -48.41
C PHE C 32 4.19 -55.36 -49.66
N SER C 33 3.37 -55.30 -50.71
CA SER C 33 3.43 -56.21 -51.86
C SER C 33 3.50 -55.45 -53.19
N LYS C 34 2.43 -54.74 -53.49
CA LYS C 34 2.30 -53.95 -54.70
C LYS C 34 3.57 -53.11 -55.02
N PRO C 35 3.98 -53.04 -56.32
CA PRO C 35 5.12 -52.15 -56.64
C PRO C 35 4.67 -50.70 -56.50
N LEU C 36 5.55 -49.84 -56.02
CA LEU C 36 5.20 -48.44 -55.81
C LEU C 36 5.71 -47.66 -56.98
N HIS C 37 4.95 -46.68 -57.39
CA HIS C 37 5.41 -45.75 -58.39
C HIS C 37 5.59 -44.42 -57.72
N TYR C 38 6.83 -44.09 -57.39
CA TYR C 38 7.10 -42.80 -56.76
C TYR C 38 7.07 -41.70 -57.81
N PRO C 39 6.47 -40.56 -57.46
CA PRO C 39 6.29 -39.56 -58.46
C PRO C 39 7.59 -38.84 -58.65
N PRO C 40 7.82 -38.26 -59.84
CA PRO C 40 9.02 -37.51 -60.10
C PRO C 40 9.02 -36.22 -59.32
N VAL C 41 10.19 -35.84 -58.82
CA VAL C 41 10.32 -34.69 -57.95
C VAL C 41 11.56 -33.93 -58.42
N ARG C 42 11.38 -32.70 -58.87
CA ARG C 42 12.50 -31.95 -59.46
C ARG C 42 13.58 -31.63 -58.41
N ARG C 43 14.83 -31.85 -58.79
CA ARG C 43 15.97 -31.41 -57.98
C ARG C 43 16.57 -30.15 -58.59
N ASP C 44 17.04 -29.26 -57.74
CA ASP C 44 17.66 -28.02 -58.17
C ASP C 44 19.12 -28.10 -57.75
N GLU C 45 19.97 -28.67 -58.62
CA GLU C 45 21.37 -29.01 -58.25
C GLU C 45 22.30 -27.78 -58.13
N THR C 46 21.76 -26.59 -58.40
CA THR C 46 22.53 -25.36 -58.26
C THR C 46 22.49 -24.70 -56.87
N VAL C 47 21.58 -25.10 -55.99
CA VAL C 47 21.48 -24.49 -54.65
C VAL C 47 22.53 -25.11 -53.74
N VAL C 48 23.49 -24.30 -53.29
CA VAL C 48 24.55 -24.73 -52.37
C VAL C 48 24.90 -23.59 -51.43
N ASP C 49 25.01 -23.90 -50.13
CA ASP C 49 25.34 -22.92 -49.11
C ASP C 49 26.63 -23.32 -48.38
N ASP C 50 27.40 -22.32 -47.96
CA ASP C 50 28.62 -22.55 -47.22
C ASP C 50 28.44 -22.23 -45.74
N TYR C 51 28.22 -23.27 -44.96
CA TYR C 51 28.20 -23.15 -43.51
C TYR C 51 29.60 -23.39 -42.96
N PHE C 52 30.35 -22.31 -42.77
CA PHE C 52 31.67 -22.36 -42.11
C PHE C 52 32.66 -23.34 -42.75
N GLY C 53 32.82 -23.24 -44.08
CA GLY C 53 33.75 -24.10 -44.82
C GLY C 53 33.12 -25.36 -45.39
N VAL C 54 31.92 -25.70 -44.91
CA VAL C 54 31.24 -26.95 -45.27
C VAL C 54 30.15 -26.64 -46.28
N LYS C 55 30.27 -27.20 -47.48
CA LYS C 55 29.25 -27.04 -48.52
C LYS C 55 28.06 -27.90 -48.16
N VAL C 56 26.86 -27.35 -48.20
CA VAL C 56 25.65 -28.13 -47.96
C VAL C 56 24.67 -27.81 -49.07
N ALA C 57 24.34 -28.80 -49.89
CA ALA C 57 23.37 -28.61 -50.97
C ALA C 57 21.94 -28.67 -50.45
N ASP C 58 21.05 -27.86 -51.02
CA ASP C 58 19.60 -27.91 -50.68
C ASP C 58 18.76 -28.10 -51.96
N PRO C 59 18.87 -29.28 -52.58
CA PRO C 59 18.23 -29.52 -53.88
C PRO C 59 16.72 -29.34 -53.89
N TYR C 60 16.08 -29.41 -52.73
CA TYR C 60 14.63 -29.28 -52.66
C TYR C 60 14.19 -27.96 -51.98
N ARG C 61 15.06 -26.95 -52.08
CA ARG C 61 14.79 -25.58 -51.58
C ARG C 61 13.47 -25.01 -52.11
N TRP C 62 13.11 -25.36 -53.34
CA TRP C 62 11.85 -24.92 -53.98
C TRP C 62 10.54 -25.35 -53.28
N LEU C 63 10.63 -26.34 -52.40
CA LEU C 63 9.49 -26.79 -51.63
C LEU C 63 9.22 -25.90 -50.42
N GLU C 64 10.08 -24.90 -50.20
CA GLU C 64 9.86 -23.92 -49.13
C GLU C 64 8.84 -22.85 -49.51
N ASP C 65 8.48 -22.76 -50.77
CA ASP C 65 7.39 -21.89 -51.20
C ASP C 65 6.13 -22.76 -51.33
N PRO C 66 5.17 -22.61 -50.40
CA PRO C 66 3.98 -23.49 -50.41
C PRO C 66 2.96 -23.16 -51.52
N ASN C 67 3.15 -22.04 -52.22
CA ASN C 67 2.19 -21.54 -53.23
C ASN C 67 2.58 -21.83 -54.68
N SER C 68 3.87 -22.08 -54.96
CA SER C 68 4.29 -22.46 -56.31
C SER C 68 3.51 -23.68 -56.76
N GLU C 69 3.08 -23.68 -58.01
CA GLU C 69 2.29 -24.80 -58.53
C GLU C 69 3.09 -26.10 -58.57
N GLU C 70 4.40 -25.98 -58.65
CA GLU C 70 5.29 -27.12 -58.53
C GLU C 70 5.12 -27.79 -57.16
N THR C 71 5.09 -26.98 -56.11
CA THR C 71 4.87 -27.47 -54.76
C THR C 71 3.43 -28.02 -54.60
N LYS C 72 2.45 -27.27 -55.07
CA LYS C 72 1.08 -27.72 -55.01
C LYS C 72 0.92 -29.06 -55.70
N GLU C 73 1.58 -29.20 -56.85
CA GLU C 73 1.57 -30.44 -57.63
C GLU C 73 2.26 -31.56 -56.87
N PHE C 74 3.44 -31.24 -56.33
CA PHE C 74 4.15 -32.16 -55.43
C PHE C 74 3.18 -32.77 -54.42
N VAL C 75 2.50 -31.91 -53.66
CA VAL C 75 1.57 -32.37 -52.62
C VAL C 75 0.53 -33.30 -53.24
N ASP C 76 -0.03 -32.87 -54.37
CA ASP C 76 -1.10 -33.61 -55.03
C ASP C 76 -0.62 -35.00 -55.40
N ASN C 77 0.62 -35.11 -55.85
CA ASN C 77 1.14 -36.40 -56.23
C ASN C 77 1.37 -37.29 -55.04
N GLN C 78 1.98 -36.72 -54.02
CA GLN C 78 2.31 -37.48 -52.81
C GLN C 78 1.04 -37.98 -52.16
N GLU C 79 0.02 -37.14 -52.16
CA GLU C 79 -1.30 -37.56 -51.75
C GLU C 79 -1.78 -38.77 -52.55
N LYS C 80 -1.66 -38.68 -53.87
CA LYS C 80 -2.09 -39.75 -54.75
C LYS C 80 -1.37 -41.03 -54.35
N LEU C 81 -0.06 -40.93 -54.19
CA LEU C 81 0.73 -42.08 -53.81
C LEU C 81 0.30 -42.70 -52.47
N ALA C 82 0.10 -41.85 -51.47
CA ALA C 82 -0.28 -42.26 -50.11
C ALA C 82 -1.55 -43.08 -50.15
N ASN C 83 -2.54 -42.56 -50.83
CA ASN C 83 -3.82 -43.24 -50.93
C ASN C 83 -3.67 -44.60 -51.55
N SER C 84 -2.91 -44.62 -52.63
CA SER C 84 -2.60 -45.84 -53.34
C SER C 84 -2.10 -46.89 -52.37
N VAL C 85 -1.13 -46.51 -51.56
CA VAL C 85 -0.58 -47.41 -50.55
C VAL C 85 -1.57 -47.76 -49.44
N LEU C 86 -2.26 -46.76 -48.92
CA LEU C 86 -3.22 -46.97 -47.86
C LEU C 86 -4.40 -47.83 -48.28
N GLU C 87 -4.76 -47.84 -49.56
CA GLU C 87 -5.76 -48.81 -50.08
C GLU C 87 -5.33 -50.22 -49.75
N GLU C 88 -4.05 -50.47 -49.95
CA GLU C 88 -3.44 -51.74 -49.65
C GLU C 88 -3.60 -52.12 -48.17
N CYS C 89 -3.63 -51.13 -47.28
CA CYS C 89 -3.77 -51.39 -45.83
C CYS C 89 -5.20 -51.67 -45.41
N GLU C 90 -5.56 -52.94 -45.40
CA GLU C 90 -6.97 -53.35 -45.31
C GLU C 90 -7.55 -53.34 -43.88
N LEU C 91 -6.72 -53.05 -42.87
CA LEU C 91 -7.20 -53.00 -41.49
C LEU C 91 -7.65 -51.61 -41.04
N ILE C 92 -7.40 -50.59 -41.87
CA ILE C 92 -7.77 -49.22 -41.51
C ILE C 92 -9.21 -49.13 -41.04
N ASP C 93 -10.12 -49.63 -41.87
CA ASP C 93 -11.55 -49.57 -41.57
C ASP C 93 -11.92 -50.28 -40.26
N LYS C 94 -11.20 -51.34 -39.90
CA LYS C 94 -11.49 -52.05 -38.65
C LYS C 94 -11.02 -51.25 -37.45
N PHE C 95 -9.82 -50.69 -37.54
CA PHE C 95 -9.29 -49.81 -36.49
C PHE C 95 -10.22 -48.63 -36.27
N LYS C 96 -10.57 -47.98 -37.37
CA LYS C 96 -11.40 -46.80 -37.32
C LYS C 96 -12.69 -47.05 -36.52
N GLN C 97 -13.35 -48.17 -36.74
CA GLN C 97 -14.60 -48.44 -36.05
C GLN C 97 -14.37 -48.66 -34.60
N LYS C 98 -13.36 -49.43 -34.27
CA LYS C 98 -13.07 -49.67 -32.87
C LYS C 98 -12.66 -48.39 -32.13
N ILE C 99 -11.90 -47.51 -32.79
CA ILE C 99 -11.51 -46.23 -32.21
C ILE C 99 -12.72 -45.37 -31.96
N ILE C 100 -13.67 -45.38 -32.89
CA ILE C 100 -14.89 -44.58 -32.74
C ILE C 100 -15.67 -45.11 -31.57
N ASP C 101 -15.87 -46.43 -31.60
CA ASP C 101 -16.66 -47.13 -30.57
C ASP C 101 -16.09 -46.94 -29.16
N PHE C 102 -14.77 -46.98 -29.06
CA PHE C 102 -14.07 -46.78 -27.80
C PHE C 102 -13.98 -45.33 -27.32
N VAL C 103 -13.98 -44.37 -28.24
CA VAL C 103 -14.01 -42.95 -27.89
C VAL C 103 -15.43 -42.46 -27.53
N ASN C 104 -16.44 -43.21 -27.95
CA ASN C 104 -17.85 -42.79 -27.76
C ASN C 104 -18.40 -42.96 -26.34
N PHE C 105 -17.97 -42.05 -25.48
CA PHE C 105 -18.49 -42.00 -24.13
C PHE C 105 -18.45 -40.55 -23.70
N PRO C 106 -19.41 -40.15 -22.85
CA PRO C 106 -19.45 -38.76 -22.39
C PRO C 106 -18.22 -38.39 -21.56
N ARG C 107 -17.89 -37.09 -21.56
CA ARG C 107 -16.69 -36.52 -20.92
C ARG C 107 -16.98 -35.15 -20.30
N CYS C 108 -17.08 -35.08 -18.98
CA CYS C 108 -17.10 -33.79 -18.30
C CYS C 108 -15.68 -33.36 -18.01
N GLY C 109 -15.39 -32.09 -18.28
CA GLY C 109 -14.13 -31.48 -17.91
C GLY C 109 -14.19 -31.02 -16.47
N VAL C 110 -13.06 -30.54 -15.97
CA VAL C 110 -12.96 -30.03 -14.62
C VAL C 110 -13.74 -28.74 -14.50
N PRO C 111 -14.70 -28.68 -13.56
CA PRO C 111 -15.44 -27.44 -13.31
C PRO C 111 -14.64 -26.40 -12.53
N PHE C 112 -14.87 -25.14 -12.84
CA PHE C 112 -14.31 -24.06 -12.05
C PHE C 112 -15.45 -23.12 -11.75
N ARG C 113 -15.25 -22.22 -10.78
CA ARG C 113 -16.33 -21.44 -10.21
C ARG C 113 -16.13 -19.92 -10.35
N ARG C 114 -17.19 -19.19 -10.68
CA ARG C 114 -17.16 -17.74 -10.60
C ARG C 114 -18.40 -17.32 -9.89
N ALA C 115 -18.26 -16.52 -8.83
CA ALA C 115 -19.38 -16.19 -7.99
C ALA C 115 -20.03 -17.52 -7.63
N ASN C 116 -21.24 -17.77 -8.05
CA ASN C 116 -21.90 -19.01 -7.63
C ASN C 116 -22.38 -19.86 -8.79
N LYS C 117 -21.74 -19.66 -9.93
CA LYS C 117 -21.91 -20.50 -11.10
C LYS C 117 -20.71 -21.36 -11.23
N TYR C 118 -20.91 -22.46 -11.96
CA TYR C 118 -19.87 -23.45 -12.23
C TYR C 118 -19.80 -23.74 -13.71
N PHE C 119 -18.63 -23.50 -14.29
CA PHE C 119 -18.43 -23.65 -15.74
C PHE C 119 -17.53 -24.83 -16.02
N HIS C 120 -17.71 -25.49 -17.17
CA HIS C 120 -16.91 -26.64 -17.54
C HIS C 120 -17.15 -27.03 -18.98
N PHE C 121 -16.26 -27.84 -19.54
CA PHE C 121 -16.41 -28.35 -20.90
C PHE C 121 -17.07 -29.73 -20.91
N TYR C 122 -17.77 -30.04 -22.01
CA TYR C 122 -18.56 -31.26 -22.14
C TYR C 122 -18.50 -31.79 -23.55
N ASN C 123 -18.43 -33.10 -23.68
CA ASN C 123 -18.56 -33.76 -24.97
C ASN C 123 -19.41 -34.99 -24.77
N SER C 124 -20.51 -35.09 -25.49
CA SER C 124 -21.39 -36.26 -25.42
C SER C 124 -20.64 -37.55 -25.78
N GLY C 125 -19.61 -37.43 -26.62
CA GLY C 125 -18.75 -38.54 -26.95
C GLY C 125 -18.04 -38.33 -28.27
N LEU C 126 -18.82 -37.99 -29.30
CA LEU C 126 -18.26 -37.85 -30.67
C LEU C 126 -18.50 -36.49 -31.29
N GLN C 127 -18.88 -35.51 -30.46
CA GLN C 127 -18.97 -34.12 -30.92
C GLN C 127 -17.57 -33.71 -31.38
N ALA C 128 -17.51 -32.97 -32.49
CA ALA C 128 -16.24 -32.57 -33.13
C ALA C 128 -15.36 -31.71 -32.21
N GLN C 129 -16.00 -30.88 -31.41
CA GLN C 129 -15.33 -30.09 -30.39
C GLN C 129 -16.11 -30.10 -29.07
N ASN C 130 -15.39 -29.99 -27.96
CA ASN C 130 -16.04 -29.82 -26.65
C ASN C 130 -16.86 -28.52 -26.57
N VAL C 131 -17.97 -28.61 -25.84
CA VAL C 131 -18.90 -27.52 -25.68
C VAL C 131 -18.75 -26.96 -24.29
N PHE C 132 -18.62 -25.63 -24.19
CA PHE C 132 -18.52 -24.94 -22.90
C PHE C 132 -19.88 -24.74 -22.29
N GLN C 133 -20.04 -25.11 -21.02
CA GLN C 133 -21.34 -25.08 -20.33
C GLN C 133 -21.33 -24.43 -18.95
N MET C 134 -22.49 -24.00 -18.50
CA MET C 134 -22.64 -23.34 -17.25
C MET C 134 -23.69 -24.02 -16.42
N GLN C 135 -23.53 -23.94 -15.09
CA GLN C 135 -24.51 -24.43 -14.12
C GLN C 135 -24.61 -23.51 -12.94
N ASP C 136 -25.75 -23.56 -12.24
CA ASP C 136 -25.97 -22.86 -10.94
C ASP C 136 -25.60 -23.75 -9.77
N ASP C 137 -25.85 -25.03 -9.95
CA ASP C 137 -25.57 -26.05 -8.96
C ASP C 137 -24.67 -27.08 -9.60
N LEU C 138 -23.77 -27.66 -8.80
CA LEU C 138 -22.83 -28.64 -9.31
C LEU C 138 -23.53 -29.79 -10.00
N ASP C 139 -24.72 -30.12 -9.51
CA ASP C 139 -25.53 -31.18 -10.10
C ASP C 139 -26.88 -30.68 -10.60
N GLY C 140 -26.94 -29.39 -10.95
CA GLY C 140 -28.14 -28.80 -11.55
C GLY C 140 -28.11 -28.99 -13.06
N LYS C 141 -29.10 -28.44 -13.76
CA LYS C 141 -29.16 -28.59 -15.21
C LYS C 141 -28.07 -27.78 -15.85
N PRO C 142 -27.20 -28.43 -16.64
CA PRO C 142 -26.22 -27.65 -17.40
C PRO C 142 -26.90 -26.83 -18.48
N GLU C 143 -26.26 -25.74 -18.86
CA GLU C 143 -26.77 -24.87 -19.92
C GLU C 143 -25.63 -24.61 -20.90
N VAL C 144 -25.90 -24.66 -22.21
CA VAL C 144 -24.84 -24.42 -23.15
C VAL C 144 -24.57 -22.93 -23.32
N LEU C 145 -23.32 -22.55 -23.18
CA LEU C 145 -22.92 -21.19 -23.20
C LEU C 145 -22.38 -20.84 -24.57
N TYR C 146 -21.45 -21.64 -25.07
CA TYR C 146 -20.98 -21.52 -26.45
C TYR C 146 -20.61 -22.91 -26.97
N ASP C 147 -21.07 -23.18 -28.19
CA ASP C 147 -20.90 -24.47 -28.87
C ASP C 147 -20.09 -24.30 -30.19
N PRO C 148 -18.78 -24.64 -30.16
CA PRO C 148 -17.94 -24.50 -31.35
C PRO C 148 -18.41 -25.31 -32.57
N ASN C 149 -19.20 -26.36 -32.35
CA ASN C 149 -19.65 -27.25 -33.43
C ASN C 149 -20.64 -26.58 -34.37
N LEU C 150 -21.26 -25.49 -33.93
CA LEU C 150 -22.15 -24.71 -34.79
C LEU C 150 -21.40 -23.78 -35.75
N ARG C 151 -20.07 -23.83 -35.76
CA ARG C 151 -19.31 -22.87 -36.52
C ARG C 151 -18.23 -23.58 -37.30
N GLU C 152 -18.26 -23.40 -38.62
CA GLU C 152 -17.39 -24.14 -39.55
C GLU C 152 -17.43 -25.63 -39.22
N GLY C 153 -18.61 -26.10 -38.83
CA GLY C 153 -18.82 -27.49 -38.50
C GLY C 153 -17.93 -28.05 -37.40
N GLY C 154 -17.36 -27.17 -36.59
CA GLY C 154 -16.46 -27.55 -35.50
C GLY C 154 -15.05 -27.85 -35.93
N ARG C 155 -14.57 -27.12 -36.95
CA ARG C 155 -13.21 -27.29 -37.49
C ARG C 155 -12.20 -26.93 -36.39
N SER C 156 -12.54 -25.88 -35.63
CA SER C 156 -11.76 -25.42 -34.49
C SER C 156 -12.64 -25.30 -33.26
N GLY C 157 -12.07 -25.65 -32.10
CA GLY C 157 -12.73 -25.46 -30.82
C GLY C 157 -12.27 -24.19 -30.11
N LEU C 158 -12.46 -24.18 -28.79
CA LEU C 158 -12.12 -23.04 -27.94
C LEU C 158 -10.72 -23.16 -27.32
N SER C 159 -9.85 -22.22 -27.66
CA SER C 159 -8.49 -22.18 -27.11
C SER C 159 -8.42 -21.21 -25.94
N LEU C 160 -9.01 -20.03 -26.09
CA LEU C 160 -9.02 -19.04 -25.03
C LEU C 160 -10.45 -18.86 -24.52
N TYR C 161 -10.66 -19.01 -23.22
CA TYR C 161 -11.99 -18.86 -22.61
C TYR C 161 -11.84 -18.36 -21.17
N SER C 162 -12.72 -17.46 -20.73
CA SER C 162 -12.47 -16.69 -19.52
C SER C 162 -13.75 -16.04 -19.04
N VAL C 163 -14.07 -16.25 -17.77
CA VAL C 163 -15.33 -15.77 -17.22
C VAL C 163 -15.06 -14.65 -16.23
N SER C 164 -15.86 -13.60 -16.28
CA SER C 164 -15.71 -12.48 -15.36
C SER C 164 -15.94 -12.93 -13.92
N GLU C 165 -15.49 -12.12 -12.96
CA GLU C 165 -15.54 -12.46 -11.54
C GLU C 165 -16.96 -12.64 -11.03
N ASP C 166 -17.85 -11.78 -11.53
CA ASP C 166 -19.28 -11.83 -11.22
C ASP C 166 -20.09 -12.87 -12.03
N ALA C 167 -19.45 -13.53 -13.00
CA ALA C 167 -20.04 -14.57 -13.81
C ALA C 167 -21.02 -14.07 -14.89
N LYS C 168 -21.04 -12.77 -15.13
CA LYS C 168 -21.94 -12.17 -16.14
C LYS C 168 -21.43 -12.17 -17.57
N TYR C 169 -20.11 -12.22 -17.77
CA TYR C 169 -19.52 -12.11 -19.09
C TYR C 169 -18.60 -13.26 -19.33
N PHE C 170 -18.54 -13.69 -20.59
CA PHE C 170 -17.69 -14.80 -21.02
C PHE C 170 -16.95 -14.31 -22.24
N ALA C 171 -15.64 -14.16 -22.10
CA ALA C 171 -14.77 -13.73 -23.19
C ALA C 171 -14.08 -14.95 -23.75
N PHE C 172 -14.22 -15.20 -25.05
CA PHE C 172 -13.66 -16.40 -25.66
C PHE C 172 -13.06 -16.10 -27.01
N GLY C 173 -12.26 -17.03 -27.50
CA GLY C 173 -11.50 -16.84 -28.71
C GLY C 173 -11.87 -17.78 -29.84
N ILE C 174 -12.23 -17.17 -30.96
CA ILE C 174 -12.64 -17.86 -32.18
C ILE C 174 -11.56 -17.77 -33.25
N HIS C 175 -11.12 -18.91 -33.77
CA HIS C 175 -10.17 -18.87 -34.86
C HIS C 175 -10.91 -18.46 -36.12
N SER C 176 -10.35 -17.49 -36.82
CA SER C 176 -11.07 -16.87 -37.95
C SER C 176 -10.95 -17.78 -39.18
N GLY C 177 -9.71 -18.04 -39.60
CA GLY C 177 -9.45 -18.99 -40.66
C GLY C 177 -8.69 -20.16 -40.10
N LEU C 178 -7.87 -20.76 -40.95
CA LEU C 178 -7.02 -21.91 -40.53
C LEU C 178 -5.88 -21.48 -39.63
N THR C 179 -5.53 -20.19 -39.70
CA THR C 179 -4.40 -19.65 -38.98
C THR C 179 -4.50 -19.71 -37.44
N GLU C 180 -3.41 -19.33 -36.78
CA GLU C 180 -3.29 -19.32 -35.30
C GLU C 180 -4.03 -18.12 -34.68
N TRP C 181 -4.27 -17.08 -35.48
CA TRP C 181 -4.91 -15.86 -35.02
C TRP C 181 -6.33 -16.11 -34.52
N VAL C 182 -6.69 -15.31 -33.54
CA VAL C 182 -7.95 -15.38 -32.84
C VAL C 182 -8.65 -14.02 -32.85
N THR C 183 -9.98 -14.06 -32.75
CA THR C 183 -10.77 -12.89 -32.45
C THR C 183 -11.45 -13.12 -31.10
N ILE C 184 -11.24 -12.20 -30.17
CA ILE C 184 -11.96 -12.27 -28.91
C ILE C 184 -13.35 -11.69 -29.07
N LYS C 185 -14.34 -12.42 -28.57
CA LYS C 185 -15.73 -11.97 -28.48
C LYS C 185 -16.17 -12.06 -27.02
N ILE C 186 -17.27 -11.40 -26.67
CA ILE C 186 -17.78 -11.44 -25.29
C ILE C 186 -19.30 -11.67 -25.22
N LEU C 187 -19.72 -12.76 -24.56
CA LEU C 187 -21.15 -13.05 -24.27
C LEU C 187 -21.60 -12.64 -22.89
N LYS C 188 -22.83 -12.12 -22.80
CA LYS C 188 -23.54 -12.10 -21.53
C LYS C 188 -24.04 -13.52 -21.23
N THR C 189 -23.86 -13.99 -20.00
CA THR C 189 -24.22 -15.36 -19.65
C THR C 189 -25.72 -15.45 -19.37
N GLU C 190 -26.30 -14.34 -18.94
CA GLU C 190 -27.73 -14.30 -18.58
C GLU C 190 -28.61 -14.71 -19.81
N ASP C 191 -28.26 -14.26 -21.02
CA ASP C 191 -29.06 -14.56 -22.22
C ASP C 191 -28.29 -15.04 -23.46
N ARG C 192 -27.01 -15.31 -23.30
CA ARG C 192 -26.15 -15.74 -24.40
C ARG C 192 -26.04 -14.76 -25.59
N SER C 193 -26.27 -13.48 -25.32
CA SER C 193 -26.14 -12.41 -26.33
C SER C 193 -24.73 -11.83 -26.33
N TYR C 194 -24.31 -11.35 -27.49
CA TYR C 194 -22.95 -10.84 -27.65
C TYR C 194 -22.87 -9.35 -27.42
N LEU C 195 -21.81 -8.91 -26.78
CA LEU C 195 -21.44 -7.52 -26.79
C LEU C 195 -20.86 -7.23 -28.16
N PRO C 196 -20.94 -5.97 -28.61
CA PRO C 196 -20.38 -5.56 -29.91
C PRO C 196 -18.86 -5.61 -29.94
N ASP C 197 -18.22 -5.53 -28.77
CA ASP C 197 -16.75 -5.57 -28.60
C ASP C 197 -16.09 -6.69 -29.40
N THR C 198 -15.15 -6.32 -30.26
CA THR C 198 -14.38 -7.27 -31.06
C THR C 198 -12.89 -6.93 -31.02
N LEU C 199 -12.10 -7.86 -30.49
CA LEU C 199 -10.67 -7.66 -30.34
C LEU C 199 -9.96 -8.60 -31.28
N GLU C 200 -9.37 -8.00 -32.32
CA GLU C 200 -8.56 -8.70 -33.31
C GLU C 200 -7.09 -8.81 -32.87
N TRP C 201 -6.32 -9.59 -33.62
CA TRP C 201 -4.86 -9.69 -33.46
C TRP C 201 -4.43 -10.23 -32.11
N VAL C 202 -5.13 -11.26 -31.67
CA VAL C 202 -4.80 -11.98 -30.45
C VAL C 202 -4.33 -13.40 -30.83
N LYS C 203 -3.27 -13.90 -30.19
CA LYS C 203 -2.81 -15.26 -30.44
C LYS C 203 -3.03 -16.21 -29.25
N PHE C 204 -2.14 -16.18 -28.28
CA PHE C 204 -2.22 -17.12 -27.18
C PHE C 204 -2.59 -16.41 -25.88
N SER C 205 -2.91 -15.13 -25.98
CA SER C 205 -3.20 -14.35 -24.80
C SER C 205 -4.43 -14.91 -24.15
N PRO C 206 -4.51 -14.83 -22.80
CA PRO C 206 -5.74 -15.08 -22.07
C PRO C 206 -6.38 -13.75 -21.78
N ALA C 207 -7.54 -13.77 -21.18
CA ALA C 207 -8.26 -12.53 -20.88
C ALA C 207 -8.42 -12.46 -19.39
N ILE C 208 -7.81 -11.46 -18.79
CA ILE C 208 -7.69 -11.43 -17.35
C ILE C 208 -8.54 -10.32 -16.73
N TRP C 209 -9.63 -10.73 -16.09
CA TRP C 209 -10.62 -9.80 -15.62
C TRP C 209 -10.21 -9.11 -14.35
N THR C 210 -10.41 -7.81 -14.29
CA THR C 210 -10.34 -7.04 -13.06
C THR C 210 -11.58 -7.29 -12.20
N HIS C 211 -11.45 -7.10 -10.90
CA HIS C 211 -12.52 -7.47 -9.96
C HIS C 211 -13.68 -6.50 -9.95
N ASP C 212 -13.50 -5.31 -10.53
CA ASP C 212 -14.62 -4.38 -10.76
C ASP C 212 -15.53 -4.81 -11.92
N ASN C 213 -15.10 -5.81 -12.69
CA ASN C 213 -15.88 -6.39 -13.79
C ASN C 213 -16.01 -5.47 -14.98
N LYS C 214 -15.17 -4.43 -15.01
CA LYS C 214 -15.21 -3.39 -16.05
C LYS C 214 -14.43 -3.73 -17.30
N GLY C 215 -13.57 -4.72 -17.23
CA GLY C 215 -12.70 -5.00 -18.34
C GLY C 215 -11.71 -6.08 -18.00
N PHE C 216 -10.82 -6.35 -18.97
CA PHE C 216 -9.78 -7.34 -18.78
C PHE C 216 -8.47 -6.96 -19.44
N PHE C 217 -7.39 -7.55 -18.94
CA PHE C 217 -6.11 -7.46 -19.60
C PHE C 217 -5.97 -8.54 -20.65
N TYR C 218 -5.27 -8.22 -21.72
CA TYR C 218 -4.95 -9.20 -22.72
C TYR C 218 -3.68 -8.75 -23.42
N CYS C 219 -3.13 -9.61 -24.28
CA CYS C 219 -1.77 -9.41 -24.84
C CYS C 219 -1.73 -9.60 -26.37
N PRO C 220 -2.17 -8.57 -27.11
CA PRO C 220 -2.29 -8.67 -28.54
C PRO C 220 -1.05 -8.21 -29.29
N TYR C 221 -1.07 -8.41 -30.59
CA TYR C 221 -0.04 -7.95 -31.48
C TYR C 221 -0.56 -6.74 -32.25
N PRO C 222 0.34 -5.88 -32.73
CA PRO C 222 -0.17 -4.74 -33.49
C PRO C 222 -0.54 -5.18 -34.90
N PRO C 223 -1.41 -4.42 -35.59
CA PRO C 223 -1.99 -4.79 -36.91
C PRO C 223 -1.10 -5.37 -38.04
N ALA C 235 3.00 -12.54 -34.95
CA ALA C 235 4.43 -12.84 -34.88
C ALA C 235 5.10 -12.10 -33.72
N VAL C 236 5.20 -10.77 -33.81
CA VAL C 236 6.20 -10.02 -33.02
C VAL C 236 5.77 -8.61 -32.63
N ASN C 237 6.52 -8.02 -31.72
CA ASN C 237 6.19 -6.78 -31.00
C ASN C 237 4.90 -6.89 -30.20
N GLN C 238 4.80 -7.91 -29.34
CA GLN C 238 3.61 -8.11 -28.50
C GLN C 238 3.44 -6.95 -27.53
N GLU C 239 2.21 -6.77 -27.07
CA GLU C 239 1.82 -5.67 -26.17
C GLU C 239 0.94 -6.18 -25.06
N ALA C 240 0.90 -5.45 -23.96
CA ALA C 240 -0.06 -5.70 -22.91
C ALA C 240 -1.05 -4.55 -22.95
N ARG C 241 -2.34 -4.89 -22.96
CA ARG C 241 -3.41 -3.92 -23.09
C ARG C 241 -4.49 -4.18 -22.03
N TYR C 242 -5.33 -3.18 -21.80
CA TYR C 242 -6.50 -3.36 -20.96
C TYR C 242 -7.70 -2.96 -21.76
N HIS C 243 -8.70 -3.82 -21.82
CA HIS C 243 -9.88 -3.52 -22.62
C HIS C 243 -11.07 -3.25 -21.73
N PHE C 244 -11.64 -2.05 -21.86
CA PHE C 244 -12.87 -1.71 -21.15
C PHE C 244 -14.11 -2.25 -21.89
N LEU C 245 -15.07 -2.82 -21.16
CA LEU C 245 -16.27 -3.35 -21.78
C LEU C 245 -17.07 -2.24 -22.39
N GLY C 246 -17.65 -2.49 -23.58
CA GLY C 246 -18.39 -1.51 -24.34
C GLY C 246 -17.58 -0.52 -25.20
N THR C 247 -16.26 -0.70 -25.26
CA THR C 247 -15.42 0.17 -26.08
C THR C 247 -14.92 -0.55 -27.30
N ASP C 248 -14.41 0.23 -28.23
CA ASP C 248 -13.69 -0.30 -29.39
C ASP C 248 -12.26 -0.67 -28.95
N GLN C 249 -11.67 -1.65 -29.65
CA GLN C 249 -10.31 -2.05 -29.41
C GLN C 249 -9.35 -0.89 -29.52
N SER C 250 -9.61 0.07 -30.43
CA SER C 250 -8.78 1.26 -30.62
C SER C 250 -8.61 2.10 -29.35
N GLU C 251 -9.53 1.98 -28.39
CA GLU C 251 -9.44 2.69 -27.10
C GLU C 251 -8.63 1.94 -26.06
N ASP C 252 -8.31 0.68 -26.30
CA ASP C 252 -7.68 -0.12 -25.26
C ASP C 252 -6.40 0.51 -24.79
N ILE C 253 -6.18 0.44 -23.48
CA ILE C 253 -5.09 1.13 -22.79
C ILE C 253 -3.77 0.36 -22.99
N LEU C 254 -2.68 1.10 -23.18
CA LEU C 254 -1.37 0.47 -23.31
C LEU C 254 -0.76 0.32 -21.94
N LEU C 255 -0.14 -0.83 -21.70
CA LEU C 255 0.59 -1.04 -20.44
C LEU C 255 2.05 -1.37 -20.66
N TRP C 256 2.35 -2.18 -21.67
CA TRP C 256 3.74 -2.55 -21.93
C TRP C 256 4.01 -2.77 -23.40
N ARG C 257 5.18 -2.30 -23.85
CA ARG C 257 5.65 -2.67 -25.17
C ARG C 257 7.10 -3.10 -25.47
N ASP C 258 8.09 -2.28 -25.21
CA ASP C 258 9.47 -2.67 -25.63
C ASP C 258 9.75 -2.98 -27.14
N LEU C 259 9.76 -1.93 -27.95
CA LEU C 259 10.10 -2.00 -29.38
C LEU C 259 11.55 -2.42 -29.59
N GLU C 260 12.41 -2.11 -28.61
CA GLU C 260 13.83 -2.47 -28.59
C GLU C 260 14.10 -3.99 -28.53
N ASN C 261 13.11 -4.76 -28.08
CA ASN C 261 13.20 -6.23 -28.01
C ASN C 261 11.98 -6.89 -28.63
N PRO C 262 11.89 -6.82 -29.96
CA PRO C 262 10.66 -7.27 -30.62
C PRO C 262 10.29 -8.73 -30.34
N ALA C 263 11.26 -9.60 -30.09
CA ALA C 263 10.97 -11.05 -29.99
C ALA C 263 10.57 -11.55 -28.58
N HIS C 264 10.67 -10.66 -27.57
CA HIS C 264 10.18 -10.97 -26.22
C HIS C 264 8.68 -11.01 -26.28
N HIS C 265 8.11 -12.02 -25.64
CA HIS C 265 6.66 -12.21 -25.62
C HIS C 265 6.16 -12.29 -24.17
N LEU C 266 4.84 -12.31 -23.97
CA LEU C 266 4.25 -12.09 -22.64
C LEU C 266 3.16 -13.09 -22.20
N LYS C 267 3.06 -13.28 -20.90
CA LYS C 267 1.92 -13.96 -20.24
C LYS C 267 1.53 -12.98 -19.16
N CYS C 268 0.34 -13.10 -18.60
CA CYS C 268 -0.02 -12.24 -17.46
C CYS C 268 -1.11 -12.85 -16.58
N GLN C 269 -1.45 -12.14 -15.51
CA GLN C 269 -2.17 -12.74 -14.42
C GLN C 269 -2.50 -11.67 -13.42
N ILE C 270 -3.59 -11.89 -12.70
CA ILE C 270 -3.97 -11.01 -11.62
C ILE C 270 -4.03 -11.84 -10.35
N THR C 271 -3.80 -11.19 -9.22
CA THR C 271 -3.76 -11.89 -7.96
C THR C 271 -5.15 -12.18 -7.47
N ASP C 272 -5.33 -13.15 -6.57
CA ASP C 272 -6.66 -13.57 -6.13
C ASP C 272 -7.44 -12.47 -5.37
N ASP C 273 -6.71 -11.54 -4.76
CA ASP C 273 -7.35 -10.41 -4.07
C ASP C 273 -7.64 -9.25 -5.01
N GLY C 274 -7.23 -9.36 -6.27
CA GLY C 274 -7.55 -8.38 -7.29
C GLY C 274 -6.72 -7.11 -7.29
N LYS C 275 -5.74 -7.03 -6.39
CA LYS C 275 -5.01 -5.78 -6.18
C LYS C 275 -3.82 -5.57 -7.11
N TYR C 276 -3.17 -6.65 -7.54
CA TYR C 276 -1.97 -6.52 -8.37
C TYR C 276 -2.10 -7.19 -9.73
N PHE C 277 -1.66 -6.49 -10.75
CA PHE C 277 -1.55 -7.05 -12.08
C PHE C 277 -0.08 -7.42 -12.30
N LEU C 278 0.19 -8.69 -12.59
CA LEU C 278 1.55 -9.15 -12.89
C LEU C 278 1.73 -9.38 -14.38
N LEU C 279 2.83 -8.88 -14.91
CA LEU C 279 3.16 -9.07 -16.30
C LEU C 279 4.44 -9.88 -16.34
N TYR C 280 4.37 -11.03 -16.99
CA TYR C 280 5.52 -11.92 -17.15
C TYR C 280 6.08 -11.77 -18.55
N ILE C 281 7.40 -11.64 -18.65
CA ILE C 281 8.05 -11.43 -19.95
C ILE C 281 8.99 -12.58 -20.19
N LEU C 282 8.82 -13.23 -21.32
CA LEU C 282 9.59 -14.42 -21.65
C LEU C 282 10.52 -14.20 -22.82
N ASP C 283 11.42 -15.15 -23.03
CA ASP C 283 12.37 -15.11 -24.15
C ASP C 283 12.58 -16.53 -24.74
N GLY C 284 11.96 -16.82 -25.87
CA GLY C 284 12.01 -18.17 -26.40
C GLY C 284 11.18 -19.14 -25.59
N CYS C 285 11.52 -20.42 -25.64
CA CYS C 285 10.81 -21.46 -24.88
C CYS C 285 11.57 -21.92 -23.64
N ASP C 286 12.51 -21.12 -23.16
CA ASP C 286 13.30 -21.47 -21.97
C ASP C 286 12.39 -21.29 -20.78
N ASP C 287 12.46 -22.18 -19.79
CA ASP C 287 11.64 -22.00 -18.59
C ASP C 287 12.29 -20.89 -17.73
N ALA C 288 12.04 -19.65 -18.13
CA ALA C 288 12.57 -18.47 -17.44
C ALA C 288 11.82 -17.23 -17.87
N ASN C 289 11.76 -16.24 -16.99
CA ASN C 289 10.93 -15.06 -17.19
C ASN C 289 11.21 -13.90 -16.24
N LYS C 290 10.81 -12.71 -16.67
CA LYS C 290 10.81 -11.51 -15.83
C LYS C 290 9.50 -11.47 -15.08
N VAL C 291 9.43 -10.61 -14.06
CA VAL C 291 8.21 -10.42 -13.27
C VAL C 291 8.07 -8.95 -12.93
N TYR C 292 7.06 -8.31 -13.50
CA TYR C 292 6.73 -6.91 -13.24
C TYR C 292 5.38 -6.89 -12.54
N CYS C 293 5.19 -6.03 -11.55
CA CYS C 293 3.94 -5.96 -10.77
C CYS C 293 3.36 -4.58 -10.85
N LEU C 294 2.05 -4.48 -10.99
CA LEU C 294 1.40 -3.19 -10.99
C LEU C 294 0.38 -3.15 -9.88
N ASP C 295 0.55 -2.22 -8.95
CA ASP C 295 -0.42 -2.03 -7.86
C ASP C 295 -1.62 -1.20 -8.32
N LEU C 296 -2.76 -1.86 -8.42
CA LEU C 296 -3.98 -1.25 -8.96
C LEU C 296 -4.65 -0.41 -7.89
N THR C 297 -4.39 -0.69 -6.62
CA THR C 297 -5.01 0.05 -5.55
C THR C 297 -4.43 1.45 -5.47
N LYS C 298 -3.32 1.70 -6.13
CA LYS C 298 -2.60 2.96 -6.01
C LYS C 298 -2.71 3.85 -7.25
N LEU C 299 -3.68 3.58 -8.10
CA LEU C 299 -3.83 4.37 -9.30
C LEU C 299 -4.87 5.46 -9.04
N PRO C 300 -4.47 6.75 -9.16
CA PRO C 300 -5.39 7.87 -8.90
C PRO C 300 -6.76 7.68 -9.51
N ASN C 301 -6.81 7.17 -10.74
CA ASN C 301 -8.04 7.09 -11.50
C ASN C 301 -8.29 5.72 -12.12
N GLY C 302 -8.12 4.66 -11.35
CA GLY C 302 -8.19 3.31 -11.90
C GLY C 302 -7.27 3.19 -13.09
N LEU C 303 -7.61 2.32 -14.03
CA LEU C 303 -6.76 2.12 -15.20
C LEU C 303 -6.90 3.20 -16.26
N GLU C 304 -7.86 4.10 -16.11
CA GLU C 304 -8.01 5.17 -17.09
C GLU C 304 -6.77 6.09 -17.04
N SER C 305 -6.31 6.42 -15.82
CA SER C 305 -5.04 7.12 -15.56
C SER C 305 -4.03 7.32 -16.72
N SER C 312 4.62 3.42 -21.82
CA SER C 312 4.54 2.31 -20.84
C SER C 312 4.45 2.79 -19.38
N ALA C 313 4.07 1.88 -18.48
CA ALA C 313 3.42 2.17 -17.20
C ALA C 313 4.32 1.93 -15.94
N PRO C 314 3.99 2.55 -14.77
CA PRO C 314 4.87 2.47 -13.58
C PRO C 314 4.87 1.09 -12.88
N PHE C 315 5.52 0.11 -13.49
CA PHE C 315 5.67 -1.23 -12.91
C PHE C 315 6.82 -1.28 -11.90
N MET C 316 6.61 -1.96 -10.77
CA MET C 316 7.72 -2.44 -9.92
C MET C 316 8.38 -3.61 -10.64
N LYS C 317 9.63 -3.47 -11.04
CA LYS C 317 10.31 -4.55 -11.77
C LYS C 317 11.02 -5.46 -10.78
N LEU C 318 10.29 -6.43 -10.27
CA LEU C 318 10.80 -7.31 -9.23
C LEU C 318 11.86 -8.27 -9.71
N ILE C 319 11.81 -8.62 -10.99
CA ILE C 319 12.78 -9.51 -11.61
C ILE C 319 12.99 -8.98 -13.00
N ASP C 320 14.17 -8.44 -13.28
CA ASP C 320 14.42 -7.83 -14.59
C ASP C 320 15.49 -8.60 -15.40
N SER C 321 15.49 -9.93 -15.28
CA SER C 321 16.40 -10.77 -16.04
C SER C 321 15.78 -12.12 -16.36
N PHE C 322 16.38 -12.82 -17.32
CA PHE C 322 15.92 -14.15 -17.69
C PHE C 322 16.74 -15.25 -17.04
N ASP C 323 17.13 -15.04 -15.79
CA ASP C 323 17.91 -16.05 -15.07
C ASP C 323 17.09 -17.27 -14.67
N ALA C 324 15.81 -17.09 -14.39
CA ALA C 324 15.04 -18.16 -13.77
C ALA C 324 13.55 -17.92 -13.91
N SER C 325 12.77 -18.99 -13.67
CA SER C 325 11.33 -18.97 -13.78
C SER C 325 10.71 -18.49 -12.46
N TYR C 326 9.56 -17.82 -12.56
CA TYR C 326 8.87 -17.28 -11.41
C TYR C 326 7.38 -17.23 -11.75
N THR C 327 6.57 -17.88 -10.92
CA THR C 327 5.10 -17.95 -11.10
C THR C 327 4.41 -17.64 -9.79
N ALA C 328 3.64 -16.55 -9.74
CA ALA C 328 3.03 -16.11 -8.48
C ALA C 328 2.00 -17.13 -8.03
N ILE C 329 2.15 -17.68 -6.83
CA ILE C 329 1.19 -18.67 -6.36
C ILE C 329 0.15 -18.02 -5.42
N ALA C 330 0.56 -17.02 -4.66
CA ALA C 330 -0.35 -16.36 -3.72
C ALA C 330 0.30 -15.12 -3.19
N ASN C 331 -0.47 -14.33 -2.47
CA ASN C 331 0.06 -13.15 -1.80
C ASN C 331 -0.84 -12.65 -0.68
N ASP C 332 -0.22 -11.97 0.28
CA ASP C 332 -0.90 -11.40 1.41
C ASP C 332 -0.44 -9.94 1.47
N GLY C 333 -1.27 -9.07 0.93
CA GLY C 333 -0.86 -7.70 0.68
C GLY C 333 0.33 -7.67 -0.26
N SER C 334 1.44 -7.15 0.22
CA SER C 334 2.65 -7.04 -0.58
C SER C 334 3.55 -8.26 -0.47
N VAL C 335 3.11 -9.34 0.18
CA VAL C 335 4.01 -10.46 0.47
C VAL C 335 3.72 -11.69 -0.40
N PHE C 336 4.52 -11.83 -1.44
CA PHE C 336 4.26 -12.84 -2.45
C PHE C 336 4.90 -14.18 -2.18
N THR C 337 4.21 -15.25 -2.59
CA THR C 337 4.79 -16.58 -2.61
C THR C 337 4.93 -17.00 -4.07
N PHE C 338 6.15 -17.28 -4.51
CA PHE C 338 6.41 -17.62 -5.92
C PHE C 338 6.83 -19.09 -6.06
N GLN C 339 6.65 -19.64 -7.25
CA GLN C 339 7.26 -20.90 -7.62
C GLN C 339 8.44 -20.55 -8.49
N THR C 340 9.60 -21.17 -8.25
CA THR C 340 10.78 -20.82 -9.03
C THR C 340 11.76 -21.95 -9.19
N ASN C 341 12.53 -21.87 -10.26
CA ASN C 341 13.61 -22.81 -10.49
C ASN C 341 14.96 -22.15 -10.32
N LYS C 342 15.01 -21.14 -9.46
CA LYS C 342 16.23 -20.39 -9.18
C LYS C 342 17.08 -21.16 -8.17
N ASP C 343 18.29 -21.54 -8.58
CA ASP C 343 19.16 -22.39 -7.76
C ASP C 343 18.41 -23.67 -7.36
N ALA C 344 17.53 -24.14 -8.23
CA ALA C 344 16.72 -25.31 -7.95
C ALA C 344 16.16 -25.83 -9.28
N PRO C 345 16.79 -26.87 -9.85
CA PRO C 345 16.34 -27.50 -11.09
C PRO C 345 14.99 -28.21 -10.99
N ARG C 346 14.75 -28.96 -9.91
CA ARG C 346 13.38 -29.31 -9.46
C ARG C 346 12.94 -28.12 -8.69
N LYS C 347 11.74 -27.64 -8.86
CA LYS C 347 11.55 -26.24 -8.44
C LYS C 347 11.36 -26.16 -6.92
N LYS C 348 11.07 -24.97 -6.41
CA LYS C 348 10.74 -24.79 -5.02
C LYS C 348 9.79 -23.62 -4.90
N LEU C 349 9.29 -23.39 -3.69
CA LEU C 349 8.49 -22.21 -3.40
C LEU C 349 9.27 -21.23 -2.51
N VAL C 350 9.23 -19.96 -2.86
CA VAL C 350 9.96 -18.92 -2.14
C VAL C 350 9.07 -17.73 -1.86
N ARG C 351 9.43 -16.91 -0.88
CA ARG C 351 8.57 -15.82 -0.44
C ARG C 351 9.36 -14.50 -0.34
N VAL C 352 8.74 -13.44 -0.87
CA VAL C 352 9.34 -12.12 -0.89
C VAL C 352 8.28 -11.05 -0.57
N ASP C 353 8.73 -9.96 0.03
CA ASP C 353 7.91 -8.79 0.25
C ASP C 353 8.31 -7.77 -0.81
N LEU C 354 7.35 -7.19 -1.51
CA LEU C 354 7.68 -6.22 -2.55
C LEU C 354 8.29 -4.94 -2.00
N ASN C 355 7.97 -4.62 -0.75
CA ASN C 355 8.47 -3.41 -0.10
C ASN C 355 9.88 -3.56 0.44
N ASN C 356 10.37 -4.81 0.45
CA ASN C 356 11.80 -5.09 0.60
C ASN C 356 12.24 -6.24 -0.33
N PRO C 357 12.25 -5.95 -1.67
CA PRO C 357 12.29 -6.94 -2.73
C PRO C 357 13.66 -7.61 -2.92
N SER C 358 14.67 -7.22 -2.15
CA SER C 358 15.98 -7.87 -2.23
C SER C 358 16.07 -9.15 -1.40
N VAL C 359 15.18 -9.30 -0.41
CA VAL C 359 15.25 -10.41 0.52
C VAL C 359 14.23 -11.48 0.21
N TRP C 360 14.73 -12.59 -0.33
CA TRP C 360 13.92 -13.77 -0.72
C TRP C 360 14.17 -14.93 0.23
N THR C 361 13.15 -15.71 0.53
CA THR C 361 13.24 -16.73 1.56
C THR C 361 12.54 -18.03 1.21
N ASP C 362 13.19 -19.18 1.40
CA ASP C 362 12.57 -20.46 1.04
C ASP C 362 11.37 -20.73 1.93
N LEU C 363 10.28 -21.20 1.32
CA LEU C 363 9.03 -21.50 2.03
C LEU C 363 8.83 -23.00 2.07
N VAL C 364 8.87 -23.62 0.89
CA VAL C 364 8.99 -25.06 0.74
C VAL C 364 10.24 -25.26 -0.08
N PRO C 365 11.27 -25.95 0.48
CA PRO C 365 12.53 -25.96 -0.26
C PRO C 365 12.51 -26.96 -1.39
N GLU C 366 13.60 -26.96 -2.15
CA GLU C 366 13.72 -27.88 -3.26
C GLU C 366 13.82 -29.29 -2.71
N SER C 367 13.22 -30.26 -3.39
CA SER C 367 13.40 -31.66 -3.03
C SER C 367 14.66 -32.13 -3.68
N LYS C 368 15.26 -33.16 -3.10
CA LYS C 368 16.50 -33.69 -3.62
C LYS C 368 16.17 -34.50 -4.88
N LYS C 369 14.99 -35.11 -4.90
CA LYS C 369 14.62 -36.08 -5.91
C LYS C 369 13.46 -35.66 -6.82
N ASP C 370 12.42 -35.06 -6.24
CA ASP C 370 11.12 -34.84 -6.92
C ASP C 370 10.91 -33.45 -7.47
N LEU C 371 10.36 -33.38 -8.68
CA LEU C 371 10.06 -32.10 -9.32
C LEU C 371 8.78 -31.53 -8.72
N LEU C 372 8.83 -30.23 -8.37
CA LEU C 372 7.65 -29.51 -7.96
C LEU C 372 7.03 -28.91 -9.22
N GLU C 373 6.14 -29.69 -9.83
CA GLU C 373 5.59 -29.34 -11.14
C GLU C 373 4.68 -28.12 -11.09
N SER C 374 3.87 -28.00 -10.05
CA SER C 374 2.96 -26.85 -9.91
C SER C 374 2.42 -26.67 -8.47
N ALA C 375 1.90 -25.49 -8.17
CA ALA C 375 1.42 -25.16 -6.84
C ALA C 375 0.17 -24.30 -6.90
N HIS C 376 -0.74 -24.48 -5.96
CA HIS C 376 -2.03 -23.81 -6.01
C HIS C 376 -2.52 -23.44 -4.61
N ALA C 377 -2.72 -22.15 -4.34
CA ALA C 377 -3.31 -21.72 -3.07
C ALA C 377 -4.79 -22.02 -3.07
N VAL C 378 -5.27 -22.66 -2.00
CA VAL C 378 -6.64 -23.11 -1.91
C VAL C 378 -7.16 -22.95 -0.49
N ASN C 379 -8.49 -22.89 -0.35
CA ASN C 379 -9.14 -22.92 0.95
C ASN C 379 -8.59 -21.84 1.91
N GLU C 380 -8.42 -20.64 1.37
CA GLU C 380 -8.02 -19.46 2.13
C GLU C 380 -6.56 -19.49 2.53
N ASN C 381 -6.10 -20.56 3.16
CA ASN C 381 -4.79 -20.55 3.82
C ASN C 381 -3.99 -21.84 3.63
N GLN C 382 -4.30 -22.58 2.56
CA GLN C 382 -3.62 -23.82 2.25
C GLN C 382 -3.00 -23.83 0.85
N LEU C 383 -2.15 -24.82 0.61
CA LEU C 383 -1.42 -25.01 -0.65
C LEU C 383 -1.57 -26.43 -1.10
N ILE C 384 -1.81 -26.64 -2.38
CA ILE C 384 -1.73 -27.97 -2.96
C ILE C 384 -0.57 -28.04 -3.96
N LEU C 385 0.44 -28.80 -3.58
CA LEU C 385 1.60 -28.97 -4.40
C LEU C 385 1.46 -30.23 -5.24
N ARG C 386 1.86 -30.15 -6.50
CA ARG C 386 1.81 -31.30 -7.36
C ARG C 386 3.21 -31.70 -7.73
N TYR C 387 3.71 -32.77 -7.12
CA TYR C 387 5.06 -33.26 -7.36
C TYR C 387 5.07 -34.32 -8.42
N LEU C 388 6.15 -34.39 -9.19
CA LEU C 388 6.34 -35.47 -10.15
C LEU C 388 7.49 -36.31 -9.68
N SER C 389 7.20 -37.53 -9.24
CA SER C 389 8.19 -38.43 -8.59
C SER C 389 8.40 -39.72 -9.39
N ASP C 390 9.55 -39.83 -10.07
CA ASP C 390 9.77 -40.86 -11.08
C ASP C 390 8.57 -40.98 -12.02
N VAL C 391 8.24 -39.84 -12.64
CA VAL C 391 7.15 -39.74 -13.61
C VAL C 391 5.78 -40.22 -13.09
N LYS C 392 5.54 -40.05 -11.80
CA LYS C 392 4.27 -40.40 -11.23
C LYS C 392 3.92 -39.29 -10.21
N HIS C 393 2.70 -38.78 -10.29
CA HIS C 393 2.34 -37.57 -9.56
C HIS C 393 2.15 -37.85 -8.08
N VAL C 394 2.34 -36.82 -7.27
CA VAL C 394 2.10 -36.88 -5.83
C VAL C 394 1.52 -35.55 -5.39
N LEU C 395 0.41 -35.59 -4.69
CA LEU C 395 -0.21 -34.37 -4.22
C LEU C 395 0.09 -34.19 -2.77
N GLU C 396 0.50 -33.00 -2.39
CA GLU C 396 0.69 -32.66 -0.99
C GLU C 396 -0.25 -31.48 -0.65
N ILE C 397 -0.82 -31.48 0.55
CA ILE C 397 -1.52 -30.33 1.10
C ILE C 397 -0.69 -29.75 2.23
N ARG C 398 -0.37 -28.46 2.15
CA ARG C 398 0.50 -27.80 3.12
C ARG C 398 -0.12 -26.52 3.63
N ASP C 399 0.46 -25.98 4.69
CA ASP C 399 0.00 -24.70 5.22
C ASP C 399 0.63 -23.57 4.42
N LEU C 400 -0.18 -22.65 3.92
CA LEU C 400 0.34 -21.55 3.14
C LEU C 400 1.33 -20.71 3.92
N GLU C 401 0.97 -20.38 5.16
CA GLU C 401 1.79 -19.49 5.97
C GLU C 401 3.16 -20.08 6.27
N SER C 402 3.17 -21.26 6.88
CA SER C 402 4.41 -21.90 7.33
C SER C 402 5.05 -22.81 6.28
N GLY C 403 4.28 -23.25 5.29
CA GLY C 403 4.79 -24.20 4.30
C GLY C 403 4.88 -25.63 4.81
N ALA C 404 4.27 -25.89 5.95
CA ALA C 404 4.37 -27.17 6.64
C ALA C 404 3.47 -28.23 6.03
N LEU C 405 3.97 -29.46 5.94
CA LEU C 405 3.20 -30.57 5.36
C LEU C 405 2.04 -31.04 6.24
N GLN C 406 0.84 -31.11 5.65
CA GLN C 406 -0.38 -31.53 6.37
C GLN C 406 -0.95 -32.89 5.94
N HIS C 407 -0.96 -33.15 4.63
CA HIS C 407 -1.32 -34.46 4.09
C HIS C 407 -0.49 -34.77 2.83
N ARG C 408 -0.45 -36.05 2.43
CA ARG C 408 0.34 -36.49 1.26
C ARG C 408 -0.35 -37.67 0.56
N LEU C 409 -0.77 -37.46 -0.69
CA LEU C 409 -1.51 -38.47 -1.47
C LEU C 409 -0.76 -38.85 -2.75
N PRO C 410 0.00 -40.00 -2.74
CA PRO C 410 0.66 -40.50 -3.98
C PRO C 410 -0.39 -41.02 -4.95
N ILE C 411 -0.18 -40.78 -6.24
CA ILE C 411 -1.17 -41.14 -7.27
C ILE C 411 -0.70 -42.37 -8.05
N ASP C 412 -1.62 -43.20 -8.53
CA ASP C 412 -1.25 -44.37 -9.33
C ASP C 412 -0.63 -43.94 -10.64
N ILE C 413 -0.08 -44.90 -11.38
CA ILE C 413 0.48 -44.60 -12.70
C ILE C 413 -0.59 -43.85 -13.47
N GLY C 414 -0.17 -42.82 -14.19
CA GLY C 414 -1.07 -41.93 -14.89
C GLY C 414 -0.70 -40.50 -14.56
N SER C 415 -1.69 -39.62 -14.75
CA SER C 415 -1.48 -38.18 -14.68
C SER C 415 -2.64 -37.46 -14.02
N VAL C 416 -2.33 -36.61 -13.04
CA VAL C 416 -3.26 -35.62 -12.54
C VAL C 416 -2.97 -34.24 -13.12
N ASP C 417 -4.02 -33.45 -13.38
CA ASP C 417 -3.84 -32.05 -13.81
C ASP C 417 -5.15 -31.27 -13.82
N GLY C 418 -5.10 -30.04 -14.32
CA GLY C 418 -6.29 -29.24 -14.49
C GLY C 418 -6.86 -28.78 -13.17
N ILE C 419 -5.99 -28.52 -12.20
CA ILE C 419 -6.40 -28.00 -10.90
C ILE C 419 -6.65 -26.53 -11.12
N THR C 420 -7.91 -26.11 -11.11
CA THR C 420 -8.25 -24.72 -11.38
C THR C 420 -8.92 -24.02 -10.19
N ALA C 421 -9.01 -24.70 -9.05
CA ALA C 421 -9.52 -24.06 -7.85
C ALA C 421 -8.73 -22.76 -7.55
N ARG C 422 -9.39 -21.75 -6.98
CA ARG C 422 -8.71 -20.53 -6.59
C ARG C 422 -8.66 -20.48 -5.08
N ARG C 423 -7.95 -19.50 -4.55
CA ARG C 423 -7.72 -19.43 -3.11
C ARG C 423 -8.95 -19.26 -2.23
N ARG C 424 -9.99 -18.62 -2.77
CA ARG C 424 -11.26 -18.46 -2.05
C ARG C 424 -12.12 -19.75 -2.03
N ASP C 425 -11.84 -20.71 -2.93
CA ASP C 425 -12.58 -22.00 -3.03
C ASP C 425 -12.17 -23.01 -1.95
N SER C 426 -13.11 -23.74 -1.39
CA SER C 426 -12.81 -24.79 -0.39
C SER C 426 -12.86 -26.22 -0.97
N VAL C 427 -13.42 -26.34 -2.16
CA VAL C 427 -13.52 -27.60 -2.87
C VAL C 427 -12.60 -27.54 -4.08
N VAL C 428 -11.66 -28.47 -4.13
CA VAL C 428 -10.76 -28.60 -5.25
C VAL C 428 -11.16 -29.71 -6.18
N PHE C 429 -11.06 -29.45 -7.47
CA PHE C 429 -11.31 -30.47 -8.49
C PHE C 429 -10.11 -30.63 -9.37
N PHE C 430 -9.86 -31.85 -9.79
CA PHE C 430 -8.78 -32.13 -10.73
C PHE C 430 -9.05 -33.40 -11.54
N LYS C 431 -8.33 -33.57 -12.63
CA LYS C 431 -8.57 -34.68 -13.54
C LYS C 431 -7.47 -35.71 -13.53
N PHE C 432 -7.85 -36.97 -13.34
CA PHE C 432 -6.93 -38.07 -13.38
C PHE C 432 -7.18 -38.87 -14.63
N THR C 433 -6.12 -39.28 -15.29
CA THR C 433 -6.21 -40.09 -16.47
C THR C 433 -5.05 -41.04 -16.55
N SER C 434 -5.20 -42.09 -17.35
CA SER C 434 -4.16 -43.10 -17.47
C SER C 434 -4.38 -43.97 -18.69
N ILE C 435 -3.41 -44.84 -19.01
CA ILE C 435 -3.51 -45.72 -20.18
C ILE C 435 -4.80 -46.51 -20.14
N LEU C 436 -5.12 -47.07 -18.97
CA LEU C 436 -6.34 -47.85 -18.78
C LEU C 436 -7.43 -47.14 -17.97
N THR C 437 -7.21 -45.88 -17.60
CA THR C 437 -8.25 -45.07 -16.95
C THR C 437 -8.59 -43.83 -17.80
N PRO C 438 -9.75 -43.86 -18.48
CA PRO C 438 -10.11 -42.83 -19.49
C PRO C 438 -10.22 -41.41 -18.96
N GLY C 439 -10.82 -41.25 -17.79
CA GLY C 439 -10.98 -39.93 -17.19
C GLY C 439 -11.88 -39.96 -15.99
N ILE C 440 -11.38 -39.42 -14.89
CA ILE C 440 -12.13 -39.27 -13.66
C ILE C 440 -11.88 -37.83 -13.22
N VAL C 441 -12.94 -37.10 -12.88
CA VAL C 441 -12.78 -35.83 -12.17
C VAL C 441 -12.97 -36.12 -10.70
N TYR C 442 -11.91 -35.96 -9.92
CA TYR C 442 -11.97 -36.10 -8.48
C TYR C 442 -12.30 -34.78 -7.86
N GLN C 443 -12.81 -34.85 -6.65
CA GLN C 443 -13.04 -33.66 -5.86
C GLN C 443 -12.57 -33.91 -4.47
N CYS C 444 -12.09 -32.84 -3.85
CA CYS C 444 -11.68 -32.88 -2.49
C CYS C 444 -12.25 -31.66 -1.81
N ASP C 445 -13.10 -31.86 -0.81
CA ASP C 445 -13.63 -30.76 0.00
C ASP C 445 -12.71 -30.61 1.19
N LEU C 446 -11.80 -29.64 1.10
CA LEU C 446 -10.75 -29.46 2.11
C LEU C 446 -11.31 -28.99 3.42
N LYS C 447 -12.50 -28.40 3.38
CA LYS C 447 -13.11 -27.87 4.59
C LYS C 447 -13.62 -29.02 5.44
N ASN C 448 -14.56 -29.79 4.89
CA ASN C 448 -15.30 -30.78 5.65
C ASN C 448 -14.82 -32.22 5.52
N ASP C 449 -13.89 -32.50 4.61
CA ASP C 449 -13.35 -33.87 4.48
C ASP C 449 -11.98 -33.93 3.76
N PRO C 450 -10.97 -33.28 4.34
CA PRO C 450 -9.64 -33.10 3.70
C PRO C 450 -8.87 -34.37 3.29
N THR C 451 -9.12 -35.49 3.95
CA THR C 451 -8.39 -36.73 3.72
C THR C 451 -8.78 -37.45 2.42
N GLN C 452 -10.10 -37.49 2.19
CA GLN C 452 -10.75 -38.31 1.19
C GLN C 452 -10.90 -37.58 -0.14
N LEU C 453 -10.42 -38.23 -1.20
CA LEU C 453 -10.71 -37.84 -2.58
C LEU C 453 -11.95 -38.58 -2.99
N LYS C 454 -13.03 -37.89 -3.31
CA LYS C 454 -14.23 -38.53 -3.79
C LYS C 454 -14.34 -38.40 -5.33
N ILE C 455 -14.95 -39.40 -5.99
CA ILE C 455 -15.21 -39.36 -7.45
C ILE C 455 -16.42 -38.48 -7.68
N PHE C 456 -16.27 -37.56 -8.60
CA PHE C 456 -17.32 -36.61 -8.91
C PHE C 456 -17.94 -36.94 -10.29
N ARG C 457 -17.11 -37.16 -11.31
CA ARG C 457 -17.53 -37.67 -12.61
C ARG C 457 -16.54 -38.76 -13.01
N GLU C 458 -17.02 -39.76 -13.74
CA GLU C 458 -16.19 -40.91 -14.14
C GLU C 458 -16.56 -41.43 -15.53
N SER C 459 -15.63 -41.31 -16.46
CA SER C 459 -15.82 -41.80 -17.82
C SER C 459 -15.75 -43.32 -17.84
N VAL C 460 -16.55 -43.93 -18.70
CA VAL C 460 -16.48 -45.38 -18.94
C VAL C 460 -16.40 -45.68 -20.44
N VAL C 461 -15.42 -46.49 -20.81
CA VAL C 461 -15.22 -46.88 -22.20
C VAL C 461 -16.10 -48.06 -22.46
N PRO C 462 -16.95 -47.98 -23.48
CA PRO C 462 -17.89 -49.06 -23.72
C PRO C 462 -17.19 -50.33 -24.18
N ASP C 463 -17.58 -51.46 -23.58
CA ASP C 463 -17.10 -52.78 -23.98
C ASP C 463 -15.58 -52.86 -23.89
N PHE C 464 -15.06 -52.48 -22.72
CA PHE C 464 -13.63 -52.57 -22.44
C PHE C 464 -13.39 -52.98 -20.99
N ASP C 465 -12.68 -54.08 -20.83
CA ASP C 465 -12.36 -54.65 -19.53
C ASP C 465 -10.92 -54.34 -19.22
N ARG C 466 -10.69 -53.37 -18.33
CA ARG C 466 -9.33 -52.92 -18.03
C ARG C 466 -8.53 -53.97 -17.35
N SER C 467 -9.17 -54.95 -16.73
CA SER C 467 -8.46 -55.97 -15.97
C SER C 467 -7.69 -56.98 -16.82
N GLU C 468 -8.00 -57.06 -18.13
CA GLU C 468 -7.21 -57.86 -19.09
C GLU C 468 -5.81 -57.33 -19.34
N PHE C 469 -5.59 -56.05 -19.05
CA PHE C 469 -4.34 -55.37 -19.36
C PHE C 469 -3.65 -54.87 -18.11
N GLU C 470 -2.33 -54.65 -18.20
CA GLU C 470 -1.55 -54.09 -17.10
C GLU C 470 -0.52 -53.10 -17.62
N VAL C 471 -0.01 -52.27 -16.71
CA VAL C 471 0.98 -51.24 -17.00
C VAL C 471 2.11 -51.28 -15.96
N LYS C 472 3.34 -51.48 -16.43
CA LYS C 472 4.50 -51.45 -15.56
C LYS C 472 5.30 -50.21 -15.87
N GLN C 473 6.11 -49.77 -14.91
CA GLN C 473 7.19 -48.85 -15.16
C GLN C 473 8.47 -49.57 -14.87
N VAL C 474 9.37 -49.58 -15.84
CA VAL C 474 10.72 -50.13 -15.63
C VAL C 474 11.73 -49.08 -16.02
N PHE C 475 12.96 -49.25 -15.56
CA PHE C 475 14.04 -48.32 -15.88
C PHE C 475 15.13 -49.02 -16.68
N VAL C 476 15.58 -48.40 -17.76
CA VAL C 476 16.50 -49.07 -18.66
C VAL C 476 17.76 -48.23 -18.77
N PRO C 477 18.91 -48.86 -19.05
CA PRO C 477 20.15 -48.11 -19.20
C PRO C 477 20.34 -47.55 -20.61
N SER C 478 20.76 -46.30 -20.69
CA SER C 478 21.13 -45.66 -21.96
C SER C 478 22.62 -45.80 -22.20
N LYS C 479 23.09 -45.44 -23.41
CA LYS C 479 24.50 -45.58 -23.81
C LYS C 479 25.45 -45.04 -22.76
N ASP C 480 25.15 -43.88 -22.21
CA ASP C 480 26.04 -43.27 -21.21
C ASP C 480 25.71 -43.70 -19.77
N GLY C 481 24.96 -44.78 -19.61
CA GLY C 481 24.66 -45.35 -18.29
C GLY C 481 23.41 -44.87 -17.63
N THR C 482 22.96 -43.67 -18.02
CA THR C 482 21.86 -42.98 -17.34
C THR C 482 20.66 -43.86 -17.44
N LYS C 483 19.92 -44.00 -16.34
CA LYS C 483 18.72 -44.82 -16.37
C LYS C 483 17.56 -43.99 -16.91
N ILE C 484 16.70 -44.62 -17.68
CA ILE C 484 15.63 -43.92 -18.38
C ILE C 484 14.33 -44.59 -18.02
N PRO C 485 13.39 -43.85 -17.42
CA PRO C 485 12.08 -44.45 -17.09
C PRO C 485 11.24 -44.71 -18.34
N ILE C 486 10.62 -45.89 -18.42
CA ILE C 486 9.70 -46.19 -19.51
C ILE C 486 8.46 -46.91 -18.98
N PHE C 487 7.30 -46.61 -19.54
CA PHE C 487 6.10 -47.32 -19.21
C PHE C 487 5.88 -48.39 -20.25
N ILE C 488 5.36 -49.53 -19.82
CA ILE C 488 5.04 -50.64 -20.74
C ILE C 488 3.66 -51.21 -20.46
N ALA C 489 2.76 -51.06 -21.43
CA ALA C 489 1.39 -51.54 -21.35
C ALA C 489 1.19 -52.69 -22.32
N ALA C 490 0.61 -53.79 -21.82
CA ALA C 490 0.32 -54.96 -22.66
C ALA C 490 -0.72 -55.81 -21.97
N ARG C 491 -1.24 -56.82 -22.67
CA ARG C 491 -2.16 -57.82 -22.09
C ARG C 491 -1.51 -58.51 -20.92
N LYS C 492 -2.33 -59.02 -20.00
CA LYS C 492 -1.79 -59.67 -18.83
C LYS C 492 -1.21 -61.02 -19.20
N GLY C 493 -0.11 -61.37 -18.54
CA GLY C 493 0.62 -62.61 -18.79
C GLY C 493 0.81 -62.96 -20.26
N ILE C 494 1.51 -62.14 -21.02
CA ILE C 494 1.92 -62.52 -22.38
C ILE C 494 3.22 -63.26 -22.27
N SER C 495 3.60 -63.97 -23.32
CA SER C 495 4.95 -64.54 -23.43
C SER C 495 6.01 -63.53 -23.90
N LEU C 496 7.11 -63.38 -23.16
CA LEU C 496 8.20 -62.55 -23.65
C LEU C 496 9.05 -63.34 -24.62
N ASP C 497 8.43 -63.72 -25.72
CA ASP C 497 9.04 -64.58 -26.74
C ASP C 497 9.44 -63.86 -28.03
N GLY C 498 9.45 -62.54 -28.02
CA GLY C 498 9.94 -61.75 -29.15
C GLY C 498 8.91 -61.50 -30.25
N SER C 499 7.73 -62.09 -30.14
CA SER C 499 6.75 -62.07 -31.23
C SER C 499 6.05 -60.71 -31.43
N HIS C 500 5.69 -60.07 -30.32
CA HIS C 500 4.64 -59.02 -30.30
C HIS C 500 4.99 -57.75 -31.06
N PRO C 501 4.01 -57.19 -31.80
CA PRO C 501 4.25 -55.90 -32.40
C PRO C 501 4.30 -54.83 -31.32
N CYS C 502 5.13 -53.82 -31.52
CA CYS C 502 5.43 -52.90 -30.45
C CYS C 502 5.50 -51.47 -30.91
N GLU C 503 4.67 -50.62 -30.31
CA GLU C 503 4.68 -49.22 -30.63
C GLU C 503 5.38 -48.49 -29.52
N MET C 504 6.25 -47.57 -29.88
CA MET C 504 7.00 -46.80 -28.89
C MET C 504 6.86 -45.32 -29.17
N HIS C 505 6.56 -44.54 -28.13
CA HIS C 505 6.27 -43.11 -28.28
C HIS C 505 7.21 -42.30 -27.39
N GLY C 506 7.65 -41.15 -27.86
CA GLY C 506 8.53 -40.25 -27.10
C GLY C 506 8.49 -38.83 -27.60
N TYR C 507 9.19 -37.93 -26.90
CA TYR C 507 9.27 -36.53 -27.33
C TYR C 507 10.70 -35.99 -27.16
N GLY C 508 11.07 -35.60 -25.95
CA GLY C 508 12.49 -35.37 -25.65
C GLY C 508 12.98 -33.97 -25.90
N GLY C 509 12.31 -32.98 -25.29
CA GLY C 509 12.77 -31.61 -25.35
C GLY C 509 11.84 -30.62 -24.70
N PHE C 510 12.29 -29.38 -24.61
CA PHE C 510 11.45 -28.21 -24.30
C PHE C 510 10.78 -28.28 -22.93
N GLY C 511 11.43 -29.02 -22.03
CA GLY C 511 10.92 -29.21 -20.68
C GLY C 511 9.61 -29.97 -20.59
N ILE C 512 9.10 -30.50 -21.69
CA ILE C 512 7.78 -31.15 -21.71
C ILE C 512 7.85 -32.51 -21.07
N ASN C 513 6.94 -32.73 -20.11
CA ASN C 513 6.77 -34.01 -19.42
C ASN C 513 5.83 -34.97 -20.15
N MET C 514 6.27 -36.17 -20.49
CA MET C 514 5.39 -37.15 -21.08
C MET C 514 4.77 -37.99 -20.00
N MET C 515 3.50 -37.74 -19.71
CA MET C 515 2.73 -38.58 -18.80
C MET C 515 2.04 -39.71 -19.57
N PRO C 516 1.73 -40.83 -18.91
CA PRO C 516 1.01 -41.87 -19.63
C PRO C 516 -0.51 -41.71 -19.53
N THR C 517 -1.07 -40.83 -20.36
CA THR C 517 -2.52 -40.50 -20.32
C THR C 517 -3.35 -41.50 -21.11
N PHE C 518 -4.65 -41.27 -21.20
CA PHE C 518 -5.52 -42.19 -21.93
C PHE C 518 -5.56 -41.88 -23.40
N SER C 519 -5.28 -42.88 -24.20
CA SER C 519 -5.62 -42.87 -25.62
C SER C 519 -6.50 -44.08 -25.91
N ALA C 520 -7.54 -43.81 -26.67
CA ALA C 520 -8.47 -44.84 -27.07
C ALA C 520 -7.92 -45.72 -28.16
N SER C 521 -7.28 -45.12 -29.16
CA SER C 521 -6.65 -45.90 -30.23
C SER C 521 -5.51 -46.79 -29.72
N ARG C 522 -4.86 -46.38 -28.63
CA ARG C 522 -3.89 -47.24 -27.98
C ARG C 522 -4.52 -48.54 -27.52
N ILE C 523 -5.71 -48.48 -26.94
CA ILE C 523 -6.42 -49.68 -26.47
C ILE C 523 -6.66 -50.63 -27.63
N VAL C 524 -7.01 -50.07 -28.80
CA VAL C 524 -7.33 -50.88 -29.96
C VAL C 524 -6.06 -51.65 -30.36
N PHE C 525 -4.98 -50.91 -30.45
CA PHE C 525 -3.70 -51.49 -30.73
C PHE C 525 -3.44 -52.62 -29.77
N LEU C 526 -3.54 -52.33 -28.48
CA LEU C 526 -3.31 -53.33 -27.44
C LEU C 526 -4.20 -54.56 -27.56
N LYS C 527 -5.51 -54.36 -27.70
CA LYS C 527 -6.50 -55.46 -27.66
C LYS C 527 -6.58 -56.24 -28.97
N HIS C 528 -6.74 -55.50 -30.07
CA HIS C 528 -7.08 -56.09 -31.35
C HIS C 528 -5.86 -56.32 -32.26
N LEU C 529 -4.70 -55.85 -31.83
CA LEU C 529 -3.48 -56.15 -32.56
C LEU C 529 -2.46 -56.85 -31.66
N GLY C 530 -2.92 -57.40 -30.52
CA GLY C 530 -2.05 -58.11 -29.57
C GLY C 530 -0.76 -57.37 -29.24
N GLY C 531 -0.88 -56.05 -29.14
CA GLY C 531 0.26 -55.14 -29.16
C GLY C 531 0.84 -54.86 -27.79
N VAL C 532 2.04 -54.28 -27.81
CA VAL C 532 2.73 -53.82 -26.61
C VAL C 532 3.10 -52.38 -26.81
N PHE C 533 2.71 -51.54 -25.87
CA PHE C 533 2.96 -50.14 -26.02
C PHE C 533 3.95 -49.66 -24.99
N CYS C 534 4.75 -48.69 -25.40
CA CYS C 534 5.77 -48.14 -24.53
C CYS C 534 5.89 -46.62 -24.68
N LEU C 535 5.93 -45.91 -23.56
CA LEU C 535 6.15 -44.49 -23.54
C LEU C 535 7.48 -44.26 -22.87
N ALA C 536 8.37 -43.54 -23.53
CA ALA C 536 9.74 -43.35 -23.04
C ALA C 536 9.99 -41.90 -22.56
N ASN C 537 10.40 -41.80 -21.30
CA ASN C 537 10.64 -40.53 -20.65
C ASN C 537 12.08 -40.22 -20.81
N ILE C 538 12.43 -39.90 -22.03
CA ILE C 538 13.82 -39.61 -22.36
C ILE C 538 14.15 -38.16 -21.98
N ARG C 539 15.45 -37.88 -22.00
CA ARG C 539 15.97 -36.59 -21.61
C ARG C 539 15.55 -35.57 -22.63
N GLY C 540 15.71 -34.31 -22.25
CA GLY C 540 15.13 -33.19 -23.00
C GLY C 540 13.81 -32.80 -22.38
N GLY C 541 13.10 -33.77 -21.84
CA GLY C 541 11.89 -33.48 -21.10
C GLY C 541 12.24 -32.76 -19.79
N GLY C 542 11.23 -32.53 -18.97
CA GLY C 542 11.41 -31.92 -17.65
C GLY C 542 11.13 -32.87 -16.50
N GLU C 543 11.00 -34.17 -16.81
CA GLU C 543 10.50 -35.19 -15.86
C GLU C 543 11.27 -35.17 -14.52
N TYR C 544 12.57 -34.95 -14.62
CA TYR C 544 13.47 -34.93 -13.47
C TYR C 544 14.14 -33.58 -13.34
N GLY C 545 13.40 -32.51 -13.58
CA GLY C 545 13.97 -31.19 -13.38
C GLY C 545 14.81 -30.70 -14.53
N GLU C 546 15.42 -29.55 -14.32
CA GLU C 546 16.00 -28.78 -15.41
C GLU C 546 17.33 -29.38 -15.92
N GLU C 547 18.01 -30.17 -15.08
CA GLU C 547 19.22 -30.88 -15.50
C GLU C 547 18.88 -32.03 -16.46
N TRP C 548 17.64 -32.53 -16.39
CA TRP C 548 17.17 -33.60 -17.23
C TRP C 548 16.83 -32.99 -18.58
N HIS C 549 16.30 -31.77 -18.55
CA HIS C 549 16.08 -31.00 -19.77
C HIS C 549 17.41 -30.71 -20.48
N LYS C 550 18.34 -30.07 -19.76
CA LYS C 550 19.60 -29.64 -20.35
C LYS C 550 20.50 -30.81 -20.80
N ALA C 551 20.29 -31.99 -20.21
CA ALA C 551 21.02 -33.20 -20.61
C ALA C 551 20.59 -33.77 -21.94
N GLY C 552 19.51 -33.24 -22.50
CA GLY C 552 19.06 -33.59 -23.84
C GLY C 552 18.75 -32.37 -24.67
N PHE C 553 19.57 -31.33 -24.58
CA PHE C 553 19.36 -30.14 -25.42
C PHE C 553 20.67 -29.53 -25.90
N ARG C 554 20.57 -28.62 -26.86
CA ARG C 554 21.71 -27.97 -27.48
C ARG C 554 22.78 -28.99 -27.90
N ASP C 555 23.98 -28.94 -27.27
CA ASP C 555 25.09 -29.83 -27.58
C ASP C 555 24.84 -31.27 -27.20
N LYS C 556 23.92 -31.51 -26.29
CA LYS C 556 23.58 -32.86 -25.84
C LYS C 556 22.25 -33.38 -26.43
N LYS C 557 21.84 -32.80 -27.56
CA LYS C 557 20.62 -33.26 -28.20
C LYS C 557 20.75 -34.75 -28.55
N GLN C 558 21.94 -35.19 -28.92
CA GLN C 558 22.14 -36.57 -29.26
C GLN C 558 21.73 -37.55 -28.15
N ASN C 559 21.84 -37.15 -26.89
CA ASN C 559 21.49 -38.07 -25.80
C ASN C 559 20.05 -38.53 -25.85
N VAL C 560 19.21 -37.63 -26.32
CA VAL C 560 17.79 -37.88 -26.49
C VAL C 560 17.55 -39.08 -27.40
N PHE C 561 18.26 -39.10 -28.51
CA PHE C 561 18.11 -40.17 -29.50
C PHE C 561 18.70 -41.46 -29.00
N ASP C 562 19.81 -41.37 -28.26
CA ASP C 562 20.47 -42.56 -27.71
C ASP C 562 19.59 -43.18 -26.65
N ASP C 563 18.94 -42.34 -25.85
CA ASP C 563 17.99 -42.80 -24.84
C ASP C 563 16.83 -43.59 -25.44
N PHE C 564 16.28 -43.09 -26.54
CA PHE C 564 15.18 -43.74 -27.26
C PHE C 564 15.66 -45.06 -27.87
N ILE C 565 16.78 -45.02 -28.58
CA ILE C 565 17.32 -46.19 -29.21
C ILE C 565 17.51 -47.24 -28.14
N SER C 566 18.00 -46.82 -26.98
CA SER C 566 18.24 -47.72 -25.85
C SER C 566 17.00 -48.38 -25.29
N ALA C 567 15.91 -47.63 -25.22
CA ALA C 567 14.66 -48.20 -24.78
C ALA C 567 14.25 -49.30 -25.74
N ALA C 568 14.39 -49.08 -27.04
CA ALA C 568 13.98 -50.07 -28.05
C ALA C 568 14.82 -51.32 -27.94
N GLU C 569 16.11 -51.13 -27.69
CA GLU C 569 17.02 -52.25 -27.50
C GLU C 569 16.62 -53.06 -26.26
N TYR C 570 16.19 -52.38 -25.20
CA TYR C 570 15.68 -53.08 -24.02
C TYR C 570 14.46 -53.92 -24.38
N LEU C 571 13.52 -53.35 -25.10
CA LEU C 571 12.30 -54.08 -25.48
C LEU C 571 12.61 -55.34 -26.29
N ILE C 572 13.60 -55.25 -27.17
CA ILE C 572 14.03 -56.41 -27.94
C ILE C 572 14.63 -57.49 -27.09
N SER C 573 15.56 -57.08 -26.24
CA SER C 573 16.33 -58.01 -25.45
C SER C 573 15.47 -58.64 -24.32
N SER C 574 14.61 -57.85 -23.68
CA SER C 574 13.75 -58.40 -22.61
C SER C 574 12.73 -59.38 -23.14
N GLY C 575 12.51 -59.36 -24.47
CA GLY C 575 11.67 -60.34 -25.15
C GLY C 575 10.28 -59.87 -25.51
N TYR C 576 10.03 -58.57 -25.42
CA TYR C 576 8.71 -58.04 -25.77
C TYR C 576 8.45 -58.10 -27.25
N THR C 577 9.48 -57.83 -28.04
CA THR C 577 9.31 -57.66 -29.47
C THR C 577 10.61 -58.01 -30.16
N LYS C 578 10.73 -57.72 -31.44
CA LYS C 578 11.99 -57.95 -32.15
C LYS C 578 12.25 -56.89 -33.19
N ALA C 579 13.44 -56.91 -33.77
CA ALA C 579 13.98 -55.72 -34.44
C ALA C 579 13.03 -55.02 -35.40
N ARG C 580 12.50 -55.73 -36.36
CA ARG C 580 11.65 -55.10 -37.36
C ARG C 580 10.16 -55.28 -37.06
N ARG C 581 9.84 -55.43 -35.77
CA ARG C 581 8.47 -55.46 -35.30
C ARG C 581 8.22 -54.32 -34.33
N VAL C 582 9.12 -53.33 -34.34
CA VAL C 582 9.03 -52.16 -33.47
C VAL C 582 8.59 -50.95 -34.28
N ALA C 583 7.53 -50.29 -33.84
CA ALA C 583 7.10 -49.04 -34.46
C ALA C 583 7.43 -47.87 -33.54
N ILE C 584 7.84 -46.75 -34.11
CA ILE C 584 8.02 -45.54 -33.35
C ILE C 584 7.13 -44.42 -33.85
N GLU C 585 6.63 -43.61 -32.93
CA GLU C 585 5.75 -42.49 -33.25
C GLU C 585 6.20 -41.30 -32.45
N GLY C 586 6.10 -40.11 -33.02
CA GLY C 586 6.36 -38.87 -32.29
C GLY C 586 5.93 -37.65 -33.10
N GLY C 587 5.58 -36.56 -32.43
CA GLY C 587 5.10 -35.36 -33.13
C GLY C 587 5.89 -34.13 -32.75
N SER C 588 6.03 -33.22 -33.70
CA SER C 588 6.80 -31.99 -33.49
C SER C 588 8.29 -32.29 -33.16
N ASN C 589 8.76 -31.95 -31.97
CA ASN C 589 10.12 -32.32 -31.55
C ASN C 589 10.28 -33.83 -31.41
N GLY C 590 9.14 -34.52 -31.32
CA GLY C 590 9.09 -35.97 -31.32
C GLY C 590 9.15 -36.53 -32.72
N GLY C 591 8.83 -35.71 -33.71
CA GLY C 591 8.93 -36.11 -35.12
C GLY C 591 10.37 -36.11 -35.56
N LEU C 592 11.06 -35.07 -35.16
CA LEU C 592 12.53 -34.99 -35.25
C LEU C 592 13.20 -36.20 -34.61
N LEU C 593 12.69 -36.57 -33.44
CA LEU C 593 13.13 -37.79 -32.72
C LEU C 593 12.99 -39.04 -33.59
N VAL C 594 11.79 -39.27 -34.15
CA VAL C 594 11.53 -40.41 -35.04
C VAL C 594 12.46 -40.40 -36.26
N ALA C 595 12.67 -39.21 -36.82
CA ALA C 595 13.36 -39.07 -38.11
C ALA C 595 14.87 -39.24 -37.99
N ALA C 596 15.42 -38.80 -36.86
CA ALA C 596 16.85 -38.94 -36.58
C ALA C 596 17.15 -40.35 -36.16
N CYS C 597 16.18 -41.02 -35.55
CA CYS C 597 16.39 -42.40 -35.10
C CYS C 597 16.36 -43.39 -36.24
N ILE C 598 15.57 -43.13 -37.27
CA ILE C 598 15.55 -44.02 -38.42
C ILE C 598 16.76 -43.78 -39.34
N ASN C 599 17.30 -42.56 -39.34
CA ASN C 599 18.57 -42.30 -40.01
C ASN C 599 19.73 -43.07 -39.37
N GLN C 600 19.74 -43.10 -38.05
CA GLN C 600 20.83 -43.63 -37.28
C GLN C 600 20.74 -45.14 -37.01
N ARG C 601 19.54 -45.68 -36.87
CA ARG C 601 19.37 -47.11 -36.57
C ARG C 601 18.16 -47.68 -37.31
N PRO C 602 18.15 -47.53 -38.65
CA PRO C 602 17.06 -48.08 -39.45
C PRO C 602 16.84 -49.57 -39.24
N ASP C 603 17.92 -50.31 -38.96
CA ASP C 603 17.81 -51.73 -38.68
C ASP C 603 16.87 -52.14 -37.52
N LEU C 604 16.69 -51.23 -36.55
CA LEU C 604 15.95 -51.51 -35.31
C LEU C 604 14.45 -51.45 -35.44
N PHE C 605 13.95 -50.86 -36.52
CA PHE C 605 12.53 -50.49 -36.60
C PHE C 605 11.85 -51.09 -37.84
N GLY C 606 10.57 -51.41 -37.72
CA GLY C 606 9.79 -51.90 -38.86
C GLY C 606 8.91 -50.83 -39.48
N CYS C 607 8.60 -49.80 -38.70
CA CYS C 607 7.65 -48.75 -39.10
C CYS C 607 7.95 -47.51 -38.29
N ALA C 608 7.75 -46.36 -38.92
CA ALA C 608 8.05 -45.09 -38.26
C ALA C 608 7.02 -44.04 -38.70
N GLU C 609 6.51 -43.26 -37.75
CA GLU C 609 5.49 -42.27 -38.04
C GLU C 609 5.79 -40.91 -37.40
N ALA C 610 6.21 -39.95 -38.23
CA ALA C 610 6.68 -38.64 -37.75
C ALA C 610 5.64 -37.61 -38.09
N ASN C 611 5.05 -37.03 -37.06
CA ASN C 611 4.01 -36.05 -37.24
C ASN C 611 4.56 -34.63 -37.16
N CYS C 612 4.21 -33.79 -38.15
CA CYS C 612 4.59 -32.36 -38.21
C CYS C 612 5.92 -32.10 -37.53
N GLY C 613 6.92 -32.85 -37.94
CA GLY C 613 8.22 -32.79 -37.27
C GLY C 613 9.15 -31.74 -37.85
N VAL C 614 10.20 -31.43 -37.09
CA VAL C 614 11.21 -30.43 -37.44
C VAL C 614 12.37 -31.18 -38.06
N MET C 615 12.47 -31.17 -39.39
CA MET C 615 13.52 -31.85 -40.12
C MET C 615 14.24 -30.56 -40.57
N ASP C 616 15.25 -30.57 -41.42
CA ASP C 616 16.02 -29.34 -41.65
C ASP C 616 16.32 -28.48 -40.38
N MET C 617 17.29 -28.95 -39.61
CA MET C 617 17.73 -28.26 -38.39
C MET C 617 18.70 -27.13 -38.69
N LEU C 618 19.12 -27.01 -39.96
CA LEU C 618 19.93 -25.88 -40.40
C LEU C 618 19.11 -24.62 -40.63
N ARG C 619 17.87 -24.76 -41.12
CA ARG C 619 17.02 -23.62 -41.55
C ARG C 619 15.69 -23.44 -40.78
N PHE C 620 15.45 -24.23 -39.75
CA PHE C 620 14.18 -24.16 -38.99
C PHE C 620 13.93 -22.78 -38.39
N HIS C 621 15.03 -22.09 -38.07
CA HIS C 621 14.99 -20.83 -37.34
C HIS C 621 14.53 -19.68 -38.20
N LYS C 622 14.57 -19.90 -39.51
CA LYS C 622 14.17 -18.89 -40.48
C LYS C 622 12.64 -18.76 -40.71
N PHE C 623 11.85 -19.76 -40.32
CA PHE C 623 10.40 -19.74 -40.63
C PHE C 623 9.49 -19.52 -39.42
N THR C 624 8.27 -19.04 -39.70
CA THR C 624 7.24 -18.75 -38.70
C THR C 624 7.64 -19.15 -37.29
N LEU C 625 8.20 -18.31 -36.44
CA LEU C 625 8.32 -18.65 -35.00
C LEU C 625 9.26 -19.83 -34.59
N GLY C 626 9.92 -20.49 -35.54
CA GLY C 626 11.01 -21.41 -35.24
C GLY C 626 12.18 -20.72 -34.57
N TYR C 627 12.26 -19.40 -34.70
CA TYR C 627 13.30 -18.63 -34.01
C TYR C 627 13.23 -18.77 -32.48
N LEU C 628 12.10 -19.26 -31.94
CA LEU C 628 11.95 -19.40 -30.48
C LEU C 628 12.51 -20.70 -29.91
N TRP C 629 12.94 -21.58 -30.81
CA TRP C 629 13.42 -22.91 -30.43
C TRP C 629 14.95 -23.00 -30.38
N THR C 630 15.65 -21.90 -30.65
CA THR C 630 17.13 -21.90 -30.64
C THR C 630 17.68 -22.11 -29.23
N GLY C 631 16.86 -21.80 -28.23
CA GLY C 631 17.18 -22.11 -26.85
C GLY C 631 17.46 -23.58 -26.69
N ASP C 632 16.54 -24.41 -27.21
CA ASP C 632 16.68 -25.84 -27.13
C ASP C 632 17.65 -26.45 -28.16
N TYR C 633 17.53 -26.07 -29.42
CA TYR C 633 18.32 -26.71 -30.52
C TYR C 633 19.70 -26.15 -30.88
N GLY C 634 19.77 -24.83 -30.90
CA GLY C 634 20.91 -24.11 -31.41
C GLY C 634 20.49 -23.32 -32.63
N CYS C 635 21.45 -22.63 -33.24
CA CYS C 635 21.23 -21.91 -34.48
C CYS C 635 22.37 -22.24 -35.38
N SER C 636 22.13 -22.47 -36.66
CA SER C 636 23.21 -22.78 -37.60
C SER C 636 24.05 -21.55 -38.00
N ASP C 637 23.63 -20.35 -37.59
CA ASP C 637 24.39 -19.09 -37.72
C ASP C 637 25.67 -19.03 -36.89
N LYS C 638 25.85 -19.96 -35.94
CA LYS C 638 27.05 -20.04 -35.11
C LYS C 638 27.77 -21.37 -35.34
N GLU C 639 29.03 -21.31 -35.75
CA GLU C 639 29.79 -22.49 -36.15
C GLU C 639 29.77 -23.62 -35.11
N GLU C 640 30.05 -23.29 -33.84
CA GLU C 640 30.00 -24.26 -32.75
C GLU C 640 28.67 -25.03 -32.70
N GLU C 641 27.59 -24.29 -32.86
CA GLU C 641 26.27 -24.84 -32.79
C GLU C 641 25.87 -25.50 -34.10
N PHE C 642 26.38 -25.01 -35.23
CA PHE C 642 26.17 -25.67 -36.53
C PHE C 642 26.68 -27.10 -36.48
N LYS C 643 27.79 -27.30 -35.77
CA LYS C 643 28.45 -28.61 -35.71
C LYS C 643 27.65 -29.65 -34.91
N TRP C 644 26.83 -29.20 -33.94
CA TRP C 644 25.85 -30.09 -33.28
C TRP C 644 24.85 -30.56 -34.30
N LEU C 645 24.24 -29.58 -34.97
CA LEU C 645 23.05 -29.77 -35.75
C LEU C 645 23.29 -30.67 -36.96
N ILE C 646 24.33 -30.37 -37.71
CA ILE C 646 24.63 -31.08 -38.96
C ILE C 646 24.77 -32.59 -38.78
N LYS C 647 25.09 -33.01 -37.55
CA LYS C 647 25.17 -34.44 -37.25
C LYS C 647 23.82 -35.17 -37.21
N TYR C 648 22.80 -34.56 -36.61
CA TYR C 648 21.48 -35.21 -36.53
C TYR C 648 20.39 -34.67 -37.47
N SER C 649 20.64 -33.52 -38.09
CA SER C 649 19.62 -32.89 -38.94
C SER C 649 19.04 -33.90 -39.93
N PRO C 650 17.77 -34.28 -39.72
CA PRO C 650 17.23 -35.41 -40.47
C PRO C 650 17.41 -35.40 -41.99
N ILE C 651 17.24 -34.26 -42.67
CA ILE C 651 17.37 -34.22 -44.14
C ILE C 651 18.83 -34.29 -44.61
N HIS C 652 19.75 -33.93 -43.74
CA HIS C 652 21.16 -33.95 -44.12
C HIS C 652 21.85 -35.25 -43.68
N ASN C 653 21.06 -36.26 -43.29
CA ASN C 653 21.60 -37.53 -42.77
C ASN C 653 20.82 -38.76 -43.24
N VAL C 654 20.27 -38.67 -44.44
CA VAL C 654 19.59 -39.81 -45.05
C VAL C 654 20.61 -40.59 -45.87
N ARG C 655 20.97 -41.78 -45.42
CA ARG C 655 21.95 -42.62 -46.10
C ARG C 655 21.40 -44.01 -46.31
N ARG C 656 21.83 -44.67 -47.38
CA ARG C 656 21.43 -46.03 -47.66
C ARG C 656 22.14 -46.97 -46.71
N PRO C 657 21.41 -47.58 -45.79
CA PRO C 657 22.11 -48.40 -44.81
C PRO C 657 22.75 -49.65 -45.43
N TRP C 658 22.19 -50.18 -46.52
CA TRP C 658 22.72 -51.41 -47.16
C TRP C 658 24.11 -51.27 -47.78
N GLU C 659 24.59 -50.04 -47.94
CA GLU C 659 25.95 -49.81 -48.42
C GLU C 659 26.99 -49.81 -47.31
N GLN C 660 26.57 -49.86 -46.05
CA GLN C 660 27.49 -50.07 -44.96
C GLN C 660 27.84 -51.53 -44.92
N PRO C 661 29.13 -51.83 -44.83
CA PRO C 661 29.56 -53.21 -44.60
C PRO C 661 28.83 -53.92 -43.44
N GLY C 662 28.39 -55.15 -43.70
CA GLY C 662 27.69 -55.98 -42.70
C GLY C 662 26.20 -55.70 -42.62
N ASN C 663 25.76 -54.61 -43.22
CA ASN C 663 24.43 -54.13 -43.02
C ASN C 663 23.65 -54.18 -44.35
N GLU C 664 23.92 -55.21 -45.16
CA GLU C 664 23.36 -55.31 -46.52
C GLU C 664 21.89 -55.73 -46.51
N GLU C 665 21.53 -56.59 -45.57
CA GLU C 665 20.15 -57.09 -45.43
C GLU C 665 19.14 -56.00 -44.94
N THR C 666 19.69 -54.83 -44.58
CA THR C 666 18.94 -53.72 -43.96
C THR C 666 18.38 -52.68 -44.94
N GLN C 667 17.22 -52.14 -44.55
CA GLN C 667 16.61 -50.99 -45.19
C GLN C 667 15.89 -50.10 -44.18
N TYR C 668 15.46 -48.92 -44.63
CA TYR C 668 14.64 -48.05 -43.81
C TYR C 668 13.29 -48.69 -43.55
N PRO C 669 12.75 -48.48 -42.34
CA PRO C 669 11.44 -49.01 -42.02
C PRO C 669 10.39 -48.35 -42.90
N ALA C 670 9.22 -48.96 -43.00
CA ALA C 670 8.11 -48.30 -43.67
C ALA C 670 7.91 -46.97 -42.94
N THR C 671 7.89 -45.88 -43.69
CA THR C 671 7.85 -44.54 -43.10
C THR C 671 6.65 -43.74 -43.62
N MET C 672 5.84 -43.21 -42.68
CA MET C 672 4.75 -42.28 -43.00
C MET C 672 5.03 -40.93 -42.37
N ILE C 673 5.01 -39.89 -43.17
CA ILE C 673 5.21 -38.52 -42.69
C ILE C 673 3.88 -37.76 -42.70
N LEU C 674 3.41 -37.38 -41.53
CA LEU C 674 2.12 -36.77 -41.38
C LEU C 674 2.37 -35.28 -41.23
N THR C 675 1.58 -34.46 -41.91
CA THR C 675 1.55 -33.02 -41.67
C THR C 675 0.32 -32.38 -42.32
N ALA C 676 -0.09 -31.24 -41.77
CA ALA C 676 -1.10 -30.40 -42.39
C ALA C 676 -0.44 -29.62 -43.53
N ASP C 677 -1.22 -29.26 -44.55
CA ASP C 677 -0.71 -28.40 -45.63
C ASP C 677 -0.58 -26.93 -45.14
N HIS C 678 -1.45 -26.55 -44.18
CA HIS C 678 -1.47 -25.19 -43.57
C HIS C 678 -1.12 -25.21 -42.07
N ASP C 679 0.12 -25.61 -41.79
CA ASP C 679 0.69 -25.74 -40.44
C ASP C 679 1.59 -24.53 -40.19
N ASP C 680 1.16 -23.67 -39.27
CA ASP C 680 1.78 -22.36 -39.02
C ASP C 680 2.91 -22.42 -37.98
N ARG C 681 3.00 -23.56 -37.26
CA ARG C 681 4.04 -23.73 -36.21
C ARG C 681 5.28 -24.42 -36.74
N VAL C 682 5.13 -25.69 -37.10
CA VAL C 682 6.19 -26.43 -37.78
C VAL C 682 5.85 -26.46 -39.25
N VAL C 683 6.35 -25.45 -39.97
CA VAL C 683 6.00 -25.27 -41.36
C VAL C 683 6.25 -26.57 -42.12
N PRO C 684 5.30 -26.96 -42.99
CA PRO C 684 5.34 -28.29 -43.60
C PRO C 684 6.48 -28.58 -44.59
N LEU C 685 7.24 -27.55 -44.97
CA LEU C 685 8.40 -27.74 -45.84
C LEU C 685 9.38 -28.73 -45.20
N HIS C 686 9.46 -28.70 -43.87
CA HIS C 686 10.27 -29.64 -43.12
C HIS C 686 9.89 -31.05 -43.54
N SER C 687 8.62 -31.40 -43.33
CA SER C 687 8.12 -32.71 -43.66
C SER C 687 8.38 -33.05 -45.13
N PHE C 688 8.17 -32.09 -46.03
CA PHE C 688 8.26 -32.33 -47.48
C PHE C 688 9.68 -32.63 -47.91
N LYS C 689 10.58 -31.71 -47.60
CA LYS C 689 11.98 -31.82 -48.01
C LYS C 689 12.59 -33.12 -47.54
N LEU C 690 12.17 -33.60 -46.38
CA LEU C 690 12.60 -34.92 -45.87
C LEU C 690 12.04 -36.01 -46.73
N LEU C 691 10.74 -35.92 -46.97
CA LEU C 691 10.05 -36.91 -47.76
C LEU C 691 10.73 -37.00 -49.11
N ALA C 692 10.95 -35.84 -49.75
CA ALA C 692 11.67 -35.74 -51.01
C ALA C 692 13.04 -36.40 -50.94
N THR C 693 13.82 -36.04 -49.93
CA THR C 693 15.15 -36.61 -49.73
C THR C 693 15.14 -38.12 -49.53
N MET C 694 14.29 -38.61 -48.65
CA MET C 694 14.21 -40.04 -48.42
C MET C 694 13.83 -40.80 -49.66
N GLN C 695 12.84 -40.30 -50.40
CA GLN C 695 12.42 -40.97 -51.63
C GLN C 695 13.55 -41.05 -52.67
N HIS C 696 14.28 -39.94 -52.84
CA HIS C 696 15.41 -39.90 -53.78
C HIS C 696 16.54 -40.82 -53.34
N VAL C 697 17.17 -40.47 -52.23
CA VAL C 697 18.32 -41.23 -51.75
C VAL C 697 18.01 -42.73 -51.73
N LEU C 698 16.81 -43.12 -51.32
CA LEU C 698 16.50 -44.53 -51.09
C LEU C 698 15.75 -45.27 -52.19
N CYS C 699 15.12 -44.56 -53.13
CA CYS C 699 14.25 -45.22 -54.12
C CYS C 699 14.51 -44.77 -55.53
N THR C 700 14.22 -43.51 -55.81
CA THR C 700 14.24 -42.98 -57.17
C THR C 700 15.65 -42.76 -57.79
N SER C 701 16.70 -42.73 -56.96
CA SER C 701 18.07 -42.59 -57.46
C SER C 701 18.68 -43.91 -57.95
N LEU C 702 17.96 -45.02 -57.84
CA LEU C 702 18.50 -46.36 -58.15
C LEU C 702 17.61 -47.10 -59.10
N GLU C 703 18.20 -47.98 -59.91
CA GLU C 703 17.44 -48.78 -60.89
C GLU C 703 16.46 -49.75 -60.22
N ASP C 704 16.97 -50.65 -59.38
CA ASP C 704 16.12 -51.59 -58.64
C ASP C 704 16.55 -51.63 -57.18
N SER C 705 16.02 -50.68 -56.42
CA SER C 705 16.46 -50.45 -55.05
C SER C 705 15.96 -51.54 -54.08
N PRO C 706 16.84 -51.99 -53.16
CA PRO C 706 16.42 -52.87 -52.07
C PRO C 706 15.36 -52.27 -51.13
N GLN C 707 15.23 -50.94 -51.15
CA GLN C 707 14.19 -50.22 -50.40
C GLN C 707 12.81 -50.57 -50.95
N LYS C 708 12.21 -51.57 -50.32
CA LYS C 708 10.90 -52.09 -50.72
C LYS C 708 9.81 -51.55 -49.81
N ASN C 709 10.14 -51.33 -48.52
CA ASN C 709 9.24 -50.64 -47.58
C ASN C 709 8.80 -49.25 -48.11
N PRO C 710 7.50 -48.94 -48.01
CA PRO C 710 7.02 -47.69 -48.57
C PRO C 710 7.46 -46.46 -47.79
N ILE C 711 7.63 -45.35 -48.48
CA ILE C 711 7.95 -44.09 -47.85
C ILE C 711 7.00 -43.02 -48.39
N ILE C 712 6.07 -42.61 -47.53
CA ILE C 712 4.95 -41.80 -47.95
C ILE C 712 4.66 -40.68 -46.96
N ALA C 713 3.65 -39.88 -47.32
CA ALA C 713 3.21 -38.79 -46.51
C ALA C 713 1.70 -38.75 -46.47
N ARG C 714 1.14 -38.72 -45.27
CA ARG C 714 -0.29 -38.45 -45.11
C ARG C 714 -0.47 -36.96 -44.87
N ILE C 715 -0.93 -36.26 -45.90
CA ILE C 715 -1.10 -34.82 -45.87
C ILE C 715 -2.54 -34.43 -45.61
N GLN C 716 -2.77 -33.90 -44.41
CA GLN C 716 -4.10 -33.42 -44.00
C GLN C 716 -4.44 -32.09 -44.68
N ARG C 717 -5.53 -32.09 -45.44
CA ARG C 717 -6.01 -30.91 -46.14
C ARG C 717 -6.88 -30.06 -45.22
N LYS C 718 -6.78 -28.74 -45.36
CA LYS C 718 -7.64 -27.80 -44.62
C LYS C 718 -7.70 -28.08 -43.11
N ALA C 719 -6.53 -28.24 -42.51
CA ALA C 719 -6.42 -28.34 -41.07
C ALA C 719 -5.18 -27.56 -40.61
N ALA C 720 -5.07 -27.38 -39.30
CA ALA C 720 -3.96 -26.68 -38.70
C ALA C 720 -3.22 -27.62 -37.75
N HIS C 721 -2.17 -27.08 -37.13
CA HIS C 721 -1.42 -27.79 -36.08
C HIS C 721 -2.29 -28.02 -34.84
N TYR C 722 -3.00 -26.97 -34.42
CA TYR C 722 -3.81 -26.97 -33.18
C TYR C 722 -5.02 -27.92 -33.24
N GLY C 723 -5.56 -28.25 -32.08
CA GLY C 723 -6.71 -29.17 -31.96
C GLY C 723 -7.76 -29.18 -33.07
N ARG C 724 -7.93 -30.35 -33.66
CA ARG C 724 -8.76 -30.56 -34.80
C ARG C 724 -9.98 -31.33 -34.36
N ALA C 725 -10.88 -31.55 -35.30
CA ALA C 725 -12.14 -32.19 -34.95
C ALA C 725 -11.91 -33.64 -34.64
N THR C 726 -12.72 -34.16 -33.73
CA THR C 726 -12.68 -35.57 -33.32
C THR C 726 -12.55 -36.53 -34.47
N MET C 727 -13.33 -36.33 -35.52
CA MET C 727 -13.39 -37.28 -36.64
C MET C 727 -12.23 -37.11 -37.60
N THR C 728 -11.68 -35.91 -37.71
CA THR C 728 -10.45 -35.69 -38.47
C THR C 728 -9.32 -36.42 -37.78
N GLN C 729 -9.32 -36.27 -36.46
CA GLN C 729 -8.32 -36.87 -35.59
C GLN C 729 -8.39 -38.40 -35.70
N ILE C 730 -9.62 -38.96 -35.71
CA ILE C 730 -9.83 -40.41 -35.74
C ILE C 730 -9.41 -40.92 -37.13
N ALA C 731 -9.66 -40.14 -38.17
CA ALA C 731 -9.33 -40.53 -39.55
C ALA C 731 -7.83 -40.73 -39.75
N GLU C 732 -7.07 -39.81 -39.17
CA GLU C 732 -5.60 -39.85 -39.22
C GLU C 732 -5.04 -41.03 -38.45
N VAL C 733 -5.51 -41.20 -37.23
CA VAL C 733 -5.01 -42.24 -36.35
C VAL C 733 -5.34 -43.62 -36.91
N ALA C 734 -6.57 -43.77 -37.38
CA ALA C 734 -6.99 -44.98 -38.08
C ALA C 734 -6.06 -45.26 -39.27
N ASP C 735 -5.73 -44.24 -40.06
CA ASP C 735 -4.74 -44.38 -41.12
C ASP C 735 -3.38 -44.83 -40.62
N ARG C 736 -2.83 -44.14 -39.62
CA ARG C 736 -1.47 -44.47 -39.18
C ARG C 736 -1.39 -45.85 -38.48
N TYR C 737 -2.46 -46.29 -37.80
CA TYR C 737 -2.50 -47.66 -37.24
C TYR C 737 -2.71 -48.79 -38.26
N GLY C 738 -3.43 -48.54 -39.34
CA GLY C 738 -3.55 -49.55 -40.39
C GLY C 738 -2.25 -49.74 -41.13
N PHE C 739 -1.60 -48.63 -41.43
CA PHE C 739 -0.28 -48.63 -42.03
C PHE C 739 0.66 -49.47 -41.16
N MET C 740 0.75 -49.09 -39.89
CA MET C 740 1.63 -49.74 -38.96
C MET C 740 1.37 -51.23 -38.92
N ALA C 741 0.10 -51.61 -38.93
CA ALA C 741 -0.24 -53.03 -38.90
C ALA C 741 0.33 -53.81 -40.10
N LYS C 742 0.38 -53.18 -41.26
CA LYS C 742 0.84 -53.78 -42.51
C LYS C 742 2.36 -53.82 -42.57
N ALA C 743 2.99 -52.75 -42.09
CA ALA C 743 4.45 -52.66 -42.02
C ALA C 743 5.03 -53.75 -41.11
N LEU C 744 4.34 -54.03 -40.02
CA LEU C 744 4.79 -55.04 -39.07
C LEU C 744 4.28 -56.45 -39.38
N GLU C 745 3.52 -56.58 -40.47
CA GLU C 745 2.89 -57.86 -40.84
C GLU C 745 2.16 -58.45 -39.64
N ALA C 746 1.33 -57.63 -39.00
CA ALA C 746 0.64 -58.00 -37.76
C ALA C 746 -0.83 -58.23 -38.06
N PRO C 747 -1.36 -59.39 -37.63
CA PRO C 747 -2.76 -59.71 -37.83
C PRO C 747 -3.73 -59.12 -36.79
N TRP C 748 -5.00 -58.98 -37.21
CA TRP C 748 -6.10 -58.49 -36.36
C TRP C 748 -6.63 -59.60 -35.47
N ILE C 749 -7.35 -59.26 -34.40
CA ILE C 749 -7.85 -60.27 -33.43
C ILE C 749 -9.35 -60.15 -33.03
N ASP C 750 -10.16 -61.15 -33.38
CA ASP C 750 -11.58 -61.08 -33.07
C ASP C 750 -11.86 -61.51 -31.61
N ASN D 1 -7.91 -28.77 -23.68
CA ASN D 1 -9.25 -28.80 -24.27
C ASN D 1 -9.32 -29.48 -25.68
N ALA D 2 -8.67 -30.65 -25.82
CA ALA D 2 -8.72 -31.44 -27.06
C ALA D 2 -10.04 -32.21 -27.09
N SER D 3 -10.68 -32.27 -28.26
CA SER D 3 -12.06 -32.76 -28.40
C SER D 3 -12.24 -34.19 -27.87
N ALA D 4 -11.31 -35.08 -28.24
CA ALA D 4 -11.33 -36.45 -27.76
C ALA D 4 -9.94 -36.97 -27.37
N PRO D 5 -9.88 -37.98 -26.46
CA PRO D 5 -8.67 -38.71 -26.14
C PRO D 5 -8.52 -39.85 -27.13
N VAL D 6 -8.21 -39.48 -28.36
CA VAL D 6 -8.11 -40.43 -29.45
C VAL D 6 -6.81 -41.18 -29.31
N GLY E 31 -59.27 32.21 21.49
CA GLY E 31 -59.16 30.76 21.85
C GLY E 31 -60.48 30.20 22.29
N PHE E 32 -60.44 29.13 23.09
CA PHE E 32 -61.69 28.49 23.54
C PHE E 32 -62.43 29.34 24.60
N SER E 33 -63.73 29.54 24.37
CA SER E 33 -64.57 30.48 25.13
C SER E 33 -65.81 29.78 25.70
N LYS E 34 -66.71 29.36 24.80
CA LYS E 34 -68.03 28.84 25.18
C LYS E 34 -67.93 27.80 26.28
N PRO E 35 -68.91 27.83 27.22
CA PRO E 35 -68.95 26.72 28.17
C PRO E 35 -69.26 25.43 27.41
N LEU E 36 -68.67 24.33 27.86
CA LEU E 36 -68.91 23.03 27.25
C LEU E 36 -69.91 22.27 28.09
N HIS E 37 -70.72 21.44 27.45
CA HIS E 37 -71.63 20.61 28.22
C HIS E 37 -71.18 19.21 28.03
N TYR E 38 -70.48 18.70 29.02
CA TYR E 38 -69.99 17.34 28.94
C TYR E 38 -71.13 16.37 29.22
N PRO E 39 -71.21 15.28 28.44
CA PRO E 39 -72.34 14.41 28.58
C PRO E 39 -72.14 13.57 29.81
N PRO E 40 -73.22 13.13 30.42
CA PRO E 40 -73.14 12.27 31.60
C PRO E 40 -72.58 10.92 31.23
N VAL E 41 -71.77 10.36 32.11
CA VAL E 41 -71.08 9.10 31.86
C VAL E 41 -71.20 8.28 33.13
N ARG E 42 -71.85 7.12 33.05
CA ARG E 42 -72.12 6.34 34.24
C ARG E 42 -70.84 5.79 34.84
N ARG E 43 -70.72 5.90 36.17
CA ARG E 43 -69.64 5.29 36.93
C ARG E 43 -70.18 4.04 37.65
N ASP E 44 -69.33 3.03 37.76
CA ASP E 44 -69.71 1.80 38.39
C ASP E 44 -68.83 1.67 39.62
N GLU E 45 -69.30 2.23 40.73
CA GLU E 45 -68.45 2.40 41.93
C GLU E 45 -68.13 1.10 42.67
N THR E 46 -68.72 0.00 42.22
CA THR E 46 -68.49 -1.31 42.83
C THR E 46 -67.29 -2.11 42.27
N VAL E 47 -66.72 -1.69 41.14
CA VAL E 47 -65.60 -2.42 40.52
C VAL E 47 -64.31 -2.01 41.18
N VAL E 48 -63.68 -2.96 41.89
CA VAL E 48 -62.40 -2.74 42.57
C VAL E 48 -61.57 -4.00 42.52
N ASP E 49 -60.29 -3.88 42.17
CA ASP E 49 -59.37 -5.01 42.08
C ASP E 49 -58.19 -4.84 43.04
N ASP E 50 -57.67 -5.95 43.55
CA ASP E 50 -56.54 -5.91 44.48
C ASP E 50 -55.27 -6.36 43.78
N TYR E 51 -54.47 -5.38 43.32
CA TYR E 51 -53.15 -5.65 42.77
C TYR E 51 -52.14 -5.61 43.89
N PHE E 52 -51.82 -6.78 44.45
CA PHE E 52 -50.74 -6.94 45.45
C PHE E 52 -50.87 -6.00 46.67
N GLY E 53 -52.05 -5.97 47.28
CA GLY E 53 -52.32 -5.13 48.45
C GLY E 53 -52.88 -3.76 48.14
N VAL E 54 -52.80 -3.36 46.88
CA VAL E 54 -53.21 -2.03 46.43
C VAL E 54 -54.59 -2.12 45.75
N LYS E 55 -55.58 -1.43 46.32
CA LYS E 55 -56.92 -1.37 45.74
C LYS E 55 -56.89 -0.42 44.55
N VAL E 56 -57.41 -0.85 43.41
CA VAL E 56 -57.47 0.02 42.21
C VAL E 56 -58.85 -0.08 41.66
N ALA E 57 -59.59 1.03 41.71
CA ALA E 57 -60.97 1.05 41.19
C ALA E 57 -60.98 1.22 39.65
N ASP E 58 -61.93 0.58 38.98
CA ASP E 58 -62.08 0.71 37.54
C ASP E 58 -63.53 1.10 37.24
N PRO E 59 -63.92 2.31 37.68
CA PRO E 59 -65.31 2.75 37.51
C PRO E 59 -65.87 2.75 36.08
N TYR E 60 -64.99 2.78 35.07
CA TYR E 60 -65.44 2.77 33.69
C TYR E 60 -65.14 1.44 32.98
N ARG E 61 -65.08 0.34 33.75
CA ARG E 61 -64.90 -1.04 33.23
C ARG E 61 -65.90 -1.42 32.16
N TRP E 62 -67.13 -0.93 32.28
CA TRP E 62 -68.20 -1.18 31.30
C TRP E 62 -67.95 -0.70 29.86
N LEU E 63 -66.97 0.20 29.69
CA LEU E 63 -66.59 0.70 28.37
C LEU E 63 -65.68 -0.28 27.66
N GLU E 64 -65.31 -1.37 28.32
CA GLU E 64 -64.54 -2.43 27.67
C GLU E 64 -65.37 -3.36 26.80
N ASP E 65 -66.68 -3.28 26.89
CA ASP E 65 -67.54 -3.98 25.95
C ASP E 65 -67.95 -2.96 24.87
N PRO E 66 -67.41 -3.09 23.64
CA PRO E 66 -67.71 -2.09 22.59
C PRO E 66 -69.11 -2.23 21.96
N ASN E 67 -69.84 -3.30 22.32
CA ASN E 67 -71.17 -3.58 21.75
C ASN E 67 -72.38 -3.18 22.64
N SER E 68 -72.18 -3.03 23.96
CA SER E 68 -73.26 -2.57 24.84
C SER E 68 -73.79 -1.23 24.35
N GLU E 69 -75.12 -1.06 24.37
CA GLU E 69 -75.71 0.18 23.87
C GLU E 69 -75.32 1.39 24.71
N GLU E 70 -74.96 1.12 25.97
CA GLU E 70 -74.40 2.16 26.84
C GLU E 70 -73.10 2.71 26.27
N THR E 71 -72.25 1.80 25.82
CA THR E 71 -71.01 2.17 25.18
C THR E 71 -71.28 2.84 23.85
N LYS E 72 -72.13 2.24 23.03
CA LYS E 72 -72.50 2.86 21.74
C LYS E 72 -73.06 4.25 21.91
N GLU E 73 -73.90 4.44 22.94
CA GLU E 73 -74.43 5.77 23.30
C GLU E 73 -73.33 6.72 23.76
N PHE E 74 -72.47 6.23 24.64
CA PHE E 74 -71.26 6.97 25.04
C PHE E 74 -70.59 7.57 23.81
N VAL E 75 -70.23 6.72 22.86
CA VAL E 75 -69.53 7.14 21.67
C VAL E 75 -70.34 8.23 20.98
N ASP E 76 -71.63 7.99 20.83
CA ASP E 76 -72.51 8.90 20.11
C ASP E 76 -72.52 10.27 20.75
N ASN E 77 -72.50 10.30 22.09
CA ASN E 77 -72.49 11.58 22.83
C ASN E 77 -71.16 12.32 22.69
N GLN E 78 -70.07 11.58 22.87
CA GLN E 78 -68.74 12.14 22.74
C GLN E 78 -68.49 12.69 21.34
N GLU E 79 -68.96 11.96 20.33
CA GLU E 79 -68.98 12.45 18.96
C GLU E 79 -69.73 13.78 18.86
N LYS E 80 -70.93 13.81 19.42
CA LYS E 80 -71.74 15.02 19.41
C LYS E 80 -70.94 16.16 20.01
N LEU E 81 -70.34 15.92 21.16
CA LEU E 81 -69.58 16.94 21.87
C LEU E 81 -68.43 17.46 21.03
N ALA E 82 -67.71 16.50 20.41
CA ALA E 82 -66.52 16.80 19.60
C ALA E 82 -66.87 17.75 18.47
N ASN E 83 -67.92 17.41 17.74
CA ASN E 83 -68.37 18.22 16.63
C ASN E 83 -68.73 19.61 17.08
N SER E 84 -69.46 19.67 18.18
CA SER E 84 -69.82 20.92 18.82
C SER E 84 -68.61 21.82 19.00
N VAL E 85 -67.57 21.27 19.61
CA VAL E 85 -66.31 21.99 19.81
C VAL E 85 -65.59 22.31 18.52
N LEU E 86 -65.49 21.33 17.62
CA LEU E 86 -64.81 21.52 16.33
C LEU E 86 -65.50 22.53 15.40
N GLU E 87 -66.82 22.70 15.51
CA GLU E 87 -67.53 23.78 14.80
C GLU E 87 -66.99 25.14 15.22
N GLU E 88 -66.67 25.27 16.50
CA GLU E 88 -65.93 26.44 17.00
C GLU E 88 -64.58 26.69 16.30
N CYS E 89 -63.86 25.62 15.95
CA CYS E 89 -62.53 25.72 15.36
C CYS E 89 -62.61 26.08 13.90
N GLU E 90 -62.55 27.38 13.64
CA GLU E 90 -62.91 27.94 12.31
C GLU E 90 -61.81 27.78 11.24
N LEU E 91 -60.62 27.32 11.63
CA LEU E 91 -59.54 27.16 10.68
C LEU E 91 -59.47 25.78 10.02
N ILE E 92 -60.29 24.84 10.47
CA ILE E 92 -60.25 23.49 9.95
C ILE E 92 -60.35 23.49 8.44
N ASP E 93 -61.38 24.16 7.92
CA ASP E 93 -61.62 24.23 6.48
C ASP E 93 -60.44 24.83 5.71
N LYS E 94 -59.72 25.78 6.29
CA LYS E 94 -58.57 26.36 5.60
C LYS E 94 -57.41 25.40 5.55
N PHE E 95 -57.14 24.72 6.67
CA PHE E 95 -56.09 23.68 6.74
C PHE E 95 -56.38 22.61 5.72
N LYS E 96 -57.61 22.12 5.77
CA LYS E 96 -58.03 21.02 4.93
C LYS E 96 -57.73 21.30 3.44
N GLN E 97 -58.03 22.50 2.98
CA GLN E 97 -57.80 22.84 1.58
C GLN E 97 -56.32 22.89 1.27
N LYS E 98 -55.54 23.52 2.13
CA LYS E 98 -54.10 23.57 1.92
C LYS E 98 -53.45 22.19 1.95
N ILE E 99 -53.92 21.32 2.84
CA ILE E 99 -53.43 19.94 2.92
C ILE E 99 -53.75 19.17 1.65
N ILE E 100 -54.95 19.37 1.12
CA ILE E 100 -55.36 18.72 -0.12
C ILE E 100 -54.50 19.23 -1.26
N ASP E 101 -54.42 20.56 -1.38
CA ASP E 101 -53.68 21.23 -2.44
C ASP E 101 -52.21 20.84 -2.42
N PHE E 102 -51.64 20.72 -1.23
CA PHE E 102 -50.23 20.33 -1.06
C PHE E 102 -49.96 18.85 -1.30
N VAL E 103 -50.94 18.00 -1.01
CA VAL E 103 -50.80 16.57 -1.24
C VAL E 103 -51.02 16.23 -2.73
N ASN E 104 -51.68 17.11 -3.47
CA ASN E 104 -52.08 16.83 -4.87
C ASN E 104 -50.96 16.90 -5.93
N PHE E 105 -50.13 15.88 -5.92
CA PHE E 105 -49.07 15.78 -6.87
C PHE E 105 -48.89 14.31 -7.11
N PRO E 106 -48.53 13.93 -8.35
CA PRO E 106 -48.19 12.54 -8.63
C PRO E 106 -47.02 11.96 -7.81
N ARG E 107 -47.09 10.63 -7.59
CA ARG E 107 -46.15 9.87 -6.76
C ARG E 107 -45.85 8.48 -7.35
N CYS E 108 -44.64 8.29 -7.88
CA CYS E 108 -44.14 6.96 -8.24
C CYS E 108 -43.41 6.36 -7.05
N GLY E 109 -43.71 5.10 -6.80
CA GLY E 109 -42.97 4.33 -5.83
C GLY E 109 -41.67 3.80 -6.45
N VAL E 110 -40.84 3.18 -5.61
CA VAL E 110 -39.63 2.53 -6.03
C VAL E 110 -39.99 1.33 -6.91
N PRO E 111 -39.48 1.32 -8.15
CA PRO E 111 -39.69 0.16 -9.04
C PRO E 111 -38.82 -1.03 -8.67
N PHE E 112 -39.36 -2.22 -8.88
CA PHE E 112 -38.57 -3.42 -8.76
C PHE E 112 -38.83 -4.26 -9.98
N ARG E 113 -37.93 -5.21 -10.25
N ARG E 113 -37.96 -5.21 -10.26
CA ARG E 113 -37.91 -5.93 -11.51
CA ARG E 113 -38.08 -5.92 -11.52
C ARG E 113 -38.12 -7.43 -11.34
C ARG E 113 -38.15 -7.43 -11.34
N ARG E 114 -38.90 -8.04 -12.23
CA ARG E 114 -39.00 -9.48 -12.27
C ARG E 114 -38.87 -9.86 -13.71
N ALA E 115 -37.92 -10.73 -14.02
CA ALA E 115 -37.58 -11.02 -15.40
C ALA E 115 -37.35 -9.70 -16.14
N ASN E 116 -38.19 -9.38 -17.11
CA ASN E 116 -37.98 -8.18 -17.91
C ASN E 116 -39.06 -7.12 -17.74
N LYS E 117 -39.86 -7.25 -16.68
CA LYS E 117 -40.87 -6.27 -16.35
C LYS E 117 -40.44 -5.49 -15.15
N TYR E 118 -41.05 -4.31 -15.00
CA TYR E 118 -40.80 -3.39 -13.89
C TYR E 118 -42.14 -2.99 -13.24
N PHE E 119 -42.28 -3.31 -11.96
CA PHE E 119 -43.52 -3.04 -11.23
C PHE E 119 -43.29 -1.90 -10.27
N HIS E 120 -44.34 -1.15 -9.97
CA HIS E 120 -44.26 -0.10 -8.96
C HIS E 120 -45.66 0.43 -8.64
N PHE E 121 -45.77 1.18 -7.55
CA PHE E 121 -47.05 1.77 -7.17
C PHE E 121 -47.11 3.19 -7.68
N TYR E 122 -48.34 3.66 -7.88
CA TYR E 122 -48.60 4.98 -8.44
C TYR E 122 -49.82 5.63 -7.83
N ASN E 123 -49.75 6.92 -7.61
CA ASN E 123 -50.91 7.70 -7.21
C ASN E 123 -50.87 9.01 -7.98
N SER E 124 -51.94 9.29 -8.70
CA SER E 124 -52.05 10.54 -9.46
C SER E 124 -51.93 11.77 -8.55
N GLY E 125 -52.34 11.62 -7.28
CA GLY E 125 -52.19 12.68 -6.28
C GLY E 125 -53.21 12.55 -5.16
N LEU E 126 -54.48 12.39 -5.52
CA LEU E 126 -55.55 12.29 -4.53
C LEU E 126 -56.41 11.00 -4.63
N GLN E 127 -55.91 9.99 -5.34
CA GLN E 127 -56.54 8.68 -5.34
C GLN E 127 -56.52 8.18 -3.90
N ALA E 128 -57.61 7.56 -3.48
CA ALA E 128 -57.77 7.07 -2.09
C ALA E 128 -56.70 6.06 -1.69
N GLN E 129 -56.30 5.22 -2.64
CA GLN E 129 -55.21 4.25 -2.46
C GLN E 129 -54.26 4.21 -3.68
N ASN E 130 -52.99 3.90 -3.43
CA ASN E 130 -52.04 3.72 -4.52
C ASN E 130 -52.45 2.52 -5.39
N VAL E 131 -52.16 2.64 -6.69
CA VAL E 131 -52.47 1.65 -7.70
C VAL E 131 -51.19 0.96 -8.15
N PHE E 132 -51.21 -0.38 -8.15
CA PHE E 132 -50.06 -1.20 -8.56
C PHE E 132 -50.00 -1.34 -10.06
N GLN E 133 -48.84 -1.09 -10.66
CA GLN E 133 -48.70 -1.04 -12.11
C GLN E 133 -47.51 -1.80 -12.62
N MET E 134 -47.57 -2.15 -13.90
CA MET E 134 -46.50 -2.88 -14.54
C MET E 134 -46.06 -2.18 -15.82
N GLN E 135 -44.78 -2.37 -16.16
CA GLN E 135 -44.17 -1.84 -17.37
C GLN E 135 -43.21 -2.84 -17.95
N ASP E 136 -42.94 -2.70 -19.26
CA ASP E 136 -41.89 -3.45 -19.96
C ASP E 136 -40.58 -2.69 -19.98
N ASP E 137 -40.69 -1.37 -20.06
CA ASP E 137 -39.55 -0.45 -20.07
C ASP E 137 -39.70 0.54 -18.92
N LEU E 138 -38.57 0.96 -18.33
CA LEU E 138 -38.57 1.87 -17.18
C LEU E 138 -39.37 3.13 -17.47
N ASP E 139 -39.33 3.56 -18.73
CA ASP E 139 -40.05 4.76 -19.16
C ASP E 139 -41.06 4.45 -20.28
N GLY E 140 -41.51 3.19 -20.35
CA GLY E 140 -42.51 2.77 -21.32
C GLY E 140 -43.90 3.02 -20.78
N LYS E 141 -44.93 2.60 -21.49
CA LYS E 141 -46.31 2.85 -21.07
C LYS E 141 -46.64 1.98 -19.88
N PRO E 142 -47.08 2.60 -18.76
CA PRO E 142 -47.49 1.78 -17.62
C PRO E 142 -48.81 1.09 -17.92
N GLU E 143 -49.07 -0.02 -17.25
CA GLU E 143 -50.35 -0.71 -17.37
C GLU E 143 -50.84 -1.03 -15.94
N VAL E 144 -52.13 -0.83 -15.67
CA VAL E 144 -52.64 -1.08 -14.33
C VAL E 144 -52.86 -2.57 -14.12
N LEU E 145 -52.29 -3.07 -13.05
CA LEU E 145 -52.31 -4.48 -12.74
C LEU E 145 -53.42 -4.79 -11.72
N TYR E 146 -53.48 -4.01 -10.63
CA TYR E 146 -54.62 -4.03 -9.71
C TYR E 146 -54.82 -2.66 -9.05
N ASP E 147 -56.08 -2.23 -8.99
CA ASP E 147 -56.50 -0.92 -8.52
C ASP E 147 -57.42 -1.06 -7.29
N PRO E 148 -56.89 -0.87 -6.08
CA PRO E 148 -57.72 -0.97 -4.88
C PRO E 148 -58.93 -0.02 -4.80
N ASN E 149 -58.88 1.09 -5.54
CA ASN E 149 -59.93 2.10 -5.47
C ASN E 149 -61.24 1.62 -6.05
N LEU E 150 -61.20 0.57 -6.85
CA LEU E 150 -62.40 -0.03 -7.41
C LEU E 150 -63.11 -0.95 -6.43
N ARG E 151 -62.63 -1.04 -5.20
CA ARG E 151 -63.18 -1.99 -4.24
C ARG E 151 -63.40 -1.38 -2.86
N GLU E 152 -64.64 -1.44 -2.39
CA GLU E 152 -65.11 -0.70 -1.22
C GLU E 152 -64.65 0.78 -1.31
N GLY E 153 -64.68 1.33 -2.53
CA GLY E 153 -64.29 2.73 -2.79
C GLY E 153 -62.88 3.09 -2.38
N GLY E 154 -62.03 2.08 -2.21
CA GLY E 154 -60.65 2.28 -1.74
C GLY E 154 -60.50 2.49 -0.25
N ARG E 155 -61.36 1.84 0.53
CA ARG E 155 -61.31 1.92 2.00
C ARG E 155 -59.98 1.36 2.53
N SER E 156 -59.52 0.30 1.87
CA SER E 156 -58.24 -0.34 2.13
C SER E 156 -57.46 -0.47 0.82
N GLY E 157 -56.15 -0.29 0.93
CA GLY E 157 -55.23 -0.57 -0.16
C GLY E 157 -54.58 -1.95 -0.11
N LEU E 158 -53.43 -2.05 -0.77
CA LEU E 158 -52.65 -3.29 -0.86
C LEU E 158 -51.58 -3.36 0.24
N SER E 159 -51.72 -4.33 1.13
CA SER E 159 -50.73 -4.53 2.19
C SER E 159 -49.71 -5.61 1.73
N LEU E 160 -50.18 -6.72 1.15
CA LEU E 160 -49.31 -7.83 0.71
C LEU E 160 -49.38 -7.92 -0.80
N TYR E 161 -48.23 -7.82 -1.45
CA TYR E 161 -48.17 -7.89 -2.92
C TYR E 161 -46.84 -8.54 -3.30
N SER E 162 -46.83 -9.37 -4.32
CA SER E 162 -45.68 -10.24 -4.58
C SER E 162 -45.74 -10.82 -6.00
N VAL E 163 -44.66 -10.68 -6.75
CA VAL E 163 -44.66 -11.07 -8.18
C VAL E 163 -43.76 -12.26 -8.34
N SER E 164 -44.21 -13.23 -9.13
CA SER E 164 -43.42 -14.45 -9.38
C SER E 164 -42.15 -14.08 -10.12
N GLU E 165 -41.19 -15.00 -10.09
CA GLU E 165 -39.85 -14.74 -10.63
C GLU E 165 -39.89 -14.47 -12.11
N ASP E 166 -40.74 -15.21 -12.81
CA ASP E 166 -40.93 -15.08 -14.26
C ASP E 166 -41.85 -13.91 -14.65
N ALA E 167 -42.46 -13.24 -13.66
CA ALA E 167 -43.36 -12.08 -13.86
C ALA E 167 -44.75 -12.38 -14.37
N LYS E 168 -45.11 -13.67 -14.41
CA LYS E 168 -46.44 -14.11 -14.92
C LYS E 168 -47.58 -14.03 -13.92
N TYR E 169 -47.27 -14.13 -12.62
CA TYR E 169 -48.30 -14.15 -11.59
C TYR E 169 -48.06 -13.05 -10.59
N PHE E 170 -49.17 -12.52 -10.06
CA PHE E 170 -49.16 -11.47 -9.05
C PHE E 170 -50.10 -11.93 -7.93
N ALA E 171 -49.52 -12.21 -6.77
CA ALA E 171 -50.26 -12.63 -5.60
C ALA E 171 -50.40 -11.46 -4.68
N PHE E 172 -51.63 -11.09 -4.34
CA PHE E 172 -51.86 -9.91 -3.52
C PHE E 172 -52.95 -10.14 -2.49
N GLY E 173 -53.00 -9.27 -1.50
CA GLY E 173 -53.89 -9.43 -0.36
C GLY E 173 -54.96 -8.37 -0.24
N ILE E 174 -56.19 -8.84 -0.20
CA ILE E 174 -57.38 -8.01 -0.09
C ILE E 174 -58.00 -8.10 1.30
N HIS E 175 -58.18 -6.96 1.98
CA HIS E 175 -58.90 -6.97 3.27
C HIS E 175 -60.38 -7.14 3.00
N SER E 176 -61.00 -8.08 3.72
CA SER E 176 -62.41 -8.43 3.54
C SER E 176 -63.15 -7.93 4.78
N GLY E 177 -63.53 -6.66 4.77
CA GLY E 177 -64.08 -6.02 5.96
C GLY E 177 -63.06 -5.16 6.65
N LEU E 178 -63.44 -4.63 7.81
CA LEU E 178 -62.61 -3.69 8.56
C LEU E 178 -61.44 -4.36 9.24
N THR E 179 -61.59 -5.68 9.47
CA THR E 179 -60.61 -6.48 10.19
C THR E 179 -59.22 -6.52 9.56
N GLU E 180 -58.28 -7.06 10.34
CA GLU E 180 -56.88 -7.22 9.91
C GLU E 180 -56.71 -8.39 8.89
N TRP E 181 -57.69 -9.31 8.86
CA TRP E 181 -57.64 -10.50 7.98
C TRP E 181 -57.64 -10.18 6.49
N VAL E 182 -56.95 -11.03 5.74
CA VAL E 182 -56.70 -10.88 4.32
C VAL E 182 -57.08 -12.16 3.56
N THR E 183 -57.43 -11.98 2.30
CA THR E 183 -57.55 -13.10 1.39
C THR E 183 -56.52 -12.92 0.28
N ILE E 184 -55.70 -13.94 0.07
CA ILE E 184 -54.77 -13.91 -1.03
C ILE E 184 -55.43 -14.36 -2.33
N LYS E 185 -55.22 -13.57 -3.37
CA LYS E 185 -55.69 -13.88 -4.71
C LYS E 185 -54.49 -13.84 -5.64
N ILE E 186 -54.64 -14.42 -6.83
CA ILE E 186 -53.51 -14.44 -7.79
C ILE E 186 -53.95 -14.07 -9.23
N LEU E 187 -53.36 -13.02 -9.80
CA LEU E 187 -53.57 -12.62 -11.20
C LEU E 187 -52.50 -13.07 -12.14
N LYS E 188 -52.91 -13.48 -13.34
CA LYS E 188 -51.99 -13.54 -14.46
C LYS E 188 -51.73 -12.13 -14.91
N THR E 189 -50.47 -11.80 -15.16
CA THR E 189 -50.11 -10.44 -15.58
C THR E 189 -50.36 -10.23 -17.08
N GLU E 190 -50.34 -11.31 -17.85
CA GLU E 190 -50.56 -11.26 -19.29
C GLU E 190 -51.89 -10.62 -19.64
N ASP E 191 -52.94 -11.01 -18.94
CA ASP E 191 -54.29 -10.53 -19.23
C ASP E 191 -55.11 -10.02 -18.02
N ARG E 192 -54.50 -9.89 -16.85
CA ARG E 192 -55.18 -9.42 -15.64
C ARG E 192 -56.34 -10.30 -15.17
N SER E 193 -56.32 -11.58 -15.55
CA SER E 193 -57.32 -12.55 -15.11
C SER E 193 -56.90 -13.26 -13.84
N TYR E 194 -57.87 -13.68 -13.05
CA TYR E 194 -57.60 -14.32 -11.76
C TYR E 194 -57.53 -15.85 -11.87
N LEU E 195 -56.60 -16.45 -11.14
CA LEU E 195 -56.63 -17.88 -10.89
C LEU E 195 -57.70 -18.12 -9.87
N PRO E 196 -58.28 -19.33 -9.85
CA PRO E 196 -59.36 -19.66 -8.93
C PRO E 196 -58.86 -19.77 -7.51
N ASP E 197 -57.56 -20.03 -7.35
CA ASP E 197 -56.92 -20.13 -6.05
C ASP E 197 -57.35 -19.01 -5.10
N THR E 198 -57.84 -19.40 -3.93
CA THR E 198 -58.20 -18.44 -2.86
C THR E 198 -57.66 -18.93 -1.51
N LEU E 199 -56.78 -18.14 -0.90
CA LEU E 199 -56.17 -18.51 0.37
C LEU E 199 -56.69 -17.58 1.45
N GLU E 200 -57.52 -18.14 2.33
CA GLU E 200 -58.09 -17.43 3.48
C GLU E 200 -57.18 -17.50 4.72
N TRP E 201 -57.52 -16.73 5.74
CA TRP E 201 -56.85 -16.77 7.04
C TRP E 201 -55.38 -16.36 7.02
N VAL E 202 -55.11 -15.31 6.27
CA VAL E 202 -53.78 -14.73 6.16
C VAL E 202 -53.81 -13.35 6.83
N LYS E 203 -52.79 -13.01 7.63
CA LYS E 203 -52.70 -11.68 8.24
C LYS E 203 -51.56 -10.84 7.69
N PHE E 204 -50.35 -11.07 8.18
CA PHE E 204 -49.25 -10.21 7.79
C PHE E 204 -48.27 -10.98 6.93
N SER E 205 -48.61 -12.20 6.56
CA SER E 205 -47.68 -13.02 5.81
C SER E 205 -47.44 -12.40 4.47
N PRO E 206 -46.22 -12.56 3.94
CA PRO E 206 -45.94 -12.26 2.53
C PRO E 206 -46.06 -13.54 1.74
N ALA E 207 -45.90 -13.45 0.44
CA ALA E 207 -45.98 -14.62 -0.40
C ALA E 207 -44.64 -14.80 -1.09
N ILE E 208 -43.98 -15.89 -0.80
CA ILE E 208 -42.61 -16.05 -1.21
C ILE E 208 -42.48 -17.09 -2.31
N TRP E 209 -42.20 -16.63 -3.52
CA TRP E 209 -42.21 -17.50 -4.67
C TRP E 209 -40.96 -18.33 -4.79
N THR E 210 -41.13 -19.62 -5.06
CA THR E 210 -40.03 -20.48 -5.47
C THR E 210 -39.63 -20.17 -6.90
N HIS E 211 -38.38 -20.45 -7.24
CA HIS E 211 -37.86 -20.06 -8.56
C HIS E 211 -38.37 -20.92 -9.73
N ASP E 212 -38.94 -22.07 -9.42
CA ASP E 212 -39.62 -22.88 -10.44
C ASP E 212 -40.97 -22.29 -10.86
N ASN E 213 -41.44 -21.28 -10.14
CA ASN E 213 -42.69 -20.57 -10.45
C ASN E 213 -43.93 -21.40 -10.20
N LYS E 214 -43.78 -22.49 -9.47
CA LYS E 214 -44.86 -23.40 -9.21
C LYS E 214 -45.71 -23.05 -8.02
N GLY E 215 -45.23 -22.16 -7.16
CA GLY E 215 -45.96 -21.86 -5.95
C GLY E 215 -45.19 -20.90 -5.08
N PHE E 216 -45.77 -20.61 -3.91
CA PHE E 216 -45.12 -19.74 -2.91
C PHE E 216 -45.35 -20.18 -1.47
N PHE E 217 -44.44 -19.77 -0.61
CA PHE E 217 -44.62 -19.98 0.80
C PHE E 217 -45.45 -18.85 1.35
N TYR E 218 -46.25 -19.16 2.36
CA TYR E 218 -46.94 -18.13 3.11
C TYR E 218 -47.21 -18.64 4.51
N CYS E 219 -47.72 -17.77 5.38
CA CYS E 219 -47.80 -18.03 6.83
C CYS E 219 -49.18 -17.71 7.42
N PRO E 220 -50.11 -18.62 7.22
CA PRO E 220 -51.47 -18.40 7.65
C PRO E 220 -51.78 -18.90 9.04
N TYR E 221 -52.99 -18.58 9.50
CA TYR E 221 -53.50 -19.04 10.80
C TYR E 221 -54.52 -20.13 10.52
N PRO E 222 -54.73 -21.05 11.48
CA PRO E 222 -55.76 -22.05 11.23
C PRO E 222 -57.15 -21.42 11.43
N PRO E 223 -58.17 -22.01 10.80
CA PRO E 223 -59.53 -21.42 10.77
C PRO E 223 -60.05 -20.88 12.10
N VAL E 236 -53.38 -16.45 16.65
CA VAL E 236 -52.43 -17.38 17.27
C VAL E 236 -52.40 -18.79 16.65
N ASN E 237 -51.35 -19.55 16.99
CA ASN E 237 -50.98 -20.82 16.35
C ASN E 237 -50.67 -20.69 14.87
N GLN E 238 -49.80 -19.74 14.52
CA GLN E 238 -49.42 -19.50 13.13
C GLN E 238 -48.72 -20.72 12.52
N GLU E 239 -48.75 -20.82 11.19
CA GLU E 239 -48.17 -21.95 10.47
C GLU E 239 -47.39 -21.45 9.29
N ALA E 240 -46.48 -22.28 8.81
CA ALA E 240 -45.81 -22.05 7.54
C ALA E 240 -46.32 -23.08 6.56
N ARG E 241 -46.73 -22.61 5.38
CA ARG E 241 -47.31 -23.47 4.36
C ARG E 241 -46.68 -23.21 2.99
N TYR E 242 -46.85 -24.14 2.07
CA TYR E 242 -46.47 -23.91 0.70
C TYR E 242 -47.69 -24.13 -0.18
N HIS E 243 -48.00 -23.17 -1.04
CA HIS E 243 -49.18 -23.28 -1.89
C HIS E 243 -48.77 -23.50 -3.33
N PHE E 244 -49.21 -24.62 -3.91
CA PHE E 244 -48.99 -24.88 -5.34
C PHE E 244 -50.05 -24.19 -6.18
N LEU E 245 -49.65 -23.57 -7.31
CA LEU E 245 -50.60 -22.90 -8.16
C LEU E 245 -51.58 -23.89 -8.78
N GLY E 246 -52.85 -23.49 -8.87
CA GLY E 246 -53.94 -24.34 -9.36
C GLY E 246 -54.52 -25.34 -8.36
N THR E 247 -54.11 -25.29 -7.10
CA THR E 247 -54.66 -26.18 -6.11
C THR E 247 -55.54 -25.40 -5.14
N ASP E 248 -56.34 -26.15 -4.40
CA ASP E 248 -57.12 -25.61 -3.31
C ASP E 248 -56.21 -25.43 -2.08
N GLN E 249 -56.56 -24.47 -1.22
CA GLN E 249 -55.81 -24.21 -0.01
C GLN E 249 -55.69 -25.44 0.84
N SER E 250 -56.72 -26.28 0.82
CA SER E 250 -56.75 -27.56 1.56
C SER E 250 -55.61 -28.52 1.22
N GLU E 251 -55.01 -28.38 0.04
CA GLU E 251 -53.86 -29.16 -0.36
C GLU E 251 -52.52 -28.57 0.11
N ASP E 252 -52.52 -27.34 0.60
CA ASP E 252 -51.25 -26.67 0.88
C ASP E 252 -50.45 -27.47 1.86
N ILE E 253 -49.15 -27.51 1.62
CA ILE E 253 -48.20 -28.34 2.37
C ILE E 253 -47.87 -27.71 3.71
N LEU E 254 -47.77 -28.52 4.75
CA LEU E 254 -47.36 -28.01 6.07
C LEU E 254 -45.84 -28.02 6.17
N LEU E 255 -45.26 -26.95 6.72
CA LEU E 255 -43.81 -26.93 6.96
C LEU E 255 -43.47 -26.73 8.43
N TRP E 256 -44.21 -25.87 9.13
CA TRP E 256 -43.95 -25.61 10.53
C TRP E 256 -45.19 -25.28 11.33
N ARG E 257 -45.27 -25.81 12.56
CA ARG E 257 -46.30 -25.39 13.50
C ARG E 257 -46.06 -25.09 14.99
N ASP E 258 -45.55 -26.02 15.77
CA ASP E 258 -45.41 -25.74 17.23
C ASP E 258 -46.67 -25.33 18.05
N LEU E 259 -47.54 -26.30 18.27
CA LEU E 259 -48.75 -26.13 19.08
C LEU E 259 -48.41 -25.86 20.56
N GLU E 260 -47.24 -26.36 20.98
CA GLU E 260 -46.69 -26.15 22.35
C GLU E 260 -46.37 -24.69 22.68
N ASN E 261 -46.18 -23.86 21.63
CA ASN E 261 -45.89 -22.43 21.79
C ASN E 261 -46.80 -21.57 20.92
N PRO E 262 -48.08 -21.46 21.32
CA PRO E 262 -49.04 -20.82 20.45
C PRO E 262 -48.73 -19.36 20.11
N ALA E 263 -48.05 -18.63 21.00
CA ALA E 263 -47.84 -17.19 20.83
C ALA E 263 -46.60 -16.78 19.98
N HIS E 264 -45.75 -17.77 19.64
CA HIS E 264 -44.68 -17.56 18.66
C HIS E 264 -45.26 -17.33 17.28
N HIS E 265 -44.75 -16.34 16.58
CA HIS E 265 -45.19 -16.02 15.23
C HIS E 265 -44.01 -16.03 14.25
N LEU E 266 -44.27 -15.90 12.96
CA LEU E 266 -43.26 -16.18 11.91
C LEU E 266 -43.09 -15.11 10.83
N LYS E 267 -41.89 -15.01 10.29
CA LYS E 267 -41.60 -14.30 9.05
C LYS E 267 -40.85 -15.34 8.20
N CYS E 268 -40.76 -15.13 6.89
CA CYS E 268 -39.92 -16.03 6.07
C CYS E 268 -39.39 -15.40 4.80
N GLN E 269 -38.59 -16.14 4.06
CA GLN E 269 -37.74 -15.58 3.04
C GLN E 269 -37.05 -16.72 2.30
N ILE E 270 -36.74 -16.47 1.03
CA ILE E 270 -35.95 -17.40 0.21
C ILE E 270 -34.67 -16.67 -0.20
N THR E 271 -33.60 -17.43 -0.42
CA THR E 271 -32.30 -16.85 -0.74
C THR E 271 -32.24 -16.46 -2.22
N ASP E 272 -31.32 -15.58 -2.62
CA ASP E 272 -31.31 -15.05 -4.02
C ASP E 272 -31.04 -16.13 -5.07
N ASP E 273 -30.37 -17.19 -4.66
CA ASP E 273 -30.11 -18.32 -5.58
C ASP E 273 -31.24 -19.34 -5.61
N GLY E 274 -32.26 -19.14 -4.80
CA GLY E 274 -33.44 -19.98 -4.79
C GLY E 274 -33.30 -21.33 -4.10
N LYS E 275 -32.15 -21.61 -3.51
CA LYS E 275 -31.87 -22.94 -2.99
C LYS E 275 -32.36 -23.19 -1.57
N TYR E 276 -32.42 -22.15 -0.75
CA TYR E 276 -32.80 -22.33 0.65
C TYR E 276 -34.02 -21.53 1.03
N PHE E 277 -34.91 -22.17 1.78
CA PHE E 277 -36.05 -21.51 2.41
C PHE E 277 -35.73 -21.30 3.87
N LEU E 278 -35.76 -20.03 4.32
CA LEU E 278 -35.51 -19.72 5.71
C LEU E 278 -36.81 -19.39 6.42
N LEU E 279 -37.00 -19.94 7.61
CA LEU E 279 -38.16 -19.64 8.43
C LEU E 279 -37.63 -18.97 9.69
N TYR E 280 -38.12 -17.79 9.95
CA TYR E 280 -37.73 -17.04 11.15
C TYR E 280 -38.86 -17.14 12.15
N ILE E 281 -38.51 -17.41 13.41
CA ILE E 281 -39.51 -17.53 14.44
C ILE E 281 -39.28 -16.48 15.51
N LEU E 282 -40.32 -15.71 15.83
CA LEU E 282 -40.21 -14.58 16.74
C LEU E 282 -41.01 -14.78 17.99
N ASP E 283 -40.78 -13.92 18.98
CA ASP E 283 -41.50 -13.96 20.25
C ASP E 283 -41.81 -12.55 20.77
N GLY E 284 -43.06 -12.09 20.64
CA GLY E 284 -43.39 -10.71 21.03
C GLY E 284 -42.81 -9.72 20.07
N CYS E 285 -42.59 -8.50 20.55
CA CYS E 285 -41.98 -7.44 19.73
C CYS E 285 -40.50 -7.20 20.03
N ASP E 286 -39.83 -8.18 20.66
CA ASP E 286 -38.41 -8.08 20.98
C ASP E 286 -37.60 -8.26 19.69
N ASP E 287 -36.54 -7.48 19.47
CA ASP E 287 -35.67 -7.69 18.28
C ASP E 287 -34.79 -8.92 18.49
N ALA E 288 -35.41 -10.09 18.31
CA ALA E 288 -34.72 -11.37 18.42
C ALA E 288 -35.54 -12.46 17.77
N ASN E 289 -34.86 -13.50 17.31
CA ASN E 289 -35.47 -14.55 16.48
C ASN E 289 -34.65 -15.83 16.32
N LYS E 290 -35.36 -16.90 15.99
CA LYS E 290 -34.71 -18.15 15.60
C LYS E 290 -34.45 -18.11 14.13
N VAL E 291 -33.64 -19.04 13.65
CA VAL E 291 -33.35 -19.19 12.22
C VAL E 291 -33.29 -20.66 11.86
N TYR E 292 -34.26 -21.11 11.06
CA TYR E 292 -34.31 -22.48 10.53
C TYR E 292 -34.12 -22.42 9.03
N CYS E 293 -33.35 -23.34 8.46
CA CYS E 293 -33.06 -23.30 7.00
C CYS E 293 -33.49 -24.60 6.38
N LEU E 294 -34.09 -24.53 5.20
CA LEU E 294 -34.47 -25.74 4.52
C LEU E 294 -33.80 -25.77 3.16
N ASP E 295 -32.97 -26.79 2.94
CA ASP E 295 -32.32 -26.97 1.64
C ASP E 295 -33.26 -27.63 0.63
N LEU E 296 -33.66 -26.85 -0.37
CA LEU E 296 -34.66 -27.28 -1.34
C LEU E 296 -34.01 -28.15 -2.39
N THR E 297 -32.70 -28.00 -2.56
CA THR E 297 -32.02 -28.78 -3.57
C THR E 297 -31.93 -30.27 -3.15
N LYS E 298 -32.17 -30.58 -1.88
CA LYS E 298 -31.93 -31.92 -1.34
C LYS E 298 -33.23 -32.65 -0.99
N LEU E 299 -34.35 -32.24 -1.58
CA LEU E 299 -35.61 -32.90 -1.30
C LEU E 299 -35.87 -33.96 -2.35
N PRO E 300 -36.00 -35.25 -1.93
CA PRO E 300 -36.23 -36.36 -2.88
C PRO E 300 -37.28 -36.04 -3.93
N ASN E 301 -38.36 -35.38 -3.51
CA ASN E 301 -39.49 -35.15 -4.37
C ASN E 301 -39.99 -33.70 -4.39
N GLY E 302 -39.08 -32.75 -4.56
CA GLY E 302 -39.44 -31.34 -4.43
C GLY E 302 -40.22 -31.12 -3.13
N LEU E 303 -41.08 -30.10 -3.09
CA LEU E 303 -41.84 -29.84 -1.88
C LEU E 303 -43.00 -30.78 -1.70
N GLU E 304 -43.31 -31.58 -2.70
CA GLU E 304 -44.45 -32.50 -2.66
C GLU E 304 -44.31 -33.62 -1.60
N SER E 305 -43.14 -34.25 -1.45
CA SER E 305 -43.02 -35.17 -0.31
C SER E 305 -43.42 -34.26 0.86
N PHE E 306 -44.17 -34.79 1.83
CA PHE E 306 -44.92 -33.99 2.86
C PHE E 306 -46.42 -33.88 2.44
N ALA E 313 -41.17 -30.57 9.34
CA ALA E 313 -40.24 -30.77 8.20
C ALA E 313 -38.75 -30.73 8.63
N PRO E 314 -37.84 -31.41 7.88
CA PRO E 314 -36.41 -31.53 8.29
C PRO E 314 -35.57 -30.23 8.14
N PHE E 315 -35.82 -29.27 9.02
CA PHE E 315 -35.09 -28.00 9.04
C PHE E 315 -33.75 -28.15 9.76
N MET E 316 -32.69 -27.56 9.20
N MET E 316 -32.70 -27.55 9.21
CA MET E 316 -31.44 -27.32 9.93
CA MET E 316 -31.46 -27.30 9.93
C MET E 316 -31.76 -26.18 10.90
C MET E 316 -31.76 -26.17 10.91
N LYS E 317 -31.74 -26.45 12.20
CA LYS E 317 -32.03 -25.41 13.18
C LYS E 317 -30.71 -24.71 13.53
N LEU E 318 -30.36 -23.72 12.73
CA LEU E 318 -29.10 -23.00 12.92
C LEU E 318 -29.08 -22.10 14.15
N ILE E 319 -30.24 -21.62 14.58
CA ILE E 319 -30.38 -20.80 15.78
C ILE E 319 -31.69 -21.21 16.46
N ASP E 320 -31.63 -21.84 17.61
CA ASP E 320 -32.85 -22.35 18.26
C ASP E 320 -33.14 -21.65 19.60
N SER E 321 -32.86 -20.35 19.66
CA SER E 321 -33.15 -19.54 20.83
C SER E 321 -33.46 -18.09 20.47
N PHE E 322 -34.04 -17.38 21.42
CA PHE E 322 -34.40 -15.96 21.23
C PHE E 322 -33.36 -15.04 21.83
N ASP E 323 -32.09 -15.43 21.75
CA ASP E 323 -31.00 -14.62 22.32
C ASP E 323 -30.71 -13.37 21.53
N ALA E 324 -30.92 -13.41 20.22
CA ALA E 324 -30.48 -12.33 19.37
C ALA E 324 -31.17 -12.38 18.01
N SER E 325 -31.06 -11.26 17.29
CA SER E 325 -31.65 -11.10 15.97
C SER E 325 -30.70 -11.62 14.90
N TYR E 326 -31.26 -12.12 13.81
CA TYR E 326 -30.49 -12.68 12.71
C TYR E 326 -31.30 -12.51 11.42
N THR E 327 -30.71 -11.87 10.42
CA THR E 327 -31.37 -11.62 9.14
C THR E 327 -30.43 -11.97 8.01
N ALA E 328 -30.81 -12.94 7.19
CA ALA E 328 -29.92 -13.42 6.12
C ALA E 328 -29.70 -12.32 5.08
N ILE E 329 -28.46 -11.92 4.84
CA ILE E 329 -28.20 -10.88 3.86
C ILE E 329 -27.77 -11.47 2.53
N ALA E 330 -27.02 -12.57 2.58
CA ALA E 330 -26.54 -13.19 1.35
C ALA E 330 -26.01 -14.55 1.68
N ASN E 331 -25.75 -15.33 0.64
CA ASN E 331 -25.11 -16.62 0.83
C ASN E 331 -24.38 -17.07 -0.42
N ASP E 332 -23.36 -17.88 -0.20
CA ASP E 332 -22.57 -18.45 -1.26
C ASP E 332 -22.55 -19.95 -1.03
N GLY E 333 -23.45 -20.65 -1.72
CA GLY E 333 -23.74 -22.05 -1.40
C GLY E 333 -24.21 -22.10 0.05
N SER E 334 -23.45 -22.79 0.87
CA SER E 334 -23.83 -23.01 2.25
C SER E 334 -23.25 -21.93 3.17
N VAL E 335 -22.65 -20.89 2.62
CA VAL E 335 -21.95 -19.92 3.47
C VAL E 335 -22.72 -18.62 3.62
N PHE E 336 -23.41 -18.49 4.74
CA PHE E 336 -24.30 -17.36 4.94
C PHE E 336 -23.64 -16.15 5.53
N THR E 337 -24.11 -14.98 5.12
CA THR E 337 -23.75 -13.71 5.79
C THR E 337 -25.01 -13.18 6.46
N PHE E 338 -24.98 -13.03 7.78
CA PHE E 338 -26.14 -12.59 8.56
C PHE E 338 -25.95 -11.18 9.09
N GLN E 339 -27.05 -10.49 9.38
CA GLN E 339 -27.02 -9.29 10.18
C GLN E 339 -27.49 -9.69 11.56
N THR E 340 -26.80 -9.24 12.60
CA THR E 340 -27.19 -9.66 13.95
C THR E 340 -26.88 -8.63 15.01
N ASN E 341 -27.63 -8.70 16.11
CA ASN E 341 -27.35 -7.87 17.28
C ASN E 341 -26.85 -8.71 18.43
N LYS E 342 -26.17 -9.80 18.09
CA LYS E 342 -25.55 -10.70 19.08
C LYS E 342 -24.22 -10.14 19.55
N ASP E 343 -24.13 -9.85 20.84
CA ASP E 343 -22.94 -9.18 21.42
C ASP E 343 -22.66 -7.89 20.65
N ALA E 344 -23.73 -7.25 20.20
CA ALA E 344 -23.62 -6.00 19.47
C ALA E 344 -25.01 -5.31 19.48
N PRO E 345 -25.22 -4.31 20.36
CA PRO E 345 -26.44 -3.52 20.40
C PRO E 345 -26.72 -2.67 19.13
N ARG E 346 -25.70 -1.97 18.60
CA ARG E 346 -25.72 -1.53 17.20
C ARG E 346 -25.47 -2.87 16.62
N LYS E 347 -25.78 -3.09 15.36
CA LYS E 347 -25.67 -4.46 14.89
C LYS E 347 -24.34 -4.63 14.17
N LYS E 348 -24.11 -5.82 13.64
CA LYS E 348 -22.96 -6.10 12.85
C LYS E 348 -23.30 -7.13 11.81
N LEU E 349 -22.37 -7.41 10.91
CA LEU E 349 -22.49 -8.52 9.97
C LEU E 349 -21.53 -9.68 10.32
N VAL E 350 -22.05 -10.91 10.29
CA VAL E 350 -21.28 -12.09 10.63
C VAL E 350 -21.46 -13.18 9.61
N ARG E 351 -20.53 -14.11 9.54
CA ARG E 351 -20.56 -15.11 8.51
C ARG E 351 -20.39 -16.49 9.08
N VAL E 352 -21.21 -17.43 8.60
CA VAL E 352 -21.20 -18.82 9.03
C VAL E 352 -21.38 -19.76 7.84
N ASP E 353 -20.80 -20.94 7.94
CA ASP E 353 -21.04 -22.04 7.01
C ASP E 353 -22.02 -23.01 7.63
N LEU E 354 -23.08 -23.41 6.92
CA LEU E 354 -24.08 -24.30 7.52
C LEU E 354 -23.54 -25.70 7.78
N ASN E 355 -22.52 -26.08 7.03
CA ASN E 355 -21.86 -27.37 7.17
C ASN E 355 -20.81 -27.40 8.27
N ASN E 356 -20.49 -26.24 8.84
CA ASN E 356 -19.81 -26.15 10.15
C ASN E 356 -20.38 -25.00 10.97
N PRO E 357 -21.65 -25.15 11.39
CA PRO E 357 -22.47 -24.11 11.93
C PRO E 357 -22.05 -23.60 13.30
N SER E 358 -21.02 -24.19 13.89
CA SER E 358 -20.51 -23.78 15.21
C SER E 358 -19.58 -22.61 15.17
N VAL E 359 -18.97 -22.40 14.00
CA VAL E 359 -17.96 -21.37 13.83
C VAL E 359 -18.50 -20.16 13.10
N TRP E 360 -18.73 -19.09 13.89
CA TRP E 360 -19.24 -17.83 13.40
C TRP E 360 -18.14 -16.80 13.41
N THR E 361 -18.07 -15.92 12.42
CA THR E 361 -16.97 -14.93 12.36
C THR E 361 -17.40 -13.55 11.87
N ASP E 362 -16.86 -12.49 12.47
CA ASP E 362 -17.24 -11.13 12.11
C ASP E 362 -16.78 -10.81 10.72
N LEU E 363 -17.65 -10.20 9.94
CA LEU E 363 -17.34 -9.82 8.55
C LEU E 363 -17.16 -8.31 8.49
N VAL E 364 -18.17 -7.59 8.99
CA VAL E 364 -18.09 -6.16 9.25
C VAL E 364 -18.42 -6.05 10.74
N PRO E 365 -17.48 -5.58 11.56
CA PRO E 365 -17.75 -5.60 13.00
C PRO E 365 -18.68 -4.49 13.46
N GLU E 366 -19.06 -4.54 14.73
CA GLU E 366 -19.95 -3.54 15.28
C GLU E 366 -19.26 -2.19 15.30
N SER E 367 -19.98 -1.11 15.07
CA SER E 367 -19.41 0.22 15.21
C SER E 367 -19.57 0.62 16.63
N LYS E 368 -18.74 1.52 17.10
CA LYS E 368 -18.87 1.97 18.48
C LYS E 368 -20.03 2.94 18.61
N LYS E 369 -20.31 3.66 17.54
CA LYS E 369 -21.20 4.81 17.60
C LYS E 369 -22.47 4.61 16.73
N ASP E 370 -22.34 4.00 15.55
CA ASP E 370 -23.41 3.97 14.55
C ASP E 370 -24.15 2.64 14.46
N LEU E 371 -25.47 2.73 14.34
CA LEU E 371 -26.33 1.57 14.19
C LEU E 371 -26.25 1.10 12.75
N LEU E 372 -26.05 -0.21 12.59
CA LEU E 372 -26.15 -0.84 11.28
C LEU E 372 -27.60 -1.22 11.11
N GLU E 373 -28.39 -0.31 10.56
CA GLU E 373 -29.83 -0.50 10.44
C GLU E 373 -30.21 -1.58 9.49
N SER E 374 -29.52 -1.69 8.34
CA SER E 374 -29.82 -2.74 7.35
C SER E 374 -28.67 -2.96 6.35
N ALA E 375 -28.72 -4.09 5.66
CA ALA E 375 -27.65 -4.48 4.73
C ALA E 375 -28.26 -5.16 3.54
N HIS E 376 -27.68 -4.94 2.37
CA HIS E 376 -28.23 -5.46 1.10
C HIS E 376 -27.14 -5.87 0.13
N ALA E 377 -27.13 -7.15 -0.23
CA ALA E 377 -26.20 -7.62 -1.26
C ALA E 377 -26.66 -7.12 -2.65
N VAL E 378 -25.72 -6.53 -3.39
CA VAL E 378 -26.00 -5.91 -4.70
C VAL E 378 -24.82 -6.05 -5.66
N ASN E 379 -25.10 -5.94 -6.95
CA ASN E 379 -24.07 -5.99 -7.97
C ASN E 379 -23.19 -7.25 -7.84
N GLU E 380 -23.82 -8.41 -7.59
CA GLU E 380 -23.16 -9.71 -7.53
C GLU E 380 -22.27 -9.94 -6.32
N ASN E 381 -21.36 -9.01 -6.04
CA ASN E 381 -20.32 -9.25 -5.04
C ASN E 381 -20.07 -8.05 -4.13
N GLN E 382 -21.08 -7.19 -4.00
CA GLN E 382 -21.01 -6.01 -3.13
C GLN E 382 -22.12 -5.97 -2.08
N LEU E 383 -21.91 -5.09 -1.13
CA LEU E 383 -22.85 -4.88 -0.03
C LEU E 383 -23.16 -3.41 0.10
N ILE E 384 -24.42 -3.06 0.35
CA ILE E 384 -24.77 -1.69 0.75
C ILE E 384 -25.27 -1.71 2.18
N LEU E 385 -24.49 -1.12 3.05
CA LEU E 385 -24.86 -0.99 4.42
C LEU E 385 -25.58 0.35 4.60
N ARG E 386 -26.65 0.34 5.38
CA ARG E 386 -27.34 1.54 5.71
C ARG E 386 -27.15 1.79 7.18
N TYR E 387 -26.27 2.73 7.52
CA TYR E 387 -26.00 3.09 8.90
C TYR E 387 -26.87 4.26 9.33
N LEU E 388 -27.22 4.27 10.60
CA LEU E 388 -27.95 5.39 11.19
C LEU E 388 -27.00 6.05 12.16
N SER E 389 -26.53 7.23 11.80
CA SER E 389 -25.49 7.94 12.55
C SER E 389 -26.03 9.26 13.12
N ASP E 390 -26.26 9.30 14.44
CA ASP E 390 -27.01 10.40 15.06
C ASP E 390 -28.26 10.72 14.24
N VAL E 391 -29.09 9.70 14.07
CA VAL E 391 -30.38 9.81 13.38
C VAL E 391 -30.31 10.38 11.97
N LYS E 392 -29.20 10.12 11.27
CA LYS E 392 -29.09 10.49 9.87
C LYS E 392 -28.43 9.37 9.18
N HIS E 393 -28.96 9.04 8.01
CA HIS E 393 -28.53 7.83 7.34
C HIS E 393 -27.17 8.00 6.70
N VAL E 394 -26.47 6.89 6.55
CA VAL E 394 -25.19 6.85 5.84
C VAL E 394 -25.11 5.56 5.04
N LEU E 395 -24.81 5.67 3.77
CA LEU E 395 -24.71 4.49 2.93
C LEU E 395 -23.24 4.16 2.73
N GLU E 396 -22.87 2.89 2.92
CA GLU E 396 -21.51 2.43 2.65
C GLU E 396 -21.62 1.33 1.63
N ILE E 397 -20.67 1.31 0.69
CA ILE E 397 -20.55 0.22 -0.26
C ILE E 397 -19.30 -0.54 0.09
N ARG E 398 -19.44 -1.85 0.31
CA ARG E 398 -18.33 -2.67 0.73
C ARG E 398 -18.20 -3.88 -0.13
N ASP E 399 -17.08 -4.59 0.00
CA ASP E 399 -16.88 -5.86 -0.71
C ASP E 399 -17.57 -6.99 0.07
N LEU E 400 -18.44 -7.75 -0.58
CA LEU E 400 -19.19 -8.82 0.07
C LEU E 400 -18.25 -9.85 0.65
N GLU E 401 -17.25 -10.23 -0.14
CA GLU E 401 -16.33 -11.28 0.25
C GLU E 401 -15.51 -10.90 1.49
N SER E 402 -14.78 -9.80 1.41
CA SER E 402 -13.86 -9.35 2.47
C SER E 402 -14.50 -8.41 3.48
N GLY E 403 -15.64 -7.80 3.15
CA GLY E 403 -16.29 -6.84 4.04
C GLY E 403 -15.60 -5.48 4.06
N ALA E 404 -14.67 -5.26 3.13
CA ALA E 404 -13.81 -4.06 3.11
C ALA E 404 -14.54 -2.86 2.55
N LEU E 405 -14.30 -1.69 3.16
CA LEU E 405 -14.99 -0.45 2.73
C LEU E 405 -14.49 0.04 1.39
N GLN E 406 -15.42 0.29 0.46
CA GLN E 406 -15.09 0.81 -0.86
C GLN E 406 -15.49 2.28 -1.09
N HIS E 407 -16.69 2.66 -0.66
CA HIS E 407 -17.17 4.04 -0.73
C HIS E 407 -18.07 4.34 0.45
N ARG E 408 -18.29 5.64 0.69
CA ARG E 408 -19.10 6.09 1.84
C ARG E 408 -19.88 7.39 1.49
N LEU E 409 -21.22 7.32 1.47
CA LEU E 409 -22.08 8.46 1.08
C LEU E 409 -23.03 8.86 2.23
N PRO E 410 -22.67 9.92 3.00
CA PRO E 410 -23.57 10.42 4.06
C PRO E 410 -24.77 11.09 3.43
N ILE E 411 -25.94 10.92 4.03
CA ILE E 411 -27.18 11.45 3.48
C ILE E 411 -27.62 12.69 4.28
N ASP E 412 -28.30 13.63 3.62
CA ASP E 412 -28.77 14.81 4.31
C ASP E 412 -29.82 14.40 5.33
N ILE E 413 -30.22 15.36 6.16
CA ILE E 413 -31.29 15.10 7.11
C ILE E 413 -32.47 14.59 6.34
N GLY E 414 -33.12 13.59 6.91
CA GLY E 414 -34.19 12.85 6.25
C GLY E 414 -33.94 11.37 6.38
N SER E 415 -34.55 10.60 5.48
CA SER E 415 -34.57 9.15 5.56
C SER E 415 -34.42 8.50 4.18
N VAL E 416 -33.46 7.57 4.00
CA VAL E 416 -33.47 6.65 2.83
C VAL E 416 -34.06 5.33 3.20
N ASP E 417 -34.75 4.68 2.26
CA ASP E 417 -35.22 3.30 2.45
C ASP E 417 -35.82 2.67 1.14
N GLY E 418 -36.38 1.49 1.27
CA GLY E 418 -37.11 0.86 0.15
C GLY E 418 -36.23 0.38 -0.98
N ILE E 419 -35.03 -0.07 -0.65
CA ILE E 419 -34.21 -0.67 -1.70
C ILE E 419 -34.92 -1.92 -2.23
N THR E 420 -35.00 -2.06 -3.56
CA THR E 420 -35.59 -3.26 -4.15
C THR E 420 -34.59 -4.07 -4.99
N ALA E 421 -33.37 -3.60 -5.05
CA ALA E 421 -32.39 -4.25 -5.89
C ALA E 421 -32.22 -5.73 -5.49
N ARG E 422 -31.92 -6.60 -6.44
CA ARG E 422 -31.55 -7.99 -6.13
C ARG E 422 -30.01 -8.14 -6.27
N ARG E 423 -29.47 -9.25 -5.82
CA ARG E 423 -28.02 -9.38 -5.68
C ARG E 423 -27.36 -9.36 -7.05
N ARG E 424 -28.03 -9.74 -8.14
CA ARG E 424 -27.33 -9.61 -9.42
C ARG E 424 -27.28 -8.16 -9.91
N ASP E 425 -28.22 -7.31 -9.48
CA ASP E 425 -28.41 -6.00 -10.10
C ASP E 425 -27.29 -5.03 -9.87
N SER E 426 -26.85 -4.36 -10.93
CA SER E 426 -25.80 -3.38 -10.81
C SER E 426 -26.31 -1.99 -10.65
N VAL E 427 -27.53 -1.77 -11.07
CA VAL E 427 -28.22 -0.49 -10.97
C VAL E 427 -29.31 -0.66 -9.90
N VAL E 428 -29.20 0.09 -8.80
CA VAL E 428 -30.17 -0.01 -7.67
C VAL E 428 -31.13 1.20 -7.54
N PHE E 429 -32.34 1.02 -6.98
CA PHE E 429 -33.26 2.15 -6.69
C PHE E 429 -33.64 2.24 -5.21
N PHE E 430 -33.80 3.46 -4.71
CA PHE E 430 -34.29 3.67 -3.35
C PHE E 430 -34.98 5.01 -3.18
N LYS E 431 -35.72 5.16 -2.09
CA LYS E 431 -36.49 6.38 -1.86
C LYS E 431 -35.92 7.26 -0.74
N PHE E 432 -35.74 8.53 -1.04
CA PHE E 432 -35.36 9.50 -0.05
C PHE E 432 -36.57 10.38 0.24
N THR E 433 -36.79 10.69 1.51
CA THR E 433 -37.80 11.69 1.89
C THR E 433 -37.31 12.49 3.07
N SER E 434 -37.96 13.63 3.31
CA SER E 434 -37.56 14.53 4.38
C SER E 434 -38.68 15.51 4.65
N ILE E 435 -38.52 16.31 5.71
CA ILE E 435 -39.52 17.30 6.10
C ILE E 435 -39.84 18.21 4.90
N LEU E 436 -38.79 18.70 4.23
CA LEU E 436 -38.94 19.59 3.06
C LEU E 436 -38.68 18.92 1.73
N THR E 437 -38.43 17.62 1.73
CA THR E 437 -38.31 16.88 0.49
C THR E 437 -39.38 15.78 0.39
N PRO E 438 -40.42 15.99 -0.46
CA PRO E 438 -41.60 15.12 -0.53
C PRO E 438 -41.31 13.67 -0.92
N GLY E 439 -40.42 13.49 -1.88
CA GLY E 439 -40.10 12.15 -2.31
C GLY E 439 -39.30 12.19 -3.59
N ILE E 440 -38.17 11.51 -3.56
CA ILE E 440 -37.33 11.36 -4.72
C ILE E 440 -37.03 9.88 -4.75
N VAL E 441 -37.17 9.27 -5.93
CA VAL E 441 -36.61 7.95 -6.18
C VAL E 441 -35.27 8.16 -6.84
N TYR E 442 -34.20 7.78 -6.14
CA TYR E 442 -32.86 7.81 -6.70
C TYR E 442 -32.57 6.51 -7.40
N GLN E 443 -31.62 6.57 -8.32
CA GLN E 443 -31.08 5.38 -8.92
C GLN E 443 -29.58 5.51 -8.92
N CYS E 444 -28.90 4.38 -8.75
CA CYS E 444 -27.45 4.38 -8.63
C CYS E 444 -26.87 3.27 -9.44
N ASP E 445 -25.96 3.60 -10.35
CA ASP E 445 -25.26 2.58 -11.10
C ASP E 445 -23.96 2.26 -10.36
N LEU E 446 -23.97 1.17 -9.59
CA LEU E 446 -22.83 0.79 -8.79
C LEU E 446 -21.62 0.38 -9.60
N LYS E 447 -21.84 -0.06 -10.83
CA LYS E 447 -20.76 -0.55 -11.66
C LYS E 447 -19.93 0.63 -12.12
N ASN E 448 -20.56 1.54 -12.86
CA ASN E 448 -19.82 2.59 -13.57
C ASN E 448 -19.76 3.93 -12.89
N ASP E 449 -20.54 4.13 -11.82
CA ASP E 449 -20.52 5.42 -11.11
C ASP E 449 -21.08 5.34 -9.66
N PRO E 450 -20.45 4.53 -8.80
CA PRO E 450 -20.96 4.19 -7.45
C PRO E 450 -21.21 5.35 -6.50
N THR E 451 -20.51 6.48 -6.71
CA THR E 451 -20.67 7.64 -5.84
C THR E 451 -21.93 8.45 -6.18
N GLN E 452 -22.29 8.55 -7.46
CA GLN E 452 -23.35 9.45 -7.94
C GLN E 452 -24.72 8.79 -7.91
N LEU E 453 -25.66 9.50 -7.28
CA LEU E 453 -27.06 9.16 -7.21
C LEU E 453 -27.85 10.00 -8.17
N LYS E 454 -28.31 9.43 -9.27
CA LYS E 454 -29.02 10.25 -10.24
C LYS E 454 -30.49 10.25 -9.79
N ILE E 455 -31.19 11.36 -10.05
CA ILE E 455 -32.63 11.42 -9.79
C ILE E 455 -33.39 10.73 -10.91
N PHE E 456 -34.30 9.85 -10.53
CA PHE E 456 -35.08 9.05 -11.48
C PHE E 456 -36.53 9.54 -11.53
N ARG E 457 -37.14 9.73 -10.37
CA ARG E 457 -38.43 10.42 -10.25
C ARG E 457 -38.32 11.40 -9.12
N GLU E 458 -39.03 12.50 -9.22
CA GLU E 458 -38.99 13.54 -8.19
C GLU E 458 -40.35 14.17 -8.02
N SER E 459 -40.91 14.00 -6.83
CA SER E 459 -42.17 14.61 -6.49
C SER E 459 -42.02 16.12 -6.26
N VAL E 460 -43.03 16.89 -6.67
CA VAL E 460 -43.03 18.34 -6.46
C VAL E 460 -44.36 18.76 -5.87
N VAL E 461 -44.25 19.47 -4.75
CA VAL E 461 -45.41 19.98 -4.05
C VAL E 461 -45.81 21.27 -4.71
N PRO E 462 -47.06 21.37 -5.19
CA PRO E 462 -47.46 22.60 -5.87
C PRO E 462 -47.45 23.82 -4.96
N ASP E 463 -46.85 24.90 -5.45
CA ASP E 463 -46.86 26.21 -4.79
C ASP E 463 -46.24 26.10 -3.42
N PHE E 464 -45.03 25.54 -3.37
CA PHE E 464 -44.27 25.43 -2.13
C PHE E 464 -42.82 25.66 -2.43
N ASP E 465 -42.26 26.66 -1.76
CA ASP E 465 -40.86 27.05 -1.92
C ASP E 465 -40.10 26.53 -0.71
N ARG E 466 -39.37 25.45 -0.89
CA ARG E 466 -38.71 24.82 0.23
C ARG E 466 -37.53 25.67 0.77
N SER E 467 -37.07 26.65 0.00
CA SER E 467 -35.95 27.50 0.43
C SER E 467 -36.30 28.52 1.52
N GLU E 468 -37.59 28.79 1.74
CA GLU E 468 -38.07 29.61 2.87
C GLU E 468 -37.85 28.95 4.25
N PHE E 469 -37.70 27.62 4.28
CA PHE E 469 -37.66 26.85 5.51
C PHE E 469 -36.32 26.12 5.64
N GLU E 470 -35.98 25.76 6.89
CA GLU E 470 -34.77 25.01 7.19
C GLU E 470 -35.03 24.02 8.29
N VAL E 471 -34.12 23.07 8.40
CA VAL E 471 -34.19 21.98 9.39
C VAL E 471 -32.83 21.83 10.07
N LYS E 472 -32.83 21.96 11.40
CA LYS E 472 -31.65 21.82 12.19
C LYS E 472 -31.79 20.55 13.03
N GLN E 473 -30.66 19.96 13.41
CA GLN E 473 -30.62 18.95 14.46
C GLN E 473 -29.82 19.51 15.61
N VAL E 474 -30.39 19.50 16.80
CA VAL E 474 -29.68 19.85 18.02
C VAL E 474 -29.82 18.75 19.05
N PHE E 475 -28.95 18.77 20.07
CA PHE E 475 -29.02 17.81 21.16
C PHE E 475 -29.33 18.49 22.47
N VAL E 476 -30.24 17.93 23.25
CA VAL E 476 -30.68 18.57 24.47
C VAL E 476 -30.53 17.63 25.66
N PRO E 477 -30.34 18.19 26.87
CA PRO E 477 -30.08 17.34 28.04
C PRO E 477 -31.35 16.91 28.74
N SER E 478 -31.44 15.63 29.09
CA SER E 478 -32.60 15.09 29.82
C SER E 478 -32.28 15.12 31.32
N LYS E 479 -33.29 14.84 32.14
CA LYS E 479 -33.17 14.85 33.62
C LYS E 479 -31.94 14.10 34.12
N ASP E 480 -31.69 12.92 33.57
CA ASP E 480 -30.54 12.12 34.04
C ASP E 480 -29.24 12.42 33.28
N GLY E 481 -29.17 13.55 32.58
CA GLY E 481 -27.93 13.92 31.93
C GLY E 481 -27.68 13.32 30.57
N THR E 482 -28.53 12.41 30.11
CA THR E 482 -28.40 11.88 28.78
C THR E 482 -28.77 12.91 27.73
N LYS E 483 -27.99 13.01 26.65
CA LYS E 483 -28.33 13.93 25.57
C LYS E 483 -29.31 13.27 24.61
N ILE E 484 -30.27 14.06 24.11
CA ILE E 484 -31.33 13.51 23.30
C ILE E 484 -31.36 14.26 21.98
N PRO E 485 -31.24 13.57 20.83
CA PRO E 485 -31.29 14.27 19.53
C PRO E 485 -32.70 14.72 19.18
N ILE E 486 -32.83 15.94 18.67
CA ILE E 486 -34.12 16.43 18.21
C ILE E 486 -33.97 17.21 16.89
N PHE E 487 -34.93 17.06 15.98
CA PHE E 487 -34.98 17.87 14.76
C PHE E 487 -35.91 19.05 14.98
N ILE E 488 -35.53 20.20 14.41
CA ILE E 488 -36.34 21.41 14.52
C ILE E 488 -36.48 22.07 13.16
N ALA E 489 -37.72 22.09 12.64
CA ALA E 489 -38.07 22.70 11.34
C ALA E 489 -38.86 23.97 11.56
N ALA E 490 -38.43 25.06 10.91
CA ALA E 490 -39.14 26.34 10.99
C ALA E 490 -38.74 27.19 9.83
N ARG E 491 -39.42 28.31 9.67
CA ARG E 491 -39.07 29.30 8.63
C ARG E 491 -37.65 29.82 8.88
N LYS E 492 -37.00 30.29 7.83
CA LYS E 492 -35.62 30.74 7.93
C LYS E 492 -35.55 32.04 8.67
N GLY E 493 -34.49 32.19 9.46
CA GLY E 493 -34.28 33.37 10.31
C GLY E 493 -35.52 33.87 11.03
N ILE E 494 -36.10 33.05 11.90
CA ILE E 494 -37.16 33.55 12.77
C ILE E 494 -36.50 34.12 14.01
N SER E 495 -37.25 34.91 14.77
CA SER E 495 -36.79 35.35 16.09
C SER E 495 -37.03 34.28 17.15
N LEU E 496 -36.00 33.95 17.91
CA LEU E 496 -36.21 33.13 19.10
C LEU E 496 -36.70 33.98 20.27
N ASP E 497 -37.89 34.58 20.09
CA ASP E 497 -38.51 35.49 21.04
C ASP E 497 -39.68 34.88 21.83
N GLY E 498 -39.87 33.56 21.77
CA GLY E 498 -40.87 32.86 22.59
C GLY E 498 -42.27 32.84 22.02
N SER E 499 -42.49 33.52 20.91
CA SER E 499 -43.84 33.71 20.36
C SER E 499 -44.45 32.45 19.70
N HIS E 500 -43.63 31.72 18.94
CA HIS E 500 -44.13 30.78 17.92
C HIS E 500 -44.89 29.56 18.44
N PRO E 501 -45.98 29.17 17.76
CA PRO E 501 -46.62 27.95 18.16
C PRO E 501 -45.78 26.78 17.76
N CYS E 502 -45.82 25.71 18.56
CA CYS E 502 -44.86 24.65 18.42
C CYS E 502 -45.47 23.26 18.57
N GLU E 503 -45.32 22.44 17.54
CA GLU E 503 -45.79 21.07 17.60
C GLU E 503 -44.63 20.16 17.82
N MET E 504 -44.78 19.21 18.71
CA MET E 504 -43.71 18.27 19.03
C MET E 504 -44.22 16.84 18.93
N HIS E 505 -43.46 16.00 18.23
CA HIS E 505 -43.88 14.64 17.91
C HIS E 505 -42.82 13.64 18.42
N GLY E 506 -43.27 12.50 18.94
CA GLY E 506 -42.38 11.46 19.46
C GLY E 506 -43.06 10.09 19.52
N TYR E 507 -42.30 9.07 19.87
CA TYR E 507 -42.85 7.74 20.03
C TYR E 507 -42.25 7.08 21.30
N GLY E 508 -41.03 6.55 21.22
CA GLY E 508 -40.29 6.14 22.42
C GLY E 508 -40.56 4.72 22.88
N GLY E 509 -40.32 3.76 21.99
CA GLY E 509 -40.41 2.36 22.37
C GLY E 509 -40.24 1.41 21.20
N PHE E 510 -40.16 0.12 21.52
CA PHE E 510 -40.33 -0.98 20.57
C PHE E 510 -39.27 -0.99 19.49
N GLY E 511 -38.13 -0.40 19.80
CA GLY E 511 -37.03 -0.30 18.86
C GLY E 511 -37.29 0.56 17.64
N ILE E 512 -38.44 1.23 17.56
CA ILE E 512 -38.81 1.99 16.36
C ILE E 512 -38.01 3.30 16.27
N ASN E 513 -37.38 3.50 15.10
CA ASN E 513 -36.62 4.72 14.77
C ASN E 513 -37.48 5.81 14.18
N MET E 514 -37.50 6.98 14.79
CA MET E 514 -38.25 8.10 14.21
C MET E 514 -37.36 8.89 13.29
N MET E 515 -37.55 8.73 11.99
CA MET E 515 -36.87 9.55 11.02
C MET E 515 -37.70 10.81 10.70
N PRO E 516 -37.08 11.88 10.21
CA PRO E 516 -37.86 13.03 9.87
C PRO E 516 -38.32 13.00 8.41
N THR E 517 -39.41 12.26 8.13
CA THR E 517 -39.95 12.06 6.75
C THR E 517 -40.90 13.19 6.30
N PHE E 518 -41.47 13.10 5.09
CA PHE E 518 -42.33 14.17 4.59
C PHE E 518 -43.77 14.03 5.01
N SER E 519 -44.27 15.12 5.63
CA SER E 519 -45.69 15.30 5.82
C SER E 519 -46.11 16.63 5.19
N ALA E 520 -47.23 16.57 4.47
CA ALA E 520 -47.78 17.70 3.78
C ALA E 520 -48.46 18.61 4.76
N SER E 521 -49.24 18.05 5.67
CA SER E 521 -49.91 18.87 6.69
C SER E 521 -48.91 19.59 7.64
N ARG E 522 -47.74 19.00 7.84
CA ARG E 522 -46.69 19.68 8.55
C ARG E 522 -46.33 20.99 7.87
N ILE E 523 -46.22 20.98 6.55
CA ILE E 523 -45.85 22.19 5.79
C ILE E 523 -46.87 23.29 6.02
N VAL E 524 -48.12 22.90 6.07
CA VAL E 524 -49.20 23.85 6.26
C VAL E 524 -49.00 24.52 7.63
N PHE E 525 -48.79 23.67 8.64
CA PHE E 525 -48.54 24.12 9.98
C PHE E 525 -47.40 25.11 9.93
N LEU E 526 -46.28 24.70 9.35
CA LEU E 526 -45.11 25.58 9.24
C LEU E 526 -45.36 26.91 8.51
N LYS E 527 -45.97 26.87 7.34
CA LYS E 527 -46.11 28.07 6.49
C LYS E 527 -47.26 28.99 6.92
N HIS E 528 -48.44 28.38 7.11
CA HIS E 528 -49.68 29.14 7.29
C HIS E 528 -50.08 29.33 8.76
N LEU E 529 -49.33 28.71 9.66
CA LEU E 529 -49.52 28.95 11.06
C LEU E 529 -48.24 29.46 11.71
N GLY E 530 -47.28 29.93 10.91
CA GLY E 530 -45.99 30.44 11.42
C GLY E 530 -45.32 29.53 12.45
N GLY E 531 -45.42 28.21 12.22
CA GLY E 531 -45.17 27.19 13.24
C GLY E 531 -43.75 26.72 13.28
N VAL E 532 -43.42 26.05 14.38
CA VAL E 532 -42.12 25.41 14.58
C VAL E 532 -42.36 23.95 14.92
N PHE E 533 -41.74 23.06 14.17
CA PHE E 533 -42.00 21.64 14.36
C PHE E 533 -40.76 20.95 14.89
N CYS E 534 -40.99 19.96 15.76
CA CYS E 534 -39.89 19.24 16.41
C CYS E 534 -40.19 17.75 16.53
N LEU E 535 -39.22 16.94 16.11
CA LEU E 535 -39.33 15.50 16.23
C LEU E 535 -38.26 15.08 17.20
N ALA E 536 -38.65 14.36 18.25
CA ALA E 536 -37.75 13.99 19.35
C ALA E 536 -37.41 12.50 19.34
N ASN E 537 -36.12 12.23 19.27
CA ASN E 537 -35.59 10.86 19.18
C ASN E 537 -35.30 10.41 20.57
N ILE E 538 -36.35 10.20 21.34
CA ILE E 538 -36.21 9.84 22.74
C ILE E 538 -35.92 8.36 22.83
N ARG E 539 -35.56 7.97 24.05
CA ARG E 539 -35.22 6.58 24.35
C ARG E 539 -36.45 5.71 24.28
N GLY E 540 -36.23 4.40 24.22
CA GLY E 540 -37.25 3.44 23.85
C GLY E 540 -37.20 3.13 22.35
N GLY E 541 -36.79 4.11 21.53
CA GLY E 541 -36.53 3.88 20.12
C GLY E 541 -35.27 3.02 19.94
N GLY E 542 -34.87 2.81 18.68
CA GLY E 542 -33.68 2.03 18.37
C GLY E 542 -32.58 2.88 17.76
N GLU E 543 -32.74 4.20 17.82
CA GLU E 543 -31.91 5.17 17.08
C GLU E 543 -30.42 4.95 17.33
N TYR E 544 -30.09 4.62 18.58
CA TYR E 544 -28.72 4.39 19.02
C TYR E 544 -28.55 2.96 19.49
N GLY E 545 -29.16 2.01 18.81
CA GLY E 545 -28.95 0.62 19.18
C GLY E 545 -29.82 0.16 20.33
N GLU E 546 -29.55 -1.07 20.76
CA GLU E 546 -30.47 -1.77 21.67
C GLU E 546 -30.41 -1.24 23.12
N GLU E 547 -29.30 -0.61 23.51
CA GLU E 547 -29.16 -0.02 24.84
C GLU E 547 -30.02 1.25 24.95
N TRP E 548 -30.31 1.86 23.80
CA TRP E 548 -31.12 3.06 23.75
C TRP E 548 -32.56 2.63 23.88
N HIS E 549 -32.88 1.46 23.30
CA HIS E 549 -34.20 0.85 23.45
C HIS E 549 -34.44 0.48 24.91
N LYS E 550 -33.55 -0.30 25.49
CA LYS E 550 -33.73 -0.80 26.85
C LYS E 550 -33.67 0.31 27.91
N ALA E 551 -33.05 1.44 27.59
CA ALA E 551 -33.00 2.58 28.51
C ALA E 551 -34.32 3.32 28.63
N GLY E 552 -35.28 2.96 27.79
CA GLY E 552 -36.60 3.52 27.85
C GLY E 552 -37.64 2.44 27.77
N PHE E 553 -37.41 1.31 28.43
CA PHE E 553 -38.41 0.23 28.45
C PHE E 553 -38.50 -0.46 29.82
N ARG E 554 -39.54 -1.26 30.01
CA ARG E 554 -39.81 -1.94 31.27
C ARG E 554 -39.69 -0.99 32.48
N ASP E 555 -38.71 -1.24 33.36
CA ASP E 555 -38.53 -0.44 34.57
C ASP E 555 -38.07 1.00 34.28
N LYS E 556 -37.50 1.21 33.09
CA LYS E 556 -37.01 2.53 32.69
C LYS E 556 -37.95 3.25 31.68
N LYS E 557 -39.22 2.83 31.64
CA LYS E 557 -40.18 3.50 30.78
C LYS E 557 -40.27 4.98 31.12
N GLN E 558 -40.16 5.32 32.39
CA GLN E 558 -40.22 6.72 32.78
C GLN E 558 -39.20 7.61 32.07
N ASN E 559 -38.05 7.05 31.70
CA ASN E 559 -37.03 7.88 31.04
C ASN E 559 -37.51 8.49 29.73
N VAL E 560 -38.34 7.74 29.04
CA VAL E 560 -38.94 8.16 27.81
C VAL E 560 -39.69 9.48 27.98
N PHE E 561 -40.49 9.55 29.06
CA PHE E 561 -41.34 10.70 29.32
C PHE E 561 -40.52 11.88 29.80
N ASP E 562 -39.47 11.60 30.59
CA ASP E 562 -38.57 12.66 31.04
C ASP E 562 -37.80 13.25 29.86
N ASP E 563 -37.42 12.40 28.90
CA ASP E 563 -36.73 12.84 27.67
C ASP E 563 -37.56 13.83 26.84
N PHE E 564 -38.84 13.50 26.68
CA PHE E 564 -39.78 14.32 25.93
C PHE E 564 -40.01 15.62 26.67
N ILE E 565 -40.29 15.54 27.96
CA ILE E 565 -40.52 16.73 28.77
C ILE E 565 -39.32 17.66 28.66
N SER E 566 -38.14 17.07 28.67
CA SER E 566 -36.87 17.82 28.54
C SER E 566 -36.68 18.51 27.20
N ALA E 567 -37.10 17.85 26.12
CA ALA E 567 -37.07 18.49 24.81
C ALA E 567 -37.97 19.74 24.81
N ALA E 568 -39.17 19.63 25.38
CA ALA E 568 -40.10 20.76 25.43
C ALA E 568 -39.54 21.92 26.24
N GLU E 569 -38.86 21.58 27.34
CA GLU E 569 -38.21 22.58 28.18
C GLU E 569 -37.13 23.31 27.42
N TYR E 570 -36.41 22.57 26.60
CA TYR E 570 -35.38 23.20 25.76
C TYR E 570 -35.99 24.19 24.80
N LEU E 571 -37.07 23.78 24.14
CA LEU E 571 -37.75 24.64 23.15
C LEU E 571 -38.24 25.94 23.78
N ILE E 572 -38.73 25.85 25.01
CA ILE E 572 -39.15 27.01 25.77
C ILE E 572 -37.94 27.93 26.05
N SER E 573 -36.87 27.37 26.61
CA SER E 573 -35.76 28.18 27.09
C SER E 573 -35.00 28.76 25.95
N SER E 574 -34.79 27.98 24.91
CA SER E 574 -33.97 28.41 23.77
C SER E 574 -34.68 29.51 23.01
N GLY E 575 -35.98 29.69 23.27
CA GLY E 575 -36.74 30.83 22.77
C GLY E 575 -37.61 30.54 21.57
N TYR E 576 -37.81 29.27 21.24
CA TYR E 576 -38.67 28.91 20.10
C TYR E 576 -40.15 29.16 20.39
N THR E 577 -40.56 28.89 21.61
CA THR E 577 -41.96 28.90 21.93
C THR E 577 -42.09 29.20 23.41
N LYS E 578 -43.29 29.03 23.96
CA LYS E 578 -43.48 29.21 25.39
C LYS E 578 -44.50 28.23 25.94
N ALA E 579 -44.60 28.19 27.26
CA ALA E 579 -45.22 27.04 27.95
C ALA E 579 -46.52 26.54 27.36
N ARG E 580 -47.52 27.43 27.26
N ARG E 580 -47.49 27.42 27.23
CA ARG E 580 -48.86 27.07 26.80
CA ARG E 580 -48.79 26.98 26.80
C ARG E 580 -49.00 27.30 25.31
C ARG E 580 -49.01 27.34 25.32
N ARG E 581 -47.91 27.34 24.57
CA ARG E 581 -47.91 27.45 23.12
C ARG E 581 -47.32 26.19 22.47
N VAL E 582 -47.14 25.14 23.25
CA VAL E 582 -46.52 23.89 22.80
C VAL E 582 -47.60 22.83 22.62
N ALA E 583 -47.68 22.26 21.43
CA ALA E 583 -48.54 21.11 21.19
C ALA E 583 -47.73 19.82 21.10
N ILE E 584 -48.28 18.73 21.65
CA ILE E 584 -47.65 17.41 21.52
C ILE E 584 -48.57 16.43 20.81
N GLU E 585 -48.01 15.57 19.97
CA GLU E 585 -48.75 14.59 19.20
C GLU E 585 -48.01 13.31 19.28
N GLY E 586 -48.73 12.21 19.34
CA GLY E 586 -48.12 10.87 19.25
C GLY E 586 -49.19 9.79 19.07
N GLY E 587 -48.83 8.68 18.43
CA GLY E 587 -49.81 7.63 18.18
C GLY E 587 -49.36 6.31 18.73
N SER E 588 -50.32 5.48 19.15
CA SER E 588 -50.02 4.15 19.73
C SER E 588 -49.16 4.23 21.02
N ASN E 589 -47.93 3.74 21.00
CA ASN E 589 -47.01 3.94 22.13
C ASN E 589 -46.64 5.41 22.32
N GLY E 590 -46.87 6.19 21.25
CA GLY E 590 -46.68 7.62 21.27
C GLY E 590 -47.88 8.34 21.84
N GLY E 591 -49.01 7.66 21.87
CA GLY E 591 -50.22 8.20 22.50
C GLY E 591 -50.10 8.11 24.00
N LEU E 592 -49.63 6.96 24.45
CA LEU E 592 -49.24 6.73 25.84
C LEU E 592 -48.26 7.78 26.32
N LEU E 593 -47.29 8.07 25.45
CA LEU E 593 -46.34 9.17 25.66
C LEU E 593 -47.05 10.51 25.91
N VAL E 594 -47.94 10.91 24.99
CA VAL E 594 -48.71 12.16 25.12
C VAL E 594 -49.49 12.19 26.41
N ALA E 595 -50.10 11.06 26.76
CA ALA E 595 -51.05 11.00 27.85
C ALA E 595 -50.41 11.00 29.23
N ALA E 596 -49.25 10.36 29.32
CA ALA E 596 -48.49 10.34 30.55
C ALA E 596 -47.79 11.68 30.76
N CYS E 597 -47.48 12.38 29.68
CA CYS E 597 -46.80 13.66 29.82
C CYS E 597 -47.74 14.75 30.30
N ILE E 598 -49.00 14.69 29.90
CA ILE E 598 -49.92 15.72 30.31
C ILE E 598 -50.37 15.46 31.74
N ASN E 599 -50.34 14.21 32.18
CA ASN E 599 -50.59 13.87 33.58
C ASN E 599 -49.51 14.47 34.46
N GLN E 600 -48.27 14.36 33.99
CA GLN E 600 -47.09 14.71 34.79
C GLN E 600 -46.69 16.17 34.70
N ARG E 601 -46.92 16.83 33.56
CA ARG E 601 -46.49 18.23 33.34
C ARG E 601 -47.50 19.01 32.50
N PRO E 602 -48.75 18.99 32.98
CA PRO E 602 -49.79 19.69 32.26
C PRO E 602 -49.45 21.15 32.04
N ASP E 603 -48.72 21.75 32.98
CA ASP E 603 -48.33 23.17 32.87
C ASP E 603 -47.53 23.55 31.60
N LEU E 604 -46.84 22.55 31.03
CA LEU E 604 -45.91 22.76 29.92
C LEU E 604 -46.56 22.85 28.54
N PHE E 605 -47.81 22.44 28.43
CA PHE E 605 -48.42 22.24 27.13
C PHE E 605 -49.71 23.03 26.97
N GLY E 606 -49.98 23.47 25.74
CA GLY E 606 -51.24 24.15 25.41
C GLY E 606 -52.28 23.25 24.76
N CYS E 607 -51.80 22.18 24.16
CA CYS E 607 -52.64 21.26 23.39
C CYS E 607 -51.96 19.90 23.32
N ALA E 608 -52.78 18.85 23.31
CA ALA E 608 -52.26 17.49 23.30
C ALA E 608 -53.15 16.60 22.46
N GLU E 609 -52.54 15.77 21.61
CA GLU E 609 -53.29 14.92 20.70
C GLU E 609 -52.76 13.50 20.69
N ALA E 610 -53.53 12.60 21.31
CA ALA E 610 -53.13 11.21 21.50
C ALA E 610 -53.93 10.32 20.58
N ASN E 611 -53.26 9.70 19.62
CA ASN E 611 -53.91 8.85 18.66
C ASN E 611 -53.84 7.37 19.07
N CYS E 612 -55.00 6.69 19.10
CA CYS E 612 -55.13 5.26 19.36
C CYS E 612 -54.07 4.79 20.35
N GLY E 613 -54.00 5.46 21.48
CA GLY E 613 -52.93 5.20 22.45
C GLY E 613 -53.28 4.14 23.46
N VAL E 614 -52.25 3.65 24.15
CA VAL E 614 -52.38 2.60 25.16
C VAL E 614 -52.45 3.26 26.52
N MET E 615 -53.63 3.32 27.14
CA MET E 615 -53.85 4.09 28.41
C MET E 615 -54.06 3.44 29.78
N ASP E 616 -54.58 2.23 29.79
CA ASP E 616 -54.76 1.40 31.01
C ASP E 616 -53.64 0.39 30.92
N MET E 617 -52.51 0.72 31.55
CA MET E 617 -51.32 -0.10 31.47
C MET E 617 -51.40 -1.27 32.42
N LEU E 618 -52.44 -1.31 33.24
CA LEU E 618 -52.73 -2.47 34.09
C LEU E 618 -53.41 -3.64 33.34
N ARG E 619 -54.25 -3.32 32.35
CA ARG E 619 -55.07 -4.32 31.65
C ARG E 619 -54.84 -4.45 30.13
N PHE E 620 -53.86 -3.74 29.57
CA PHE E 620 -53.61 -3.76 28.10
C PHE E 620 -53.33 -5.16 27.59
N HIS E 621 -52.74 -5.97 28.45
CA HIS E 621 -52.24 -7.30 28.09
C HIS E 621 -53.36 -8.31 27.90
N LYS E 622 -54.53 -7.97 28.43
CA LYS E 622 -55.71 -8.80 28.34
C LYS E 622 -56.46 -8.74 27.00
N PHE E 623 -56.24 -7.73 26.17
CA PHE E 623 -57.02 -7.56 24.92
C PHE E 623 -56.24 -7.82 23.63
N THR E 624 -57.01 -8.14 22.58
CA THR E 624 -56.49 -8.50 21.27
C THR E 624 -55.01 -8.92 21.33
N LEU E 625 -54.14 -8.05 20.83
CA LEU E 625 -52.74 -8.30 20.49
C LEU E 625 -51.79 -7.77 21.56
N GLY E 626 -52.34 -7.21 22.64
CA GLY E 626 -51.57 -6.53 23.67
C GLY E 626 -50.64 -7.40 24.48
N TYR E 627 -50.92 -8.70 24.53
CA TYR E 627 -50.01 -9.63 25.18
C TYR E 627 -48.57 -9.64 24.56
N LEU E 628 -48.39 -9.11 23.34
CA LEU E 628 -47.09 -9.09 22.66
C LEU E 628 -46.21 -7.90 23.05
N TRP E 629 -46.79 -7.00 23.83
CA TRP E 629 -46.11 -5.79 24.24
C TRP E 629 -45.52 -5.86 25.68
N THR E 630 -45.68 -6.99 26.37
CA THR E 630 -45.14 -7.12 27.75
C THR E 630 -43.62 -7.08 27.76
N GLY E 631 -43.00 -7.40 26.61
CA GLY E 631 -41.57 -7.29 26.44
C GLY E 631 -41.14 -5.88 26.76
N ASP E 632 -41.82 -4.93 26.14
CA ASP E 632 -41.49 -3.52 26.32
C ASP E 632 -42.04 -2.87 27.59
N TYR E 633 -43.31 -3.10 27.89
CA TYR E 633 -43.96 -2.54 29.08
C TYR E 633 -43.62 -3.61 30.11
N GLY E 634 -44.47 -3.91 31.05
CA GLY E 634 -44.33 -5.17 31.79
C GLY E 634 -45.67 -5.86 31.74
N CYS E 635 -45.99 -6.61 32.79
CA CYS E 635 -47.31 -7.20 32.97
C CYS E 635 -47.70 -6.89 34.39
N SER E 636 -48.96 -6.52 34.62
CA SER E 636 -49.42 -6.21 35.98
C SER E 636 -49.65 -7.46 36.84
N ASP E 637 -49.56 -8.64 36.22
CA ASP E 637 -49.57 -9.94 36.91
C ASP E 637 -48.37 -10.19 37.81
N LYS E 638 -47.33 -9.38 37.71
CA LYS E 638 -46.14 -9.50 38.55
C LYS E 638 -45.94 -8.25 39.37
N GLU E 639 -45.89 -8.39 40.69
CA GLU E 639 -45.83 -7.26 41.63
C GLU E 639 -44.73 -6.24 41.31
N GLU E 640 -43.50 -6.71 41.12
CA GLU E 640 -42.38 -5.84 40.75
C GLU E 640 -42.70 -4.97 39.51
N GLU E 641 -43.32 -5.58 38.51
CA GLU E 641 -43.61 -4.93 37.25
C GLU E 641 -44.87 -4.10 37.38
N PHE E 642 -45.82 -4.52 38.23
CA PHE E 642 -47.01 -3.71 38.53
C PHE E 642 -46.61 -2.36 39.08
N LYS E 643 -45.55 -2.35 39.89
CA LYS E 643 -45.08 -1.12 40.53
C LYS E 643 -44.45 -0.11 39.57
N TRP E 644 -43.88 -0.56 38.45
CA TRP E 644 -43.50 0.33 37.33
C TRP E 644 -44.73 1.01 36.76
N LEU E 645 -45.69 0.18 36.37
CA LEU E 645 -46.82 0.57 35.54
C LEU E 645 -47.75 1.55 36.24
N ILE E 646 -48.13 1.22 37.46
CA ILE E 646 -49.08 2.04 38.23
C ILE E 646 -48.65 3.51 38.38
N LYS E 647 -47.36 3.78 38.30
CA LYS E 647 -46.86 5.14 38.35
C LYS E 647 -47.19 5.98 37.13
N TYR E 648 -47.05 5.42 35.92
CA TYR E 648 -47.33 6.20 34.68
C TYR E 648 -48.66 5.88 33.98
N SER E 649 -49.31 4.76 34.34
CA SER E 649 -50.53 4.32 33.65
C SER E 649 -51.54 5.48 33.51
N PRO E 650 -51.71 5.99 32.29
CA PRO E 650 -52.42 7.24 32.13
C PRO E 650 -53.76 7.37 32.86
N ILE E 651 -54.59 6.32 32.88
CA ILE E 651 -55.92 6.44 33.52
C ILE E 651 -55.87 6.39 35.02
N HIS E 652 -54.77 5.84 35.56
CA HIS E 652 -54.63 5.77 37.01
C HIS E 652 -53.80 6.93 37.57
N ASN E 653 -53.57 7.98 36.77
CA ASN E 653 -52.75 9.14 37.15
C ASN E 653 -53.29 10.49 36.69
N VAL E 654 -54.61 10.58 36.58
CA VAL E 654 -55.25 11.83 36.22
C VAL E 654 -55.55 12.58 37.52
N ARG E 655 -54.84 13.68 37.75
CA ARG E 655 -55.02 14.49 38.95
C ARG E 655 -55.20 15.95 38.58
N ARG E 656 -55.95 16.67 39.39
CA ARG E 656 -56.17 18.10 39.20
C ARG E 656 -54.92 18.84 39.56
N PRO E 657 -54.26 19.44 38.59
CA PRO E 657 -52.98 20.06 38.92
C PRO E 657 -53.11 21.30 39.79
N TRP E 658 -54.23 22.00 39.70
CA TRP E 658 -54.45 23.21 40.52
C TRP E 658 -54.57 22.98 42.04
N GLU E 659 -54.75 21.73 42.48
CA GLU E 659 -54.72 21.40 43.90
C GLU E 659 -53.31 21.14 44.46
N GLN E 660 -52.29 21.08 43.59
CA GLN E 660 -50.88 20.97 44.02
C GLN E 660 -50.41 22.36 44.45
N PRO E 661 -49.70 22.45 45.60
CA PRO E 661 -49.21 23.75 46.07
C PRO E 661 -48.32 24.43 45.05
N GLY E 662 -48.53 25.72 44.84
CA GLY E 662 -47.78 26.49 43.87
C GLY E 662 -48.28 26.37 42.43
N ASN E 663 -49.18 25.45 42.17
CA ASN E 663 -49.57 25.14 40.81
C ASN E 663 -51.06 25.45 40.60
N GLU E 664 -51.54 26.51 41.25
CA GLU E 664 -52.97 26.86 41.22
C GLU E 664 -53.40 27.47 39.88
N GLU E 665 -52.49 28.24 39.25
CA GLU E 665 -52.68 28.92 37.97
C GLU E 665 -52.90 27.90 36.81
N THR E 666 -52.62 26.62 37.07
CA THR E 666 -52.55 25.56 36.04
C THR E 666 -53.79 24.71 35.79
N GLN E 667 -53.91 24.26 34.54
CA GLN E 667 -54.89 23.26 34.13
C GLN E 667 -54.33 22.35 33.01
N TYR E 668 -55.07 21.27 32.70
CA TYR E 668 -54.70 20.38 31.58
C TYR E 668 -54.81 21.15 30.26
N PRO E 669 -53.87 20.91 29.34
CA PRO E 669 -53.99 21.50 28.04
C PRO E 669 -55.25 21.03 27.33
N ALA E 670 -55.67 21.74 26.30
CA ALA E 670 -56.75 21.25 25.45
C ALA E 670 -56.34 19.89 24.92
N THR E 671 -57.21 18.90 25.10
CA THR E 671 -56.86 17.50 24.79
C THR E 671 -57.85 16.86 23.83
N MET E 672 -57.33 16.33 22.73
CA MET E 672 -58.12 15.56 21.77
C MET E 672 -57.61 14.13 21.75
N ILE E 673 -58.53 13.18 21.98
CA ILE E 673 -58.22 11.76 21.90
C ILE E 673 -58.80 11.14 20.61
N LEU E 674 -57.92 10.70 19.72
CA LEU E 674 -58.32 10.19 18.44
C LEU E 674 -58.30 8.67 18.54
N THR E 675 -59.32 8.01 18.00
CA THR E 675 -59.29 6.56 17.79
C THR E 675 -60.42 6.10 16.86
N ALA E 676 -60.20 4.96 16.22
CA ALA E 676 -61.22 4.32 15.43
C ALA E 676 -62.15 3.62 16.40
N ASP E 677 -63.42 3.44 16.01
CA ASP E 677 -64.35 2.63 16.80
C ASP E 677 -64.05 1.12 16.65
N HIS E 678 -63.52 0.72 15.47
CA HIS E 678 -63.14 -0.68 15.12
C HIS E 678 -61.61 -0.84 14.95
N ASP E 679 -60.88 -0.61 16.05
CA ASP E 679 -59.43 -0.69 16.10
C ASP E 679 -59.04 -2.02 16.77
N ASP E 680 -58.45 -2.92 15.97
CA ASP E 680 -58.16 -4.31 16.37
C ASP E 680 -56.79 -4.47 17.06
N ARG E 681 -55.92 -3.44 16.97
CA ARG E 681 -54.58 -3.46 17.58
C ARG E 681 -54.57 -2.85 18.98
N VAL E 682 -54.80 -1.53 19.04
CA VAL E 682 -54.98 -0.83 20.31
C VAL E 682 -56.45 -0.61 20.55
N VAL E 683 -57.06 -1.57 21.23
CA VAL E 683 -58.50 -1.57 21.41
C VAL E 683 -58.96 -0.24 22.00
N PRO E 684 -60.04 0.33 21.45
CA PRO E 684 -60.40 1.73 21.74
C PRO E 684 -60.89 1.99 23.16
N LEU E 685 -61.11 0.95 23.95
CA LEU E 685 -61.48 1.12 25.36
C LEU E 685 -60.44 1.94 26.11
N HIS E 686 -59.19 1.75 25.71
CA HIS E 686 -58.09 2.53 26.24
C HIS E 686 -58.42 4.01 26.12
N SER E 687 -58.60 4.45 24.87
CA SER E 687 -58.90 5.85 24.60
C SER E 687 -60.13 6.33 25.36
N PHE E 688 -61.16 5.49 25.43
CA PHE E 688 -62.48 5.86 26.06
C PHE E 688 -62.38 6.05 27.60
N LYS E 689 -61.90 5.01 28.27
CA LYS E 689 -61.74 5.04 29.72
C LYS E 689 -60.90 6.21 30.19
N LEU E 690 -59.89 6.59 29.41
CA LEU E 690 -59.12 7.77 29.71
C LEU E 690 -59.96 9.03 29.55
N LEU E 691 -60.63 9.10 28.42
CA LEU E 691 -61.46 10.25 28.11
C LEU E 691 -62.45 10.42 29.25
N ALA E 692 -63.11 9.32 29.59
CA ALA E 692 -64.06 9.27 30.72
C ALA E 692 -63.43 9.79 32.02
N THR E 693 -62.28 9.23 32.38
CA THR E 693 -61.59 9.63 33.57
C THR E 693 -61.24 11.10 33.57
N MET E 694 -60.63 11.57 32.48
CA MET E 694 -60.23 12.97 32.42
C MET E 694 -61.42 13.88 32.58
N GLN E 695 -62.52 13.57 31.91
CA GLN E 695 -63.73 14.42 31.96
C GLN E 695 -64.31 14.49 33.36
N HIS E 696 -64.36 13.34 34.03
CA HIS E 696 -64.82 13.29 35.43
C HIS E 696 -63.89 14.05 36.39
N VAL E 697 -62.70 13.52 36.57
CA VAL E 697 -61.74 14.11 37.50
C VAL E 697 -61.63 15.64 37.30
N LEU E 698 -61.63 16.09 36.05
CA LEU E 698 -61.30 17.49 35.75
C LEU E 698 -62.47 18.42 35.50
N CYS E 699 -63.66 17.89 35.22
CA CYS E 699 -64.80 18.75 34.80
C CYS E 699 -66.08 18.45 35.53
N THR E 700 -66.61 17.24 35.30
CA THR E 700 -67.93 16.86 35.77
C THR E 700 -68.01 16.58 37.28
N SER E 701 -66.88 16.35 37.94
CA SER E 701 -66.88 16.16 39.41
C SER E 701 -66.93 17.46 40.23
N LEU E 702 -66.95 18.63 39.58
CA LEU E 702 -66.87 19.92 40.25
C LEU E 702 -67.94 20.86 39.81
N GLU E 703 -68.35 21.77 40.71
CA GLU E 703 -69.41 22.76 40.44
C GLU E 703 -68.99 23.76 39.35
N ASP E 704 -67.89 24.47 39.57
CA ASP E 704 -67.38 25.43 38.58
C ASP E 704 -65.87 25.23 38.41
N SER E 705 -65.50 24.26 37.57
CA SER E 705 -64.12 23.80 37.46
C SER E 705 -63.24 24.78 36.69
N PRO E 706 -62.01 25.00 37.20
CA PRO E 706 -61.04 25.82 36.50
C PRO E 706 -60.64 25.23 35.15
N GLN E 707 -60.87 23.94 34.97
CA GLN E 707 -60.66 23.26 33.69
C GLN E 707 -61.62 23.81 32.61
N LYS E 708 -61.13 24.79 31.86
CA LYS E 708 -61.88 25.47 30.80
C LYS E 708 -61.45 24.99 29.41
N ASN E 709 -60.18 24.57 29.27
CA ASN E 709 -59.72 23.86 28.07
C ASN E 709 -60.55 22.60 27.78
N PRO E 710 -60.93 22.40 26.51
CA PRO E 710 -61.77 21.26 26.18
C PRO E 710 -61.07 19.93 26.25
N ILE E 711 -61.80 18.90 26.61
CA ILE E 711 -61.29 17.55 26.62
C ILE E 711 -62.25 16.64 25.84
N ILE E 712 -61.84 16.24 24.64
CA ILE E 712 -62.73 15.60 23.70
C ILE E 712 -62.10 14.39 23.03
N ALA E 713 -62.88 13.73 22.18
CA ALA E 713 -62.42 12.63 21.41
C ALA E 713 -62.91 12.75 19.97
N ARG E 714 -61.99 12.63 19.02
CA ARG E 714 -62.37 12.49 17.61
C ARG E 714 -62.43 11.01 17.25
N ILE E 715 -63.65 10.49 17.12
CA ILE E 715 -63.86 9.06 16.88
C ILE E 715 -64.16 8.77 15.42
N GLN E 716 -63.20 8.12 14.75
CA GLN E 716 -63.34 7.75 13.35
C GLN E 716 -64.27 6.55 13.21
N ARG E 717 -65.35 6.74 12.45
CA ARG E 717 -66.33 5.68 12.18
C ARG E 717 -65.87 4.82 10.99
N LYS E 718 -66.15 3.51 11.04
CA LYS E 718 -65.88 2.60 9.91
C LYS E 718 -64.45 2.73 9.33
N ALA E 719 -63.48 2.72 10.23
CA ALA E 719 -62.07 2.65 9.83
C ALA E 719 -61.34 1.72 10.78
N ALA E 720 -60.12 1.39 10.39
CA ALA E 720 -59.27 0.50 11.18
C ALA E 720 -58.01 1.25 11.60
N HIS E 721 -57.14 0.54 12.31
CA HIS E 721 -55.82 1.06 12.67
C HIS E 721 -54.96 1.26 11.40
N TYR E 722 -54.96 0.27 10.51
CA TYR E 722 -54.04 0.20 9.30
C TYR E 722 -54.06 1.27 8.16
N GLY E 723 -54.92 1.03 7.16
CA GLY E 723 -54.81 1.59 5.83
C GLY E 723 -56.03 2.44 5.62
N ARG E 724 -55.81 3.71 5.48
CA ARG E 724 -56.87 4.71 5.50
C ARG E 724 -56.81 5.40 4.17
N ALA E 725 -57.98 5.70 3.64
CA ALA E 725 -58.03 6.40 2.37
C ALA E 725 -57.47 7.79 2.54
N THR E 726 -56.88 8.29 1.48
CA THR E 726 -56.29 9.61 1.49
C THR E 726 -57.16 10.68 2.14
N MET E 727 -58.45 10.66 1.81
CA MET E 727 -59.35 11.73 2.23
C MET E 727 -59.81 11.54 3.67
N THR E 728 -59.87 10.30 4.13
CA THR E 728 -60.16 10.02 5.53
C THR E 728 -59.05 10.56 6.38
N GLN E 729 -57.84 10.31 5.88
CA GLN E 729 -56.61 10.70 6.52
C GLN E 729 -56.55 12.23 6.61
N ILE E 730 -56.94 12.90 5.53
CA ILE E 730 -56.88 14.37 5.49
C ILE E 730 -57.90 14.97 6.41
N ALA E 731 -59.05 14.31 6.51
CA ALA E 731 -60.16 14.80 7.31
C ALA E 731 -59.78 14.87 8.78
N GLU E 732 -59.07 13.84 9.23
CA GLU E 732 -58.60 13.73 10.61
C GLU E 732 -57.54 14.75 10.92
N VAL E 733 -56.56 14.84 10.05
CA VAL E 733 -55.42 15.73 10.28
C VAL E 733 -55.89 17.18 10.26
N ALA E 734 -56.76 17.52 9.29
CA ALA E 734 -57.38 18.83 9.22
C ALA E 734 -58.10 19.16 10.52
N ASP E 735 -58.84 18.21 11.05
CA ASP E 735 -59.46 18.36 12.37
C ASP E 735 -58.45 18.59 13.49
N ARG E 736 -57.43 17.75 13.59
CA ARG E 736 -56.50 17.90 14.69
C ARG E 736 -55.64 19.19 14.58
N TYR E 737 -55.33 19.66 13.37
CA TYR E 737 -54.64 20.96 13.20
C TYR E 737 -55.51 22.20 13.44
N GLY E 738 -56.79 22.14 13.15
CA GLY E 738 -57.67 23.26 13.47
C GLY E 738 -57.87 23.40 14.97
N PHE E 739 -58.07 22.27 15.63
CA PHE E 739 -58.16 22.20 17.06
C PHE E 739 -56.91 22.84 17.66
N MET E 740 -55.77 22.31 17.25
CA MET E 740 -54.50 22.78 17.77
C MET E 740 -54.38 24.29 17.60
N ALA E 741 -54.79 24.80 16.44
CA ALA E 741 -54.67 26.22 16.16
C ALA E 741 -55.46 27.08 17.16
N LYS E 742 -56.60 26.55 17.61
CA LYS E 742 -57.49 27.22 18.56
C LYS E 742 -56.99 27.13 19.99
N ALA E 743 -56.49 25.95 20.34
CA ALA E 743 -55.92 25.72 21.67
C ALA E 743 -54.73 26.61 21.93
N LEU E 744 -53.91 26.84 20.91
CA LEU E 744 -52.74 27.71 21.01
C LEU E 744 -53.02 29.19 20.68
N GLU E 745 -54.28 29.52 20.39
CA GLU E 745 -54.65 30.89 20.00
C GLU E 745 -53.70 31.40 18.93
N ALA E 746 -53.50 30.58 17.91
CA ALA E 746 -52.57 30.88 16.82
C ALA E 746 -53.33 31.29 15.57
N PRO E 747 -52.98 32.43 14.98
CA PRO E 747 -53.68 32.93 13.81
C PRO E 747 -53.14 32.33 12.51
N TRP E 748 -53.99 32.35 11.50
CA TRP E 748 -53.64 31.91 10.16
C TRP E 748 -52.83 32.98 9.45
N ILE E 749 -52.14 32.61 8.35
CA ILE E 749 -51.32 33.56 7.55
C ILE E 749 -51.60 33.56 6.03
N ASN F 1 -46.51 1.44 1.86
CA ASN F 1 -47.52 1.73 0.83
C ASN F 1 -48.76 2.54 1.34
N ALA F 2 -48.51 3.64 2.07
CA ALA F 2 -49.56 4.56 2.53
C ALA F 2 -49.97 5.46 1.37
N SER F 3 -51.29 5.71 1.24
CA SER F 3 -51.85 6.36 0.04
C SER F 3 -51.25 7.74 -0.22
N ALA F 4 -51.17 8.54 0.84
CA ALA F 4 -50.57 9.86 0.74
C ALA F 4 -49.66 10.16 1.92
N PRO F 5 -48.65 11.02 1.69
CA PRO F 5 -47.87 11.56 2.77
C PRO F 5 -48.56 12.79 3.38
N VAL F 6 -49.63 12.55 4.13
CA VAL F 6 -50.32 13.67 4.72
C VAL F 6 -49.44 14.34 5.73
N SER G 30 72.86 7.15 -37.87
CA SER G 30 72.75 5.69 -38.11
C SER G 30 71.88 5.02 -37.06
N GLY G 31 71.28 3.91 -37.46
CA GLY G 31 70.47 3.10 -36.58
C GLY G 31 71.20 1.83 -36.20
N PHE G 32 70.44 0.74 -36.06
CA PHE G 32 71.01 -0.54 -35.63
C PHE G 32 71.88 -1.19 -36.70
N SER G 33 73.11 -1.57 -36.30
CA SER G 33 74.17 -1.95 -37.24
C SER G 33 74.67 -3.37 -36.95
N LYS G 34 75.31 -3.53 -35.80
CA LYS G 34 75.98 -4.78 -35.45
C LYS G 34 75.10 -6.01 -35.70
N PRO G 35 75.73 -7.12 -36.17
CA PRO G 35 74.95 -8.36 -36.18
C PRO G 35 74.65 -8.78 -34.74
N LEU G 36 73.47 -9.34 -34.51
CA LEU G 36 73.07 -9.79 -33.18
C LEU G 36 73.31 -11.28 -33.07
N HIS G 37 73.68 -11.74 -31.88
CA HIS G 37 73.75 -13.17 -31.68
C HIS G 37 72.70 -13.57 -30.70
N TYR G 38 71.62 -14.10 -31.23
CA TYR G 38 70.51 -14.49 -30.39
C TYR G 38 70.85 -15.80 -29.72
N PRO G 39 70.53 -15.91 -28.44
CA PRO G 39 70.94 -17.08 -27.72
C PRO G 39 70.03 -18.22 -28.11
N PRO G 40 70.53 -19.46 -28.00
CA PRO G 40 69.72 -20.65 -28.29
C PRO G 40 68.64 -20.83 -27.25
N VAL G 41 67.47 -21.25 -27.69
CA VAL G 41 66.32 -21.36 -26.84
C VAL G 41 65.64 -22.67 -27.18
N ARG G 42 65.57 -23.58 -26.21
CA ARG G 42 65.08 -24.91 -26.50
C ARG G 42 63.60 -24.91 -26.86
N ARG G 43 63.24 -25.65 -27.90
CA ARG G 43 61.84 -25.89 -28.28
C ARG G 43 61.45 -27.29 -27.85
N ASP G 44 60.21 -27.45 -27.43
CA ASP G 44 59.69 -28.73 -26.99
C ASP G 44 58.61 -29.10 -27.98
N GLU G 45 59.00 -29.77 -29.06
CA GLU G 45 58.11 -30.01 -30.22
C GLU G 45 56.98 -31.03 -29.96
N THR G 46 56.99 -31.64 -28.76
CA THR G 46 55.95 -32.61 -28.36
C THR G 46 54.70 -32.00 -27.69
N VAL G 47 54.75 -30.73 -27.27
CA VAL G 47 53.60 -30.11 -26.59
C VAL G 47 52.60 -29.62 -27.63
N VAL G 48 51.41 -30.23 -27.66
CA VAL G 48 50.32 -29.83 -28.56
C VAL G 48 49.00 -30.01 -27.83
N ASP G 49 48.13 -29.02 -27.96
CA ASP G 49 46.80 -29.04 -27.36
C ASP G 49 45.69 -28.92 -28.44
N ASP G 50 44.55 -29.58 -28.19
CA ASP G 50 43.44 -29.56 -29.14
C ASP G 50 42.35 -28.66 -28.60
N TYR G 51 42.34 -27.41 -29.06
CA TYR G 51 41.26 -26.46 -28.77
C TYR G 51 40.18 -26.62 -29.84
N PHE G 52 39.16 -27.45 -29.54
CA PHE G 52 37.97 -27.57 -30.38
C PHE G 52 38.27 -27.91 -31.84
N GLY G 53 39.10 -28.94 -32.04
CA GLY G 53 39.47 -29.41 -33.38
C GLY G 53 40.74 -28.79 -33.94
N VAL G 54 41.20 -27.70 -33.33
CA VAL G 54 42.35 -26.93 -33.80
C VAL G 54 43.56 -27.29 -32.96
N LYS G 55 44.58 -27.84 -33.60
CA LYS G 55 45.85 -28.16 -32.93
C LYS G 55 46.61 -26.86 -32.68
N VAL G 56 47.09 -26.64 -31.47
CA VAL G 56 47.89 -25.45 -31.16
C VAL G 56 49.10 -25.90 -30.40
N ALA G 57 50.27 -25.75 -31.01
CA ALA G 57 51.52 -26.15 -30.36
C ALA G 57 51.99 -25.07 -29.36
N ASP G 58 52.58 -25.50 -28.24
CA ASP G 58 53.15 -24.59 -27.26
C ASP G 58 54.61 -24.98 -27.00
N PRO G 59 55.48 -24.81 -28.02
CA PRO G 59 56.87 -25.24 -27.92
C PRO G 59 57.66 -24.62 -26.77
N TYR G 60 57.21 -23.48 -26.24
CA TYR G 60 57.91 -22.83 -25.15
C TYR G 60 57.14 -22.89 -23.83
N ARG G 61 56.30 -23.93 -23.69
CA ARG G 61 55.57 -24.24 -22.44
C ARG G 61 56.47 -24.31 -21.19
N TRP G 62 57.71 -24.79 -21.35
CA TRP G 62 58.70 -24.89 -20.24
C TRP G 62 59.10 -23.56 -19.59
N LEU G 63 58.81 -22.44 -20.27
CA LEU G 63 59.08 -21.12 -19.71
C LEU G 63 58.01 -20.69 -18.73
N GLU G 64 56.98 -21.50 -18.56
CA GLU G 64 55.95 -21.20 -17.58
C GLU G 64 56.35 -21.57 -16.17
N ASP G 65 57.44 -22.31 -16.01
CA ASP G 65 58.02 -22.56 -14.69
C ASP G 65 59.17 -21.56 -14.47
N PRO G 66 58.99 -20.57 -13.58
CA PRO G 66 59.98 -19.50 -13.44
C PRO G 66 61.19 -19.93 -12.63
N ASN G 67 61.13 -21.12 -12.02
CA ASN G 67 62.21 -21.63 -11.16
C ASN G 67 63.18 -22.63 -11.81
N SER G 68 62.78 -23.30 -12.89
CA SER G 68 63.68 -24.22 -13.60
C SER G 68 64.93 -23.47 -14.03
N GLU G 69 66.08 -24.10 -13.88
CA GLU G 69 67.33 -23.45 -14.23
C GLU G 69 67.43 -23.14 -15.73
N GLU G 70 66.70 -23.90 -16.54
CA GLU G 70 66.57 -23.62 -17.95
C GLU G 70 65.95 -22.24 -18.17
N THR G 71 64.89 -21.95 -17.42
CA THR G 71 64.24 -20.65 -17.47
C THR G 71 65.13 -19.57 -16.90
N LYS G 72 65.73 -19.83 -15.73
CA LYS G 72 66.67 -18.87 -15.13
C LYS G 72 67.82 -18.54 -16.06
N GLU G 73 68.34 -19.57 -16.75
CA GLU G 73 69.38 -19.40 -17.77
C GLU G 73 68.87 -18.59 -18.97
N PHE G 74 67.70 -18.96 -19.48
CA PHE G 74 67.01 -18.17 -20.49
C PHE G 74 67.10 -16.68 -20.15
N VAL G 75 66.60 -16.33 -18.96
CA VAL G 75 66.54 -14.94 -18.55
C VAL G 75 67.94 -14.34 -18.58
N ASP G 76 68.90 -15.08 -18.03
CA ASP G 76 70.27 -14.60 -17.95
C ASP G 76 70.84 -14.30 -19.34
N ASN G 77 70.52 -15.13 -20.31
CA ASN G 77 70.99 -14.93 -21.70
C ASN G 77 70.35 -13.73 -22.36
N GLN G 78 69.03 -13.66 -22.22
CA GLN G 78 68.29 -12.56 -22.80
C GLN G 78 68.74 -11.22 -22.22
N GLU G 79 68.99 -11.21 -20.92
CA GLU G 79 69.60 -10.06 -20.25
C GLU G 79 70.91 -9.68 -20.92
N LYS G 80 71.76 -10.69 -21.12
CA LYS G 80 73.07 -10.47 -21.73
C LYS G 80 72.89 -9.83 -23.07
N LEU G 81 71.98 -10.39 -23.87
CA LEU G 81 71.69 -9.88 -25.22
C LEU G 81 71.21 -8.45 -25.22
N ALA G 82 70.29 -8.14 -24.30
CA ALA G 82 69.70 -6.80 -24.14
C ALA G 82 70.76 -5.73 -23.86
N ASN G 83 71.61 -6.01 -22.90
CA ASN G 83 72.69 -5.10 -22.54
C ASN G 83 73.61 -4.86 -23.71
N SER G 84 73.97 -5.94 -24.38
CA SER G 84 74.77 -5.88 -25.60
C SER G 84 74.20 -4.87 -26.58
N VAL G 85 72.91 -4.99 -26.88
CA VAL G 85 72.22 -4.05 -27.78
C VAL G 85 72.12 -2.63 -27.22
N LEU G 86 71.76 -2.51 -25.94
CA LEU G 86 71.64 -1.22 -25.29
C LEU G 86 72.96 -0.46 -25.15
N GLU G 87 74.11 -1.16 -25.08
CA GLU G 87 75.44 -0.49 -25.16
C GLU G 87 75.56 0.27 -26.49
N GLU G 88 75.05 -0.33 -27.55
CA GLU G 88 74.95 0.32 -28.85
C GLU G 88 74.10 1.62 -28.80
N CYS G 89 73.07 1.68 -27.96
CA CYS G 89 72.21 2.86 -27.86
C CYS G 89 72.84 3.95 -27.04
N GLU G 90 73.52 4.87 -27.72
CA GLU G 90 74.42 5.82 -27.08
C GLU G 90 73.73 7.05 -26.45
N LEU G 91 72.42 7.19 -26.66
CA LEU G 91 71.70 8.34 -26.09
C LEU G 91 71.11 8.06 -24.73
N ILE G 92 71.17 6.81 -24.26
CA ILE G 92 70.54 6.45 -22.98
C ILE G 92 71.01 7.38 -21.87
N ASP G 93 72.32 7.50 -21.73
CA ASP G 93 72.91 8.34 -20.70
C ASP G 93 72.49 9.82 -20.79
N LYS G 94 72.24 10.34 -21.99
CA LYS G 94 71.77 11.72 -22.12
C LYS G 94 70.32 11.86 -21.68
N PHE G 95 69.45 10.93 -22.11
CA PHE G 95 68.04 10.89 -21.69
C PHE G 95 67.95 10.79 -20.18
N LYS G 96 68.69 9.85 -19.63
CA LYS G 96 68.68 9.61 -18.21
C LYS G 96 68.94 10.88 -17.40
N GLN G 97 69.93 11.67 -17.80
CA GLN G 97 70.27 12.87 -17.05
C GLN G 97 69.19 13.90 -17.15
N LYS G 98 68.66 14.10 -18.35
CA LYS G 98 67.56 15.05 -18.54
C LYS G 98 66.29 14.63 -17.80
N ILE G 99 66.01 13.33 -17.76
CA ILE G 99 64.88 12.80 -16.98
C ILE G 99 65.04 13.03 -15.51
N ILE G 100 66.26 12.84 -15.02
CA ILE G 100 66.56 13.06 -13.60
C ILE G 100 66.39 14.53 -13.28
N ASP G 101 67.03 15.36 -14.10
CA ASP G 101 67.03 16.82 -13.92
C ASP G 101 65.62 17.39 -13.96
N PHE G 102 64.79 16.86 -14.88
CA PHE G 102 63.42 17.31 -15.05
C PHE G 102 62.47 16.81 -13.99
N VAL G 103 62.73 15.64 -13.43
CA VAL G 103 61.94 15.11 -12.32
C VAL G 103 62.30 15.76 -10.98
N ASN G 104 63.48 16.36 -10.88
CA ASN G 104 64.02 16.86 -9.60
C ASN G 104 63.40 18.19 -9.16
N PHE G 105 62.18 18.09 -8.67
CA PHE G 105 61.49 19.22 -8.12
C PHE G 105 60.61 18.67 -7.00
N PRO G 106 60.43 19.45 -5.93
CA PRO G 106 59.55 19.03 -4.85
C PRO G 106 58.09 18.82 -5.30
N ARG G 107 57.40 17.93 -4.58
CA ARG G 107 56.01 17.49 -4.86
C ARG G 107 55.20 17.26 -3.58
N CYS G 108 54.26 18.16 -3.29
CA CYS G 108 53.26 17.93 -2.26
C CYS G 108 52.06 17.24 -2.86
N GLY G 109 51.59 16.21 -2.17
CA GLY G 109 50.38 15.54 -2.55
C GLY G 109 49.19 16.30 -1.98
N VAL G 110 48.01 15.86 -2.36
CA VAL G 110 46.78 16.46 -1.87
C VAL G 110 46.64 16.15 -0.37
N PRO G 111 46.53 17.22 0.45
CA PRO G 111 46.27 17.04 1.88
C PRO G 111 44.85 16.62 2.21
N PHE G 112 44.70 15.82 3.25
CA PHE G 112 43.36 15.52 3.82
C PHE G 112 43.42 15.75 5.33
N ARG G 113 42.28 15.88 5.97
CA ARG G 113 42.22 16.33 7.35
C ARG G 113 41.59 15.31 8.31
N ARG G 114 42.14 15.17 9.50
CA ARG G 114 41.50 14.38 10.54
C ARG G 114 41.55 15.20 11.79
N ALA G 115 40.40 15.42 12.42
CA ALA G 115 40.32 16.34 13.55
C ALA G 115 40.97 17.65 13.13
N ASN G 116 42.08 18.04 13.75
CA ASN G 116 42.73 19.31 13.42
C ASN G 116 44.12 19.17 12.82
N LYS G 117 44.44 17.98 12.33
CA LYS G 117 45.70 17.74 11.67
C LYS G 117 45.45 17.60 10.19
N TYR G 118 46.53 17.76 9.41
CA TYR G 118 46.51 17.63 7.97
C TYR G 118 47.65 16.73 7.53
N PHE G 119 47.28 15.66 6.82
CA PHE G 119 48.25 14.65 6.37
C PHE G 119 48.38 14.70 4.87
N HIS G 120 49.56 14.36 4.36
CA HIS G 120 49.81 14.35 2.92
C HIS G 120 51.12 13.69 2.61
N PHE G 121 51.33 13.35 1.34
CA PHE G 121 52.60 12.78 0.92
C PHE G 121 53.52 13.85 0.40
N TYR G 122 54.83 13.58 0.50
CA TYR G 122 55.87 14.54 0.09
C TYR G 122 57.07 13.86 -0.53
N ASN G 123 57.63 14.47 -1.56
CA ASN G 123 58.88 14.01 -2.15
C ASN G 123 59.72 15.25 -2.44
N SER G 124 60.92 15.30 -1.88
CA SER G 124 61.84 16.40 -2.12
C SER G 124 62.17 16.55 -3.64
N GLY G 125 62.11 15.44 -4.38
CA GLY G 125 62.29 15.46 -5.81
C GLY G 125 62.78 14.12 -6.34
N LEU G 126 63.81 13.57 -5.71
CA LEU G 126 64.38 12.30 -6.14
C LEU G 126 64.41 11.18 -5.09
N GLN G 127 63.64 11.37 -4.01
CA GLN G 127 63.47 10.32 -3.02
C GLN G 127 62.85 9.14 -3.75
N ALA G 128 63.32 7.93 -3.44
CA ALA G 128 62.86 6.69 -4.06
C ALA G 128 61.36 6.45 -3.89
N GLN G 129 60.84 6.82 -2.72
CA GLN G 129 59.41 6.75 -2.43
C GLN G 129 58.92 8.02 -1.71
N ASN G 130 57.67 8.38 -1.96
CA ASN G 130 57.06 9.48 -1.23
C ASN G 130 56.98 9.18 0.27
N VAL G 131 57.13 10.23 1.06
CA VAL G 131 57.11 10.18 2.52
C VAL G 131 55.82 10.75 3.03
N PHE G 132 55.16 10.02 3.92
CA PHE G 132 53.90 10.47 4.54
C PHE G 132 54.16 11.41 5.71
N GLN G 133 53.47 12.55 5.72
CA GLN G 133 53.74 13.60 6.70
C GLN G 133 52.51 14.17 7.33
N MET G 134 52.70 14.77 8.48
CA MET G 134 51.63 15.35 9.24
C MET G 134 51.93 16.78 9.59
N GLN G 135 50.87 17.60 9.69
CA GLN G 135 50.94 19.00 10.10
C GLN G 135 49.77 19.39 10.99
N ASP G 136 49.97 20.43 11.79
CA ASP G 136 48.91 21.02 12.62
C ASP G 136 48.24 22.15 11.88
N ASP G 137 49.04 22.84 11.08
CA ASP G 137 48.60 23.97 10.27
C ASP G 137 48.90 23.61 8.85
N LEU G 138 48.06 24.08 7.94
CA LEU G 138 48.28 23.85 6.53
C LEU G 138 49.65 24.33 6.05
N ASP G 139 50.14 25.39 6.67
CA ASP G 139 51.46 25.94 6.35
C ASP G 139 52.39 25.93 7.58
N GLY G 140 52.13 25.03 8.53
CA GLY G 140 52.96 24.87 9.72
C GLY G 140 54.07 23.88 9.42
N LYS G 141 54.87 23.54 10.45
CA LYS G 141 56.02 22.70 10.23
C LYS G 141 55.53 21.29 9.98
N PRO G 142 55.93 20.70 8.83
CA PRO G 142 55.59 19.30 8.63
C PRO G 142 56.38 18.39 9.56
N GLU G 143 55.83 17.22 9.83
CA GLU G 143 56.49 16.21 10.64
C GLU G 143 56.43 14.89 9.89
N VAL G 144 57.52 14.15 9.84
CA VAL G 144 57.51 12.87 9.11
C VAL G 144 56.90 11.80 9.98
N LEU G 145 55.90 11.13 9.43
CA LEU G 145 55.11 10.17 10.18
C LEU G 145 55.62 8.76 9.88
N TYR G 146 55.78 8.46 8.59
CA TYR G 146 56.48 7.25 8.18
C TYR G 146 57.21 7.48 6.85
N ASP G 147 58.45 7.01 6.77
CA ASP G 147 59.35 7.19 5.63
C ASP G 147 59.74 5.83 5.01
N PRO G 148 59.10 5.45 3.90
CA PRO G 148 59.41 4.14 3.28
C PRO G 148 60.86 3.96 2.82
N ASN G 149 61.58 5.05 2.61
CA ASN G 149 62.96 5.00 2.11
C ASN G 149 63.96 4.44 3.11
N LEU G 150 63.57 4.40 4.39
CA LEU G 150 64.38 3.79 5.43
C LEU G 150 64.21 2.29 5.47
N ARG G 151 63.47 1.69 4.56
CA ARG G 151 63.18 0.27 4.62
C ARG G 151 63.35 -0.39 3.26
N GLU G 152 64.23 -1.39 3.21
CA GLU G 152 64.69 -2.00 1.97
C GLU G 152 65.09 -0.91 0.94
N GLY G 153 65.70 0.15 1.45
CA GLY G 153 66.16 1.27 0.61
C GLY G 153 65.10 1.93 -0.24
N GLY G 154 63.83 1.75 0.16
CA GLY G 154 62.70 2.32 -0.56
C GLY G 154 62.32 1.54 -1.80
N ARG G 155 62.47 0.22 -1.74
CA ARG G 155 62.11 -0.67 -2.85
C ARG G 155 60.60 -0.59 -3.11
N SER G 156 59.84 -0.49 -2.02
CA SER G 156 58.38 -0.32 -2.03
C SER G 156 57.99 0.86 -1.16
N GLY G 157 56.97 1.59 -1.63
CA GLY G 157 56.37 2.65 -0.86
C GLY G 157 55.11 2.21 -0.14
N LEU G 158 54.29 3.20 0.20
CA LEU G 158 53.05 2.98 0.92
C LEU G 158 51.83 2.82 0.02
N SER G 159 51.21 1.65 0.10
CA SER G 159 50.06 1.34 -0.74
C SER G 159 48.81 1.59 0.04
N LEU G 160 48.78 1.12 1.28
CA LEU G 160 47.63 1.32 2.15
C LEU G 160 48.02 2.24 3.32
N TYR G 161 47.27 3.32 3.52
CA TYR G 161 47.53 4.26 4.61
C TYR G 161 46.21 4.87 5.05
N SER G 162 46.03 5.08 6.35
CA SER G 162 44.71 5.42 6.89
C SER G 162 44.83 6.00 8.28
N VAL G 163 44.19 7.14 8.52
CA VAL G 163 44.35 7.83 9.81
C VAL G 163 43.03 7.75 10.56
N SER G 164 43.10 7.51 11.88
CA SER G 164 41.89 7.46 12.70
C SER G 164 41.20 8.84 12.76
N GLU G 165 39.92 8.84 13.16
CA GLU G 165 39.08 10.04 13.12
C GLU G 165 39.62 11.13 14.01
N ASP G 166 40.14 10.70 15.16
CA ASP G 166 40.75 11.61 16.14
C ASP G 166 42.22 12.01 15.82
N ALA G 167 42.79 11.42 14.79
CA ALA G 167 44.16 11.70 14.31
C ALA G 167 45.29 11.11 15.18
N LYS G 168 44.94 10.26 16.13
CA LYS G 168 45.92 9.65 17.04
C LYS G 168 46.64 8.42 16.47
N TYR G 169 46.03 7.69 15.54
CA TYR G 169 46.60 6.46 15.03
C TYR G 169 46.72 6.52 13.55
N PHE G 170 47.76 5.86 13.04
CA PHE G 170 48.01 5.76 11.61
C PHE G 170 48.27 4.30 11.30
N ALA G 171 47.36 3.70 10.55
CA ALA G 171 47.47 2.32 10.14
C ALA G 171 47.97 2.30 8.72
N PHE G 172 49.08 1.60 8.46
CA PHE G 172 49.67 1.57 7.13
C PHE G 172 50.18 0.19 6.77
N GLY G 173 50.42 0.00 5.49
CA GLY G 173 50.77 -1.30 4.92
C GLY G 173 52.17 -1.39 4.34
N ILE G 174 52.95 -2.32 4.89
CA ILE G 174 54.33 -2.55 4.45
C ILE G 174 54.43 -3.87 3.66
N HIS G 175 54.96 -3.80 2.44
CA HIS G 175 55.17 -5.01 1.66
C HIS G 175 56.34 -5.77 2.28
N SER G 176 56.15 -7.06 2.52
CA SER G 176 57.14 -7.85 3.26
C SER G 176 58.31 -8.21 2.33
N GLY G 177 57.99 -8.91 1.24
CA GLY G 177 58.97 -9.21 0.22
C GLY G 177 58.56 -8.53 -1.07
N LEU G 178 58.92 -9.15 -2.20
CA LEU G 178 58.56 -8.62 -3.53
C LEU G 178 57.07 -8.79 -3.83
N THR G 179 56.44 -9.73 -3.11
CA THR G 179 55.06 -10.11 -3.33
C THR G 179 54.07 -8.97 -3.13
N GLU G 180 52.82 -9.26 -3.48
CA GLU G 180 51.70 -8.31 -3.35
C GLU G 180 51.22 -8.20 -1.88
N TRP G 181 51.55 -9.21 -1.06
CA TRP G 181 51.11 -9.26 0.35
C TRP G 181 51.66 -8.13 1.20
N VAL G 182 50.85 -7.75 2.17
CA VAL G 182 51.10 -6.62 3.06
C VAL G 182 50.96 -7.05 4.53
N THR G 183 51.66 -6.33 5.40
CA THR G 183 51.40 -6.39 6.82
C THR G 183 50.92 -5.03 7.29
N ILE G 184 49.78 -4.98 7.95
CA ILE G 184 49.32 -3.74 8.54
C ILE G 184 49.98 -3.52 9.90
N LYS G 185 50.50 -2.32 10.09
CA LYS G 185 51.06 -1.85 11.36
C LYS G 185 50.33 -0.57 11.77
N ILE G 186 50.44 -0.18 13.04
CA ILE G 186 49.75 1.01 13.52
C ILE G 186 50.66 1.89 14.40
N LEU G 187 50.84 3.15 13.99
CA LEU G 187 51.59 4.15 14.79
C LEU G 187 50.70 5.08 15.56
N LYS G 188 51.12 5.43 16.77
CA LYS G 188 50.63 6.63 17.44
C LYS G 188 51.28 7.85 16.77
N THR G 189 50.50 8.87 16.45
CA THR G 189 51.01 10.02 15.75
C THR G 189 51.71 10.98 16.73
N GLU G 190 51.30 10.95 17.99
CA GLU G 190 51.89 11.82 19.01
C GLU G 190 53.40 11.64 19.10
N ASP G 191 53.88 10.41 19.07
CA ASP G 191 55.30 10.11 19.24
C ASP G 191 55.92 9.16 18.22
N ARG G 192 55.18 8.79 17.19
CA ARG G 192 55.65 7.87 16.16
C ARG G 192 56.01 6.45 16.65
N SER G 193 55.44 6.04 17.79
CA SER G 193 55.66 4.69 18.36
C SER G 193 54.62 3.71 17.86
N TYR G 194 54.99 2.44 17.77
CA TYR G 194 54.13 1.43 17.18
C TYR G 194 53.29 0.74 18.24
N LEU G 195 52.04 0.46 17.91
CA LEU G 195 51.27 -0.50 18.68
C LEU G 195 51.80 -1.88 18.32
N PRO G 196 51.62 -2.85 19.24
CA PRO G 196 52.06 -4.25 19.00
C PRO G 196 51.23 -4.96 17.93
N ASP G 197 50.01 -4.48 17.71
CA ASP G 197 49.07 -5.02 16.71
C ASP G 197 49.73 -5.25 15.34
N THR G 198 49.64 -6.47 14.85
CA THR G 198 50.17 -6.85 13.54
C THR G 198 49.13 -7.69 12.78
N LEU G 199 48.68 -7.18 11.65
CA LEU G 199 47.69 -7.86 10.85
C LEU G 199 48.32 -8.35 9.55
N GLU G 200 48.48 -9.67 9.45
CA GLU G 200 49.03 -10.33 8.27
C GLU G 200 47.93 -10.66 7.26
N TRP G 201 48.36 -11.12 6.09
CA TRP G 201 47.44 -11.62 5.05
C TRP G 201 46.45 -10.57 4.53
N VAL G 202 46.97 -9.37 4.31
CA VAL G 202 46.21 -8.27 3.71
C VAL G 202 46.78 -7.99 2.32
N LYS G 203 45.92 -7.77 1.32
CA LYS G 203 46.39 -7.40 -0.01
C LYS G 203 46.06 -5.97 -0.41
N PHE G 204 44.82 -5.75 -0.86
CA PHE G 204 44.45 -4.43 -1.38
C PHE G 204 43.46 -3.75 -0.45
N SER G 205 43.21 -4.36 0.69
CA SER G 205 42.24 -3.80 1.60
C SER G 205 42.71 -2.47 2.12
N PRO G 206 41.77 -1.53 2.39
CA PRO G 206 42.05 -0.33 3.14
C PRO G 206 41.67 -0.58 4.58
N ALA G 207 41.91 0.39 5.44
CA ALA G 207 41.59 0.24 6.85
C ALA G 207 40.59 1.31 7.21
N ILE G 208 39.40 0.89 7.59
CA ILE G 208 38.28 1.81 7.71
C ILE G 208 37.89 2.03 9.17
N TRP G 209 38.21 3.21 9.69
CA TRP G 209 38.06 3.49 11.11
C TRP G 209 36.65 3.81 11.52
N THR G 210 36.21 3.20 12.61
CA THR G 210 34.97 3.56 13.27
C THR G 210 35.18 4.86 14.03
N HIS G 211 34.10 5.61 14.24
CA HIS G 211 34.20 6.95 14.82
C HIS G 211 34.49 6.97 16.32
N ASP G 212 34.28 5.84 16.99
CA ASP G 212 34.68 5.66 18.39
C ASP G 212 36.22 5.53 18.55
N ASN G 213 36.92 5.37 17.44
CA ASN G 213 38.38 5.28 17.42
C ASN G 213 38.92 3.99 18.03
N LYS G 214 38.03 3.02 18.20
CA LYS G 214 38.37 1.76 18.83
C LYS G 214 38.94 0.72 17.87
N GLY G 215 38.78 0.91 16.57
CA GLY G 215 39.22 -0.09 15.64
C GLY G 215 38.87 0.27 14.23
N PHE G 216 39.20 -0.63 13.30
CA PHE G 216 38.87 -0.45 11.88
C PHE G 216 38.48 -1.74 11.16
N PHE G 217 37.74 -1.58 10.07
CA PHE G 217 37.40 -2.70 9.22
C PHE G 217 38.51 -2.88 8.23
N TYR G 218 38.73 -4.13 7.85
CA TYR G 218 39.65 -4.42 6.77
C TYR G 218 39.24 -5.74 6.14
N CYS G 219 39.89 -6.10 5.02
CA CYS G 219 39.46 -7.22 4.17
C CYS G 219 40.60 -8.18 3.82
N PRO G 220 40.93 -9.06 4.74
CA PRO G 220 42.05 -9.95 4.57
C PRO G 220 41.69 -11.30 3.96
N TYR G 221 42.73 -12.09 3.68
CA TYR G 221 42.60 -13.45 3.17
C TYR G 221 43.02 -14.44 4.28
N PRO G 222 42.66 -15.74 4.19
CA PRO G 222 43.14 -16.61 5.30
C PRO G 222 44.68 -16.98 5.23
N ASN G 237 39.28 -16.71 -1.37
CA ASN G 237 38.32 -16.61 -0.23
C ASN G 237 38.50 -15.41 0.67
N GLN G 238 38.33 -14.19 0.13
CA GLN G 238 38.45 -12.95 0.91
C GLN G 238 37.38 -12.86 2.02
N GLU G 239 37.68 -12.07 3.04
CA GLU G 239 36.81 -11.90 4.21
C GLU G 239 36.73 -10.44 4.59
N ALA G 240 35.69 -10.08 5.31
CA ALA G 240 35.58 -8.77 5.94
C ALA G 240 35.71 -8.97 7.44
N ARG G 241 36.58 -8.18 8.06
CA ARG G 241 36.86 -8.30 9.48
C ARG G 241 36.82 -6.94 10.17
N TYR G 242 36.72 -6.96 11.49
CA TYR G 242 36.89 -5.75 12.27
C TYR G 242 38.00 -5.97 13.29
N HIS G 243 38.96 -5.06 13.36
CA HIS G 243 40.08 -5.21 14.27
C HIS G 243 40.00 -4.18 15.37
N PHE G 244 39.91 -4.65 16.60
CA PHE G 244 39.98 -3.76 17.78
C PHE G 244 41.43 -3.39 18.16
N LEU G 245 41.70 -2.13 18.49
CA LEU G 245 43.03 -1.73 18.84
C LEU G 245 43.46 -2.43 20.12
N GLY G 246 44.73 -2.85 20.18
CA GLY G 246 45.29 -3.56 21.34
C GLY G 246 44.96 -5.04 21.44
N THR G 247 44.38 -5.60 20.38
CA THR G 247 44.13 -7.04 20.32
C THR G 247 44.99 -7.71 19.27
N ASP G 248 45.05 -9.03 19.37
CA ASP G 248 45.70 -9.84 18.33
C ASP G 248 44.76 -10.02 17.17
N GLN G 249 45.32 -10.26 15.99
CA GLN G 249 44.53 -10.52 14.78
C GLN G 249 43.56 -11.67 14.95
N SER G 250 43.96 -12.68 15.73
CA SER G 250 43.15 -13.87 16.04
C SER G 250 41.83 -13.55 16.72
N GLU G 251 41.70 -12.38 17.36
CA GLU G 251 40.44 -11.90 17.94
C GLU G 251 39.55 -11.15 16.96
N ASP G 252 40.07 -10.77 15.80
CA ASP G 252 39.30 -9.92 14.89
C ASP G 252 38.00 -10.57 14.56
N ILE G 253 36.96 -9.74 14.50
CA ILE G 253 35.58 -10.16 14.28
C ILE G 253 35.31 -10.51 12.83
N LEU G 254 34.54 -11.56 12.61
CA LEU G 254 34.15 -11.90 11.25
C LEU G 254 32.87 -11.16 10.88
N LEU G 255 32.82 -10.63 9.65
CA LEU G 255 31.59 -9.99 9.18
C LEU G 255 31.05 -10.61 7.92
N TRP G 256 31.92 -10.99 7.00
CA TRP G 256 31.47 -11.63 5.78
C TRP G 256 32.48 -12.63 5.27
N ARG G 257 31.95 -13.75 4.81
CA ARG G 257 32.68 -14.70 4.03
C ARG G 257 31.56 -15.36 3.18
N ASP G 258 31.93 -16.02 2.08
CA ASP G 258 31.02 -16.75 1.22
C ASP G 258 31.92 -17.78 0.63
N LEU G 259 32.07 -18.91 1.34
CA LEU G 259 32.94 -20.01 0.88
C LEU G 259 32.42 -20.62 -0.42
N GLU G 260 31.10 -20.52 -0.61
CA GLU G 260 30.41 -20.99 -1.84
C GLU G 260 30.82 -20.23 -3.10
N ASN G 261 31.38 -19.02 -2.95
CA ASN G 261 31.83 -18.19 -4.07
C ASN G 261 33.23 -17.68 -3.82
N PRO G 262 34.20 -18.58 -3.88
CA PRO G 262 35.56 -18.18 -3.52
C PRO G 262 36.16 -17.00 -4.31
N ALA G 263 35.76 -16.80 -5.57
CA ALA G 263 36.41 -15.79 -6.41
C ALA G 263 35.81 -14.36 -6.32
N HIS G 264 34.70 -14.21 -5.61
CA HIS G 264 34.17 -12.89 -5.27
C HIS G 264 35.11 -12.20 -4.31
N HIS G 265 35.39 -10.93 -4.58
CA HIS G 265 36.26 -10.13 -3.73
C HIS G 265 35.53 -8.87 -3.25
N LEU G 266 36.15 -8.11 -2.35
CA LEU G 266 35.45 -7.05 -1.62
C LEU G 266 36.14 -5.67 -1.59
N LYS G 267 35.35 -4.63 -1.49
CA LYS G 267 35.79 -3.28 -1.12
C LYS G 267 34.86 -2.87 0.03
N CYS G 268 35.22 -1.88 0.83
CA CYS G 268 34.30 -1.41 1.87
C CYS G 268 34.55 0.03 2.30
N GLN G 269 33.70 0.50 3.19
CA GLN G 269 33.56 1.92 3.39
C GLN G 269 32.60 2.16 4.54
N ILE G 270 32.80 3.28 5.21
CA ILE G 270 31.89 3.71 6.24
C ILE G 270 31.34 5.06 5.83
N THR G 271 30.12 5.35 6.29
CA THR G 271 29.46 6.57 5.92
C THR G 271 30.00 7.71 6.74
N ASP G 272 29.86 8.94 6.27
CA ASP G 272 30.57 10.05 6.90
C ASP G 272 30.05 10.32 8.31
N ASP G 273 28.80 9.91 8.58
CA ASP G 273 28.23 10.08 9.91
C ASP G 273 28.59 8.94 10.85
N GLY G 274 29.31 7.95 10.33
CA GLY G 274 29.82 6.85 11.13
C GLY G 274 28.82 5.78 11.50
N LYS G 275 27.59 5.88 11.00
CA LYS G 275 26.53 4.99 11.45
C LYS G 275 26.41 3.68 10.68
N TYR G 276 26.78 3.68 9.40
CA TYR G 276 26.63 2.50 8.56
C TYR G 276 27.94 2.01 8.01
N PHE G 277 28.13 0.71 8.05
CA PHE G 277 29.24 0.05 7.39
C PHE G 277 28.73 -0.60 6.12
N LEU G 278 29.27 -0.20 4.98
CA LEU G 278 28.87 -0.77 3.70
C LEU G 278 29.93 -1.74 3.20
N LEU G 279 29.47 -2.89 2.72
CA LEU G 279 30.35 -3.89 2.16
C LEU G 279 29.95 -4.05 0.72
N TYR G 280 30.92 -3.82 -0.18
CA TYR G 280 30.70 -3.98 -1.60
C TYR G 280 31.30 -5.30 -2.04
N ILE G 281 30.56 -6.06 -2.83
CA ILE G 281 31.04 -7.34 -3.30
C ILE G 281 31.12 -7.34 -4.80
N LEU G 282 32.29 -7.70 -5.33
CA LEU G 282 32.53 -7.58 -6.76
C LEU G 282 32.76 -8.92 -7.38
N ASP G 283 32.77 -8.96 -8.72
CA ASP G 283 33.03 -10.24 -9.38
C ASP G 283 34.37 -10.35 -10.14
N GLY G 284 34.48 -9.94 -11.38
CA GLY G 284 35.81 -9.92 -11.99
C GLY G 284 36.21 -8.47 -11.96
N CYS G 285 36.61 -7.96 -13.13
CA CYS G 285 36.89 -6.54 -13.32
C CYS G 285 35.77 -5.78 -14.00
N ASP G 286 34.55 -6.33 -13.95
CA ASP G 286 33.38 -5.65 -14.53
C ASP G 286 32.98 -4.51 -13.60
N ASP G 287 32.57 -3.36 -14.16
CA ASP G 287 32.10 -2.27 -13.33
C ASP G 287 30.68 -2.62 -12.86
N ALA G 288 30.62 -3.47 -11.82
CA ALA G 288 29.36 -3.85 -11.19
C ALA G 288 29.62 -4.52 -9.84
N ASN G 289 28.61 -4.44 -8.97
CA ASN G 289 28.78 -4.82 -7.57
C ASN G 289 27.50 -4.97 -6.78
N LYS G 290 27.58 -5.72 -5.69
CA LYS G 290 26.53 -5.79 -4.69
C LYS G 290 26.72 -4.67 -3.69
N VAL G 291 25.71 -4.43 -2.87
CA VAL G 291 25.77 -3.43 -1.80
C VAL G 291 25.03 -3.96 -0.58
N TYR G 292 25.78 -4.25 0.48
CA TYR G 292 25.23 -4.69 1.76
C TYR G 292 25.50 -3.59 2.78
N CYS G 293 24.54 -3.31 3.67
CA CYS G 293 24.70 -2.21 4.66
C CYS G 293 24.55 -2.76 6.05
N LEU G 294 25.37 -2.31 6.98
CA LEU G 294 25.22 -2.72 8.35
C LEU G 294 25.02 -1.52 9.23
N ASP G 295 23.88 -1.47 9.91
CA ASP G 295 23.56 -0.37 10.82
C ASP G 295 24.23 -0.59 12.15
N LEU G 296 25.22 0.24 12.44
CA LEU G 296 26.03 0.09 13.62
C LEU G 296 25.30 0.66 14.82
N THR G 297 24.37 1.57 14.60
CA THR G 297 23.66 2.15 15.71
C THR G 297 22.70 1.13 16.37
N LYS G 298 22.46 0.00 15.69
CA LYS G 298 21.44 -0.97 16.10
C LYS G 298 22.02 -2.24 16.63
N LEU G 299 23.29 -2.19 17.01
CA LEU G 299 23.95 -3.34 17.56
C LEU G 299 23.91 -3.24 19.07
N PRO G 300 23.22 -4.21 19.72
CA PRO G 300 23.10 -4.18 21.18
C PRO G 300 24.40 -3.84 21.91
N ASN G 301 25.52 -4.43 21.46
CA ASN G 301 26.82 -4.35 22.16
C ASN G 301 27.93 -3.86 21.26
N GLY G 302 27.69 -2.83 20.46
CA GLY G 302 28.67 -2.41 19.45
C GLY G 302 29.08 -3.60 18.60
N LEU G 303 30.30 -3.59 18.07
CA LEU G 303 30.74 -4.70 17.25
C LEU G 303 31.16 -5.80 18.19
N ALA G 313 26.89 -12.03 9.35
CA ALA G 313 26.33 -10.90 10.15
C ALA G 313 25.05 -10.31 9.53
N PRO G 314 24.15 -9.71 10.35
CA PRO G 314 22.83 -9.28 9.86
C PRO G 314 22.88 -8.04 8.93
N PHE G 315 23.34 -8.22 7.68
CA PHE G 315 23.38 -7.15 6.67
C PHE G 315 22.01 -6.95 6.01
N MET G 316 21.61 -5.71 5.83
CA MET G 316 20.56 -5.39 4.85
C MET G 316 21.18 -5.57 3.46
N LYS G 317 20.67 -6.51 2.66
CA LYS G 317 21.19 -6.69 1.31
C LYS G 317 20.40 -5.83 0.31
N LEU G 318 20.82 -4.58 0.17
CA LEU G 318 20.12 -3.62 -0.68
C LEU G 318 20.25 -3.88 -2.15
N ILE G 319 21.35 -4.53 -2.55
CA ILE G 319 21.59 -4.93 -3.95
C ILE G 319 22.27 -6.30 -3.96
N ASP G 320 21.58 -7.35 -4.39
CA ASP G 320 22.14 -8.70 -4.26
C ASP G 320 22.42 -9.34 -5.60
N SER G 321 22.84 -8.52 -6.57
CA SER G 321 23.19 -9.00 -7.90
C SER G 321 24.28 -8.16 -8.52
N PHE G 322 24.89 -8.69 -9.57
CA PHE G 322 25.96 -7.99 -10.28
C PHE G 322 25.45 -7.29 -11.53
N ASP G 323 24.24 -6.74 -11.48
CA ASP G 323 23.65 -6.06 -12.63
C ASP G 323 24.29 -4.72 -12.91
N ALA G 324 24.75 -4.03 -11.88
CA ALA G 324 25.19 -2.64 -12.06
C ALA G 324 26.05 -2.15 -10.92
N SER G 325 26.72 -1.02 -11.15
CA SER G 325 27.64 -0.45 -10.19
C SER G 325 26.89 0.46 -9.25
N TYR G 326 27.36 0.54 -8.01
CA TYR G 326 26.73 1.35 -6.96
C TYR G 326 27.81 1.79 -5.96
N THR G 327 27.95 3.10 -5.77
CA THR G 327 28.97 3.68 -4.88
C THR G 327 28.30 4.73 -4.01
N ALA G 328 28.28 4.50 -2.71
CA ALA G 328 27.58 5.40 -1.80
C ALA G 328 28.27 6.76 -1.81
N ILE G 329 27.54 7.83 -2.12
CA ILE G 329 28.16 9.16 -2.14
C ILE G 329 27.86 9.92 -0.86
N ALA G 330 26.67 9.70 -0.29
CA ALA G 330 26.28 10.39 0.94
C ALA G 330 25.04 9.72 1.50
N ASN G 331 24.67 10.12 2.72
CA ASN G 331 23.41 9.68 3.31
C ASN G 331 22.95 10.59 4.44
N ASP G 332 21.64 10.58 4.64
CA ASP G 332 20.99 11.37 5.68
C ASP G 332 20.11 10.40 6.45
N GLY G 333 20.64 9.91 7.55
CA GLY G 333 20.06 8.78 8.24
C GLY G 333 20.03 7.58 7.32
N SER G 334 18.81 7.11 7.02
CA SER G 334 18.62 5.94 6.18
C SER G 334 18.48 6.30 4.71
N VAL G 335 18.71 7.56 4.34
CA VAL G 335 18.43 7.98 2.96
C VAL G 335 19.72 8.17 2.14
N PHE G 336 20.05 7.16 1.35
CA PHE G 336 21.31 7.14 0.63
C PHE G 336 21.27 7.79 -0.73
N THR G 337 22.39 8.40 -1.11
CA THR G 337 22.60 8.87 -2.45
C THR G 337 23.70 8.02 -3.05
N PHE G 338 23.41 7.31 -4.13
CA PHE G 338 24.38 6.44 -4.80
C PHE G 338 24.82 6.95 -6.16
N GLN G 339 25.99 6.51 -6.61
CA GLN G 339 26.40 6.72 -8.00
C GLN G 339 26.19 5.38 -8.66
N THR G 340 25.58 5.35 -9.84
CA THR G 340 25.33 4.08 -10.50
C THR G 340 25.34 4.15 -11.99
N ASN G 341 25.64 3.02 -12.62
CA ASN G 341 25.53 2.89 -14.07
C ASN G 341 24.36 2.01 -14.45
N LYS G 342 23.32 2.00 -13.62
CA LYS G 342 22.14 1.20 -13.85
C LYS G 342 21.23 1.94 -14.84
N ASP G 343 20.97 1.33 -16.00
CA ASP G 343 20.22 1.96 -17.09
C ASP G 343 20.86 3.30 -17.43
N ALA G 344 22.17 3.36 -17.31
CA ALA G 344 22.91 4.56 -17.60
C ALA G 344 24.38 4.19 -17.78
N PRO G 345 24.83 4.06 -19.05
CA PRO G 345 26.23 3.76 -19.37
C PRO G 345 27.22 4.87 -18.97
N ARG G 346 26.88 6.14 -19.21
CA ARG G 346 27.49 7.26 -18.47
C ARG G 346 26.73 7.06 -17.21
N LYS G 347 27.19 7.58 -16.10
CA LYS G 347 26.55 7.18 -14.87
C LYS G 347 25.57 8.26 -14.48
N LYS G 348 24.90 8.07 -13.36
CA LYS G 348 24.02 9.09 -12.80
C LYS G 348 24.04 8.96 -11.29
N LEU G 349 23.38 9.89 -10.60
CA LEU G 349 23.18 9.81 -9.16
C LEU G 349 21.71 9.52 -8.84
N VAL G 350 21.48 8.58 -7.94
CA VAL G 350 20.13 8.16 -7.55
C VAL G 350 19.98 8.08 -6.04
N ARG G 351 18.77 8.14 -5.55
CA ARG G 351 18.53 8.23 -4.13
C ARG G 351 17.50 7.23 -3.69
N VAL G 352 17.79 6.55 -2.59
CA VAL G 352 16.93 5.53 -2.03
C VAL G 352 16.89 5.63 -0.50
N ASP G 353 15.77 5.23 0.07
CA ASP G 353 15.64 5.11 1.51
C ASP G 353 15.75 3.64 1.83
N LEU G 354 16.57 3.27 2.80
CA LEU G 354 16.73 1.83 3.13
C LEU G 354 15.48 1.22 3.74
N ASN G 355 14.67 2.06 4.37
CA ASN G 355 13.42 1.64 5.00
C ASN G 355 12.25 1.48 4.00
N ASN G 356 12.46 1.93 2.77
CA ASN G 356 11.62 1.57 1.65
C ASN G 356 12.47 1.36 0.39
N PRO G 357 13.29 0.29 0.40
CA PRO G 357 14.40 0.09 -0.52
C PRO G 357 13.99 -0.25 -1.94
N SER G 358 12.69 -0.38 -2.20
CA SER G 358 12.18 -0.69 -3.54
C SER G 358 12.10 0.53 -4.44
N VAL G 359 11.99 1.70 -3.81
CA VAL G 359 11.72 2.93 -4.52
C VAL G 359 12.97 3.77 -4.69
N TRP G 360 13.51 3.76 -5.91
CA TRP G 360 14.74 4.46 -6.28
C TRP G 360 14.40 5.67 -7.14
N THR G 361 15.12 6.78 -6.97
CA THR G 361 14.75 8.04 -7.62
C THR G 361 15.95 8.80 -8.18
N ASP G 362 15.91 9.26 -9.42
CA ASP G 362 17.02 10.03 -9.98
C ASP G 362 17.18 11.34 -9.24
N LEU G 363 18.41 11.68 -8.89
CA LEU G 363 18.72 12.91 -8.18
C LEU G 363 19.37 13.86 -9.15
N VAL G 364 20.43 13.37 -9.81
CA VAL G 364 21.05 14.01 -10.96
C VAL G 364 20.97 12.96 -12.06
N PRO G 365 20.21 13.23 -13.13
CA PRO G 365 20.04 12.18 -14.13
C PRO G 365 21.27 11.94 -15.02
N GLU G 366 21.21 10.90 -15.84
CA GLU G 366 22.30 10.60 -16.77
C GLU G 366 22.40 11.72 -17.81
N SER G 367 23.62 12.05 -18.22
CA SER G 367 23.80 13.01 -19.30
C SER G 367 23.73 12.24 -20.58
N LYS G 368 23.39 12.92 -21.66
CA LYS G 368 23.32 12.25 -22.96
C LYS G 368 24.71 12.04 -23.52
N LYS G 369 25.62 12.93 -23.14
CA LYS G 369 26.93 12.95 -23.72
C LYS G 369 28.07 12.62 -22.75
N ASP G 370 28.01 13.16 -21.53
CA ASP G 370 29.17 13.19 -20.62
C ASP G 370 29.11 12.13 -19.53
N LEU G 371 30.27 11.54 -19.27
CA LEU G 371 30.40 10.50 -18.23
C LEU G 371 30.49 11.19 -16.87
N LEU G 372 29.70 10.70 -15.93
CA LEU G 372 29.80 11.13 -14.55
C LEU G 372 30.81 10.23 -13.90
N GLU G 373 32.07 10.64 -13.97
CA GLU G 373 33.18 9.79 -13.52
C GLU G 373 33.19 9.59 -12.01
N SER G 374 32.88 10.62 -11.23
CA SER G 374 32.87 10.50 -9.76
C SER G 374 32.08 11.65 -9.08
N ALA G 375 31.72 11.45 -7.82
CA ALA G 375 30.92 12.39 -7.06
C ALA G 375 31.38 12.41 -5.63
N HIS G 376 31.34 13.58 -5.02
CA HIS G 376 31.86 13.76 -3.65
C HIS G 376 31.01 14.75 -2.86
N ALA G 377 30.44 14.29 -1.74
CA ALA G 377 29.70 15.18 -0.87
C ALA G 377 30.70 16.01 -0.09
N VAL G 378 30.48 17.32 -0.08
CA VAL G 378 31.40 18.27 0.55
C VAL G 378 30.63 19.38 1.25
N ASN G 379 31.27 20.00 2.22
CA ASN G 379 30.72 21.20 2.86
C ASN G 379 29.30 21.00 3.42
N GLU G 380 29.12 19.88 4.09
CA GLU G 380 27.88 19.55 4.78
C GLU G 380 26.74 19.21 3.83
N ASN G 381 26.47 20.05 2.83
CA ASN G 381 25.23 19.94 2.05
C ASN G 381 25.41 20.20 0.56
N GLN G 382 26.63 20.01 0.06
CA GLN G 382 26.93 20.17 -1.37
C GLN G 382 27.55 18.92 -2.01
N LEU G 383 27.59 18.92 -3.35
CA LEU G 383 28.14 17.82 -4.14
C LEU G 383 29.10 18.38 -5.14
N ILE G 384 30.25 17.72 -5.33
CA ILE G 384 31.13 18.02 -6.45
C ILE G 384 31.16 16.86 -7.42
N LEU G 385 30.60 17.08 -8.60
CA LEU G 385 30.56 16.06 -9.65
C LEU G 385 31.74 16.28 -10.57
N ARG G 386 32.39 15.20 -10.94
CA ARG G 386 33.50 15.28 -11.85
C ARG G 386 33.09 14.58 -13.13
N TYR G 387 32.76 15.37 -14.15
CA TYR G 387 32.35 14.85 -15.43
C TYR G 387 33.55 14.70 -16.38
N LEU G 388 33.51 13.70 -17.25
CA LEU G 388 34.50 13.55 -18.30
C LEU G 388 33.81 13.82 -19.61
N SER G 389 34.14 14.95 -20.23
CA SER G 389 33.47 15.41 -21.45
C SER G 389 34.45 15.45 -22.66
N ASP G 390 34.32 14.50 -23.60
CA ASP G 390 35.31 14.28 -24.67
C ASP G 390 36.71 14.26 -24.07
N VAL G 391 36.90 13.37 -23.10
CA VAL G 391 38.18 13.17 -22.43
C VAL G 391 38.78 14.43 -21.77
N LYS G 392 37.94 15.35 -21.31
CA LYS G 392 38.40 16.52 -20.56
C LYS G 392 37.45 16.74 -19.41
N HIS G 393 38.01 17.00 -18.24
CA HIS G 393 37.24 17.01 -17.03
C HIS G 393 36.38 18.25 -16.93
N VAL G 394 35.29 18.13 -16.19
CA VAL G 394 34.42 19.27 -15.87
C VAL G 394 33.91 19.12 -14.45
N LEU G 395 34.07 20.15 -13.64
CA LEU G 395 33.63 20.06 -12.27
C LEU G 395 32.34 20.82 -12.15
N GLU G 396 31.35 20.20 -11.48
CA GLU G 396 30.09 20.88 -11.16
C GLU G 396 29.90 20.86 -9.65
N ILE G 397 29.40 21.97 -9.12
CA ILE G 397 29.00 22.04 -7.70
C ILE G 397 27.49 22.10 -7.66
N ARG G 398 26.87 21.19 -6.93
CA ARG G 398 25.44 21.10 -6.88
C ARG G 398 24.95 21.05 -5.45
N ASP G 399 23.65 21.22 -5.26
CA ASP G 399 23.05 21.07 -3.94
C ASP G 399 22.80 19.60 -3.68
N LEU G 400 23.28 19.10 -2.55
CA LEU G 400 23.10 17.68 -2.20
C LEU G 400 21.63 17.28 -2.11
N GLU G 401 20.85 18.11 -1.42
CA GLU G 401 19.44 17.83 -1.20
C GLU G 401 18.65 17.74 -2.53
N SER G 402 18.69 18.83 -3.30
CA SER G 402 17.90 18.92 -4.53
C SER G 402 18.61 18.44 -5.79
N GLY G 403 19.93 18.35 -5.75
CA GLY G 403 20.69 17.94 -6.94
C GLY G 403 20.84 19.04 -7.94
N ALA G 404 20.48 20.27 -7.55
CA ALA G 404 20.41 21.40 -8.46
C ALA G 404 21.79 22.01 -8.72
N LEU G 405 22.03 22.40 -9.98
CA LEU G 405 23.33 22.95 -10.36
C LEU G 405 23.56 24.33 -9.78
N GLN G 406 24.69 24.52 -9.11
CA GLN G 406 25.07 25.80 -8.53
C GLN G 406 26.23 26.53 -9.26
N HIS G 407 27.27 25.78 -9.64
CA HIS G 407 28.37 26.32 -10.43
C HIS G 407 28.89 25.25 -11.38
N ARG G 408 29.63 25.68 -12.40
CA ARG G 408 30.20 24.78 -13.40
C ARG G 408 31.57 25.26 -13.89
N LEU G 409 32.62 24.48 -13.64
CA LEU G 409 33.96 24.84 -14.08
C LEU G 409 34.61 23.80 -15.01
N PRO G 410 34.66 24.09 -16.34
CA PRO G 410 35.36 23.22 -17.29
C PRO G 410 36.85 23.34 -17.11
N ILE G 411 37.56 22.23 -17.23
CA ILE G 411 39.00 22.18 -16.96
C ILE G 411 39.77 22.12 -18.29
N ASP G 412 40.97 22.69 -18.34
CA ASP G 412 41.78 22.60 -19.54
C ASP G 412 42.19 21.17 -19.80
N ILE G 413 42.76 20.92 -20.96
CA ILE G 413 43.27 19.60 -21.27
C ILE G 413 44.20 19.18 -20.13
N GLY G 414 44.09 17.90 -19.75
CA GLY G 414 44.74 17.36 -18.58
C GLY G 414 43.74 16.61 -17.74
N SER G 415 44.07 16.46 -16.46
CA SER G 415 43.32 15.61 -15.57
C SER G 415 43.22 16.21 -14.16
N VAL G 416 42.00 16.28 -13.62
CA VAL G 416 41.79 16.53 -12.21
C VAL G 416 41.48 15.24 -11.47
N ASP G 417 41.96 15.11 -10.24
CA ASP G 417 41.64 13.96 -9.39
C ASP G 417 42.10 14.12 -7.95
N GLY G 418 41.95 13.04 -7.17
CA GLY G 418 42.47 13.02 -5.81
C GLY G 418 41.69 13.93 -4.89
N ILE G 419 40.40 14.05 -5.17
CA ILE G 419 39.52 14.82 -4.34
C ILE G 419 39.27 13.94 -3.14
N THR G 420 39.83 14.28 -1.99
CA THR G 420 39.69 13.46 -0.80
C THR G 420 38.95 14.16 0.34
N ALA G 421 38.45 15.36 0.09
CA ALA G 421 37.62 16.02 1.06
C ALA G 421 36.47 15.11 1.45
N ARG G 422 36.06 15.17 2.71
CA ARG G 422 34.88 14.43 3.16
C ARG G 422 33.76 15.43 3.38
N ARG G 423 32.57 14.93 3.64
CA ARG G 423 31.40 15.80 3.74
C ARG G 423 31.46 16.88 4.82
N ARG G 424 32.19 16.61 5.89
CA ARG G 424 32.37 17.60 6.95
C ARG G 424 33.33 18.68 6.64
N ASP G 425 34.19 18.45 5.67
CA ASP G 425 35.22 19.40 5.32
C ASP G 425 34.62 20.53 4.47
N SER G 426 35.03 21.77 4.74
CA SER G 426 34.53 22.91 3.99
C SER G 426 35.57 23.41 2.97
N VAL G 427 36.79 22.92 3.08
CA VAL G 427 37.86 23.22 2.12
C VAL G 427 38.16 21.99 1.29
N VAL G 428 38.01 22.10 -0.03
CA VAL G 428 38.31 21.01 -0.93
C VAL G 428 39.65 21.22 -1.58
N PHE G 429 40.42 20.14 -1.67
CA PHE G 429 41.65 20.14 -2.41
C PHE G 429 41.60 19.07 -3.49
N PHE G 430 42.21 19.39 -4.61
CA PHE G 430 42.38 18.40 -5.68
C PHE G 430 43.62 18.68 -6.51
N LYS G 431 44.07 17.67 -7.26
CA LYS G 431 45.29 17.77 -8.06
C LYS G 431 45.02 17.83 -9.56
N PHE G 432 45.59 18.86 -10.20
CA PHE G 432 45.50 19.01 -11.64
C PHE G 432 46.87 18.69 -12.19
N THR G 433 46.90 17.93 -13.29
CA THR G 433 48.15 17.64 -13.99
C THR G 433 47.87 17.57 -15.47
N SER G 434 48.93 17.67 -16.26
CA SER G 434 48.80 17.67 -17.68
C SER G 434 50.14 17.43 -18.32
N ILE G 435 50.16 17.26 -19.64
CA ILE G 435 51.39 16.97 -20.38
C ILE G 435 52.43 18.05 -20.07
N LEU G 436 52.01 19.32 -20.10
CA LEU G 436 52.89 20.46 -19.81
C LEU G 436 52.69 21.12 -18.44
N THR G 437 51.80 20.57 -17.62
CA THR G 437 51.61 21.04 -16.25
C THR G 437 51.91 19.93 -15.26
N PRO G 438 53.07 20.01 -14.58
CA PRO G 438 53.58 18.92 -13.76
C PRO G 438 52.70 18.55 -12.59
N GLY G 439 52.14 19.54 -11.91
CA GLY G 439 51.29 19.28 -10.76
C GLY G 439 50.98 20.55 -10.02
N ILE G 440 49.69 20.80 -9.84
CA ILE G 440 49.21 21.90 -9.03
C ILE G 440 48.19 21.29 -8.09
N VAL G 441 48.29 21.61 -6.80
CA VAL G 441 47.22 21.31 -5.87
C VAL G 441 46.39 22.57 -5.75
N TYR G 442 45.14 22.52 -6.22
CA TYR G 442 44.20 23.63 -6.06
C TYR G 442 43.47 23.48 -4.76
N GLN G 443 42.95 24.58 -4.26
CA GLN G 443 42.07 24.54 -3.12
C GLN G 443 40.91 25.44 -3.37
N CYS G 444 39.79 25.06 -2.78
CA CYS G 444 38.59 25.86 -2.82
C CYS G 444 38.00 25.82 -1.40
N ASP G 445 37.88 26.98 -0.74
CA ASP G 445 37.17 27.05 0.53
C ASP G 445 35.73 27.39 0.21
N LEU G 446 34.87 26.37 0.19
CA LEU G 446 33.48 26.53 -0.21
C LEU G 446 32.66 27.35 0.78
N LYS G 447 33.12 27.43 2.03
CA LYS G 447 32.42 28.21 3.07
C LYS G 447 32.61 29.71 2.86
N ASN G 448 33.87 30.17 2.90
CA ASN G 448 34.20 31.59 2.92
C ASN G 448 34.62 32.19 1.57
N ASP G 449 34.83 31.38 0.52
CA ASP G 449 35.16 31.91 -0.81
C ASP G 449 34.87 30.94 -1.97
N PRO G 450 33.59 30.55 -2.15
CA PRO G 450 33.19 29.48 -3.10
C PRO G 450 33.50 29.68 -4.60
N THR G 451 33.65 30.94 -5.02
CA THR G 451 33.82 31.30 -6.44
C THR G 451 35.20 30.97 -7.02
N GLN G 452 36.23 31.29 -6.24
CA GLN G 452 37.62 31.20 -6.74
C GLN G 452 38.34 29.87 -6.32
N LEU G 453 38.91 29.17 -7.32
CA LEU G 453 39.90 28.11 -7.13
C LEU G 453 41.19 28.83 -6.97
N LYS G 454 41.85 28.71 -5.82
CA LYS G 454 43.18 29.32 -5.67
C LYS G 454 44.29 28.22 -5.68
N ILE G 455 45.50 28.58 -6.13
CA ILE G 455 46.66 27.67 -6.14
C ILE G 455 47.23 27.56 -4.72
N PHE G 456 47.44 26.34 -4.28
CA PHE G 456 47.87 26.07 -2.92
C PHE G 456 49.30 25.61 -2.95
N ARG G 457 49.61 24.65 -3.83
CA ARG G 457 51.00 24.23 -4.11
C ARG G 457 51.13 24.12 -5.61
N GLU G 458 52.32 24.40 -6.13
CA GLU G 458 52.57 24.37 -7.56
C GLU G 458 53.97 23.88 -7.88
N SER G 459 54.05 22.73 -8.52
CA SER G 459 55.31 22.14 -8.93
C SER G 459 55.87 22.93 -10.11
N VAL G 460 57.20 23.05 -10.12
CA VAL G 460 57.89 23.70 -11.22
C VAL G 460 59.04 22.79 -11.70
N VAL G 461 59.06 22.50 -13.01
CA VAL G 461 60.09 21.68 -13.63
C VAL G 461 61.26 22.57 -13.93
N PRO G 462 62.46 22.21 -13.46
CA PRO G 462 63.57 23.12 -13.65
C PRO G 462 64.01 23.21 -15.09
N ASP G 463 64.23 24.45 -15.57
CA ASP G 463 64.73 24.73 -16.91
C ASP G 463 63.82 24.11 -17.97
N PHE G 464 62.54 24.44 -17.87
CA PHE G 464 61.56 23.99 -18.86
C PHE G 464 60.56 25.09 -19.11
N ASP G 465 60.46 25.48 -20.38
CA ASP G 465 59.58 26.56 -20.81
C ASP G 465 58.40 25.92 -21.49
N ARG G 466 57.29 25.87 -20.79
CA ARG G 466 56.13 25.16 -21.31
C ARG G 466 55.49 25.89 -22.51
N SER G 467 55.82 27.17 -22.70
CA SER G 467 55.24 27.93 -23.80
C SER G 467 55.77 27.57 -25.20
N GLU G 468 56.91 26.87 -25.25
CA GLU G 468 57.44 26.33 -26.53
C GLU G 468 56.56 25.23 -27.13
N PHE G 469 55.74 24.59 -26.31
CA PHE G 469 55.01 23.40 -26.69
C PHE G 469 53.53 23.64 -26.57
N GLU G 470 52.75 22.83 -27.30
CA GLU G 470 51.29 22.90 -27.25
C GLU G 470 50.69 21.53 -27.31
N VAL G 471 49.42 21.44 -26.95
CA VAL G 471 48.67 20.18 -26.93
C VAL G 471 47.29 20.36 -27.60
N LYS G 472 47.00 19.57 -28.62
CA LYS G 472 45.74 19.63 -29.29
C LYS G 472 45.00 18.34 -29.05
N GLN G 473 43.69 18.39 -29.17
CA GLN G 473 42.88 17.20 -29.25
C GLN G 473 42.23 17.20 -30.61
N VAL G 474 42.40 16.13 -31.34
CA VAL G 474 41.69 15.94 -32.60
C VAL G 474 40.99 14.60 -32.59
N PHE G 475 40.03 14.42 -33.50
CA PHE G 475 39.27 13.16 -33.63
C PHE G 475 39.53 12.50 -34.98
N VAL G 476 39.81 11.22 -34.99
CA VAL G 476 40.22 10.54 -36.21
C VAL G 476 39.30 9.39 -36.48
N PRO G 477 39.11 9.03 -37.76
CA PRO G 477 38.19 7.94 -38.07
C PRO G 477 38.85 6.56 -37.98
N SER G 478 38.16 5.60 -37.38
CA SER G 478 38.61 4.20 -37.33
C SER G 478 37.99 3.41 -38.50
N LYS G 479 38.46 2.18 -38.70
CA LYS G 479 37.99 1.30 -39.80
C LYS G 479 36.48 1.24 -39.93
N ASP G 480 35.78 1.10 -38.81
CA ASP G 480 34.33 1.01 -38.86
C ASP G 480 33.63 2.37 -38.79
N GLY G 481 34.36 3.47 -39.04
CA GLY G 481 33.74 4.79 -39.07
C GLY G 481 33.64 5.52 -37.75
N THR G 482 33.85 4.84 -36.63
CA THR G 482 33.77 5.47 -35.33
C THR G 482 34.88 6.50 -35.20
N LYS G 483 34.58 7.66 -34.64
CA LYS G 483 35.60 8.68 -34.41
C LYS G 483 36.31 8.40 -33.08
N ILE G 484 37.62 8.61 -33.04
CA ILE G 484 38.42 8.25 -31.89
C ILE G 484 39.16 9.50 -31.42
N PRO G 485 38.98 9.94 -30.15
CA PRO G 485 39.72 11.13 -29.67
C PRO G 485 41.19 10.82 -29.44
N ILE G 486 42.07 11.71 -29.86
CA ILE G 486 43.49 11.56 -29.59
C ILE G 486 44.11 12.90 -29.18
N PHE G 487 45.05 12.88 -28.24
CA PHE G 487 45.81 14.09 -27.89
C PHE G 487 47.13 14.08 -28.64
N ILE G 488 47.57 15.27 -29.05
CA ILE G 488 48.82 15.41 -29.77
C ILE G 488 49.61 16.55 -29.19
N ALA G 489 50.76 16.23 -28.62
CA ALA G 489 51.69 17.21 -28.04
C ALA G 489 52.93 17.32 -28.90
N ALA G 490 53.31 18.55 -29.25
CA ALA G 490 54.54 18.77 -29.98
C ALA G 490 54.97 20.20 -29.80
N ARG G 491 56.18 20.52 -30.27
CA ARG G 491 56.70 21.91 -30.27
C ARG G 491 55.77 22.81 -31.08
N LYS G 492 55.75 24.09 -30.75
CA LYS G 492 54.83 24.99 -31.41
C LYS G 492 55.28 25.23 -32.83
N GLY G 493 54.30 25.38 -33.72
CA GLY G 493 54.54 25.58 -35.15
C GLY G 493 55.63 24.71 -35.73
N ILE G 494 55.45 23.40 -35.71
CA ILE G 494 56.34 22.51 -36.47
C ILE G 494 55.78 22.36 -37.86
N SER G 495 56.62 21.91 -38.79
CA SER G 495 56.17 21.56 -40.14
C SER G 495 55.54 20.18 -40.16
N LEU G 496 54.33 20.06 -40.71
CA LEU G 496 53.74 18.73 -40.94
C LEU G 496 54.30 18.15 -42.22
N ASP G 497 55.61 17.93 -42.24
CA ASP G 497 56.34 17.44 -43.41
C ASP G 497 56.78 15.96 -43.34
N GLY G 498 56.27 15.20 -42.37
CA GLY G 498 56.51 13.76 -42.29
C GLY G 498 57.77 13.34 -41.56
N SER G 499 58.57 14.32 -41.16
CA SER G 499 59.91 14.05 -40.62
C SER G 499 59.93 13.50 -39.19
N HIS G 500 59.07 14.04 -38.33
CA HIS G 500 59.25 13.93 -36.88
C HIS G 500 59.10 12.51 -36.29
N PRO G 501 59.96 12.15 -35.31
CA PRO G 501 59.74 10.88 -34.64
C PRO G 501 58.53 10.99 -33.72
N CYS G 502 57.81 9.89 -33.57
CA CYS G 502 56.50 9.94 -32.99
C CYS G 502 56.25 8.77 -32.07
N GLU G 503 55.95 9.06 -30.82
CA GLU G 503 55.59 8.05 -29.86
C GLU G 503 54.10 8.07 -29.66
N MET G 504 53.50 6.90 -29.65
CA MET G 504 52.08 6.78 -29.47
C MET G 504 51.77 5.81 -28.33
N HIS G 505 50.87 6.21 -27.44
CA HIS G 505 50.58 5.45 -26.22
C HIS G 505 49.06 5.15 -26.14
N GLY G 506 48.71 3.97 -25.67
CA GLY G 506 47.32 3.59 -25.53
C GLY G 506 47.12 2.46 -24.54
N TYR G 507 45.87 2.11 -24.28
CA TYR G 507 45.56 0.99 -23.39
C TYR G 507 44.42 0.13 -23.97
N GLY G 508 43.18 0.56 -23.78
CA GLY G 508 42.07 -0.03 -24.51
C GLY G 508 41.41 -1.23 -23.86
N GLY G 509 40.93 -1.05 -22.63
CA GLY G 509 40.17 -2.09 -21.96
C GLY G 509 39.82 -1.74 -20.51
N PHE G 510 39.01 -2.58 -19.91
CA PHE G 510 38.82 -2.63 -18.44
C PHE G 510 38.24 -1.35 -17.87
N GLY G 511 37.55 -0.62 -18.74
CA GLY G 511 36.94 0.64 -18.34
C GLY G 511 37.91 1.75 -17.97
N ILE G 512 39.21 1.52 -18.15
CA ILE G 512 40.22 2.49 -17.74
C ILE G 512 40.28 3.67 -18.69
N ASN G 513 40.19 4.87 -18.10
CA ASN G 513 40.29 6.15 -18.84
C ASN G 513 41.73 6.63 -18.96
N MET G 514 42.21 6.85 -20.17
CA MET G 514 43.53 7.41 -20.34
C MET G 514 43.45 8.92 -20.39
N MET G 515 43.87 9.57 -19.31
CA MET G 515 43.98 11.03 -19.31
C MET G 515 45.37 11.45 -19.75
N PRO G 516 45.55 12.66 -20.27
CA PRO G 516 46.89 13.12 -20.61
C PRO G 516 47.61 13.79 -19.44
N THR G 517 48.16 12.98 -18.52
CA THR G 517 48.84 13.49 -17.32
C THR G 517 50.31 13.87 -17.55
N PHE G 518 51.02 14.28 -16.51
CA PHE G 518 52.41 14.70 -16.69
C PHE G 518 53.38 13.55 -16.62
N SER G 519 54.20 13.44 -17.66
CA SER G 519 55.43 12.63 -17.61
C SER G 519 56.63 13.49 -17.96
N ALA G 520 57.67 13.32 -17.16
CA ALA G 520 58.89 14.10 -17.28
C ALA G 520 59.71 13.60 -18.47
N SER G 521 59.81 12.29 -18.60
CA SER G 521 60.52 11.70 -19.74
C SER G 521 59.84 12.03 -21.08
N ARG G 522 58.53 12.24 -21.08
CA ARG G 522 57.83 12.71 -22.26
C ARG G 522 58.37 14.06 -22.73
N ILE G 523 58.61 14.97 -21.80
CA ILE G 523 59.15 16.29 -22.13
C ILE G 523 60.51 16.17 -22.81
N VAL G 524 61.31 15.23 -22.33
CA VAL G 524 62.64 15.04 -22.87
C VAL G 524 62.50 14.61 -24.32
N PHE G 525 61.64 13.63 -24.52
CA PHE G 525 61.34 13.16 -25.84
C PHE G 525 60.94 14.33 -26.70
N LEU G 526 59.96 15.10 -26.25
CA LEU G 526 59.47 16.27 -26.99
C LEU G 526 60.57 17.30 -27.30
N LYS G 527 61.35 17.71 -26.29
CA LYS G 527 62.31 18.82 -26.45
C LYS G 527 63.61 18.42 -27.13
N HIS G 528 64.21 17.33 -26.64
CA HIS G 528 65.57 16.93 -27.00
C HIS G 528 65.62 15.85 -28.09
N LEU G 529 64.46 15.34 -28.48
CA LEU G 529 64.37 14.45 -29.62
C LEU G 529 63.43 15.00 -30.71
N GLY G 530 63.11 16.29 -30.64
CA GLY G 530 62.19 16.94 -31.60
C GLY G 530 60.91 16.17 -31.87
N GLY G 531 60.37 15.57 -30.82
CA GLY G 531 59.38 14.51 -30.93
C GLY G 531 57.96 14.99 -30.93
N VAL G 532 57.06 14.10 -31.32
CA VAL G 532 55.63 14.33 -31.30
C VAL G 532 54.99 13.21 -30.52
N PHE G 533 54.21 13.54 -29.52
CA PHE G 533 53.62 12.51 -28.70
C PHE G 533 52.13 12.46 -28.88
N CYS G 534 51.58 11.27 -28.79
CA CYS G 534 50.15 11.06 -28.99
C CYS G 534 49.59 10.05 -28.01
N LEU G 535 48.48 10.39 -27.37
CA LEU G 535 47.78 9.48 -26.51
C LEU G 535 46.45 9.21 -27.18
N ALA G 536 46.13 7.94 -27.36
CA ALA G 536 44.91 7.53 -28.07
C ALA G 536 43.84 6.92 -27.14
N ASN G 537 42.66 7.54 -27.15
CA ASN G 537 41.55 7.16 -26.29
C ASN G 537 40.73 6.20 -27.08
N ILE G 538 41.28 5.01 -27.27
CA ILE G 538 40.62 4.00 -28.05
C ILE G 538 39.59 3.29 -27.19
N ARG G 539 38.75 2.51 -27.87
CA ARG G 539 37.68 1.77 -27.25
C ARG G 539 38.25 0.70 -26.34
N GLY G 540 37.40 0.20 -25.46
CA GLY G 540 37.81 -0.67 -24.38
C GLY G 540 37.95 0.16 -23.11
N GLY G 541 38.33 1.41 -23.28
CA GLY G 541 38.37 2.32 -22.14
C GLY G 541 36.96 2.67 -21.71
N GLY G 542 36.85 3.59 -20.75
CA GLY G 542 35.54 4.03 -20.22
C GLY G 542 35.24 5.47 -20.56
N GLU G 543 36.06 6.04 -21.45
CA GLU G 543 36.06 7.49 -21.70
C GLU G 543 34.67 8.05 -22.02
N TYR G 544 33.91 7.25 -22.76
CA TYR G 544 32.58 7.60 -23.19
C TYR G 544 31.59 6.62 -22.62
N GLY G 545 31.75 6.21 -21.37
CA GLY G 545 30.75 5.35 -20.76
C GLY G 545 30.92 3.89 -21.13
N GLU G 546 29.97 3.09 -20.69
CA GLU G 546 30.12 1.64 -20.71
C GLU G 546 29.98 1.04 -22.12
N GLU G 547 29.31 1.75 -23.02
CA GLU G 547 29.16 1.28 -24.42
C GLU G 547 30.49 1.40 -25.17
N TRP G 548 31.34 2.29 -24.67
CA TRP G 548 32.63 2.52 -25.26
C TRP G 548 33.53 1.44 -24.79
N HIS G 549 33.33 1.02 -23.54
CA HIS G 549 34.04 -0.15 -23.00
C HIS G 549 33.67 -1.41 -23.78
N LYS G 550 32.39 -1.71 -23.87
CA LYS G 550 31.94 -2.95 -24.48
C LYS G 550 32.21 -3.02 -25.98
N ALA G 551 32.38 -1.86 -26.62
CA ALA G 551 32.70 -1.83 -28.05
C ALA G 551 34.14 -2.23 -28.36
N GLY G 552 34.95 -2.39 -27.31
CA GLY G 552 36.32 -2.89 -27.46
C GLY G 552 36.62 -4.00 -26.47
N PHE G 553 35.65 -4.89 -26.25
CA PHE G 553 35.88 -6.03 -25.35
C PHE G 553 35.23 -7.32 -25.84
N ARG G 554 35.61 -8.44 -25.24
CA ARG G 554 35.16 -9.77 -25.66
C ARG G 554 35.26 -9.99 -27.18
N ASP G 555 34.13 -10.17 -27.85
CA ASP G 555 34.11 -10.41 -29.30
C ASP G 555 34.55 -9.19 -30.12
N LYS G 556 34.49 -8.01 -29.53
CA LYS G 556 34.90 -6.78 -30.22
C LYS G 556 36.29 -6.27 -29.79
N LYS G 557 37.11 -7.16 -29.23
CA LYS G 557 38.45 -6.76 -28.83
C LYS G 557 39.21 -6.22 -30.05
N GLN G 558 38.99 -6.79 -31.21
CA GLN G 558 39.69 -6.34 -32.41
C GLN G 558 39.50 -4.84 -32.70
N ASN G 559 38.37 -4.26 -32.31
CA ASN G 559 38.15 -2.84 -32.58
C ASN G 559 39.18 -1.95 -31.93
N VAL G 560 39.64 -2.37 -30.78
CA VAL G 560 40.65 -1.67 -30.03
C VAL G 560 41.91 -1.51 -30.87
N PHE G 561 42.32 -2.59 -31.52
CA PHE G 561 43.56 -2.60 -32.31
C PHE G 561 43.39 -1.84 -33.60
N ASP G 562 42.19 -1.92 -34.19
CA ASP G 562 41.89 -1.17 -35.40
C ASP G 562 41.89 0.33 -35.10
N ASP G 563 41.35 0.71 -33.94
CA ASP G 563 41.33 2.10 -33.50
C ASP G 563 42.74 2.70 -33.38
N PHE G 564 43.66 1.91 -32.79
CA PHE G 564 45.06 2.31 -32.59
C PHE G 564 45.76 2.42 -33.93
N ILE G 565 45.61 1.37 -34.76
CA ILE G 565 46.22 1.38 -36.09
C ILE G 565 45.75 2.59 -36.86
N SER G 566 44.48 2.92 -36.72
CA SER G 566 43.87 4.09 -37.38
C SER G 566 44.40 5.44 -36.90
N ALA G 567 44.67 5.56 -35.61
CA ALA G 567 45.33 6.76 -35.10
C ALA G 567 46.72 6.94 -35.75
N ALA G 568 47.49 5.85 -35.85
CA ALA G 568 48.83 5.91 -36.43
C ALA G 568 48.77 6.31 -37.89
N GLU G 569 47.78 5.77 -38.61
CA GLU G 569 47.56 6.11 -40.01
C GLU G 569 47.25 7.61 -40.16
N TYR G 570 46.47 8.16 -39.23
CA TYR G 570 46.18 9.60 -39.24
C TYR G 570 47.43 10.42 -39.06
N LEU G 571 48.26 10.05 -38.10
CA LEU G 571 49.51 10.78 -37.83
C LEU G 571 50.42 10.80 -39.06
N ILE G 572 50.48 9.68 -39.77
CA ILE G 572 51.24 9.61 -41.01
C ILE G 572 50.68 10.54 -42.08
N SER G 573 49.38 10.43 -42.33
CA SER G 573 48.78 11.13 -43.42
C SER G 573 48.75 12.61 -43.14
N SER G 574 48.44 12.98 -41.92
CA SER G 574 48.30 14.41 -41.56
C SER G 574 49.65 15.10 -41.57
N GLY G 575 50.71 14.31 -41.62
CA GLY G 575 52.04 14.81 -41.87
C GLY G 575 52.89 14.97 -40.64
N TYR G 576 52.47 14.42 -39.52
CA TYR G 576 53.28 14.51 -38.30
C TYR G 576 54.53 13.64 -38.37
N THR G 577 54.43 12.47 -38.98
CA THR G 577 55.50 11.49 -38.93
C THR G 577 55.38 10.61 -40.16
N LYS G 578 56.12 9.51 -40.21
CA LYS G 578 55.98 8.57 -41.32
C LYS G 578 56.15 7.14 -40.86
N ALA G 579 55.90 6.21 -41.78
CA ALA G 579 55.63 4.82 -41.39
C ALA G 579 56.57 4.21 -40.37
N ARG G 580 57.86 4.23 -40.66
CA ARG G 580 58.80 3.58 -39.77
C ARG G 580 59.53 4.60 -38.88
N ARG G 581 58.85 5.71 -38.60
CA ARG G 581 59.28 6.70 -37.61
C ARG G 581 58.27 6.82 -36.46
N VAL G 582 57.37 5.82 -36.36
CA VAL G 582 56.34 5.77 -35.33
C VAL G 582 56.70 4.74 -34.26
N ALA G 583 56.74 5.16 -33.01
CA ALA G 583 56.91 4.23 -31.90
C ALA G 583 55.62 4.04 -31.15
N ILE G 584 55.35 2.82 -30.70
CA ILE G 584 54.19 2.56 -29.85
C ILE G 584 54.61 1.99 -28.51
N GLU G 585 53.90 2.39 -27.46
CA GLU G 585 54.20 1.94 -26.11
C GLU G 585 52.89 1.62 -25.46
N GLY G 586 52.89 0.60 -24.61
CA GLY G 586 51.73 0.28 -23.79
C GLY G 586 52.07 -0.76 -22.72
N GLY G 587 51.36 -0.73 -21.61
CA GLY G 587 51.65 -1.65 -20.50
C GLY G 587 50.43 -2.46 -20.09
N SER G 588 50.67 -3.70 -19.66
CA SER G 588 49.59 -4.62 -19.26
C SER G 588 48.63 -4.93 -20.42
N ASN G 589 47.35 -4.54 -20.34
CA ASN G 589 46.43 -4.67 -21.48
C ASN G 589 46.84 -3.79 -22.67
N GLY G 590 47.70 -2.81 -22.38
CA GLY G 590 48.32 -1.96 -23.38
C GLY G 590 49.52 -2.62 -24.03
N GLY G 591 50.09 -3.62 -23.35
CA GLY G 591 51.20 -4.40 -23.91
C GLY G 591 50.68 -5.35 -24.95
N LEU G 592 49.58 -6.00 -24.61
CA LEU G 592 48.81 -6.81 -25.53
C LEU G 592 48.46 -6.02 -26.78
N LEU G 593 48.05 -4.76 -26.55
CA LEU G 593 47.78 -3.79 -27.64
C LEU G 593 48.98 -3.63 -28.56
N VAL G 594 50.15 -3.31 -27.97
CA VAL G 594 51.38 -3.16 -28.73
C VAL G 594 51.73 -4.41 -29.53
N ALA G 595 51.55 -5.56 -28.89
CA ALA G 595 52.03 -6.82 -29.44
C ALA G 595 51.14 -7.36 -30.56
N ALA G 596 49.84 -7.12 -30.46
CA ALA G 596 48.90 -7.52 -31.50
C ALA G 596 48.98 -6.57 -32.67
N CYS G 597 49.37 -5.33 -32.43
CA CYS G 597 49.45 -4.35 -33.52
C CYS G 597 50.66 -4.58 -34.39
N ILE G 598 51.75 -5.05 -33.79
CA ILE G 598 52.95 -5.29 -34.57
C ILE G 598 52.83 -6.59 -35.35
N ASN G 599 52.03 -7.51 -34.84
CA ASN G 599 51.71 -8.73 -35.57
C ASN G 599 50.91 -8.41 -36.83
N GLN G 600 49.97 -7.49 -36.67
CA GLN G 600 48.98 -7.18 -37.70
C GLN G 600 49.45 -6.11 -38.70
N ARG G 601 50.27 -5.15 -38.28
CA ARG G 601 50.72 -4.05 -39.15
C ARG G 601 52.16 -3.66 -38.84
N PRO G 602 53.05 -4.66 -38.88
CA PRO G 602 54.46 -4.37 -38.65
C PRO G 602 55.00 -3.27 -39.54
N ASP G 603 54.50 -3.17 -40.77
CA ASP G 603 54.92 -2.13 -41.71
C ASP G 603 54.76 -0.67 -41.23
N LEU G 604 53.82 -0.45 -40.29
CA LEU G 604 53.47 0.90 -39.81
C LEU G 604 54.38 1.47 -38.75
N PHE G 605 55.21 0.64 -38.14
CA PHE G 605 55.93 1.04 -36.94
C PHE G 605 57.43 0.87 -37.10
N GLY G 606 58.20 1.75 -36.46
CA GLY G 606 59.66 1.63 -36.40
C GLY G 606 60.20 1.00 -35.12
N CYS G 607 59.40 1.07 -34.07
CA CYS G 607 59.81 0.64 -32.75
C CYS G 607 58.56 0.33 -31.94
N ALA G 608 58.67 -0.66 -31.05
CA ALA G 608 57.54 -1.08 -30.23
C ALA G 608 58.00 -1.50 -28.84
N GLU G 609 57.29 -1.05 -27.80
CA GLU G 609 57.69 -1.31 -26.43
C GLU G 609 56.53 -1.76 -25.56
N ALA G 610 56.51 -3.07 -25.26
CA ALA G 610 55.39 -3.71 -24.58
C ALA G 610 55.78 -4.05 -23.16
N ASN G 611 55.14 -3.40 -22.20
CA ASN G 611 55.48 -3.56 -20.80
C ASN G 611 54.54 -4.55 -20.15
N CYS G 612 55.14 -5.54 -19.46
CA CYS G 612 54.40 -6.57 -18.68
C CYS G 612 53.05 -6.88 -19.30
N GLY G 613 53.06 -7.21 -20.57
CA GLY G 613 51.83 -7.38 -21.30
C GLY G 613 51.31 -8.79 -21.21
N VAL G 614 50.05 -8.95 -21.61
CA VAL G 614 49.36 -10.22 -21.64
C VAL G 614 49.46 -10.75 -23.07
N MET G 615 50.35 -11.71 -23.29
CA MET G 615 50.56 -12.33 -24.59
C MET G 615 49.98 -13.71 -24.21
N ASP G 616 50.00 -14.74 -25.02
CA ASP G 616 49.21 -15.97 -24.68
C ASP G 616 47.79 -15.77 -24.11
N MET G 617 46.86 -15.43 -25.00
CA MET G 617 45.45 -15.18 -24.65
C MET G 617 44.66 -16.47 -24.55
N LEU G 618 45.29 -17.60 -24.92
CA LEU G 618 44.72 -18.95 -24.69
C LEU G 618 44.84 -19.44 -23.22
N ARG G 619 45.95 -19.09 -22.54
CA ARG G 619 46.27 -19.61 -21.21
C ARG G 619 46.39 -18.58 -20.09
N PHE G 620 46.11 -17.30 -20.35
CA PHE G 620 46.27 -16.23 -19.34
C PHE G 620 45.42 -16.49 -18.09
N HIS G 621 44.30 -17.17 -18.29
CA HIS G 621 43.28 -17.37 -17.25
C HIS G 621 43.71 -18.38 -16.23
N LYS G 622 44.71 -19.16 -16.60
CA LYS G 622 45.25 -20.21 -15.74
C LYS G 622 46.23 -19.74 -14.65
N PHE G 623 46.79 -18.53 -14.76
CA PHE G 623 47.81 -18.07 -13.81
C PHE G 623 47.37 -16.96 -12.87
N THR G 624 48.08 -16.87 -11.74
CA THR G 624 47.80 -15.91 -10.66
C THR G 624 46.38 -15.39 -10.73
N LEU G 625 46.17 -14.13 -11.11
CA LEU G 625 44.82 -13.59 -10.99
C LEU G 625 44.24 -13.20 -12.34
N GLY G 626 44.76 -13.86 -13.37
CA GLY G 626 44.25 -13.72 -14.72
C GLY G 626 42.83 -14.23 -14.94
N TYR G 627 42.36 -15.10 -14.05
CA TYR G 627 40.97 -15.53 -14.09
C TYR G 627 39.93 -14.38 -13.93
N LEU G 628 40.35 -13.20 -13.43
CA LEU G 628 39.45 -12.04 -13.25
C LEU G 628 39.25 -11.20 -14.50
N TRP G 629 40.02 -11.52 -15.55
CA TRP G 629 40.03 -10.75 -16.78
C TRP G 629 39.17 -11.41 -17.87
N THR G 630 38.52 -12.54 -17.59
CA THR G 630 37.68 -13.21 -18.59
C THR G 630 36.44 -12.39 -18.92
N GLY G 631 36.05 -11.50 -18.01
CA GLY G 631 35.03 -10.52 -18.26
C GLY G 631 35.33 -9.71 -19.52
N ASP G 632 36.53 -9.15 -19.58
CA ASP G 632 36.95 -8.32 -20.69
C ASP G 632 37.41 -9.11 -21.93
N TYR G 633 38.26 -10.11 -21.73
CA TYR G 633 38.79 -10.94 -22.82
C TYR G 633 37.69 -12.00 -22.92
N GLY G 634 38.00 -13.25 -23.23
CA GLY G 634 37.05 -14.31 -22.97
C GLY G 634 37.78 -15.36 -22.19
N CYS G 635 37.39 -16.61 -22.40
CA CYS G 635 38.11 -17.77 -21.87
C CYS G 635 38.22 -18.74 -23.03
N SER G 636 39.38 -19.39 -23.19
CA SER G 636 39.58 -20.34 -24.28
C SER G 636 38.91 -21.68 -24.02
N ASP G 637 38.36 -21.86 -22.81
CA ASP G 637 37.53 -23.01 -22.43
C ASP G 637 36.19 -23.08 -23.18
N LYS G 638 35.79 -22.01 -23.86
CA LYS G 638 34.54 -21.98 -24.64
C LYS G 638 34.85 -21.73 -26.11
N GLU G 639 34.42 -22.64 -26.98
CA GLU G 639 34.75 -22.60 -28.42
C GLU G 639 34.46 -21.23 -29.10
N GLU G 640 33.25 -20.68 -28.90
CA GLU G 640 32.87 -19.34 -29.43
C GLU G 640 33.92 -18.26 -29.04
N GLU G 641 34.33 -18.28 -27.79
CA GLU G 641 35.24 -17.30 -27.24
C GLU G 641 36.67 -17.64 -27.62
N PHE G 642 37.00 -18.92 -27.78
CA PHE G 642 38.34 -19.35 -28.27
C PHE G 642 38.59 -18.75 -29.64
N LYS G 643 37.54 -18.68 -30.45
CA LYS G 643 37.66 -18.18 -31.80
C LYS G 643 37.95 -16.67 -31.89
N TRP G 644 37.51 -15.87 -30.90
CA TRP G 644 37.92 -14.46 -30.78
C TRP G 644 39.39 -14.42 -30.57
N LEU G 645 39.84 -15.15 -29.56
CA LEU G 645 41.16 -15.02 -28.96
C LEU G 645 42.26 -15.45 -29.92
N ILE G 646 42.10 -16.62 -30.51
CA ILE G 646 43.12 -17.20 -31.39
C ILE G 646 43.50 -16.27 -32.54
N LYS G 647 42.61 -15.36 -32.91
CA LYS G 647 42.91 -14.39 -33.97
C LYS G 647 43.93 -13.32 -33.58
N TYR G 648 43.83 -12.76 -32.38
CA TYR G 648 44.76 -11.72 -31.93
C TYR G 648 45.86 -12.18 -30.96
N SER G 649 45.71 -13.37 -30.37
CA SER G 649 46.64 -13.83 -29.31
C SER G 649 48.08 -13.67 -29.77
N PRO G 650 48.79 -12.70 -29.16
CA PRO G 650 50.08 -12.34 -29.73
C PRO G 650 51.07 -13.47 -30.06
N ILE G 651 51.19 -14.51 -29.22
CA ILE G 651 52.17 -15.56 -29.47
C ILE G 651 51.72 -16.53 -30.56
N HIS G 652 50.43 -16.57 -30.81
CA HIS G 652 49.90 -17.47 -31.83
C HIS G 652 49.69 -16.76 -33.16
N ASN G 653 50.26 -15.56 -33.32
CA ASN G 653 50.11 -14.73 -34.55
C ASN G 653 51.38 -14.00 -35.00
N VAL G 654 52.53 -14.61 -34.70
CA VAL G 654 53.79 -14.07 -35.16
C VAL G 654 54.11 -14.68 -36.51
N ARG G 655 54.07 -13.87 -37.56
CA ARG G 655 54.36 -14.32 -38.90
C ARG G 655 55.36 -13.41 -39.57
N ARG G 656 56.14 -13.96 -40.48
CA ARG G 656 57.13 -13.20 -41.23
C ARG G 656 56.43 -12.36 -42.27
N PRO G 657 56.45 -11.04 -42.11
CA PRO G 657 55.65 -10.24 -43.03
C PRO G 657 56.23 -10.25 -44.46
N TRP G 658 57.55 -10.42 -44.61
CA TRP G 658 58.19 -10.43 -45.94
C TRP G 658 57.80 -11.60 -46.86
N GLU G 659 57.15 -12.63 -46.31
CA GLU G 659 56.63 -13.73 -47.12
C GLU G 659 55.23 -13.48 -47.67
N GLN G 660 54.57 -12.41 -47.26
CA GLN G 660 53.31 -11.97 -47.87
C GLN G 660 53.62 -11.27 -49.16
N PRO G 661 52.88 -11.61 -50.23
CA PRO G 661 53.11 -10.98 -51.53
C PRO G 661 52.98 -9.46 -51.44
N GLY G 662 53.92 -8.76 -52.07
CA GLY G 662 53.93 -7.30 -52.08
C GLY G 662 54.58 -6.68 -50.86
N ASN G 663 54.85 -7.48 -49.83
CA ASN G 663 55.26 -6.95 -48.53
C ASN G 663 56.68 -7.46 -48.24
N GLU G 664 57.50 -7.57 -49.28
CA GLU G 664 58.86 -8.13 -49.16
C GLU G 664 59.85 -7.15 -48.49
N GLU G 665 59.66 -5.84 -48.78
CA GLU G 665 60.45 -4.72 -48.23
C GLU G 665 60.29 -4.60 -46.66
N THR G 666 59.33 -5.32 -46.07
CA THR G 666 58.91 -5.18 -44.65
C THR G 666 59.53 -6.15 -43.64
N GLN G 667 59.69 -5.66 -42.41
CA GLN G 667 60.04 -6.47 -41.26
C GLN G 667 59.37 -5.92 -39.98
N TYR G 668 59.45 -6.70 -38.90
CA TYR G 668 58.95 -6.25 -37.60
C TYR G 668 59.77 -5.05 -37.14
N PRO G 669 59.11 -4.07 -36.50
CA PRO G 669 59.86 -2.96 -35.91
C PRO G 669 60.83 -3.45 -34.83
N ALA G 670 61.81 -2.62 -34.50
CA ALA G 670 62.65 -2.93 -33.36
C ALA G 670 61.75 -3.10 -32.15
N THR G 671 61.87 -4.22 -31.43
CA THR G 671 60.94 -4.56 -30.35
C THR G 671 61.65 -4.81 -29.03
N MET G 672 61.21 -4.10 -27.99
CA MET G 672 61.70 -4.32 -26.63
C MET G 672 60.54 -4.79 -25.76
N ILE G 673 60.74 -5.92 -25.09
CA ILE G 673 59.75 -6.46 -24.16
C ILE G 673 60.21 -6.25 -22.73
N LEU G 674 59.48 -5.42 -22.00
CA LEU G 674 59.86 -5.10 -20.64
C LEU G 674 59.01 -5.93 -19.71
N THR G 675 59.64 -6.49 -18.67
CA THR G 675 58.90 -7.12 -17.57
C THR G 675 59.79 -7.35 -16.36
N ALA G 676 59.16 -7.44 -15.20
CA ALA G 676 59.83 -7.87 -13.98
C ALA G 676 59.97 -9.38 -14.00
N ASP G 677 61.02 -9.91 -13.35
CA ASP G 677 61.17 -11.37 -13.21
C ASP G 677 60.17 -11.91 -12.19
N HIS G 678 59.83 -11.07 -11.20
CA HIS G 678 58.87 -11.42 -10.11
C HIS G 678 57.58 -10.56 -10.17
N ASP G 679 56.83 -10.72 -11.26
CA ASP G 679 55.58 -10.00 -11.53
C ASP G 679 54.40 -10.94 -11.22
N ASP G 680 53.65 -10.60 -10.17
CA ASP G 680 52.59 -11.47 -9.60
C ASP G 680 51.22 -11.25 -10.27
N ARG G 681 51.12 -10.19 -11.07
CA ARG G 681 49.90 -9.82 -11.75
C ARG G 681 49.81 -10.42 -13.17
N VAL G 682 50.65 -9.87 -14.05
CA VAL G 682 50.82 -10.39 -15.39
C VAL G 682 52.09 -11.21 -15.38
N VAL G 683 51.93 -12.49 -15.09
CA VAL G 683 53.05 -13.40 -14.94
C VAL G 683 53.97 -13.31 -16.14
N PRO G 684 55.29 -13.25 -15.90
CA PRO G 684 56.23 -12.88 -16.97
C PRO G 684 56.41 -13.91 -18.07
N LEU G 685 55.84 -15.10 -17.90
CA LEU G 685 55.90 -16.13 -18.93
C LEU G 685 55.32 -15.60 -20.21
N HIS G 686 54.31 -14.76 -20.05
CA HIS G 686 53.69 -14.10 -21.19
C HIS G 686 54.80 -13.43 -22.01
N SER G 687 55.50 -12.49 -21.37
CA SER G 687 56.53 -11.72 -22.04
C SER G 687 57.57 -12.62 -22.64
N PHE G 688 57.92 -13.69 -21.92
CA PHE G 688 59.00 -14.59 -22.35
C PHE G 688 58.65 -15.42 -23.59
N LYS G 689 57.55 -16.14 -23.49
CA LYS G 689 57.10 -17.00 -24.57
C LYS G 689 56.98 -16.22 -25.87
N LEU G 690 56.56 -14.96 -25.76
CA LEU G 690 56.45 -14.10 -26.94
C LEU G 690 57.82 -13.81 -27.47
N LEU G 691 58.69 -13.42 -26.56
CA LEU G 691 60.02 -13.07 -26.94
C LEU G 691 60.64 -14.25 -27.66
N ALA G 692 60.51 -15.42 -27.04
CA ALA G 692 60.98 -16.70 -27.63
C ALA G 692 60.43 -16.92 -29.03
N THR G 693 59.10 -16.81 -29.15
CA THR G 693 58.43 -16.98 -30.42
C THR G 693 58.91 -16.00 -31.48
N MET G 694 58.94 -14.71 -31.14
CA MET G 694 59.38 -13.71 -32.10
C MET G 694 60.80 -13.97 -32.57
N GLN G 695 61.69 -14.30 -31.65
CA GLN G 695 63.09 -14.55 -32.00
C GLN G 695 63.22 -15.73 -32.95
N HIS G 696 62.50 -16.82 -32.66
CA HIS G 696 62.53 -18.00 -33.50
C HIS G 696 61.93 -17.72 -34.86
N VAL G 697 60.63 -17.46 -34.90
CA VAL G 697 59.94 -17.24 -36.17
C VAL G 697 60.69 -16.24 -37.07
N LEU G 698 61.25 -15.18 -36.48
CA LEU G 698 61.81 -14.08 -37.25
C LEU G 698 63.31 -14.08 -37.43
N CYS G 699 64.06 -14.82 -36.63
CA CYS G 699 65.52 -14.70 -36.65
C CYS G 699 66.23 -16.03 -36.70
N THR G 700 66.08 -16.79 -35.61
CA THR G 700 66.86 -18.01 -35.43
C THR G 700 66.42 -19.19 -36.32
N SER G 701 65.21 -19.14 -36.89
CA SER G 701 64.73 -20.21 -37.78
C SER G 701 65.26 -20.08 -39.21
N LEU G 702 66.05 -19.05 -39.51
CA LEU G 702 66.51 -18.77 -40.86
C LEU G 702 67.99 -18.58 -40.93
N GLU G 703 68.58 -18.90 -42.07
CA GLU G 703 70.03 -18.75 -42.27
C GLU G 703 70.49 -17.28 -42.21
N ASP G 704 69.95 -16.44 -43.09
CA ASP G 704 70.29 -15.01 -43.09
C ASP G 704 69.02 -14.20 -43.20
N SER G 705 68.37 -13.98 -42.06
CA SER G 705 67.04 -13.38 -42.01
C SER G 705 67.04 -11.87 -42.32
N PRO G 706 66.04 -11.42 -43.11
CA PRO G 706 65.85 -9.98 -43.36
C PRO G 706 65.54 -9.19 -42.09
N GLN G 707 65.09 -9.89 -41.05
CA GLN G 707 64.87 -9.30 -39.73
C GLN G 707 66.19 -8.85 -39.13
N LYS G 708 66.50 -7.57 -39.37
CA LYS G 708 67.71 -6.94 -38.88
C LYS G 708 67.44 -6.12 -37.64
N ASN G 709 66.26 -5.53 -37.55
CA ASN G 709 65.80 -4.86 -36.32
C ASN G 709 65.89 -5.77 -35.08
N PRO G 710 66.42 -5.25 -33.98
CA PRO G 710 66.56 -6.11 -32.80
C PRO G 710 65.26 -6.48 -32.13
N ILE G 711 65.23 -7.67 -31.52
CA ILE G 711 64.10 -8.13 -30.72
C ILE G 711 64.58 -8.64 -29.37
N ILE G 712 64.32 -7.85 -28.34
CA ILE G 712 64.97 -8.06 -27.05
C ILE G 712 63.97 -7.91 -25.91
N ALA G 713 64.48 -8.13 -24.70
CA ALA G 713 63.71 -7.96 -23.51
C ALA G 713 64.56 -7.25 -22.46
N ARG G 714 64.00 -6.18 -21.91
CA ARG G 714 64.58 -5.57 -20.73
C ARG G 714 63.93 -6.15 -19.48
N ILE G 715 64.65 -7.01 -18.78
CA ILE G 715 64.14 -7.73 -17.62
C ILE G 715 64.61 -7.09 -16.32
N GLN G 716 63.67 -6.49 -15.61
CA GLN G 716 63.92 -5.86 -14.33
C GLN G 716 64.07 -6.91 -13.24
N ARG G 717 65.25 -6.93 -12.61
CA ARG G 717 65.55 -7.84 -11.52
C ARG G 717 65.03 -7.28 -10.19
N LYS G 718 64.56 -8.18 -9.32
CA LYS G 718 64.15 -7.80 -7.96
C LYS G 718 63.21 -6.59 -7.93
N ALA G 719 62.19 -6.63 -8.76
CA ALA G 719 61.11 -5.64 -8.72
C ALA G 719 59.78 -6.36 -8.95
N ALA G 720 58.71 -5.62 -8.70
CA ALA G 720 57.35 -6.13 -8.84
C ALA G 720 56.62 -5.31 -9.89
N HIS G 721 55.36 -5.67 -10.13
CA HIS G 721 54.45 -4.90 -10.99
C HIS G 721 54.17 -3.51 -10.39
N TYR G 722 53.87 -3.49 -9.09
CA TYR G 722 53.46 -2.27 -8.36
C TYR G 722 54.59 -1.22 -8.26
N GLY G 723 54.21 0.02 -8.00
CA GLY G 723 55.16 1.14 -7.88
C GLY G 723 56.54 0.88 -7.29
N ARG G 724 57.55 1.20 -8.09
CA ARG G 724 58.93 0.91 -7.75
C ARG G 724 59.62 2.23 -7.46
N ALA G 725 60.89 2.13 -7.16
CA ALA G 725 61.62 3.30 -6.76
C ALA G 725 61.83 4.25 -7.93
N THR G 726 61.87 5.55 -7.63
CA THR G 726 62.10 6.60 -8.60
C THR G 726 63.22 6.28 -9.57
N MET G 727 64.34 5.79 -9.06
CA MET G 727 65.55 5.60 -9.87
C MET G 727 65.50 4.32 -10.67
N THR G 728 64.77 3.31 -10.19
CA THR G 728 64.51 2.09 -10.95
C THR G 728 63.67 2.45 -12.15
N GLN G 729 62.67 3.27 -11.85
CA GLN G 729 61.73 3.74 -12.82
C GLN G 729 62.46 4.56 -13.90
N ILE G 730 63.40 5.41 -13.50
CA ILE G 730 64.13 6.26 -14.46
C ILE G 730 65.07 5.46 -15.30
N ALA G 731 65.63 4.43 -14.69
CA ALA G 731 66.58 3.57 -15.39
C ALA G 731 65.94 2.87 -16.56
N GLU G 732 64.71 2.41 -16.36
CA GLU G 732 63.93 1.71 -17.36
C GLU G 732 63.53 2.63 -18.47
N VAL G 733 62.99 3.78 -18.11
CA VAL G 733 62.46 4.72 -19.09
C VAL G 733 63.60 5.26 -19.94
N ALA G 734 64.71 5.60 -19.30
CA ALA G 734 65.91 6.02 -19.99
C ALA G 734 66.32 4.95 -21.00
N ASP G 735 66.30 3.69 -20.58
CA ASP G 735 66.59 2.57 -21.49
C ASP G 735 65.63 2.55 -22.65
N ARG G 736 64.34 2.58 -22.36
CA ARG G 736 63.39 2.43 -23.46
C ARG G 736 63.44 3.64 -24.42
N TYR G 737 63.72 4.84 -23.92
CA TYR G 737 63.84 6.01 -24.82
C TYR G 737 65.12 6.04 -25.63
N GLY G 738 66.19 5.49 -25.11
CA GLY G 738 67.43 5.43 -25.91
C GLY G 738 67.29 4.44 -27.05
N PHE G 739 66.68 3.31 -26.72
CA PHE G 739 66.38 2.28 -27.69
C PHE G 739 65.56 2.91 -28.80
N MET G 740 64.44 3.50 -28.40
CA MET G 740 63.52 4.11 -29.35
C MET G 740 64.25 5.10 -30.25
N ALA G 741 65.12 5.91 -29.66
CA ALA G 741 65.86 6.91 -30.42
C ALA G 741 66.72 6.28 -31.54
N LYS G 742 67.27 5.09 -31.28
CA LYS G 742 68.11 4.35 -32.22
C LYS G 742 67.30 3.64 -33.29
N ALA G 743 66.17 3.05 -32.88
CA ALA G 743 65.27 2.38 -33.79
C ALA G 743 64.69 3.34 -34.82
N LEU G 744 64.39 4.57 -34.40
CA LEU G 744 63.87 5.59 -35.29
C LEU G 744 64.96 6.43 -35.99
N GLU G 745 66.24 6.12 -35.74
CA GLU G 745 67.35 6.91 -36.26
C GLU G 745 67.10 8.39 -36.03
N ALA G 746 66.75 8.73 -34.81
CA ALA G 746 66.41 10.10 -34.43
C ALA G 746 67.54 10.74 -33.64
N PRO G 747 67.97 11.94 -34.05
CA PRO G 747 69.09 12.59 -33.39
C PRO G 747 68.69 13.40 -32.18
N TRP G 748 69.65 13.59 -31.29
CA TRP G 748 69.50 14.40 -30.09
C TRP G 748 69.60 15.90 -30.43
N ILE G 749 69.13 16.78 -29.54
CA ILE G 749 69.16 18.25 -29.79
C ILE G 749 69.76 19.08 -28.64
N ASN H 1 49.76 7.12 -5.46
CA ASN H 1 50.99 7.35 -4.69
C ASN H 1 52.30 6.82 -5.35
N ALA H 2 52.49 7.10 -6.65
CA ALA H 2 53.74 6.74 -7.38
C ALA H 2 54.83 7.76 -7.06
N SER H 3 56.05 7.29 -6.87
CA SER H 3 57.13 8.12 -6.31
C SER H 3 57.43 9.37 -7.15
N ALA H 4 57.50 9.18 -8.47
CA ALA H 4 57.71 10.29 -9.38
C ALA H 4 56.83 10.19 -10.63
N PRO H 5 56.54 11.35 -11.25
CA PRO H 5 55.94 11.39 -12.55
C PRO H 5 57.00 11.29 -13.63
N VAL H 6 57.56 10.10 -13.76
CA VAL H 6 58.63 9.86 -14.69
C VAL H 6 58.05 9.79 -16.08
C20 ZPR I . 1.15 36.08 22.97
C21 ZPR I . 2.25 36.29 22.13
C22 ZPR I . 2.23 35.84 20.81
C23 ZPR I . 1.13 35.19 20.29
C24 ZPR I . 0.02 34.99 21.12
C19 ZPR I . 0.04 35.43 22.47
C18 ZPR I . -1.18 35.23 23.35
O17 ZPR I . -1.09 34.05 24.13
C15 ZPR I . -1.84 34.05 25.35
O16 ZPR I . -1.33 34.71 26.24
N14 ZPR I . -2.97 33.36 25.47
C10 ZPR I . -4.16 33.89 26.16
C8 ZPR I . -4.01 34.00 27.66
O9 ZPR I . -3.03 33.54 28.19
C11 ZPR I . -5.24 32.87 25.88
C12 ZPR I . -4.55 31.59 25.43
C13 ZPR I . -3.16 31.98 24.98
C4 ZPR I . -5.64 35.80 30.30
C5 ZPR I . -6.66 35.97 29.19
C1 ZPR I . -5.18 33.32 30.39
O2 ZPR I . -6.28 32.86 30.04
N7 ZPR I . -4.95 34.57 28.40
C6 ZPR I . -6.24 35.13 28.00
C3 ZPR I . -4.76 34.66 29.84
CA CA J . -17.91 26.63 54.80
C20 ZPR K . 5.26 -18.71 -28.51
C21 ZPR K . 5.16 -17.75 -27.50
C22 ZPR K . 4.50 -18.06 -26.29
C23 ZPR K . 3.95 -19.33 -26.08
C24 ZPR K . 4.06 -20.28 -27.10
C19 ZPR K . 4.72 -19.98 -28.32
C18 ZPR K . 4.85 -21.01 -29.44
O17 ZPR K . 4.99 -22.38 -28.99
C15 ZPR K . 6.22 -23.17 -29.11
O16 ZPR K . 7.13 -22.76 -29.82
N14 ZPR K . 6.27 -24.32 -28.43
C10 ZPR K . 7.09 -25.45 -28.86
C8 ZPR K . 6.74 -26.04 -30.22
O9 ZPR K . 5.61 -25.92 -30.70
C11 ZPR K . 6.92 -26.51 -27.78
C12 ZPR K . 5.95 -25.98 -26.74
C13 ZPR K . 5.53 -24.60 -27.21
C4 ZPR K . 8.71 -27.77 -32.65
C5 ZPR K . 9.78 -27.57 -31.60
C1 ZPR K . 6.80 -28.87 -31.43
O2 ZPR K . 7.49 -29.55 -30.68
N7 ZPR K . 7.71 -26.73 -30.82
C6 ZPR K . 9.12 -26.82 -30.47
C3 ZPR K . 7.38 -27.57 -31.95
CA CA L . -11.27 -54.03 -45.11
CA CA M . 8.37 -55.28 -42.05
C20 ZPR N . -48.90 -8.70 15.18
C21 ZPR N . -48.47 -10.02 15.24
C22 ZPR N . -47.11 -10.32 15.30
C23 ZPR N . -46.18 -9.28 15.29
C24 ZPR N . -46.61 -7.96 15.22
C19 ZPR N . -47.97 -7.66 15.17
C18 ZPR N . -48.44 -6.21 15.09
O17 ZPR N . -48.58 -5.58 16.37
C15 ZPR N . -47.38 -5.26 17.11
O16 ZPR N . -47.01 -6.13 17.88
N14 ZPR N . -46.72 -4.08 16.92
C10 ZPR N . -46.54 -3.08 17.98
C8 ZPR N . -47.66 -2.08 18.13
O9 ZPR N . -48.46 -1.95 17.19
C11 ZPR N . -45.26 -2.35 17.59
C12 ZPR N . -44.97 -2.70 16.14
C13 ZPR N . -46.08 -3.64 15.69
C4 ZPR N . -48.95 -0.48 21.11
C5 ZPR N . -47.56 -0.82 21.62
C1 ZPR N . -48.31 1.02 19.35
O2 ZPR N . -47.46 1.24 18.51
N7 ZPR N . -47.72 -1.37 19.30
C6 ZPR N . -46.80 -1.41 20.45
C3 ZPR N . -48.77 -0.40 19.60
CA CA O . -68.53 26.92 11.91
C20 ZPR P . 43.02 -7.78 -7.93
C21 ZPR P . 42.78 -8.42 -6.71
C22 ZPR P . 41.53 -8.31 -6.09
C23 ZPR P . 40.53 -7.55 -6.71
C24 ZPR P . 40.76 -6.90 -7.91
C19 ZPR P . 42.00 -7.02 -8.54
C18 ZPR P . 42.20 -6.29 -9.85
O17 ZPR P . 43.38 -6.66 -10.55
C15 ZPR P . 43.40 -6.56 -12.00
O16 ZPR P . 43.36 -7.61 -12.63
N14 ZPR P . 43.49 -5.36 -12.62
C10 ZPR P . 43.49 -5.27 -14.08
C8 ZPR P . 44.84 -5.60 -14.67
O9 ZPR P . 45.85 -5.38 -14.04
C11 ZPR P . 43.12 -3.82 -14.39
C12 ZPR P . 43.18 -3.04 -13.09
C13 ZPR P . 43.62 -4.03 -12.02
C4 ZPR P . 45.83 -7.49 -17.52
C5 ZPR P . 44.41 -7.22 -17.93
C1 ZPR P . 46.66 -5.20 -17.15
O2 ZPR P . 46.22 -4.12 -16.78
N7 ZPR P . 44.90 -6.10 -15.90
C6 ZPR P . 43.83 -6.31 -16.86
C3 ZPR P . 46.16 -6.44 -16.48
#